data_5KUF
#
_entry.id   5KUF
#
_cell.length_a   1
_cell.length_b   1
_cell.length_c   1
_cell.angle_alpha   90.00
_cell.angle_beta   90.00
_cell.angle_gamma   90.00
#
_symmetry.space_group_name_H-M   'P 1'
#
loop_
_entity.id
_entity.type
_entity.pdbx_description
1 polymer 'Glutamate receptor ionotropic, kainate 2'
2 non-polymer 2S,4R-4-METHYLGLUTAMATE
#
_entity_poly.entity_id   1
_entity_poly.type   'polypeptide(L)'
_entity_poly.pdbx_seq_one_letter_code
;TTHVLRFGGIFEYVESGPMGAEELAFRFAVNTINRNRTLLPNTTLTYDTQKINLYDSFEASKKACDQLSLGVAAIFGPSH
SSSANAVQSICNALGVPHIQTRWKHQVSDNKDSFYVSLYPDFSSLSRAILDLVQFFKWKTVTVVYDDSTGLIRLQELIKA
PSRYNLRLKIRQLPADTKDAKPLLKEMKRGKEFHVIFDCSHEMAAGILKQALAMGMMTEYYHYIFTTLDLFALDVEPYRY
SGVNMTGFRILNTENTQVSSIIEKWSMERLQAPPKPDSGLLDGFMTTDAALMYDAVHVVSVAVQQFPQMTVSSLQCNRHK
PWRFGTRFMSLIKEAHWEGLTGRITFNKTNGLRTDFDLDVISLKEEGLEKIGTWDPASGLNMTESQKGKPANITDSLSNR
SLIVTTILEEPYVLFKKSDKPLYGNDRFEGYCIDLLRELSTILGFTYEIRLVEDGKYGAQDDVNGQWNGMVRELIDHKAD
LAVAPLTITYVREKVIDFSKPFMTLGISILYRKPNGTNPGVFSFLNPLSPDIWMYVLLAYLGVSVVLFVIARFSPYEWYN
PHPCNPDSDVVENNFTLLNSFWFGVGALMQQGSELMPKALSTRIVGGIWWFFTLIIISSYTANLAAFLTVERMESPIDSA
DDLAKQTKIEYGAVEDGSTMTFFKKSKISTYDKMWAFMSSRRQSVLVKSSEEGIQRVLTSDYALLMESTTIEFVTQRNCN
LTQIGGLIDSKGYGVGTPMGSPYRDKITIAILQLQEEGKLHMMKEKWWRGNGCPEEESKEASALGVQNIGGIFIVLAAGL
VLSVFVAVGEFLYKSKKNAQLEKRSFCSAMVEELRMSLKCQRRLKHKPQAPVIVKTEEVINMHTFNDRRLPGKETMA
;
_entity_poly.pdbx_strand_id   A,B,C,D
#
loop_
_chem_comp.id
_chem_comp.type
_chem_comp.name
_chem_comp.formula
SYM non-polymer 2S,4R-4-METHYLGLUTAMATE 'C6 H10 N O4 -1'
#
# COMPACT_ATOMS: atom_id res chain seq x y z
N THR A 2 69.06 22.48 48.21
CA THR A 2 69.38 21.43 47.25
C THR A 2 68.64 20.17 47.62
N HIS A 3 67.45 20.36 48.18
CA HIS A 3 66.76 19.29 48.88
C HIS A 3 66.69 18.04 48.02
N VAL A 4 67.09 16.92 48.59
CA VAL A 4 67.34 15.69 47.85
C VAL A 4 66.02 14.99 47.56
N LEU A 5 65.93 14.36 46.40
CA LEU A 5 64.82 13.46 46.15
C LEU A 5 65.07 12.64 44.90
N ARG A 6 64.67 11.39 44.94
CA ARG A 6 64.76 10.47 43.81
C ARG A 6 63.38 10.15 43.27
N PHE A 7 63.27 10.15 41.96
CA PHE A 7 62.06 9.76 41.25
C PHE A 7 62.30 8.41 40.62
N GLY A 8 61.61 7.39 41.10
CA GLY A 8 61.67 6.12 40.43
C GLY A 8 61.14 6.26 39.02
N GLY A 9 61.95 5.86 38.04
CA GLY A 9 61.47 5.78 36.69
C GLY A 9 61.64 4.37 36.18
N ILE A 10 60.55 3.67 35.99
CA ILE A 10 60.58 2.27 35.60
C ILE A 10 60.42 2.23 34.09
N PHE A 11 61.13 1.32 33.44
CA PHE A 11 61.11 1.32 31.97
C PHE A 11 61.17 -0.11 31.45
N GLU A 12 60.02 -0.61 31.06
CA GLU A 12 59.95 -1.80 30.23
C GLU A 12 60.38 -1.44 28.82
N TYR A 13 61.48 -2.04 28.39
CA TYR A 13 62.29 -1.56 27.27
C TYR A 13 62.65 -2.79 26.44
N VAL A 14 63.54 -2.63 25.46
CA VAL A 14 63.96 -3.77 24.63
C VAL A 14 65.23 -4.33 25.25
N GLU A 15 65.05 -5.05 26.35
CA GLU A 15 65.92 -6.15 26.76
C GLU A 15 67.40 -5.79 26.93
N SER A 16 67.79 -4.61 26.49
CA SER A 16 69.17 -4.31 26.13
C SER A 16 69.27 -2.81 25.90
N GLY A 17 70.40 -2.38 25.36
CA GLY A 17 70.59 -1.00 25.00
C GLY A 17 70.14 -0.73 23.58
N PRO A 18 70.08 0.55 23.19
CA PRO A 18 70.33 1.76 23.99
C PRO A 18 69.27 2.06 25.03
N MET A 19 69.23 3.33 25.44
CA MET A 19 68.35 3.78 26.50
C MET A 19 66.93 3.99 25.98
N GLY A 20 66.01 4.16 26.93
CA GLY A 20 64.61 4.31 26.57
C GLY A 20 64.30 5.71 26.07
N ALA A 21 63.34 5.77 25.14
CA ALA A 21 62.89 7.05 24.63
C ALA A 21 62.32 7.89 25.77
N GLU A 22 61.26 7.38 26.40
CA GLU A 22 60.73 8.02 27.60
C GLU A 22 61.85 8.24 28.61
N GLU A 23 62.73 7.26 28.77
CA GLU A 23 63.79 7.33 29.76
C GLU A 23 64.54 8.64 29.69
N LEU A 24 65.00 9.00 28.49
CA LEU A 24 65.69 10.27 28.34
C LEU A 24 64.78 11.42 28.77
N ALA A 25 63.52 11.38 28.36
CA ALA A 25 62.59 12.41 28.77
C ALA A 25 62.31 12.35 30.26
N PHE A 26 62.69 11.25 30.91
CA PHE A 26 62.73 11.24 32.36
C PHE A 26 63.99 11.90 32.88
N ARG A 27 64.97 12.13 32.03
CA ARG A 27 66.25 12.63 32.47
C ARG A 27 66.44 14.11 32.17
N PHE A 28 66.12 14.54 30.95
CA PHE A 28 66.57 15.86 30.54
C PHE A 28 65.99 16.94 31.43
N ALA A 29 64.76 16.75 31.89
CA ALA A 29 64.18 17.72 32.82
C ALA A 29 65.02 17.85 34.06
N VAL A 30 65.61 16.76 34.53
CA VAL A 30 66.50 16.84 35.68
C VAL A 30 67.58 17.87 35.41
N ASN A 31 68.22 17.78 34.25
CA ASN A 31 69.10 18.87 33.83
C ASN A 31 68.37 20.19 33.87
N THR A 32 67.22 20.27 33.20
CA THR A 32 66.45 21.51 33.17
C THR A 32 66.12 21.96 34.59
N ILE A 33 65.87 21.01 35.48
CA ILE A 33 65.85 21.32 36.91
C ILE A 33 67.22 21.81 37.36
N ASN A 34 68.24 21.00 37.13
CA ASN A 34 69.55 21.28 37.68
C ASN A 34 70.03 22.66 37.28
N ARG A 35 69.63 23.13 36.11
CA ARG A 35 70.21 24.33 35.52
C ARG A 35 69.30 25.55 35.65
N ASN A 36 68.08 25.46 35.13
CA ASN A 36 67.19 26.60 35.16
C ASN A 36 66.79 26.86 36.59
N ARG A 37 67.40 27.86 37.21
CA ARG A 37 67.09 28.15 38.60
C ARG A 37 65.71 28.72 38.80
N THR A 38 65.02 29.05 37.71
CA THR A 38 63.64 29.49 37.83
C THR A 38 62.82 28.46 38.58
N LEU A 39 63.22 27.20 38.51
CA LEU A 39 62.53 26.11 39.18
C LEU A 39 63.50 25.43 40.14
N LEU A 40 63.02 25.14 41.34
CA LEU A 40 63.80 24.50 42.39
C LEU A 40 65.14 25.20 42.62
N PRO A 41 65.14 26.41 43.16
CA PRO A 41 66.42 27.06 43.45
C PRO A 41 67.10 26.47 44.67
N ASN A 42 66.33 26.26 45.73
CA ASN A 42 66.84 25.65 46.96
C ASN A 42 66.80 24.14 46.91
N THR A 43 66.58 23.56 45.74
CA THR A 43 66.29 22.14 45.64
C THR A 43 67.02 21.57 44.44
N THR A 44 67.41 20.29 44.56
CA THR A 44 68.05 19.56 43.46
C THR A 44 67.78 18.09 43.68
N LEU A 45 67.19 17.43 42.68
CA LEU A 45 66.63 16.10 42.87
C LEU A 45 67.43 15.06 42.09
N THR A 46 67.68 13.93 42.74
CA THR A 46 68.30 12.79 42.10
C THR A 46 67.22 11.92 41.47
N TYR A 47 67.63 10.77 40.92
CA TYR A 47 66.66 9.89 40.27
C TYR A 47 67.29 8.53 40.03
N ASP A 48 66.43 7.52 40.00
CA ASP A 48 66.76 6.18 39.59
C ASP A 48 66.04 5.83 38.30
N THR A 49 66.55 4.80 37.61
CA THR A 49 65.88 4.22 36.45
C THR A 49 66.01 2.71 36.55
N GLN A 50 64.93 2.05 36.96
CA GLN A 50 64.88 0.60 36.90
C GLN A 50 64.44 0.19 35.51
N LYS A 51 65.11 -0.81 34.96
CA LYS A 51 64.84 -1.31 33.62
C LYS A 51 64.37 -2.75 33.72
N ILE A 52 63.26 -3.05 33.08
CA ILE A 52 62.65 -4.37 33.16
C ILE A 52 62.00 -4.78 31.85
N ASN A 53 61.44 -5.97 31.82
CA ASN A 53 60.85 -6.52 30.61
C ASN A 53 59.43 -6.05 30.43
N LEU A 54 59.07 -5.76 29.18
CA LEU A 54 57.70 -5.39 28.86
C LEU A 54 56.79 -6.58 29.06
N TYR A 55 55.63 -6.34 29.66
CA TYR A 55 54.65 -7.37 29.96
C TYR A 55 55.22 -8.44 30.90
N ASP A 56 55.52 -8.00 32.12
CA ASP A 56 55.59 -8.92 33.25
C ASP A 56 55.35 -8.13 34.52
N SER A 57 54.23 -8.41 35.18
CA SER A 57 53.84 -7.62 36.34
C SER A 57 54.68 -7.97 37.56
N PHE A 58 54.70 -9.26 37.91
CA PHE A 58 55.51 -9.74 39.02
C PHE A 58 56.91 -9.12 38.99
N GLU A 59 57.62 -9.36 37.90
CA GLU A 59 58.85 -8.63 37.59
C GLU A 59 58.69 -7.13 37.84
N ALA A 60 57.67 -6.52 37.26
CA ALA A 60 57.44 -5.10 37.45
C ALA A 60 57.06 -4.75 38.87
N SER A 61 56.47 -5.69 39.60
CA SER A 61 56.02 -5.40 40.95
C SER A 61 57.20 -5.11 41.86
N LYS A 62 58.29 -5.86 41.68
CA LYS A 62 59.44 -5.77 42.57
C LYS A 62 59.95 -4.35 42.66
N LYS A 63 60.35 -3.79 41.51
CA LYS A 63 60.99 -2.47 41.51
C LYS A 63 60.13 -1.44 42.20
N ALA A 64 58.81 -1.58 42.12
CA ALA A 64 57.94 -0.68 42.85
C ALA A 64 58.28 -0.67 44.34
N CYS A 65 58.15 -1.82 44.99
CA CYS A 65 58.57 -1.89 46.38
C CYS A 65 60.08 -1.73 46.50
N ASP A 66 60.85 -2.24 45.54
CA ASP A 66 62.29 -2.21 45.69
C ASP A 66 62.79 -0.78 45.74
N GLN A 67 62.32 0.05 44.82
CA GLN A 67 62.64 1.47 44.92
C GLN A 67 62.22 2.01 46.28
N LEU A 68 61.03 1.64 46.74
CA LEU A 68 60.54 2.13 48.01
C LEU A 68 61.40 1.71 49.17
N SER A 69 62.13 0.60 49.03
CA SER A 69 63.13 0.28 50.04
C SER A 69 64.09 1.44 50.25
N LEU A 70 64.26 2.27 49.22
CA LEU A 70 64.91 3.56 49.37
C LEU A 70 63.91 4.68 49.58
N GLY A 71 62.67 4.48 49.16
CA GLY A 71 61.72 5.57 49.17
C GLY A 71 61.93 6.43 47.96
N VAL A 72 60.85 6.69 47.22
CA VAL A 72 60.84 7.62 46.10
C VAL A 72 59.60 8.46 46.24
N ALA A 73 59.59 9.61 45.56
CA ALA A 73 58.42 10.48 45.66
C ALA A 73 57.32 10.06 44.70
N ALA A 74 57.60 10.16 43.40
CA ALA A 74 56.60 9.90 42.36
C ALA A 74 57.24 8.99 41.33
N ILE A 75 56.95 7.69 41.46
CA ILE A 75 57.39 6.75 40.46
C ILE A 75 56.79 7.17 39.13
N PHE A 76 57.53 6.98 38.06
CA PHE A 76 56.97 7.21 36.73
C PHE A 76 56.86 5.87 36.04
N GLY A 77 55.63 5.38 35.90
CA GLY A 77 55.38 3.96 35.82
C GLY A 77 55.64 3.38 34.45
N PRO A 78 55.43 2.08 34.35
CA PRO A 78 55.52 1.41 33.06
C PRO A 78 54.39 1.88 32.16
N SER A 79 54.65 1.84 30.86
CA SER A 79 53.75 2.45 29.90
C SER A 79 52.82 1.44 29.24
N HIS A 80 52.54 0.32 29.90
CA HIS A 80 51.75 -0.75 29.29
C HIS A 80 50.98 -1.50 30.37
N SER A 81 49.67 -1.50 30.23
CA SER A 81 48.78 -1.51 31.39
C SER A 81 48.98 -2.74 32.25
N SER A 82 49.25 -3.90 31.63
CA SER A 82 49.45 -5.12 32.41
C SER A 82 50.47 -4.90 33.51
N SER A 83 51.37 -3.94 33.33
CA SER A 83 52.24 -3.51 34.39
C SER A 83 51.77 -2.23 35.05
N ALA A 84 51.25 -1.28 34.27
CA ALA A 84 50.94 0.02 34.82
C ALA A 84 50.02 -0.09 36.03
N ASN A 85 48.96 -0.87 35.91
CA ASN A 85 48.02 -1.00 37.01
C ASN A 85 48.71 -1.61 38.22
N ALA A 86 49.52 -2.65 38.01
CA ALA A 86 50.25 -3.25 39.11
C ALA A 86 50.93 -2.18 39.95
N VAL A 87 51.71 -1.32 39.31
CA VAL A 87 52.31 -0.20 40.02
C VAL A 87 51.22 0.65 40.63
N GLN A 88 50.20 0.99 39.85
CA GLN A 88 49.09 1.77 40.37
C GLN A 88 48.46 1.04 41.55
N SER A 89 48.36 -0.28 41.47
CA SER A 89 47.81 -1.06 42.57
C SER A 89 48.58 -0.85 43.85
N ILE A 90 49.80 -0.32 43.75
CA ILE A 90 50.66 -0.10 44.90
C ILE A 90 50.63 1.34 45.36
N CYS A 91 50.71 2.27 44.40
CA CYS A 91 50.98 3.66 44.72
C CYS A 91 49.99 4.19 45.74
N ASN A 92 48.72 4.24 45.38
CA ASN A 92 47.75 4.67 46.37
C ASN A 92 47.56 3.64 47.45
N ALA A 93 47.93 2.38 47.20
CA ALA A 93 47.93 1.42 48.29
C ALA A 93 49.05 1.67 49.27
N LEU A 94 50.00 2.54 48.93
CA LEU A 94 51.05 2.95 49.84
C LEU A 94 51.12 4.46 49.97
N GLY A 95 50.00 5.13 49.74
CA GLY A 95 49.98 6.56 49.92
C GLY A 95 50.82 7.34 48.94
N VAL A 96 51.51 6.66 48.02
CA VAL A 96 52.46 7.34 47.15
C VAL A 96 51.77 7.81 45.89
N PRO A 97 51.94 9.08 45.50
CA PRO A 97 51.42 9.53 44.21
C PRO A 97 52.26 8.97 43.07
N HIS A 98 51.64 8.93 41.89
CA HIS A 98 52.18 8.22 40.75
C HIS A 98 51.86 9.01 39.48
N ILE A 99 52.78 9.00 38.54
CA ILE A 99 52.65 9.79 37.32
C ILE A 99 52.77 8.86 36.14
N GLN A 100 51.87 9.00 35.19
CA GLN A 100 51.70 8.06 34.10
C GLN A 100 51.67 8.82 32.78
N THR A 101 52.04 8.13 31.71
CA THR A 101 52.10 8.77 30.39
C THR A 101 51.12 8.17 29.40
N ARG A 102 51.16 6.86 29.18
CA ARG A 102 50.23 6.31 28.22
C ARG A 102 48.85 6.24 28.81
N TRP A 103 47.85 6.20 27.93
CA TRP A 103 46.57 5.66 28.32
C TRP A 103 46.74 4.20 28.73
N LYS A 104 45.83 3.72 29.57
CA LYS A 104 45.89 2.34 30.00
C LYS A 104 44.49 1.78 30.15
N HIS A 105 44.43 0.46 30.40
CA HIS A 105 43.20 -0.29 30.19
C HIS A 105 42.18 0.11 31.23
N GLN A 106 41.81 1.39 31.23
CA GLN A 106 41.08 2.02 32.33
C GLN A 106 39.98 1.10 32.84
N VAL A 107 39.90 1.00 34.16
CA VAL A 107 38.91 0.17 34.81
C VAL A 107 37.89 1.10 35.44
N SER A 108 36.68 0.59 35.63
CA SER A 108 35.58 1.43 36.08
C SER A 108 35.91 2.15 37.37
N ASP A 109 36.14 1.41 38.44
CA ASP A 109 36.14 2.01 39.76
C ASP A 109 37.29 1.51 40.61
N ASN A 110 38.47 1.42 40.01
CA ASN A 110 39.65 1.19 40.81
C ASN A 110 39.84 2.38 41.75
N LYS A 111 39.87 2.09 43.04
CA LYS A 111 39.77 3.12 44.05
C LYS A 111 41.06 3.83 44.33
N ASP A 112 42.05 3.71 43.46
CA ASP A 112 43.22 4.54 43.63
C ASP A 112 42.90 5.97 43.21
N SER A 113 43.63 6.89 43.81
CA SER A 113 43.52 8.30 43.48
C SER A 113 44.88 8.97 43.44
N PHE A 114 45.96 8.23 43.68
CA PHE A 114 47.31 8.78 43.64
C PHE A 114 47.97 8.56 42.29
N TYR A 115 47.20 8.59 41.23
CA TYR A 115 47.73 8.44 39.89
C TYR A 115 47.09 9.50 39.02
N VAL A 116 47.91 10.11 38.17
CA VAL A 116 47.42 11.04 37.16
C VAL A 116 48.12 10.69 35.86
N SER A 117 47.88 11.48 34.83
CA SER A 117 48.69 11.37 33.62
C SER A 117 48.50 12.61 32.80
N LEU A 118 49.59 13.11 32.26
CA LEU A 118 49.52 14.27 31.38
C LEU A 118 48.85 13.96 30.05
N TYR A 119 48.44 12.72 29.84
CA TYR A 119 47.95 12.31 28.54
C TYR A 119 46.47 12.69 28.40
N PRO A 120 46.04 13.08 27.20
CA PRO A 120 44.63 13.46 27.02
C PRO A 120 43.75 12.24 27.04
N ASP A 121 42.71 12.28 27.86
CA ASP A 121 41.84 11.12 27.95
C ASP A 121 41.22 10.81 26.59
N PHE A 122 41.17 9.51 26.26
CA PHE A 122 40.57 9.07 25.00
C PHE A 122 39.22 9.68 24.75
N SER A 123 38.39 9.78 25.78
CA SER A 123 37.06 10.36 25.59
C SER A 123 37.16 11.67 24.84
N SER A 124 37.96 12.59 25.36
CA SER A 124 38.19 13.84 24.67
C SER A 124 38.69 13.58 23.26
N LEU A 125 39.71 12.74 23.13
CA LEU A 125 40.19 12.34 21.83
C LEU A 125 39.06 11.79 20.97
N SER A 126 38.45 10.70 21.44
CA SER A 126 37.36 10.08 20.70
C SER A 126 36.28 11.11 20.39
N ARG A 127 35.94 11.96 21.35
CA ARG A 127 35.03 13.04 21.03
C ARG A 127 35.63 13.94 19.96
N ALA A 128 36.94 14.14 19.98
CA ALA A 128 37.55 15.13 19.10
C ALA A 128 37.47 14.69 17.65
N ILE A 129 37.82 13.45 17.37
CA ILE A 129 37.58 12.90 16.04
C ILE A 129 36.12 13.11 15.67
N LEU A 130 35.24 12.82 16.63
CA LEU A 130 33.81 12.91 16.35
C LEU A 130 33.43 14.33 15.98
N ASP A 131 34.05 15.30 16.65
CA ASP A 131 33.98 16.66 16.13
C ASP A 131 34.42 16.68 14.69
N LEU A 132 35.61 16.15 14.42
CA LEU A 132 36.25 16.30 13.12
C LEU A 132 35.41 15.66 12.02
N VAL A 133 35.00 14.41 12.22
CA VAL A 133 34.31 13.70 11.16
C VAL A 133 33.04 14.44 10.79
N GLN A 134 32.15 14.58 11.77
CA GLN A 134 30.92 15.34 11.57
C GLN A 134 31.21 16.71 10.99
N PHE A 135 32.38 17.29 11.31
CA PHE A 135 32.80 18.51 10.62
C PHE A 135 32.99 18.24 9.14
N PHE A 136 33.68 17.17 8.79
CA PHE A 136 33.87 16.83 7.40
C PHE A 136 32.63 16.27 6.76
N LYS A 137 31.52 16.26 7.48
CA LYS A 137 30.24 15.79 6.96
C LYS A 137 30.31 14.36 6.47
N TRP A 138 31.33 13.63 6.86
CA TRP A 138 31.46 12.26 6.39
C TRP A 138 30.30 11.41 6.86
N LYS A 139 30.03 10.35 6.11
CA LYS A 139 28.99 9.43 6.50
C LYS A 139 29.50 8.01 6.69
N THR A 140 30.18 7.46 5.70
CA THR A 140 30.54 6.05 5.73
C THR A 140 32.00 5.93 6.12
N VAL A 141 32.24 6.01 7.41
CA VAL A 141 33.60 5.95 7.92
C VAL A 141 33.94 4.51 8.18
N THR A 142 35.23 4.20 8.23
CA THR A 142 35.70 2.88 8.63
C THR A 142 36.79 3.06 9.65
N VAL A 143 36.53 2.66 10.86
CA VAL A 143 37.58 2.69 11.87
C VAL A 143 38.45 1.47 11.68
N VAL A 144 39.75 1.64 11.87
CA VAL A 144 40.70 0.57 11.66
C VAL A 144 41.69 0.57 12.81
N TYR A 145 41.73 -0.52 13.57
CA TYR A 145 42.68 -0.62 14.65
C TYR A 145 43.50 -1.88 14.51
N ASP A 146 44.32 -2.16 15.52
CA ASP A 146 45.02 -3.43 15.65
C ASP A 146 44.65 -4.17 16.93
N ASP A 147 44.65 -3.49 18.06
CA ASP A 147 44.43 -4.12 19.36
C ASP A 147 43.02 -3.88 19.85
N SER A 148 42.51 -4.84 20.60
CA SER A 148 41.15 -4.76 21.13
C SER A 148 40.94 -3.46 21.89
N THR A 149 41.92 -3.05 22.67
CA THR A 149 41.81 -1.83 23.44
C THR A 149 41.57 -0.62 22.57
N GLY A 150 41.81 -0.74 21.28
CA GLY A 150 41.48 0.35 20.38
C GLY A 150 40.00 0.66 20.40
N LEU A 151 39.17 -0.33 20.71
CA LEU A 151 37.75 -0.07 20.85
C LEU A 151 37.50 0.92 21.98
N ILE A 152 37.92 0.55 23.19
CA ILE A 152 37.76 1.45 24.33
C ILE A 152 38.43 2.77 24.04
N ARG A 153 39.47 2.74 23.24
CA ARG A 153 40.07 3.96 22.77
C ARG A 153 39.07 4.79 21.98
N LEU A 154 38.05 4.16 21.42
CA LEU A 154 37.24 4.87 20.44
C LEU A 154 35.74 4.67 20.64
N GLN A 155 35.31 4.28 21.84
CA GLN A 155 33.88 4.01 21.99
C GLN A 155 33.05 5.28 21.86
N GLU A 156 33.56 6.40 22.38
CA GLU A 156 32.83 7.66 22.23
C GLU A 156 32.52 7.94 20.78
N LEU A 157 33.21 7.26 19.88
CA LEU A 157 32.94 7.35 18.46
C LEU A 157 32.03 6.24 17.97
N ILE A 158 32.31 5.01 18.39
CA ILE A 158 31.52 3.89 17.93
C ILE A 158 30.07 4.06 18.33
N LYS A 159 29.84 4.66 19.49
CA LYS A 159 28.47 4.84 19.95
C LYS A 159 27.74 5.87 19.10
N ALA A 160 28.48 6.81 18.51
CA ALA A 160 27.85 7.97 17.89
C ALA A 160 26.81 7.65 16.84
N PRO A 161 27.02 6.71 15.90
CA PRO A 161 25.99 6.47 14.87
C PRO A 161 24.59 6.30 15.41
N SER A 162 24.44 5.84 16.65
CA SER A 162 23.15 5.87 17.31
C SER A 162 22.64 7.29 17.49
N ARG A 163 23.42 8.27 17.18
CA ARG A 163 23.01 9.65 17.35
C ARG A 163 23.22 10.49 16.10
N TYR A 164 24.28 10.21 15.35
CA TYR A 164 24.66 11.02 14.20
C TYR A 164 24.67 10.11 12.99
N ASN A 165 23.97 10.50 11.94
CA ASN A 165 23.73 9.56 10.86
C ASN A 165 25.05 9.25 10.17
N LEU A 166 25.62 8.10 10.50
CA LEU A 166 26.85 7.61 9.89
C LEU A 166 26.70 6.13 9.64
N ARG A 167 27.75 5.54 9.11
CA ARG A 167 27.93 4.11 9.14
C ARG A 167 29.41 3.88 9.35
N LEU A 168 29.75 2.81 10.07
CA LEU A 168 31.15 2.55 10.33
C LEU A 168 31.38 1.05 10.43
N LYS A 169 32.07 0.51 9.45
CA LYS A 169 32.61 -0.82 9.68
C LYS A 169 33.81 -0.67 10.59
N ILE A 170 34.25 -1.78 11.16
CA ILE A 170 35.44 -1.79 11.98
C ILE A 170 36.28 -2.99 11.59
N ARG A 171 37.57 -2.78 11.41
CA ARG A 171 38.44 -3.80 10.90
C ARG A 171 39.75 -3.77 11.68
N GLN A 172 40.40 -4.92 11.77
CA GLN A 172 41.51 -5.09 12.68
C GLN A 172 42.75 -5.61 11.97
N LEU A 173 43.86 -4.95 12.20
CA LEU A 173 45.16 -5.39 11.73
C LEU A 173 45.58 -6.64 12.48
N PRO A 174 45.82 -7.73 11.81
CA PRO A 174 46.18 -8.97 12.53
C PRO A 174 47.57 -8.94 13.14
N ALA A 175 48.00 -10.10 13.64
CA ALA A 175 49.28 -10.25 14.33
C ALA A 175 50.43 -9.61 13.56
N ASP A 176 50.61 -10.00 12.30
CA ASP A 176 51.69 -9.45 11.51
C ASP A 176 51.26 -8.14 10.84
N THR A 177 52.25 -7.31 10.55
CA THR A 177 51.98 -6.08 9.82
C THR A 177 51.54 -6.37 8.40
N LYS A 178 52.19 -7.32 7.73
CA LYS A 178 51.90 -7.62 6.34
C LYS A 178 50.42 -7.93 6.13
N ASP A 179 49.78 -8.45 7.18
CA ASP A 179 48.43 -8.96 7.08
C ASP A 179 47.42 -7.90 6.66
N ALA A 180 47.86 -6.64 6.51
CA ALA A 180 46.96 -5.59 6.06
C ALA A 180 46.74 -5.63 4.56
N LYS A 181 47.72 -6.13 3.81
CA LYS A 181 47.52 -6.33 2.37
C LYS A 181 46.17 -6.94 2.04
N PRO A 182 45.69 -7.99 2.72
CA PRO A 182 44.31 -8.38 2.51
C PRO A 182 43.34 -7.34 3.03
N LEU A 183 43.61 -6.79 4.21
CA LEU A 183 42.69 -5.80 4.77
C LEU A 183 42.47 -4.68 3.78
N LEU A 184 43.56 -4.04 3.35
CA LEU A 184 43.49 -3.03 2.31
C LEU A 184 42.75 -3.57 1.11
N LYS A 185 43.05 -4.82 0.73
CA LYS A 185 42.37 -5.47 -0.37
C LYS A 185 40.86 -5.45 -0.16
N GLU A 186 40.40 -5.87 1.02
CA GLU A 186 38.99 -5.74 1.34
C GLU A 186 38.57 -4.29 1.36
N MET A 187 39.31 -3.46 2.10
CA MET A 187 39.03 -2.04 2.07
C MET A 187 39.18 -1.46 0.68
N LYS A 188 39.80 -2.19 -0.23
CA LYS A 188 39.67 -1.90 -1.64
C LYS A 188 38.41 -2.53 -2.21
N ARG A 189 38.18 -3.81 -1.92
CA ARG A 189 36.91 -4.45 -2.29
C ARG A 189 35.73 -3.62 -1.84
N GLY A 190 35.83 -3.01 -0.66
CA GLY A 190 34.71 -2.35 -0.04
C GLY A 190 34.54 -0.89 -0.38
N LYS A 191 35.52 -0.25 -1.01
CA LYS A 191 35.41 1.13 -1.43
C LYS A 191 35.15 2.03 -0.22
N GLU A 192 36.15 2.10 0.65
CA GLU A 192 36.06 2.88 1.88
C GLU A 192 37.00 4.08 1.76
N PHE A 193 36.41 5.26 1.62
CA PHE A 193 37.14 6.47 1.31
C PHE A 193 37.07 7.49 2.44
N HIS A 194 36.89 7.02 3.66
CA HIS A 194 37.05 7.85 4.85
C HIS A 194 37.52 6.88 5.93
N VAL A 195 38.82 6.75 6.09
CA VAL A 195 39.37 5.72 6.94
C VAL A 195 40.06 6.36 8.14
N ILE A 196 39.69 5.92 9.32
CA ILE A 196 40.36 6.32 10.53
C ILE A 196 41.38 5.27 10.89
N PHE A 197 42.60 5.71 11.14
CA PHE A 197 43.63 4.80 11.61
C PHE A 197 43.75 4.93 13.11
N ASP A 198 43.54 3.82 13.81
CA ASP A 198 43.82 3.71 15.22
C ASP A 198 44.95 2.72 15.39
N CYS A 199 46.17 3.23 15.31
CA CYS A 199 47.35 2.42 15.55
C CYS A 199 48.56 3.33 15.62
N SER A 200 49.48 2.99 16.51
CA SER A 200 50.77 3.66 16.52
C SER A 200 51.44 3.50 15.15
N HIS A 201 52.00 4.60 14.67
CA HIS A 201 52.62 4.70 13.34
C HIS A 201 53.40 3.46 12.94
N GLU A 202 54.13 2.88 13.90
CA GLU A 202 54.80 1.61 13.67
C GLU A 202 53.92 0.69 12.85
N MET A 203 52.65 0.58 13.24
CA MET A 203 51.69 -0.05 12.35
C MET A 203 51.48 0.82 11.11
N ALA A 204 51.13 2.08 11.32
CA ALA A 204 50.59 2.92 10.25
C ALA A 204 51.66 3.35 9.27
N ALA A 205 52.64 4.13 9.75
CA ALA A 205 53.78 4.47 8.91
C ALA A 205 54.38 3.22 8.32
N GLY A 206 54.31 2.10 9.05
CA GLY A 206 54.72 0.83 8.51
C GLY A 206 53.77 0.24 7.50
N ILE A 207 52.59 0.81 7.33
CA ILE A 207 51.63 0.25 6.38
C ILE A 207 51.19 1.25 5.33
N LEU A 208 51.25 2.56 5.60
CA LEU A 208 50.93 3.54 4.57
C LEU A 208 51.70 3.25 3.29
N LYS A 209 52.92 2.75 3.43
CA LYS A 209 53.61 2.18 2.29
C LYS A 209 52.67 1.27 1.51
N GLN A 210 52.16 0.24 2.19
CA GLN A 210 51.37 -0.75 1.49
C GLN A 210 50.16 -0.13 0.82
N ALA A 211 49.44 0.72 1.53
CA ALA A 211 48.34 1.43 0.89
C ALA A 211 48.84 2.15 -0.36
N LEU A 212 49.94 2.89 -0.21
CA LEU A 212 50.60 3.46 -1.37
C LEU A 212 51.10 2.37 -2.30
N ALA A 213 51.62 1.29 -1.74
CA ALA A 213 52.07 0.18 -2.58
C ALA A 213 50.91 -0.56 -3.21
N MET A 214 49.70 -0.35 -2.72
CA MET A 214 48.50 -0.71 -3.46
C MET A 214 48.05 0.39 -4.37
N GLY A 215 48.77 1.51 -4.41
CA GLY A 215 48.35 2.65 -5.18
C GLY A 215 47.09 3.30 -4.68
N MET A 216 46.63 2.90 -3.50
CA MET A 216 45.40 3.49 -2.99
C MET A 216 45.54 4.99 -2.79
N MET A 217 46.72 5.44 -2.42
CA MET A 217 46.84 6.78 -1.87
C MET A 217 46.57 7.83 -2.94
N THR A 218 45.32 8.28 -3.03
CA THR A 218 44.92 9.30 -3.98
C THR A 218 44.09 10.33 -3.25
N GLU A 219 43.62 11.31 -4.00
CA GLU A 219 42.79 12.37 -3.47
C GLU A 219 41.37 11.90 -3.16
N TYR A 220 41.01 10.67 -3.50
CA TYR A 220 39.73 10.14 -3.05
C TYR A 220 39.74 9.97 -1.54
N TYR A 221 40.66 9.16 -1.03
CA TYR A 221 40.68 8.84 0.38
C TYR A 221 40.97 10.10 1.19
N HIS A 222 40.71 9.99 2.48
CA HIS A 222 41.15 11.04 3.40
C HIS A 222 41.38 10.41 4.76
N TYR A 223 42.62 9.99 5.00
CA TYR A 223 42.87 9.19 6.17
C TYR A 223 42.95 10.06 7.41
N ILE A 224 42.73 9.43 8.55
CA ILE A 224 42.86 10.09 9.84
C ILE A 224 43.65 9.18 10.75
N PHE A 225 44.47 9.77 11.61
CA PHE A 225 45.35 9.02 12.48
C PHE A 225 45.07 9.36 13.92
N THR A 226 44.81 8.34 14.72
CA THR A 226 44.59 8.57 16.14
C THR A 226 45.85 9.04 16.86
N THR A 227 47.02 8.76 16.29
CA THR A 227 48.23 8.91 17.06
C THR A 227 48.48 10.39 17.35
N LEU A 228 49.38 10.65 18.29
CA LEU A 228 49.86 12.00 18.53
C LEU A 228 51.27 12.25 18.02
N ASP A 229 52.05 11.20 17.80
CA ASP A 229 53.36 11.35 17.19
C ASP A 229 53.26 11.63 15.71
N LEU A 230 52.08 11.98 15.22
CA LEU A 230 51.79 12.16 13.81
C LEU A 230 52.90 12.85 13.05
N PHE A 231 53.58 13.80 13.70
CA PHE A 231 54.61 14.52 12.99
C PHE A 231 55.69 13.60 12.45
N ALA A 232 55.86 12.42 13.04
CA ALA A 232 56.97 11.53 12.77
C ALA A 232 56.83 10.73 11.49
N LEU A 233 55.92 11.08 10.60
CA LEU A 233 55.82 10.38 9.34
C LEU A 233 56.82 10.91 8.33
N ASP A 234 57.46 9.99 7.61
CA ASP A 234 58.33 10.37 6.51
C ASP A 234 57.43 10.74 5.32
N VAL A 235 56.76 11.88 5.49
CA VAL A 235 55.62 12.23 4.65
C VAL A 235 56.00 12.30 3.19
N GLU A 236 57.20 12.80 2.88
CA GLU A 236 57.52 13.28 1.54
C GLU A 236 56.98 12.43 0.40
N PRO A 237 57.21 11.12 0.35
CA PRO A 237 56.71 10.34 -0.80
C PRO A 237 55.23 10.47 -1.00
N TYR A 238 54.52 11.13 -0.09
CA TYR A 238 53.08 11.24 -0.18
C TYR A 238 52.61 12.60 -0.66
N ARG A 239 53.14 13.69 -0.12
CA ARG A 239 52.57 15.01 -0.36
C ARG A 239 52.47 15.35 -1.83
N TYR A 240 53.04 14.53 -2.70
CA TYR A 240 52.81 14.61 -4.13
C TYR A 240 51.91 13.48 -4.62
N SER A 241 51.14 12.87 -3.72
CA SER A 241 50.06 11.98 -4.11
C SER A 241 48.73 12.69 -4.16
N GLY A 242 48.53 13.70 -3.32
CA GLY A 242 47.31 14.44 -3.29
C GLY A 242 46.28 13.93 -2.32
N VAL A 243 46.64 13.01 -1.43
CA VAL A 243 45.69 12.54 -0.44
C VAL A 243 45.44 13.67 0.56
N ASN A 244 44.24 13.69 1.11
CA ASN A 244 44.03 14.42 2.35
C ASN A 244 44.38 13.47 3.50
N MET A 245 45.00 14.03 4.53
CA MET A 245 45.33 13.27 5.73
C MET A 245 45.13 14.19 6.91
N THR A 246 44.89 13.62 8.09
CA THR A 246 44.68 14.49 9.23
C THR A 246 44.91 13.76 10.54
N GLY A 247 45.47 14.48 11.49
CA GLY A 247 45.60 14.03 12.85
C GLY A 247 45.83 15.22 13.76
N PHE A 248 46.18 14.93 15.01
CA PHE A 248 46.32 15.97 16.01
C PHE A 248 47.72 16.00 16.58
N ARG A 249 48.04 17.14 17.18
CA ARG A 249 49.39 17.41 17.66
C ARG A 249 49.26 18.28 18.91
N ILE A 250 49.30 17.64 20.08
CA ILE A 250 49.41 18.42 21.30
C ILE A 250 50.82 18.96 21.44
N LEU A 251 51.80 18.29 20.86
CA LEU A 251 53.17 18.74 21.03
C LEU A 251 53.34 20.01 20.22
N ASN A 252 53.13 21.14 20.88
CA ASN A 252 53.12 22.42 20.20
C ASN A 252 54.50 22.75 19.65
N THR A 253 54.52 23.49 18.55
CA THR A 253 55.74 24.06 18.00
C THR A 253 55.75 25.57 18.07
N GLU A 254 54.75 26.19 18.70
CA GLU A 254 54.72 27.64 18.82
C GLU A 254 55.90 28.15 19.64
N ASN A 255 55.99 27.69 20.88
CA ASN A 255 57.11 28.09 21.71
C ASN A 255 58.42 27.77 21.02
N THR A 256 59.24 28.80 20.83
CA THR A 256 60.58 28.54 20.34
C THR A 256 61.40 27.79 21.37
N GLN A 257 61.18 28.10 22.66
CA GLN A 257 61.83 27.31 23.70
C GLN A 257 61.55 25.84 23.49
N VAL A 258 60.29 25.50 23.24
CA VAL A 258 59.96 24.16 22.77
C VAL A 258 60.81 23.81 21.56
N SER A 259 60.65 24.58 20.49
CA SER A 259 61.41 24.36 19.27
C SER A 259 62.90 24.20 19.56
N SER A 260 63.42 25.02 20.46
CA SER A 260 64.82 24.91 20.83
C SER A 260 65.11 23.57 21.47
N ILE A 261 64.36 23.25 22.53
CA ILE A 261 64.64 22.04 23.31
C ILE A 261 64.63 20.82 22.40
N ILE A 262 63.72 20.82 21.41
CA ILE A 262 63.66 19.73 20.45
C ILE A 262 65.04 19.41 19.90
N GLU A 263 65.67 20.42 19.31
CA GLU A 263 66.98 20.21 18.72
C GLU A 263 67.96 19.70 19.77
N LYS A 264 68.12 20.46 20.87
CA LYS A 264 69.02 20.03 21.93
C LYS A 264 68.69 18.62 22.38
N TRP A 265 67.41 18.36 22.59
CA TRP A 265 66.94 16.99 22.69
C TRP A 265 67.44 16.18 21.50
N SER A 266 67.03 16.59 20.29
CA SER A 266 67.38 15.85 19.09
C SER A 266 68.89 15.74 18.90
N MET A 267 69.66 16.65 19.51
CA MET A 267 71.10 16.50 19.51
C MET A 267 71.51 15.22 20.23
N GLU A 268 70.85 14.92 21.34
CA GLU A 268 71.09 13.69 22.07
C GLU A 268 70.08 12.61 21.74
N ARG A 269 68.89 12.99 21.27
CA ARG A 269 67.93 12.00 20.81
C ARG A 269 68.50 11.22 19.64
N LEU A 270 68.82 11.92 18.55
CA LEU A 270 69.39 11.26 17.38
C LEU A 270 70.78 10.71 17.66
N GLN A 271 71.40 11.15 18.76
CA GLN A 271 72.63 10.50 19.21
C GLN A 271 72.40 9.01 19.46
N ALA A 272 71.17 8.60 19.71
CA ALA A 272 70.78 7.21 19.71
C ALA A 272 70.52 6.74 18.28
N PRO A 273 70.78 5.47 17.98
CA PRO A 273 70.72 5.00 16.59
C PRO A 273 69.31 5.04 16.04
N PRO A 274 69.09 5.75 14.94
CA PRO A 274 67.75 5.84 14.37
C PRO A 274 67.43 4.65 13.45
N LYS A 275 66.29 4.73 12.77
CA LYS A 275 65.89 3.74 11.77
C LYS A 275 65.67 4.44 10.43
N PRO A 276 66.65 4.42 9.52
CA PRO A 276 66.42 5.00 8.20
C PRO A 276 65.60 4.10 7.28
N ASP A 277 65.55 2.80 7.56
CA ASP A 277 64.77 1.88 6.74
C ASP A 277 63.28 2.05 6.99
N SER A 278 62.85 1.82 8.24
CA SER A 278 61.45 1.61 8.55
C SER A 278 60.55 2.80 8.24
N GLY A 279 61.12 3.94 7.83
CA GLY A 279 60.32 5.03 7.33
C GLY A 279 59.90 6.05 8.36
N LEU A 280 60.56 6.10 9.50
CA LEU A 280 60.26 7.11 10.50
C LEU A 280 61.19 8.31 10.31
N LEU A 281 60.67 9.51 10.53
CA LEU A 281 61.54 10.66 10.54
C LEU A 281 62.57 10.52 11.64
N ASP A 282 63.83 10.31 11.27
CA ASP A 282 64.86 10.20 12.28
C ASP A 282 65.02 11.52 13.01
N GLY A 283 65.18 11.45 14.32
CA GLY A 283 65.42 12.64 15.10
C GLY A 283 64.20 13.53 15.24
N PHE A 284 63.18 13.04 15.93
CA PHE A 284 62.11 13.90 16.39
C PHE A 284 61.63 13.44 17.75
N MET A 285 61.47 14.38 18.68
CA MET A 285 61.02 14.09 20.03
C MET A 285 59.55 13.68 20.00
N THR A 286 59.29 12.40 20.18
CA THR A 286 57.92 11.93 20.10
C THR A 286 57.12 12.30 21.35
N THR A 287 55.80 12.20 21.24
CA THR A 287 54.91 12.63 22.31
C THR A 287 54.97 11.69 23.50
N ASP A 288 55.19 10.40 23.24
CA ASP A 288 55.42 9.46 24.33
C ASP A 288 56.48 9.97 25.28
N ALA A 289 57.56 10.52 24.74
CA ALA A 289 58.56 11.17 25.57
C ALA A 289 58.14 12.59 25.92
N ALA A 290 57.64 13.34 24.93
CA ALA A 290 57.26 14.72 25.14
C ALA A 290 56.25 14.88 26.25
N LEU A 291 55.73 13.79 26.79
CA LEU A 291 55.01 13.86 28.05
C LEU A 291 55.96 13.59 29.21
N MET A 292 56.77 12.54 29.09
CA MET A 292 57.70 12.21 30.16
C MET A 292 58.63 13.36 30.45
N TYR A 293 58.88 14.22 29.46
CA TYR A 293 59.61 15.44 29.75
C TYR A 293 58.71 16.48 30.37
N ASP A 294 57.53 16.68 29.81
CA ASP A 294 56.56 17.54 30.48
C ASP A 294 56.16 16.98 31.82
N ALA A 295 56.48 15.70 32.08
CA ALA A 295 56.07 15.08 33.33
C ALA A 295 56.69 15.80 34.52
N VAL A 296 58.02 15.78 34.59
CA VAL A 296 58.70 16.21 35.81
C VAL A 296 58.38 17.66 36.14
N HIS A 297 58.12 18.46 35.12
CA HIS A 297 57.75 19.86 35.34
C HIS A 297 56.61 19.96 36.34
N VAL A 298 55.46 19.40 35.98
CA VAL A 298 54.29 19.50 36.84
C VAL A 298 54.58 18.86 38.19
N VAL A 299 55.29 17.74 38.18
CA VAL A 299 55.77 17.16 39.43
C VAL A 299 56.54 18.20 40.23
N SER A 300 57.51 18.84 39.57
CA SER A 300 58.37 19.78 40.27
C SER A 300 57.58 20.94 40.84
N VAL A 301 56.53 21.35 40.13
CA VAL A 301 55.64 22.38 40.64
C VAL A 301 55.03 21.94 41.96
N ALA A 302 54.62 20.68 42.04
CA ALA A 302 54.13 20.14 43.30
C ALA A 302 55.25 20.13 44.33
N VAL A 303 56.36 19.50 43.99
CA VAL A 303 57.42 19.24 44.96
C VAL A 303 57.90 20.55 45.57
N GLN A 304 58.23 21.52 44.72
CA GLN A 304 58.89 22.74 45.16
C GLN A 304 58.17 23.37 46.34
N GLN A 305 56.84 23.45 46.26
CA GLN A 305 56.07 24.12 47.30
C GLN A 305 55.57 23.17 48.37
N PHE A 306 56.29 22.07 48.60
CA PHE A 306 56.04 21.19 49.73
C PHE A 306 57.39 20.76 50.29
N PRO A 307 58.12 21.69 50.90
CA PRO A 307 59.45 21.34 51.41
C PRO A 307 59.39 20.43 52.61
N GLN A 308 58.27 20.47 53.34
CA GLN A 308 58.05 19.61 54.49
C GLN A 308 58.29 18.14 54.16
N MET A 309 58.20 17.81 52.88
CA MET A 309 58.46 16.48 52.36
C MET A 309 59.71 15.85 52.96
N THR A 310 59.61 14.55 53.25
CA THR A 310 60.76 13.70 53.49
C THR A 310 60.60 12.52 52.55
N VAL A 311 61.45 11.51 52.68
CA VAL A 311 61.38 10.33 51.81
C VAL A 311 61.43 9.11 52.73
N SER A 312 60.26 8.59 53.09
CA SER A 312 60.20 7.40 53.92
C SER A 312 60.69 6.20 53.13
N SER A 313 61.70 5.51 53.65
CA SER A 313 62.18 4.32 52.97
C SER A 313 61.17 3.19 53.12
N LEU A 314 60.04 3.32 52.42
CA LEU A 314 58.89 2.49 52.71
C LEU A 314 59.14 1.03 52.40
N GLN A 315 58.92 0.19 53.39
CA GLN A 315 58.84 -1.24 53.17
C GLN A 315 57.37 -1.59 52.99
N CYS A 316 57.02 -2.10 51.80
CA CYS A 316 55.64 -2.49 51.54
C CYS A 316 55.10 -3.38 52.64
N ASN A 317 55.92 -4.32 53.12
CA ASN A 317 55.51 -5.28 54.14
C ASN A 317 55.18 -4.62 55.48
N ARG A 318 55.57 -3.37 55.68
CA ARG A 318 55.06 -2.54 56.78
C ARG A 318 53.90 -1.74 56.20
N HIS A 319 52.73 -2.37 56.19
CA HIS A 319 51.67 -2.03 55.26
C HIS A 319 51.08 -0.65 55.49
N LYS A 320 51.53 0.07 56.50
CA LYS A 320 51.04 1.43 56.66
C LYS A 320 51.67 2.33 55.60
N PRO A 321 50.90 3.19 54.97
CA PRO A 321 51.42 4.02 53.89
C PRO A 321 52.30 5.16 54.34
N TRP A 322 52.64 6.01 53.38
CA TRP A 322 53.51 7.14 53.59
C TRP A 322 52.77 8.24 54.37
N ARG A 323 53.54 9.21 54.84
CA ARG A 323 53.01 10.19 55.76
C ARG A 323 52.45 11.41 55.06
N PHE A 324 52.97 11.75 53.88
CA PHE A 324 52.62 13.00 53.22
C PHE A 324 51.79 12.78 51.98
N GLY A 325 51.35 11.55 51.73
CA GLY A 325 50.61 11.25 50.52
C GLY A 325 49.33 12.05 50.34
N THR A 326 48.89 12.73 51.39
CA THR A 326 47.58 13.39 51.33
C THR A 326 47.63 14.71 50.58
N ARG A 327 48.35 15.70 51.13
CA ARG A 327 48.41 17.00 50.49
C ARG A 327 49.36 16.99 49.31
N PHE A 328 50.44 16.21 49.42
CA PHE A 328 51.38 16.11 48.33
C PHE A 328 50.66 15.78 47.03
N MET A 329 49.66 14.92 47.11
CA MET A 329 48.83 14.64 45.95
C MET A 329 48.11 15.89 45.49
N SER A 330 47.50 16.63 46.42
CA SER A 330 46.65 17.76 46.05
C SER A 330 47.38 18.74 45.16
N LEU A 331 48.60 19.12 45.54
CA LEU A 331 49.44 19.96 44.70
C LEU A 331 49.43 19.47 43.26
N ILE A 332 49.68 18.18 43.07
CA ILE A 332 49.59 17.59 41.74
C ILE A 332 48.21 17.88 41.16
N LYS A 333 47.17 17.38 41.83
CA LYS A 333 45.81 17.54 41.33
C LYS A 333 45.38 19.00 41.27
N GLU A 334 46.20 19.93 41.74
CA GLU A 334 45.91 21.34 41.51
C GLU A 334 46.83 21.97 40.48
N ALA A 335 47.85 21.24 40.05
CA ALA A 335 48.92 21.86 39.28
C ALA A 335 48.43 22.31 37.92
N HIS A 336 48.78 23.54 37.56
CA HIS A 336 48.63 24.08 36.22
C HIS A 336 50.02 24.36 35.68
N TRP A 337 50.17 24.24 34.36
CA TRP A 337 51.51 24.31 33.81
C TRP A 337 51.46 24.65 32.33
N GLU A 338 52.58 25.12 31.82
CA GLU A 338 52.76 25.40 30.40
C GLU A 338 54.06 24.71 29.97
N GLY A 339 53.97 23.44 29.62
CA GLY A 339 55.09 22.68 29.14
C GLY A 339 55.11 22.62 27.63
N LEU A 340 55.75 21.59 27.11
CA LEU A 340 55.77 21.40 25.66
C LEU A 340 54.36 21.26 25.11
N THR A 341 53.48 20.63 25.88
CA THR A 341 52.07 20.50 25.56
C THR A 341 51.26 21.69 26.02
N GLY A 342 51.90 22.72 26.55
CA GLY A 342 51.18 23.90 26.96
C GLY A 342 50.26 23.64 28.13
N ARG A 343 48.96 23.87 27.95
CA ARG A 343 48.03 23.82 29.07
C ARG A 343 47.97 22.41 29.65
N ILE A 344 47.98 22.33 30.97
CA ILE A 344 47.90 21.06 31.68
C ILE A 344 47.12 21.28 32.97
N THR A 345 46.27 20.32 33.30
CA THR A 345 45.56 20.26 34.57
C THR A 345 45.07 18.83 34.77
N PHE A 346 44.21 18.63 35.76
CA PHE A 346 43.70 17.30 36.04
C PHE A 346 42.29 17.35 36.58
N ASN A 347 41.46 16.44 36.09
CA ASN A 347 40.08 16.35 36.56
C ASN A 347 40.13 15.83 37.99
N LYS A 348 39.91 16.72 38.95
CA LYS A 348 39.78 16.27 40.33
C LYS A 348 38.54 15.42 40.53
N THR A 349 37.72 15.26 39.49
CA THR A 349 36.61 14.31 39.53
C THR A 349 37.12 12.88 39.44
N ASN A 350 38.13 12.65 38.61
CA ASN A 350 38.61 11.32 38.27
C ASN A 350 40.01 11.05 38.72
N GLY A 351 40.84 12.09 38.85
CA GLY A 351 42.25 11.92 39.08
C GLY A 351 43.07 11.91 37.83
N LEU A 352 42.51 12.30 36.70
CA LEU A 352 43.15 12.15 35.41
C LEU A 352 43.09 13.47 34.66
N ARG A 353 43.65 13.48 33.46
CA ARG A 353 43.67 14.70 32.67
C ARG A 353 42.49 14.71 31.71
N THR A 354 41.87 15.87 31.54
CA THR A 354 40.77 16.02 30.62
C THR A 354 40.85 17.32 29.83
N ASP A 355 41.98 18.02 29.86
CA ASP A 355 42.06 19.36 29.28
C ASP A 355 43.37 19.55 28.54
N PHE A 356 43.30 20.31 27.46
CA PHE A 356 44.42 20.54 26.57
C PHE A 356 43.97 21.42 25.41
N ASP A 357 44.89 21.81 24.55
CA ASP A 357 44.54 22.38 23.26
C ASP A 357 45.21 21.54 22.18
N LEU A 358 44.45 21.23 21.14
CA LEU A 358 44.97 20.47 20.02
C LEU A 358 44.97 21.31 18.76
N ASP A 359 46.12 21.34 18.11
CA ASP A 359 46.25 21.94 16.79
C ASP A 359 45.87 20.87 15.79
N VAL A 360 44.67 20.95 15.24
CA VAL A 360 44.37 20.07 14.13
C VAL A 360 45.28 20.46 12.97
N ILE A 361 45.87 19.45 12.35
CA ILE A 361 46.87 19.65 11.31
C ILE A 361 46.49 18.76 10.13
N SER A 362 47.21 18.94 9.03
CA SER A 362 46.93 18.14 7.85
C SER A 362 48.11 18.15 6.92
N LEU A 363 48.21 17.08 6.13
CA LEU A 363 49.10 17.11 5.00
C LEU A 363 48.66 18.23 4.05
N LYS A 364 49.45 19.28 3.99
CA LYS A 364 49.33 20.31 2.96
C LYS A 364 50.03 19.81 1.72
N GLU A 365 50.30 20.70 0.78
CA GLU A 365 51.17 20.31 -0.32
C GLU A 365 52.62 20.20 0.13
N GLU A 366 53.02 20.98 1.12
CA GLU A 366 54.38 20.94 1.65
C GLU A 366 54.55 19.89 2.73
N GLY A 367 53.51 19.60 3.48
CA GLY A 367 53.60 18.61 4.53
C GLY A 367 52.65 18.91 5.67
N LEU A 368 52.92 18.29 6.82
CA LEU A 368 52.05 18.38 7.98
C LEU A 368 52.01 19.80 8.48
N GLU A 369 50.92 20.51 8.22
CA GLU A 369 50.90 21.94 8.49
C GLU A 369 49.53 22.34 9.03
N LYS A 370 49.55 23.06 10.14
CA LYS A 370 48.36 23.25 10.95
C LYS A 370 47.18 23.78 10.14
N ILE A 371 45.98 23.34 10.52
CA ILE A 371 44.75 23.67 9.80
C ILE A 371 43.66 24.12 10.76
N GLY A 372 44.04 24.67 11.90
CA GLY A 372 43.08 25.10 12.88
C GLY A 372 43.37 24.46 14.20
N THR A 373 42.47 24.62 15.17
CA THR A 373 42.70 24.08 16.50
C THR A 373 41.49 23.30 16.97
N TRP A 374 41.73 22.47 17.97
CA TRP A 374 40.65 21.85 18.72
C TRP A 374 41.01 21.85 20.20
N ASP A 375 39.98 21.78 21.03
CA ASP A 375 40.13 21.60 22.46
C ASP A 375 38.85 20.98 22.98
N PRO A 376 38.85 20.49 24.22
CA PRO A 376 37.59 20.01 24.79
C PRO A 376 36.56 21.11 24.95
N ALA A 377 36.93 22.22 25.58
CA ALA A 377 35.96 23.23 25.93
C ALA A 377 35.39 23.92 24.70
N SER A 378 36.24 24.63 23.96
CA SER A 378 35.76 25.36 22.80
C SER A 378 35.32 24.44 21.69
N GLY A 379 35.97 23.29 21.56
CA GLY A 379 35.75 22.46 20.41
C GLY A 379 36.65 22.94 19.29
N LEU A 380 36.07 23.29 18.16
CA LEU A 380 36.83 23.69 16.98
C LEU A 380 36.72 25.19 16.75
N ASN A 381 37.84 25.90 16.93
CA ASN A 381 38.06 27.10 16.14
C ASN A 381 38.79 26.74 14.85
N MET A 382 38.28 25.75 14.12
CA MET A 382 38.97 25.32 12.91
C MET A 382 38.84 26.41 11.85
N THR A 383 39.98 26.93 11.43
CA THR A 383 40.05 28.19 10.70
C THR A 383 39.87 27.97 9.21
N GLU A 384 39.20 28.92 8.56
CA GLU A 384 38.91 28.84 7.14
C GLU A 384 40.09 29.31 6.30
N SER A 385 40.17 28.77 5.09
CA SER A 385 41.23 29.04 4.13
C SER A 385 40.63 29.37 2.78
N GLN A 386 39.69 30.31 2.78
CA GLN A 386 38.78 30.50 1.64
C GLN A 386 39.55 31.13 0.48
N LYS A 387 40.41 30.32 -0.13
CA LYS A 387 41.20 30.72 -1.28
C LYS A 387 40.75 29.91 -2.49
N GLY A 388 41.35 30.18 -3.65
CA GLY A 388 40.94 29.52 -4.87
C GLY A 388 42.08 29.15 -5.80
N LYS A 389 41.75 28.88 -7.07
CA LYS A 389 42.70 28.40 -8.07
C LYS A 389 42.64 29.23 -9.35
N PRO A 390 43.78 29.64 -9.87
CA PRO A 390 43.81 30.36 -11.15
C PRO A 390 44.00 29.41 -12.33
N ALA A 391 43.93 30.00 -13.52
CA ALA A 391 44.10 29.24 -14.76
C ALA A 391 45.46 28.57 -14.86
N ASN A 392 46.38 28.86 -13.95
CA ASN A 392 47.58 28.05 -13.82
C ASN A 392 47.28 26.72 -13.16
N ILE A 393 46.00 26.36 -13.10
CA ILE A 393 45.53 25.02 -12.79
C ILE A 393 46.27 24.00 -13.64
N THR A 394 46.87 24.50 -14.73
CA THR A 394 47.41 23.69 -15.82
C THR A 394 48.23 22.50 -15.34
N ASP A 395 49.36 22.75 -14.72
CA ASP A 395 50.19 21.65 -14.28
C ASP A 395 49.84 21.19 -12.89
N SER A 396 49.01 21.95 -12.16
CA SER A 396 48.62 21.58 -10.81
C SER A 396 47.98 20.20 -10.74
N LEU A 397 47.67 19.59 -11.88
CA LEU A 397 47.24 18.20 -11.92
C LEU A 397 48.19 17.37 -12.76
N SER A 398 49.36 17.92 -13.08
CA SER A 398 50.26 17.22 -13.99
C SER A 398 50.88 16.00 -13.34
N ASN A 399 51.24 16.10 -12.07
CA ASN A 399 52.12 15.11 -11.45
C ASN A 399 51.46 13.73 -11.42
N ARG A 400 50.26 13.60 -11.94
CA ARG A 400 49.41 12.47 -11.62
C ARG A 400 48.91 11.77 -12.89
N SER A 401 48.18 10.67 -12.67
CA SER A 401 47.79 9.77 -13.74
C SER A 401 46.54 9.01 -13.33
N LEU A 402 45.58 8.90 -14.24
CA LEU A 402 44.33 8.21 -13.96
C LEU A 402 44.01 7.25 -15.10
N ILE A 403 43.23 6.23 -14.77
CA ILE A 403 42.82 5.24 -15.76
C ILE A 403 41.68 5.84 -16.58
N VAL A 404 41.88 5.96 -17.88
CA VAL A 404 40.84 6.43 -18.78
C VAL A 404 40.20 5.22 -19.44
N THR A 405 38.93 5.00 -19.15
CA THR A 405 38.23 3.94 -19.87
C THR A 405 37.48 4.55 -21.05
N THR A 406 37.10 3.70 -21.98
CA THR A 406 36.52 4.18 -23.23
C THR A 406 35.91 3.00 -23.97
N ILE A 407 35.42 3.27 -25.18
CA ILE A 407 34.78 2.27 -26.02
C ILE A 407 34.83 2.81 -27.43
N LEU A 408 34.71 1.93 -28.42
CA LEU A 408 35.07 2.25 -29.80
C LEU A 408 33.86 2.70 -30.58
N GLU A 409 33.92 3.93 -31.11
CA GLU A 409 32.82 4.40 -31.95
C GLU A 409 33.33 5.55 -32.80
N GLU A 410 33.31 5.36 -34.11
CA GLU A 410 33.53 6.46 -35.01
C GLU A 410 32.38 7.45 -34.89
N PRO A 411 32.64 8.76 -34.90
CA PRO A 411 33.97 9.38 -34.91
C PRO A 411 34.40 9.90 -33.57
N TYR A 412 34.26 9.10 -32.52
CA TYR A 412 34.69 9.53 -31.21
C TYR A 412 35.97 8.83 -30.76
N VAL A 413 36.02 7.51 -30.89
CA VAL A 413 37.21 6.73 -30.55
C VAL A 413 37.23 5.51 -31.45
N LEU A 414 38.38 5.24 -32.03
CA LEU A 414 38.53 4.08 -32.92
C LEU A 414 40.01 3.79 -33.10
N PHE A 415 40.31 2.54 -33.40
CA PHE A 415 41.69 2.12 -33.57
C PHE A 415 42.39 3.01 -34.58
N LYS A 416 43.54 3.53 -34.18
CA LYS A 416 44.40 4.19 -35.16
C LYS A 416 44.69 3.24 -36.31
N LYS A 417 44.88 3.82 -37.50
CA LYS A 417 45.35 3.04 -38.63
C LYS A 417 46.86 2.96 -38.62
N SER A 418 47.38 1.81 -39.07
CA SER A 418 48.77 1.45 -38.86
C SER A 418 49.46 1.21 -40.18
N ASP A 419 50.46 2.04 -40.48
CA ASP A 419 51.51 1.62 -41.42
C ASP A 419 52.45 0.63 -40.77
N LYS A 420 52.58 0.70 -39.44
CA LYS A 420 53.40 -0.18 -38.64
C LYS A 420 52.65 -0.44 -37.34
N PRO A 421 52.76 -1.66 -36.79
CA PRO A 421 51.95 -2.05 -35.61
C PRO A 421 51.88 -1.01 -34.51
N LEU A 422 50.76 -1.03 -33.78
CA LEU A 422 50.37 0.04 -32.88
C LEU A 422 50.42 -0.41 -31.44
N TYR A 423 50.56 0.57 -30.55
CA TYR A 423 50.74 0.31 -29.14
C TYR A 423 50.14 1.41 -28.28
N GLY A 424 49.61 0.99 -27.13
CA GLY A 424 49.17 1.81 -26.03
C GLY A 424 48.27 2.93 -26.45
N ASN A 425 48.37 4.03 -25.74
CA ASN A 425 47.50 5.18 -25.92
C ASN A 425 47.75 5.90 -27.21
N ASP A 426 48.55 5.27 -28.06
CA ASP A 426 48.69 5.64 -29.46
C ASP A 426 47.86 4.78 -30.39
N ARG A 427 47.35 3.64 -29.90
CA ARG A 427 46.62 2.72 -30.77
C ARG A 427 45.37 3.32 -31.38
N PHE A 428 44.95 4.50 -30.95
CA PHE A 428 43.59 4.94 -31.22
C PHE A 428 43.57 6.35 -31.76
N GLU A 429 42.44 6.67 -32.38
CA GLU A 429 42.21 7.99 -32.94
C GLU A 429 40.71 8.21 -33.01
N GLY A 430 40.31 9.46 -32.81
CA GLY A 430 38.91 9.77 -32.64
C GLY A 430 38.75 11.09 -31.95
N TYR A 431 37.54 11.65 -32.06
CA TYR A 431 37.29 12.97 -31.50
C TYR A 431 37.62 13.01 -30.03
N CYS A 432 37.24 11.97 -29.29
CA CYS A 432 37.59 11.90 -27.88
C CYS A 432 39.08 11.64 -27.72
N ILE A 433 39.64 10.77 -28.56
CA ILE A 433 41.08 10.54 -28.54
C ILE A 433 41.80 11.87 -28.63
N ASP A 434 41.64 12.54 -29.76
CA ASP A 434 42.31 13.81 -29.95
C ASP A 434 41.73 14.90 -29.06
N LEU A 435 40.66 14.60 -28.33
CA LEU A 435 40.23 15.50 -27.28
C LEU A 435 41.13 15.38 -26.06
N LEU A 436 41.39 14.14 -25.64
CA LEU A 436 42.12 13.93 -24.40
C LEU A 436 43.43 14.68 -24.40
N ARG A 437 44.15 14.65 -25.52
CA ARG A 437 45.37 15.41 -25.63
C ARG A 437 45.15 16.83 -25.16
N GLU A 438 44.26 17.54 -25.84
CA GLU A 438 43.88 18.89 -25.43
C GLU A 438 43.48 18.93 -23.98
N LEU A 439 42.76 17.89 -23.52
CA LEU A 439 42.41 17.79 -22.12
C LEU A 439 43.66 17.61 -21.27
N SER A 440 44.49 16.63 -21.65
CA SER A 440 45.73 16.38 -20.93
C SER A 440 46.65 17.59 -20.98
N THR A 441 47.03 17.98 -22.20
CA THR A 441 47.98 19.08 -22.40
C THR A 441 47.70 20.28 -21.52
N ILE A 442 46.45 20.51 -21.13
CA ILE A 442 46.22 21.59 -20.19
C ILE A 442 46.41 21.07 -18.76
N LEU A 443 45.54 20.19 -18.31
CA LEU A 443 45.70 19.75 -16.93
C LEU A 443 46.90 18.84 -16.74
N GLY A 444 47.56 18.43 -17.81
CA GLY A 444 48.85 17.80 -17.68
C GLY A 444 48.83 16.41 -17.10
N PHE A 445 47.70 15.96 -16.58
CA PHE A 445 47.63 14.62 -16.06
C PHE A 445 47.98 13.62 -17.16
N THR A 446 48.65 12.56 -16.78
CA THR A 446 48.83 11.44 -17.68
C THR A 446 47.68 10.47 -17.49
N TYR A 447 47.74 9.32 -18.16
CA TYR A 447 46.56 8.48 -18.24
C TYR A 447 46.93 7.17 -18.93
N GLU A 448 45.97 6.26 -18.94
CA GLU A 448 45.97 5.16 -19.88
C GLU A 448 44.56 4.97 -20.39
N ILE A 449 44.43 4.83 -21.69
CA ILE A 449 43.12 4.69 -22.32
C ILE A 449 42.80 3.22 -22.50
N ARG A 450 41.65 2.80 -21.98
CA ARG A 450 41.28 1.40 -21.94
C ARG A 450 39.87 1.23 -22.46
N LEU A 451 39.69 0.25 -23.34
CA LEU A 451 38.35 -0.08 -23.78
C LEU A 451 37.56 -0.63 -22.61
N VAL A 452 36.25 -0.43 -22.63
CA VAL A 452 35.41 -1.15 -21.69
C VAL A 452 35.43 -2.62 -22.06
N GLU A 453 35.67 -3.47 -21.06
CA GLU A 453 35.99 -4.86 -21.33
C GLU A 453 34.85 -5.59 -22.01
N ASP A 454 33.62 -5.07 -21.96
CA ASP A 454 32.49 -5.76 -22.57
C ASP A 454 32.11 -5.20 -23.92
N GLY A 455 32.19 -3.88 -24.09
CA GLY A 455 31.69 -3.25 -25.29
C GLY A 455 30.33 -2.57 -25.14
N LYS A 456 29.83 -2.45 -23.92
CA LYS A 456 28.60 -1.74 -23.66
C LYS A 456 28.91 -0.48 -22.86
N TYR A 457 28.22 0.61 -23.18
CA TYR A 457 28.44 1.85 -22.45
C TYR A 457 28.17 1.63 -20.99
N GLY A 458 26.92 1.35 -20.67
CA GLY A 458 26.54 1.01 -19.32
C GLY A 458 25.10 1.35 -19.06
N ALA A 459 24.40 0.43 -18.39
CA ALA A 459 23.02 0.62 -18.02
C ALA A 459 22.73 -0.35 -16.88
N GLN A 460 21.58 -0.18 -16.26
CA GLN A 460 21.31 -1.00 -15.10
C GLN A 460 21.03 -2.44 -15.49
N ASP A 461 20.70 -3.23 -14.47
CA ASP A 461 20.24 -4.59 -14.66
C ASP A 461 19.22 -4.82 -13.55
N ASP A 462 17.95 -4.79 -13.92
CA ASP A 462 16.86 -4.68 -12.96
C ASP A 462 16.66 -5.92 -12.11
N VAL A 463 17.33 -7.03 -12.44
CA VAL A 463 17.12 -8.22 -11.63
C VAL A 463 17.72 -8.02 -10.24
N ASN A 464 18.74 -7.15 -10.15
CA ASN A 464 19.37 -6.81 -8.89
C ASN A 464 19.75 -5.34 -8.79
N GLY A 465 19.41 -4.51 -9.75
CA GLY A 465 19.80 -3.12 -9.68
C GLY A 465 21.26 -2.86 -9.92
N GLN A 466 21.87 -3.53 -10.90
CA GLN A 466 23.29 -3.33 -11.14
C GLN A 466 23.53 -2.16 -12.07
N TRP A 467 24.78 -2.07 -12.51
CA TRP A 467 25.17 -1.40 -13.73
C TRP A 467 26.06 -2.34 -14.51
N ASN A 468 26.61 -1.83 -15.60
CA ASN A 468 27.55 -2.59 -16.41
C ASN A 468 28.37 -1.59 -17.21
N GLY A 469 29.14 -2.11 -18.17
CA GLY A 469 29.88 -1.29 -19.09
C GLY A 469 30.73 -0.25 -18.38
N MET A 470 31.01 0.84 -19.09
CA MET A 470 31.77 1.91 -18.47
C MET A 470 31.09 2.45 -17.23
N VAL A 471 29.76 2.41 -17.18
CA VAL A 471 29.09 2.93 -16.00
C VAL A 471 29.55 2.17 -14.77
N ARG A 472 29.35 0.85 -14.77
CA ARG A 472 29.71 0.08 -13.59
C ARG A 472 31.18 0.23 -13.24
N GLU A 473 32.05 0.24 -14.25
CA GLU A 473 33.46 0.34 -13.94
C GLU A 473 33.80 1.68 -13.33
N LEU A 474 33.17 2.76 -13.79
CA LEU A 474 33.34 4.02 -13.11
C LEU A 474 33.00 3.90 -11.64
N ILE A 475 31.93 3.19 -11.32
CA ILE A 475 31.67 2.86 -9.93
C ILE A 475 32.77 1.98 -9.39
N ASP A 476 33.05 0.88 -10.07
CA ASP A 476 34.05 -0.07 -9.60
C ASP A 476 35.42 0.53 -9.47
N HIS A 477 35.62 1.75 -9.95
CA HIS A 477 36.93 2.39 -9.97
C HIS A 477 37.96 1.58 -10.71
N LYS A 478 37.52 0.60 -11.50
CA LYS A 478 38.39 0.00 -12.50
C LYS A 478 38.93 1.04 -13.47
N ALA A 479 38.42 2.26 -13.40
CA ALA A 479 38.88 3.37 -14.22
C ALA A 479 38.32 4.65 -13.63
N ASP A 480 39.03 5.74 -13.88
CA ASP A 480 38.50 7.05 -13.51
C ASP A 480 37.70 7.67 -14.63
N LEU A 481 38.29 7.82 -15.80
CA LEU A 481 37.72 8.62 -16.87
C LEU A 481 37.02 7.74 -17.88
N ALA A 482 35.74 8.01 -18.09
CA ALA A 482 35.01 7.42 -19.19
C ALA A 482 35.03 8.37 -20.38
N VAL A 483 36.23 8.62 -20.90
CA VAL A 483 36.32 9.39 -22.13
C VAL A 483 35.70 8.56 -23.24
N ALA A 484 34.52 8.95 -23.66
CA ALA A 484 33.77 8.28 -24.71
C ALA A 484 32.54 9.12 -24.98
N PRO A 485 31.82 8.83 -26.04
CA PRO A 485 30.54 9.52 -26.23
C PRO A 485 29.53 9.06 -25.21
N LEU A 486 29.58 9.66 -24.04
CA LEU A 486 28.75 9.26 -22.92
C LEU A 486 27.59 10.24 -22.75
N THR A 487 26.45 9.71 -22.35
CA THR A 487 25.22 10.49 -22.24
C THR A 487 25.00 10.98 -20.82
N ILE A 488 24.65 12.26 -20.70
CA ILE A 488 24.36 12.86 -19.41
C ILE A 488 22.87 12.65 -19.16
N THR A 489 22.54 11.51 -18.57
CA THR A 489 21.17 11.21 -18.22
C THR A 489 20.82 11.88 -16.91
N TYR A 490 19.72 11.44 -16.32
CA TYR A 490 19.45 11.74 -14.91
C TYR A 490 19.88 10.59 -14.02
N VAL A 491 19.53 9.36 -14.39
CA VAL A 491 19.74 8.24 -13.49
C VAL A 491 21.21 7.97 -13.31
N ARG A 492 22.00 8.08 -14.37
CA ARG A 492 23.42 7.85 -14.25
C ARG A 492 24.06 8.87 -13.33
N GLU A 493 23.57 10.10 -13.36
CA GLU A 493 24.19 11.14 -12.55
C GLU A 493 24.18 10.80 -11.07
N LYS A 494 23.09 10.20 -10.61
CA LYS A 494 22.98 9.83 -9.21
C LYS A 494 23.92 8.71 -8.80
N VAL A 495 24.68 8.13 -9.71
CA VAL A 495 25.66 7.12 -9.36
C VAL A 495 27.07 7.58 -9.70
N ILE A 496 27.26 8.26 -10.83
CA ILE A 496 28.58 8.73 -11.26
C ILE A 496 28.44 10.19 -11.63
N ASP A 497 29.57 10.88 -11.65
CA ASP A 497 29.57 12.32 -11.84
C ASP A 497 29.96 12.68 -13.26
N PHE A 498 29.20 13.61 -13.84
CA PHE A 498 29.41 14.05 -15.21
C PHE A 498 30.03 15.42 -15.25
N SER A 499 31.20 15.51 -15.86
CA SER A 499 31.72 16.77 -16.35
C SER A 499 30.61 17.56 -17.03
N LYS A 500 30.59 18.88 -16.83
CA LYS A 500 29.55 19.67 -17.46
C LYS A 500 29.55 19.42 -18.97
N PRO A 501 28.39 19.44 -19.61
CA PRO A 501 28.30 18.93 -20.97
C PRO A 501 29.19 19.70 -21.92
N PHE A 502 30.20 19.05 -22.46
CA PHE A 502 31.12 19.73 -23.37
C PHE A 502 30.54 19.86 -24.75
N MET A 503 29.27 19.56 -24.92
CA MET A 503 28.67 19.49 -26.24
C MET A 503 27.16 19.44 -26.06
N THR A 504 26.44 19.34 -27.16
CA THR A 504 25.01 19.11 -27.18
C THR A 504 24.76 18.00 -28.17
N LEU A 505 23.59 17.37 -28.06
CA LEU A 505 23.27 16.29 -28.98
C LEU A 505 21.76 16.12 -28.99
N GLY A 506 21.30 15.08 -29.67
CA GLY A 506 19.94 14.63 -29.55
C GLY A 506 19.85 13.24 -30.11
N ILE A 507 18.68 12.66 -30.01
CA ILE A 507 18.42 11.42 -30.72
C ILE A 507 17.57 11.73 -31.94
N SER A 508 17.95 11.12 -33.05
CA SER A 508 17.09 10.97 -34.21
C SER A 508 17.25 9.54 -34.68
N ILE A 509 16.82 9.27 -35.89
CA ILE A 509 16.77 7.89 -36.35
C ILE A 509 17.53 7.78 -37.66
N LEU A 510 18.29 6.72 -37.81
CA LEU A 510 19.07 6.48 -39.00
C LEU A 510 18.31 5.52 -39.90
N TYR A 511 18.28 5.80 -41.20
CA TYR A 511 17.47 4.99 -42.09
C TYR A 511 18.05 5.07 -43.50
N ARG A 512 17.72 4.06 -44.31
CA ARG A 512 18.23 3.99 -45.66
C ARG A 512 17.69 5.16 -46.50
N LYS A 513 18.40 5.45 -47.57
CA LYS A 513 18.27 6.65 -48.39
C LYS A 513 16.84 7.01 -48.77
N PRO A 514 15.90 6.06 -49.00
CA PRO A 514 15.85 4.62 -49.26
C PRO A 514 15.77 4.30 -50.76
N ASN A 515 15.13 5.19 -51.54
CA ASN A 515 15.15 5.13 -53.01
C ASN A 515 14.65 3.78 -53.53
N GLY A 516 13.35 3.56 -53.36
CA GLY A 516 12.69 2.59 -54.20
C GLY A 516 12.15 3.23 -55.47
N THR A 517 12.92 3.15 -56.57
CA THR A 517 12.67 3.98 -57.76
C THR A 517 12.66 3.12 -59.02
N ASN A 518 11.53 3.14 -59.75
CA ASN A 518 11.43 2.56 -61.08
C ASN A 518 10.63 3.46 -62.00
N PRO A 519 11.28 4.15 -62.91
CA PRO A 519 10.56 4.88 -63.95
C PRO A 519 10.08 3.98 -65.09
N GLY A 520 9.60 4.59 -66.16
CA GLY A 520 9.29 3.88 -67.40
C GLY A 520 10.50 3.17 -67.97
N VAL A 521 10.32 2.45 -69.09
CA VAL A 521 9.13 2.56 -69.92
C VAL A 521 8.18 1.41 -69.65
N PHE A 522 8.75 0.22 -69.43
CA PHE A 522 7.98 -1.00 -69.34
C PHE A 522 6.93 -0.93 -68.22
N SER A 523 7.12 -0.05 -67.25
CA SER A 523 6.16 0.17 -66.18
C SER A 523 5.18 1.29 -66.51
N PHE A 524 5.42 2.03 -67.60
CA PHE A 524 4.47 3.04 -68.02
C PHE A 524 3.27 2.45 -68.74
N LEU A 525 3.46 1.36 -69.46
CA LEU A 525 2.33 0.77 -70.14
C LEU A 525 1.54 -0.13 -69.21
N ASN A 526 2.17 -0.59 -68.12
CA ASN A 526 1.59 -1.41 -67.07
C ASN A 526 0.36 -0.80 -66.40
N PRO A 527 0.19 0.53 -66.41
CA PRO A 527 -1.14 1.07 -66.14
C PRO A 527 -2.24 0.45 -66.98
N LEU A 528 -1.85 -0.36 -67.95
CA LEU A 528 -2.80 -1.26 -68.58
C LEU A 528 -2.11 -2.58 -68.88
N SER A 529 -2.75 -3.66 -68.46
CA SER A 529 -2.12 -4.97 -68.42
C SER A 529 -1.63 -5.37 -69.80
N PRO A 530 -0.35 -5.74 -69.95
CA PRO A 530 0.15 -6.10 -71.28
C PRO A 530 -0.49 -7.34 -71.87
N ASP A 531 -1.42 -7.98 -71.17
CA ASP A 531 -2.22 -9.05 -71.73
C ASP A 531 -3.24 -8.46 -72.70
N ILE A 532 -3.17 -7.15 -72.89
CA ILE A 532 -4.21 -6.42 -73.59
C ILE A 532 -3.68 -5.61 -74.76
N TRP A 533 -2.42 -5.19 -74.72
CA TRP A 533 -1.87 -4.44 -75.84
C TRP A 533 -1.89 -5.26 -77.12
N MET A 534 -2.00 -6.58 -77.03
CA MET A 534 -2.18 -7.40 -78.22
C MET A 534 -3.62 -7.33 -78.70
N TYR A 535 -4.55 -7.62 -77.81
CA TYR A 535 -5.97 -7.48 -78.13
C TYR A 535 -6.29 -6.09 -78.63
N VAL A 536 -5.44 -5.11 -78.31
CA VAL A 536 -5.45 -3.84 -79.02
C VAL A 536 -5.35 -4.08 -80.52
N LEU A 537 -4.33 -4.86 -80.93
CA LEU A 537 -4.10 -5.05 -82.35
C LEU A 537 -5.22 -5.85 -83.00
N LEU A 538 -5.63 -6.95 -82.37
CA LEU A 538 -6.53 -7.90 -83.02
C LEU A 538 -7.79 -7.20 -83.56
N ALA A 539 -8.55 -6.56 -82.68
CA ALA A 539 -9.74 -5.86 -83.15
C ALA A 539 -9.37 -4.80 -84.16
N TYR A 540 -8.32 -4.04 -83.87
CA TYR A 540 -7.79 -3.08 -84.82
C TYR A 540 -7.48 -3.74 -86.16
N LEU A 541 -7.15 -5.02 -86.14
CA LEU A 541 -7.01 -5.76 -87.38
C LEU A 541 -8.39 -6.16 -87.91
N GLY A 542 -9.18 -6.85 -87.07
CA GLY A 542 -10.41 -7.47 -87.52
C GLY A 542 -11.42 -6.49 -88.10
N VAL A 543 -11.35 -5.23 -87.70
CA VAL A 543 -12.14 -4.20 -88.36
C VAL A 543 -11.48 -3.79 -89.67
N SER A 544 -10.18 -3.50 -89.60
CA SER A 544 -9.47 -2.96 -90.76
C SER A 544 -9.51 -3.91 -91.96
N VAL A 545 -9.72 -5.20 -91.72
CA VAL A 545 -9.65 -6.16 -92.80
C VAL A 545 -10.79 -5.95 -93.79
N VAL A 546 -11.96 -5.54 -93.31
CA VAL A 546 -13.20 -5.54 -94.10
C VAL A 546 -12.99 -4.96 -95.49
N LEU A 547 -12.13 -3.95 -95.61
CA LEU A 547 -11.82 -3.36 -96.90
C LEU A 547 -11.25 -4.39 -97.85
N PHE A 548 -10.66 -5.46 -97.32
CA PHE A 548 -10.13 -6.57 -98.10
C PHE A 548 -11.21 -7.61 -98.38
N VAL A 549 -12.42 -7.41 -97.88
CA VAL A 549 -13.59 -8.20 -98.24
C VAL A 549 -14.50 -7.35 -99.13
N ILE A 550 -14.52 -6.04 -98.87
CA ILE A 550 -15.14 -5.11 -99.81
C ILE A 550 -14.54 -5.28 -101.20
N ALA A 551 -13.22 -5.04 -101.31
CA ALA A 551 -12.55 -5.05 -102.60
C ALA A 551 -12.53 -6.46 -103.20
N ARG A 552 -11.87 -7.39 -102.52
CA ARG A 552 -11.79 -8.77 -102.99
C ARG A 552 -12.79 -9.66 -102.24
N ALA A 599 -22.39 4.67 -95.83
CA ALA A 599 -23.00 3.35 -95.65
C ALA A 599 -23.21 3.06 -94.18
N LEU A 600 -24.35 2.44 -93.87
CA LEU A 600 -24.58 1.97 -92.51
C LEU A 600 -23.64 0.81 -92.17
N SER A 601 -23.26 0.03 -93.18
CA SER A 601 -22.29 -1.04 -93.02
C SER A 601 -21.12 -0.60 -92.16
N THR A 602 -20.59 0.58 -92.44
CA THR A 602 -19.52 1.15 -91.65
C THR A 602 -20.00 2.16 -90.62
N ARG A 603 -21.22 2.69 -90.78
CA ARG A 603 -21.76 3.61 -89.80
C ARG A 603 -22.09 2.91 -88.49
N ILE A 604 -22.13 1.58 -88.48
CA ILE A 604 -22.29 0.82 -87.26
C ILE A 604 -20.94 0.39 -86.70
N VAL A 605 -20.02 0.00 -87.56
CA VAL A 605 -18.74 -0.54 -87.11
C VAL A 605 -17.96 0.50 -86.34
N GLY A 606 -17.61 1.60 -87.02
CA GLY A 606 -16.81 2.62 -86.37
C GLY A 606 -17.44 3.16 -85.12
N GLY A 607 -18.75 3.40 -85.15
CA GLY A 607 -19.44 3.91 -83.97
C GLY A 607 -19.27 3.00 -82.78
N ILE A 608 -19.60 1.72 -82.95
CA ILE A 608 -19.31 0.74 -81.92
C ILE A 608 -17.81 0.71 -81.66
N TRP A 609 -17.01 0.66 -82.72
CA TRP A 609 -15.56 0.75 -82.55
C TRP A 609 -15.17 1.94 -81.72
N TRP A 610 -15.47 3.14 -82.21
CA TRP A 610 -15.23 4.36 -81.46
C TRP A 610 -15.69 4.20 -80.02
N PHE A 611 -16.99 4.00 -79.85
CA PHE A 611 -17.54 3.85 -78.51
C PHE A 611 -17.01 2.62 -77.79
N PHE A 612 -16.41 1.67 -78.50
CA PHE A 612 -15.55 0.71 -77.83
C PHE A 612 -14.24 1.36 -77.43
N THR A 613 -13.46 1.78 -78.43
CA THR A 613 -12.15 2.31 -78.12
C THR A 613 -12.22 3.57 -77.29
N LEU A 614 -13.41 4.15 -77.16
CA LEU A 614 -13.60 5.24 -76.21
C LEU A 614 -13.75 4.73 -74.79
N ILE A 615 -13.72 3.42 -74.59
CA ILE A 615 -13.70 2.85 -73.25
C ILE A 615 -12.27 2.61 -72.81
N ILE A 616 -11.51 1.94 -73.66
CA ILE A 616 -10.13 1.60 -73.32
C ILE A 616 -9.40 2.79 -72.75
N ILE A 617 -9.60 3.96 -73.35
CA ILE A 617 -8.91 5.14 -72.87
C ILE A 617 -9.33 5.46 -71.44
N SER A 618 -10.63 5.55 -71.19
CA SER A 618 -11.08 5.79 -69.82
C SER A 618 -10.66 4.64 -68.92
N SER A 619 -10.84 3.41 -69.40
CA SER A 619 -10.26 2.27 -68.71
C SER A 619 -8.81 2.56 -68.37
N TYR A 620 -8.04 2.98 -69.37
CA TYR A 620 -6.66 3.34 -69.13
C TYR A 620 -6.58 4.52 -68.17
N THR A 621 -7.28 5.60 -68.48
CA THR A 621 -7.15 6.84 -67.72
C THR A 621 -7.32 6.61 -66.23
N ALA A 622 -8.49 6.12 -65.84
CA ALA A 622 -8.72 5.84 -64.43
C ALA A 622 -7.63 4.94 -63.89
N ASN A 623 -7.42 3.78 -64.53
CA ASN A 623 -6.43 2.85 -64.05
C ASN A 623 -5.04 3.47 -64.01
N LEU A 624 -4.83 4.57 -64.70
CA LEU A 624 -3.65 5.36 -64.42
C LEU A 624 -3.83 6.15 -63.14
N ALA A 625 -4.84 7.02 -63.11
CA ALA A 625 -5.10 7.80 -61.90
C ALA A 625 -5.28 6.91 -60.70
N ALA A 626 -5.90 5.75 -60.89
CA ALA A 626 -6.03 4.79 -59.79
C ALA A 626 -4.67 4.41 -59.24
N PHE A 627 -3.63 4.46 -60.07
CA PHE A 627 -2.31 4.19 -59.54
C PHE A 627 -1.56 5.43 -59.12
N LEU A 628 -1.82 6.56 -59.77
CA LEU A 628 -1.08 7.77 -59.40
C LEU A 628 -1.42 8.21 -58.00
N THR A 629 -2.71 8.41 -57.72
CA THR A 629 -3.10 8.91 -56.41
C THR A 629 -2.54 8.02 -55.33
N VAL A 630 -2.70 6.70 -55.49
CA VAL A 630 -2.15 5.75 -54.53
C VAL A 630 -0.67 5.98 -54.34
N GLU A 631 0.02 6.46 -55.38
CA GLU A 631 1.40 6.89 -55.23
C GLU A 631 1.52 8.34 -54.81
N ARG A 632 0.49 8.88 -54.15
CA ARG A 632 0.62 10.14 -53.45
C ARG A 632 0.15 9.99 -52.01
N MET A 633 0.47 8.83 -51.43
CA MET A 633 0.00 8.47 -50.11
C MET A 633 1.12 8.15 -49.14
N GLU A 634 2.35 8.08 -49.60
CA GLU A 634 3.46 7.55 -48.83
C GLU A 634 4.33 8.69 -48.32
N SER A 635 4.50 8.77 -47.01
CA SER A 635 5.33 9.83 -46.46
C SER A 635 6.81 9.51 -46.59
N PRO A 636 7.28 8.32 -46.18
CA PRO A 636 6.68 7.23 -45.41
C PRO A 636 6.81 7.51 -43.92
N ILE A 637 7.96 8.10 -43.55
CA ILE A 637 8.36 8.30 -42.18
C ILE A 637 8.88 9.72 -42.04
N ASP A 638 8.43 10.43 -41.03
CA ASP A 638 9.11 11.67 -40.67
C ASP A 638 9.32 11.84 -39.17
N SER A 639 8.53 11.21 -38.33
CA SER A 639 8.72 11.32 -36.89
C SER A 639 8.90 9.93 -36.31
N ALA A 640 9.24 9.90 -35.03
CA ALA A 640 9.25 8.64 -34.31
C ALA A 640 7.91 7.95 -34.44
N ASP A 641 6.83 8.68 -34.17
CA ASP A 641 5.52 8.04 -34.07
C ASP A 641 5.12 7.40 -35.38
N ASP A 642 5.62 7.93 -36.51
CA ASP A 642 5.50 7.22 -37.76
C ASP A 642 5.90 5.77 -37.58
N LEU A 643 7.11 5.56 -37.06
CA LEU A 643 7.59 4.21 -36.84
C LEU A 643 6.80 3.53 -35.73
N ALA A 644 6.44 4.28 -34.70
CA ALA A 644 5.85 3.69 -33.50
C ALA A 644 4.58 2.94 -33.84
N LYS A 645 3.83 3.41 -34.81
CA LYS A 645 2.54 2.80 -35.10
C LYS A 645 2.68 1.54 -35.93
N GLN A 646 3.59 1.55 -36.91
CA GLN A 646 3.64 0.48 -37.89
C GLN A 646 4.77 -0.49 -37.57
N THR A 647 4.39 -1.72 -37.31
CA THR A 647 5.26 -2.80 -36.89
C THR A 647 5.80 -3.59 -38.05
N LYS A 648 5.89 -2.95 -39.22
CA LYS A 648 6.48 -3.55 -40.41
C LYS A 648 7.86 -2.99 -40.70
N ILE A 649 8.51 -2.41 -39.69
CA ILE A 649 9.87 -1.92 -39.82
C ILE A 649 10.61 -2.20 -38.52
N GLU A 650 11.84 -2.68 -38.63
CA GLU A 650 12.67 -2.84 -37.45
C GLU A 650 13.20 -1.49 -37.00
N TYR A 651 12.89 -1.12 -35.76
CA TYR A 651 13.54 0.03 -35.16
C TYR A 651 14.02 -0.36 -33.78
N GLY A 652 15.29 -0.11 -33.51
CA GLY A 652 15.90 -0.51 -32.26
C GLY A 652 17.04 0.42 -31.92
N ALA A 653 17.83 0.08 -30.90
CA ALA A 653 18.92 0.94 -30.49
C ALA A 653 20.02 0.11 -29.86
N VAL A 654 21.22 0.67 -29.87
CA VAL A 654 22.35 0.00 -29.24
C VAL A 654 21.98 -0.40 -27.83
N GLU A 655 22.38 -1.61 -27.45
CA GLU A 655 21.98 -2.17 -26.17
C GLU A 655 22.84 -1.60 -25.05
N ASP A 656 22.23 -1.47 -23.88
CA ASP A 656 22.82 -0.72 -22.78
C ASP A 656 23.39 0.60 -23.28
N GLY A 657 22.51 1.40 -23.86
CA GLY A 657 22.84 2.76 -24.21
C GLY A 657 21.75 3.66 -23.70
N SER A 658 22.08 4.91 -23.38
CA SER A 658 21.08 5.82 -22.84
C SER A 658 19.79 5.75 -23.59
N THR A 659 19.86 5.61 -24.91
CA THR A 659 18.66 5.46 -25.72
C THR A 659 17.83 4.29 -25.23
N MET A 660 18.45 3.11 -25.12
CA MET A 660 17.73 1.95 -24.60
C MET A 660 17.15 2.27 -23.24
N THR A 661 17.99 2.65 -22.30
CA THR A 661 17.53 3.07 -20.98
C THR A 661 16.56 4.24 -21.07
N PHE A 662 16.61 5.02 -22.15
CA PHE A 662 15.67 6.11 -22.26
C PHE A 662 14.26 5.60 -22.42
N PHE A 663 14.00 4.84 -23.48
CA PHE A 663 12.64 4.37 -23.70
C PHE A 663 12.17 3.49 -22.56
N LYS A 664 12.94 2.46 -22.26
CA LYS A 664 12.67 1.60 -21.11
C LYS A 664 12.18 2.39 -19.91
N LYS A 665 12.97 3.37 -19.48
CA LYS A 665 12.61 4.20 -18.36
C LYS A 665 11.85 5.45 -18.77
N SER A 666 11.42 5.55 -20.04
CA SER A 666 10.63 6.71 -20.44
C SER A 666 9.22 6.60 -19.91
N LYS A 667 8.49 7.70 -20.03
CA LYS A 667 7.15 7.82 -19.51
C LYS A 667 6.10 8.09 -20.56
N ILE A 668 6.46 8.83 -21.61
CA ILE A 668 5.57 9.22 -22.69
C ILE A 668 4.89 7.99 -23.27
N SER A 669 3.64 8.15 -23.71
CA SER A 669 2.93 7.05 -24.35
C SER A 669 3.75 6.44 -25.47
N THR A 670 4.01 7.24 -26.51
CA THR A 670 4.70 6.73 -27.69
C THR A 670 5.96 5.99 -27.31
N TYR A 671 6.83 6.66 -26.56
CA TYR A 671 8.14 6.10 -26.28
C TYR A 671 8.02 4.83 -25.47
N ASP A 672 7.03 4.76 -24.58
CA ASP A 672 6.74 3.50 -23.92
C ASP A 672 6.27 2.48 -24.94
N LYS A 673 5.33 2.87 -25.80
CA LYS A 673 4.87 1.98 -26.85
C LYS A 673 6.00 1.63 -27.80
N MET A 674 6.89 2.58 -28.06
CA MET A 674 8.06 2.24 -28.87
C MET A 674 8.91 1.21 -28.17
N TRP A 675 9.06 1.35 -26.84
CA TRP A 675 9.88 0.43 -26.09
C TRP A 675 9.36 -1.00 -26.21
N ALA A 676 8.13 -1.22 -25.77
CA ALA A 676 7.59 -2.58 -25.74
C ALA A 676 7.66 -3.26 -27.09
N PHE A 677 7.74 -2.49 -28.17
CA PHE A 677 8.08 -3.11 -29.46
C PHE A 677 9.45 -3.77 -29.39
N MET A 678 10.48 -2.97 -29.11
CA MET A 678 11.82 -3.53 -29.03
C MET A 678 11.85 -4.70 -28.05
N SER A 679 11.46 -4.44 -26.81
CA SER A 679 11.43 -5.50 -25.80
C SER A 679 10.62 -6.70 -26.23
N SER A 680 9.72 -6.54 -27.20
CA SER A 680 9.06 -7.70 -27.76
C SER A 680 9.99 -8.52 -28.64
N ARG A 681 11.13 -7.96 -29.02
CA ARG A 681 12.04 -8.63 -29.92
C ARG A 681 13.48 -8.43 -29.47
N ARG A 682 13.71 -8.53 -28.16
CA ARG A 682 14.90 -7.99 -27.51
C ARG A 682 16.18 -8.32 -28.27
N GLN A 683 16.50 -9.59 -28.37
CA GLN A 683 17.77 -10.03 -28.94
C GLN A 683 17.80 -9.93 -30.46
N SER A 684 16.78 -9.35 -31.07
CA SER A 684 16.67 -9.32 -32.51
C SER A 684 16.63 -7.92 -33.10
N VAL A 685 16.07 -6.95 -32.40
CA VAL A 685 16.04 -5.57 -32.87
C VAL A 685 17.18 -4.79 -32.25
N LEU A 686 17.59 -5.19 -31.04
CA LEU A 686 18.66 -4.46 -30.39
C LEU A 686 19.99 -4.82 -31.03
N VAL A 687 20.97 -3.95 -30.87
CA VAL A 687 22.29 -4.16 -31.42
C VAL A 687 23.33 -3.83 -30.36
N LYS A 688 24.49 -4.46 -30.50
CA LYS A 688 25.57 -4.29 -29.54
C LYS A 688 26.51 -3.16 -29.91
N SER A 689 26.52 -2.75 -31.18
CA SER A 689 27.32 -1.62 -31.59
C SER A 689 26.60 -0.93 -32.73
N SER A 690 26.64 0.41 -32.72
CA SER A 690 25.99 1.17 -33.78
C SER A 690 26.45 0.69 -35.14
N GLU A 691 27.77 0.58 -35.33
CA GLU A 691 28.31 0.01 -36.56
C GLU A 691 27.61 -1.28 -36.93
N GLU A 692 27.28 -2.11 -35.95
CA GLU A 692 26.46 -3.27 -36.25
C GLU A 692 25.01 -2.89 -36.46
N GLY A 693 24.52 -1.91 -35.71
CA GLY A 693 23.19 -1.40 -35.97
C GLY A 693 23.10 -0.68 -37.30
N ILE A 694 24.22 -0.15 -37.78
CA ILE A 694 24.27 0.41 -39.13
C ILE A 694 24.04 -0.70 -40.15
N GLN A 695 24.66 -1.85 -39.92
CA GLN A 695 24.44 -3.00 -40.79
C GLN A 695 22.95 -3.26 -41.00
N ARG A 696 22.20 -3.34 -39.92
CA ARG A 696 20.76 -3.61 -40.02
C ARG A 696 20.11 -2.71 -41.05
N VAL A 697 20.47 -1.43 -41.05
CA VAL A 697 19.86 -0.51 -42.00
C VAL A 697 20.17 -0.92 -43.42
N LEU A 698 21.44 -1.21 -43.68
CA LEU A 698 21.89 -1.51 -45.03
C LEU A 698 21.77 -2.98 -45.40
N THR A 699 21.21 -3.81 -44.52
CA THR A 699 20.96 -5.19 -44.88
C THR A 699 19.60 -5.67 -44.38
N SER A 700 18.68 -4.77 -44.08
CA SER A 700 17.35 -5.15 -43.63
C SER A 700 16.43 -3.95 -43.80
N ASP A 701 15.23 -4.04 -43.21
CA ASP A 701 14.33 -2.89 -43.06
C ASP A 701 14.45 -2.39 -41.63
N TYR A 702 15.49 -1.59 -41.39
CA TYR A 702 15.81 -1.19 -40.04
C TYR A 702 15.84 0.32 -39.94
N ALA A 703 15.61 0.82 -38.72
CA ALA A 703 15.64 2.24 -38.42
C ALA A 703 16.26 2.38 -37.04
N LEU A 704 17.52 2.82 -36.98
CA LEU A 704 18.24 2.81 -35.72
C LEU A 704 18.01 4.10 -34.95
N LEU A 705 17.68 3.96 -33.67
CA LEU A 705 17.42 5.08 -32.77
C LEU A 705 18.76 5.65 -32.31
N MET A 706 19.44 6.32 -33.22
CA MET A 706 20.80 6.73 -33.00
C MET A 706 20.86 8.16 -32.50
N GLU A 707 21.97 8.47 -31.84
CA GLU A 707 22.22 9.85 -31.42
C GLU A 707 22.45 10.71 -32.64
N SER A 708 22.01 11.96 -32.54
CA SER A 708 22.09 12.87 -33.69
C SER A 708 23.52 12.96 -34.20
N THR A 709 24.43 13.44 -33.36
CA THR A 709 25.78 13.75 -33.81
C THR A 709 26.40 12.59 -34.58
N THR A 710 26.11 11.37 -34.18
CA THR A 710 26.59 10.23 -34.96
C THR A 710 25.86 10.13 -36.28
N ILE A 711 24.53 10.19 -36.25
CA ILE A 711 23.75 10.23 -37.48
C ILE A 711 24.28 11.33 -38.38
N GLU A 712 24.24 12.56 -37.88
CA GLU A 712 24.87 13.69 -38.54
C GLU A 712 26.18 13.29 -39.17
N PHE A 713 26.96 12.51 -38.45
CA PHE A 713 28.23 12.06 -38.99
C PHE A 713 28.01 10.98 -40.04
N VAL A 714 27.46 9.84 -39.62
CA VAL A 714 27.49 8.66 -40.48
C VAL A 714 26.87 8.94 -41.83
N THR A 715 25.96 9.91 -41.91
CA THR A 715 25.49 10.38 -43.20
C THR A 715 26.31 11.56 -43.71
N GLN A 716 27.59 11.64 -43.32
CA GLN A 716 28.58 12.40 -44.06
C GLN A 716 29.43 11.47 -44.91
N ARG A 717 30.07 10.50 -44.26
CA ARG A 717 30.90 9.55 -44.98
C ARG A 717 30.05 8.71 -45.93
N ASN A 718 29.13 7.93 -45.39
CA ASN A 718 28.26 7.10 -46.21
C ASN A 718 26.97 7.83 -46.49
N CYS A 719 26.64 7.98 -47.76
CA CYS A 719 25.51 8.79 -48.19
C CYS A 719 24.34 7.95 -48.67
N ASN A 720 24.35 6.66 -48.39
CA ASN A 720 23.25 5.80 -48.76
C ASN A 720 22.20 5.71 -47.66
N LEU A 721 22.13 6.70 -46.79
CA LEU A 721 21.40 6.62 -45.53
C LEU A 721 20.61 7.91 -45.32
N THR A 722 19.83 7.97 -44.24
CA THR A 722 19.11 9.20 -43.95
C THR A 722 18.74 9.30 -42.48
N GLN A 723 18.58 10.54 -42.05
CA GLN A 723 18.00 10.89 -40.77
C GLN A 723 16.50 11.10 -40.91
N ILE A 724 15.77 10.80 -39.85
CA ILE A 724 14.32 10.94 -39.83
C ILE A 724 13.93 11.87 -38.70
N GLY A 725 13.48 13.06 -39.04
CA GLY A 725 12.90 13.94 -38.04
C GLY A 725 13.91 14.63 -37.16
N GLY A 726 13.37 15.23 -36.11
CA GLY A 726 14.14 16.06 -35.21
C GLY A 726 14.71 15.32 -34.04
N LEU A 727 15.12 16.09 -33.03
CA LEU A 727 15.80 15.56 -31.87
C LEU A 727 14.75 15.11 -30.86
N ILE A 728 14.65 13.80 -30.65
CA ILE A 728 13.78 13.28 -29.61
C ILE A 728 14.09 13.96 -28.29
N ASP A 729 15.31 13.78 -27.81
CA ASP A 729 15.76 14.28 -26.52
C ASP A 729 16.99 15.15 -26.70
N SER A 730 16.89 16.40 -26.29
CA SER A 730 18.09 17.22 -26.16
C SER A 730 18.93 16.68 -25.01
N LYS A 731 20.25 16.78 -25.17
CA LYS A 731 21.20 16.51 -24.10
C LYS A 731 22.59 16.72 -24.67
N GLY A 732 23.59 16.65 -23.79
CA GLY A 732 24.96 16.85 -24.18
C GLY A 732 25.86 15.71 -23.70
N TYR A 733 26.95 15.54 -24.41
CA TYR A 733 27.97 14.60 -23.97
C TYR A 733 28.75 15.20 -22.82
N GLY A 734 29.06 14.35 -21.84
CA GLY A 734 29.98 14.71 -20.79
C GLY A 734 30.88 13.52 -20.50
N VAL A 735 31.93 13.78 -19.74
CA VAL A 735 32.92 12.75 -19.45
C VAL A 735 32.50 12.03 -18.17
N GLY A 736 32.48 10.70 -18.25
CA GLY A 736 32.11 9.90 -17.10
C GLY A 736 33.16 9.95 -16.02
N THR A 737 32.77 10.34 -14.81
CA THR A 737 33.66 10.37 -13.67
C THR A 737 32.95 9.77 -12.47
N PRO A 738 33.66 9.08 -11.59
CA PRO A 738 33.01 8.41 -10.47
C PRO A 738 32.41 9.43 -9.53
N MET A 739 31.31 9.05 -8.89
CA MET A 739 30.65 9.91 -7.91
C MET A 739 31.69 10.52 -6.97
N GLY A 740 31.51 11.80 -6.68
CA GLY A 740 32.53 12.49 -5.94
C GLY A 740 33.82 12.62 -6.72
N SER A 741 33.70 12.78 -8.04
CA SER A 741 34.84 13.06 -8.90
C SER A 741 35.66 14.21 -8.35
N PRO A 742 36.92 13.96 -7.98
CA PRO A 742 37.78 15.06 -7.56
C PRO A 742 38.10 16.04 -8.69
N TYR A 743 37.62 15.79 -9.90
CA TYR A 743 37.99 16.62 -11.03
C TYR A 743 36.82 17.02 -11.92
N ARG A 744 35.64 16.42 -11.74
CA ARG A 744 34.45 16.83 -12.48
C ARG A 744 34.39 18.33 -12.60
N ASP A 745 34.74 19.02 -11.53
CA ASP A 745 34.88 20.47 -11.59
C ASP A 745 36.02 20.85 -12.53
N LYS A 746 37.23 20.42 -12.20
CA LYS A 746 38.39 20.86 -12.96
C LYS A 746 38.34 20.34 -14.38
N ILE A 747 37.82 19.12 -14.58
CA ILE A 747 37.64 18.62 -15.94
C ILE A 747 36.69 19.53 -16.69
N THR A 748 35.54 19.83 -16.10
CA THR A 748 34.69 20.88 -16.63
C THR A 748 35.47 22.18 -16.81
N ILE A 749 36.04 22.69 -15.73
CA ILE A 749 36.78 23.95 -15.80
C ILE A 749 37.90 23.86 -16.83
N ALA A 750 38.36 22.66 -17.13
CA ALA A 750 39.22 22.51 -18.30
C ALA A 750 38.43 22.80 -19.58
N ILE A 751 37.26 22.21 -19.71
CA ILE A 751 36.47 22.37 -20.93
C ILE A 751 35.97 23.80 -21.05
N LEU A 752 35.42 24.34 -19.96
CA LEU A 752 34.84 25.68 -20.03
C LEU A 752 35.83 26.66 -20.62
N GLN A 753 37.10 26.49 -20.28
CA GLN A 753 38.15 27.25 -20.92
C GLN A 753 38.29 26.85 -22.38
N LEU A 754 38.56 25.57 -22.64
CA LEU A 754 38.61 25.09 -24.01
C LEU A 754 37.35 25.40 -24.79
N GLN A 755 36.19 25.47 -24.11
CA GLN A 755 34.97 25.82 -24.81
C GLN A 755 35.12 27.19 -25.47
N GLU A 756 35.73 28.12 -24.75
CA GLU A 756 35.99 29.42 -25.32
C GLU A 756 37.21 29.41 -26.23
N GLU A 757 38.03 28.37 -26.16
CA GLU A 757 39.14 28.23 -27.08
C GLU A 757 38.74 27.48 -28.34
N GLY A 758 37.48 27.07 -28.44
CA GLY A 758 36.85 26.75 -29.70
C GLY A 758 37.45 25.56 -30.44
N LYS A 759 38.56 25.04 -29.92
CA LYS A 759 39.11 23.81 -30.47
C LYS A 759 38.06 22.73 -30.47
N LEU A 760 37.32 22.64 -29.37
CA LEU A 760 36.15 21.78 -29.27
C LEU A 760 35.27 21.91 -30.50
N HIS A 761 35.26 23.08 -31.12
CA HIS A 761 34.59 23.20 -32.41
C HIS A 761 35.55 22.97 -33.55
N MET A 762 36.75 23.52 -33.45
CA MET A 762 37.79 23.22 -34.43
C MET A 762 37.88 21.72 -34.67
N MET A 763 38.13 20.97 -33.59
CA MET A 763 38.08 19.53 -33.67
C MET A 763 36.77 19.06 -34.29
N LYS A 764 35.66 19.59 -33.80
CA LYS A 764 34.36 19.16 -34.30
C LYS A 764 34.25 19.45 -35.79
N GLU A 765 34.84 20.55 -36.23
CA GLU A 765 35.07 20.74 -37.64
C GLU A 765 35.99 19.65 -38.17
N LYS A 766 37.16 19.51 -37.56
CA LYS A 766 38.17 18.58 -38.04
C LYS A 766 37.58 17.20 -38.30
N TRP A 767 36.65 16.78 -37.47
CA TRP A 767 36.12 15.42 -37.58
C TRP A 767 34.84 15.36 -38.40
N TRP A 768 33.95 16.32 -38.23
CA TRP A 768 32.69 16.31 -38.95
C TRP A 768 32.76 17.10 -40.23
N ARG A 769 33.92 17.08 -40.89
CA ARG A 769 34.09 17.48 -42.27
C ARG A 769 34.50 16.25 -43.06
N GLY A 770 33.52 15.46 -43.45
CA GLY A 770 33.71 14.42 -44.44
C GLY A 770 32.70 14.68 -45.54
N ASN A 771 32.51 15.97 -45.83
CA ASN A 771 31.32 16.47 -46.49
C ASN A 771 31.12 15.86 -47.88
N GLY A 772 30.13 14.99 -48.00
CA GLY A 772 29.70 14.44 -49.26
C GLY A 772 28.20 14.57 -49.33
N CYS A 773 27.51 13.47 -49.64
CA CYS A 773 26.05 13.42 -49.55
C CYS A 773 25.39 14.57 -50.31
N PRO A 774 25.29 14.44 -51.64
CA PRO A 774 24.79 15.54 -52.48
C PRO A 774 23.59 16.28 -51.92
N GLU A 775 23.59 17.59 -52.12
CA GLU A 775 22.48 18.41 -51.65
C GLU A 775 21.26 18.18 -52.52
N GLN A 787 11.13 14.19 -66.80
CA GLN A 787 11.80 13.03 -67.36
C GLN A 787 11.13 11.74 -66.91
N ASN A 788 9.89 11.85 -66.45
CA ASN A 788 9.16 10.66 -66.03
C ASN A 788 8.65 9.89 -67.24
N ILE A 789 7.75 10.48 -68.01
CA ILE A 789 7.06 9.77 -69.07
C ILE A 789 7.73 10.00 -70.42
N GLY A 790 8.91 10.62 -70.43
CA GLY A 790 9.68 10.70 -71.65
C GLY A 790 9.86 9.35 -72.33
N GLY A 791 9.65 8.26 -71.59
CA GLY A 791 9.62 6.92 -72.14
C GLY A 791 8.69 6.80 -73.33
N ILE A 792 7.83 7.79 -73.51
CA ILE A 792 6.90 7.82 -74.63
C ILE A 792 7.24 8.90 -75.65
N PHE A 793 7.87 10.01 -75.23
CA PHE A 793 8.57 10.83 -76.21
C PHE A 793 9.59 10.04 -77.01
N ILE A 794 9.89 8.82 -76.60
CA ILE A 794 10.85 7.98 -77.28
C ILE A 794 10.20 6.80 -77.98
N VAL A 795 9.14 6.23 -77.42
CA VAL A 795 8.24 5.40 -78.23
C VAL A 795 7.68 6.21 -79.39
N LEU A 796 7.60 7.53 -79.23
CA LEU A 796 7.26 8.41 -80.34
C LEU A 796 8.11 8.15 -81.58
N ALA A 797 9.37 7.73 -81.38
CA ALA A 797 10.29 7.66 -82.50
C ALA A 797 9.90 6.60 -83.51
N ALA A 798 9.11 5.60 -83.10
CA ALA A 798 8.86 4.45 -83.96
C ALA A 798 8.23 4.86 -85.28
N GLY A 799 7.50 5.96 -85.32
CA GLY A 799 6.92 6.43 -86.55
C GLY A 799 7.91 7.25 -87.34
N LEU A 800 8.60 8.16 -86.65
CA LEU A 800 9.61 8.97 -87.31
C LEU A 800 10.74 8.11 -87.85
N VAL A 801 10.87 6.88 -87.34
CA VAL A 801 11.70 5.88 -87.99
C VAL A 801 10.94 5.20 -89.13
N LEU A 802 9.67 4.89 -88.90
CA LEU A 802 8.90 4.20 -89.92
C LEU A 802 8.60 5.10 -91.11
N SER A 803 8.73 6.41 -90.96
CA SER A 803 8.27 7.34 -91.99
C SER A 803 9.09 7.28 -93.27
N VAL A 804 10.03 6.36 -93.40
CA VAL A 804 11.02 6.43 -94.47
C VAL A 804 10.64 5.58 -95.68
N PHE A 805 9.74 4.62 -95.53
CA PHE A 805 9.75 3.46 -96.41
C PHE A 805 9.03 3.69 -97.73
N VAL A 806 7.96 4.48 -97.73
CA VAL A 806 7.07 4.58 -98.89
C VAL A 806 7.80 5.27 -100.04
N ALA A 807 9.02 5.75 -99.78
CA ALA A 807 9.78 6.50 -100.77
C ALA A 807 9.87 5.76 -102.11
N VAL A 808 9.94 4.43 -102.07
CA VAL A 808 9.88 3.63 -103.29
C VAL A 808 9.63 2.18 -102.92
N THR B 2 47.01 -42.24 50.52
CA THR B 2 48.14 -42.09 51.43
C THR B 2 48.88 -40.80 51.14
N HIS B 3 48.15 -39.73 50.91
CA HIS B 3 48.77 -38.48 50.51
C HIS B 3 47.79 -37.33 50.70
N VAL B 4 48.34 -36.19 51.11
CA VAL B 4 47.58 -34.96 51.23
C VAL B 4 48.13 -33.97 50.22
N LEU B 5 47.30 -33.03 49.79
CA LEU B 5 47.75 -32.06 48.81
C LEU B 5 46.89 -30.80 48.91
N ARG B 6 47.55 -29.65 48.80
CA ARG B 6 46.91 -28.35 49.01
C ARG B 6 46.89 -27.53 47.72
N PHE B 7 45.74 -26.90 47.46
CA PHE B 7 45.67 -25.85 46.46
C PHE B 7 45.60 -24.47 47.13
N GLY B 8 45.82 -23.46 46.33
CA GLY B 8 45.62 -22.09 46.78
C GLY B 8 44.24 -21.60 46.46
N GLY B 9 43.92 -20.43 46.99
CA GLY B 9 42.60 -19.88 46.79
C GLY B 9 42.53 -18.41 47.13
N ILE B 10 41.97 -17.63 46.22
CA ILE B 10 41.82 -16.20 46.39
C ILE B 10 40.38 -15.85 46.05
N PHE B 11 39.78 -15.00 46.87
CA PHE B 11 38.36 -14.70 46.69
C PHE B 11 38.09 -13.30 47.20
N GLU B 12 36.85 -12.85 47.00
CA GLU B 12 36.48 -11.50 47.41
C GLU B 12 35.22 -11.52 48.25
N TYR B 13 34.98 -10.36 48.85
CA TYR B 13 34.18 -10.21 50.06
C TYR B 13 34.25 -8.73 50.40
N VAL B 14 33.53 -8.27 51.41
CA VAL B 14 33.74 -6.93 51.97
C VAL B 14 33.95 -7.10 53.47
N GLU B 15 35.21 -7.22 53.88
CA GLU B 15 35.62 -7.23 55.28
C GLU B 15 35.14 -8.47 56.03
N SER B 16 34.29 -9.30 55.43
CA SER B 16 33.70 -10.42 56.14
C SER B 16 32.77 -11.28 55.29
N GLY B 17 32.25 -12.34 55.91
CA GLY B 17 31.31 -13.23 55.29
C GLY B 17 29.94 -12.60 55.10
N PRO B 18 29.05 -13.28 54.37
CA PRO B 18 29.23 -14.64 53.83
C PRO B 18 30.32 -14.69 52.78
N MET B 19 31.12 -15.75 52.83
CA MET B 19 32.29 -15.87 51.97
C MET B 19 31.87 -15.75 50.50
N GLY B 20 32.86 -15.50 49.65
CA GLY B 20 32.60 -15.46 48.22
C GLY B 20 31.84 -16.69 47.76
N ALA B 21 30.62 -16.49 47.26
CA ALA B 21 29.70 -17.60 47.03
C ALA B 21 30.33 -18.72 46.21
N GLU B 22 31.31 -18.40 45.38
CA GLU B 22 32.04 -19.45 44.70
C GLU B 22 33.01 -20.14 45.63
N GLU B 23 33.74 -19.38 46.45
CA GLU B 23 34.58 -19.99 47.46
C GLU B 23 33.77 -20.94 48.33
N LEU B 24 32.68 -20.43 48.92
CA LEU B 24 31.72 -21.30 49.58
C LEU B 24 31.38 -22.51 48.72
N ALA B 25 31.11 -22.28 47.44
CA ALA B 25 30.84 -23.37 46.51
C ALA B 25 32.12 -24.06 46.04
N PHE B 26 33.29 -23.44 46.25
CA PHE B 26 34.55 -24.08 45.87
C PHE B 26 34.91 -25.20 46.81
N ARG B 27 35.13 -24.88 48.08
CA ARG B 27 35.45 -25.88 49.09
C ARG B 27 34.59 -27.12 48.92
N PHE B 28 33.38 -26.97 48.39
CA PHE B 28 32.55 -28.10 48.04
C PHE B 28 33.28 -29.05 47.10
N ALA B 29 33.72 -28.52 45.95
CA ALA B 29 34.35 -29.37 44.98
C ALA B 29 35.60 -30.01 45.53
N VAL B 30 36.22 -29.37 46.52
CA VAL B 30 37.27 -30.02 47.30
C VAL B 30 36.72 -31.31 47.88
N ASN B 31 35.68 -31.18 48.69
CA ASN B 31 35.22 -32.31 49.48
C ASN B 31 34.66 -33.39 48.61
N THR B 32 33.82 -33.00 47.65
CA THR B 32 33.08 -33.97 46.84
C THR B 32 34.02 -34.88 46.08
N ILE B 33 35.29 -34.49 45.93
CA ILE B 33 36.27 -35.33 45.28
C ILE B 33 36.30 -36.71 45.90
N ASN B 34 36.65 -36.76 47.17
CA ASN B 34 36.93 -38.01 47.85
C ASN B 34 35.70 -38.61 48.48
N ARG B 35 34.53 -38.20 47.99
CA ARG B 35 33.29 -38.89 48.24
C ARG B 35 32.73 -39.52 46.98
N ASN B 36 33.21 -39.09 45.81
CA ASN B 36 33.40 -40.00 44.69
C ASN B 36 34.82 -40.55 44.81
N ARG B 37 34.96 -41.44 45.80
CA ARG B 37 36.27 -41.89 46.27
C ARG B 37 37.19 -42.30 45.14
N THR B 38 36.62 -42.73 44.02
CA THR B 38 37.36 -43.04 42.81
C THR B 38 38.40 -41.97 42.54
N LEU B 39 38.08 -40.72 42.90
CA LEU B 39 38.84 -39.57 42.43
C LEU B 39 40.06 -39.33 43.30
N LEU B 40 41.24 -39.51 42.72
CA LEU B 40 42.52 -39.34 43.42
C LEU B 40 42.53 -40.07 44.76
N PRO B 41 42.39 -41.38 44.75
CA PRO B 41 42.08 -42.12 45.99
C PRO B 41 43.17 -42.01 47.02
N ASN B 42 44.37 -42.45 46.64
CA ASN B 42 45.50 -42.47 47.54
C ASN B 42 46.07 -41.09 47.80
N THR B 43 45.48 -40.05 47.21
CA THR B 43 45.97 -38.69 47.31
C THR B 43 44.81 -37.82 47.74
N THR B 44 44.60 -37.74 49.05
CA THR B 44 43.62 -36.82 49.59
C THR B 44 44.01 -35.38 49.24
N LEU B 45 43.03 -34.59 48.83
CA LEU B 45 43.26 -33.18 48.53
C LEU B 45 42.78 -32.30 49.67
N THR B 46 43.63 -31.36 50.05
CA THR B 46 43.26 -30.24 50.88
C THR B 46 43.49 -28.98 50.07
N TYR B 47 43.43 -27.84 50.76
CA TYR B 47 43.53 -26.57 50.06
C TYR B 47 43.85 -25.48 51.07
N ASP B 48 44.11 -24.29 50.54
CA ASP B 48 44.11 -23.06 51.32
C ASP B 48 43.45 -21.97 50.50
N THR B 49 42.81 -21.03 51.18
CA THR B 49 42.17 -19.93 50.51
C THR B 49 42.65 -18.62 51.11
N GLN B 50 42.28 -17.53 50.46
CA GLN B 50 42.41 -16.18 51.01
C GLN B 50 41.18 -15.38 50.59
N LYS B 51 41.16 -14.10 50.94
CA LYS B 51 40.09 -13.21 50.52
C LYS B 51 40.70 -11.84 50.27
N ILE B 52 40.36 -11.24 49.13
CA ILE B 52 41.05 -10.02 48.71
C ILE B 52 40.13 -8.87 48.34
N ASN B 53 40.71 -7.78 47.86
CA ASN B 53 40.02 -6.52 47.68
C ASN B 53 39.33 -6.45 46.33
N LEU B 54 38.25 -5.67 46.30
CA LEU B 54 37.66 -5.20 45.06
C LEU B 54 38.55 -4.13 44.45
N TYR B 55 38.78 -4.23 43.15
CA TYR B 55 39.60 -3.26 42.44
C TYR B 55 41.00 -3.14 43.06
N ASP B 56 41.72 -4.27 43.05
CA ASP B 56 43.08 -4.31 43.58
C ASP B 56 43.72 -5.65 43.21
N SER B 57 45.04 -5.61 43.10
CA SER B 57 45.86 -6.82 43.05
C SER B 57 47.04 -6.76 44.00
N PHE B 58 47.45 -5.57 44.45
CA PHE B 58 48.56 -5.49 45.39
C PHE B 58 48.32 -6.34 46.61
N GLU B 59 47.14 -6.19 47.21
CA GLU B 59 46.75 -7.13 48.25
C GLU B 59 46.76 -8.55 47.70
N ALA B 60 46.20 -8.73 46.51
CA ALA B 60 46.22 -10.05 45.91
C ALA B 60 47.65 -10.49 45.61
N SER B 61 48.54 -9.53 45.37
CA SER B 61 49.95 -9.88 45.29
C SER B 61 50.43 -10.47 46.59
N LYS B 62 50.08 -9.84 47.71
CA LYS B 62 50.41 -10.39 49.01
C LYS B 62 49.85 -11.80 49.14
N LYS B 63 48.52 -11.92 49.09
CA LYS B 63 47.89 -13.24 49.23
C LYS B 63 48.45 -14.23 48.23
N ALA B 64 48.91 -13.74 47.07
CA ALA B 64 49.65 -14.60 46.17
C ALA B 64 50.94 -15.07 46.83
N CYS B 65 51.83 -14.12 47.12
CA CYS B 65 53.05 -14.46 47.81
C CYS B 65 52.78 -15.18 49.12
N ASP B 66 51.68 -14.84 49.79
CA ASP B 66 51.28 -15.55 50.99
C ASP B 66 51.06 -17.02 50.69
N GLN B 67 50.10 -17.31 49.80
CA GLN B 67 49.87 -18.69 49.45
C GLN B 67 51.08 -19.31 48.76
N LEU B 68 52.07 -18.52 48.39
CA LEU B 68 53.34 -19.05 47.95
C LEU B 68 54.31 -19.30 49.09
N SER B 69 54.09 -18.67 50.24
CA SER B 69 54.94 -18.94 51.41
C SER B 69 55.06 -20.43 51.63
N LEU B 70 53.93 -21.08 51.94
CA LEU B 70 53.86 -22.53 51.82
C LEU B 70 54.23 -22.96 50.42
N GLY B 71 53.86 -22.16 49.45
CA GLY B 71 53.63 -22.65 48.11
C GLY B 71 52.30 -23.38 48.12
N VAL B 72 51.62 -23.41 46.98
CA VAL B 72 50.45 -24.25 46.81
C VAL B 72 50.59 -24.93 45.45
N ALA B 73 49.90 -26.05 45.30
CA ALA B 73 50.07 -26.83 44.08
C ALA B 73 49.64 -26.04 42.85
N ALA B 74 48.57 -25.25 42.97
CA ALA B 74 48.08 -24.41 41.89
C ALA B 74 47.02 -23.48 42.46
N ILE B 75 47.02 -22.24 42.00
CA ILE B 75 46.11 -21.23 42.50
C ILE B 75 44.86 -21.17 41.64
N PHE B 76 43.71 -21.14 42.29
CA PHE B 76 42.48 -20.72 41.65
C PHE B 76 42.26 -19.26 42.03
N GLY B 77 41.89 -18.44 41.05
CA GLY B 77 42.15 -17.02 41.12
C GLY B 77 40.95 -16.11 41.35
N PRO B 78 41.25 -14.83 41.36
CA PRO B 78 40.25 -13.81 41.75
C PRO B 78 39.25 -13.46 40.65
N SER B 79 38.51 -12.37 40.88
CA SER B 79 37.49 -11.91 39.96
C SER B 79 37.99 -10.86 38.97
N HIS B 80 38.49 -9.74 39.47
CA HIS B 80 38.92 -8.69 38.56
C HIS B 80 40.05 -9.17 37.67
N SER B 81 40.09 -8.60 36.46
CA SER B 81 41.27 -8.77 35.63
C SER B 81 42.51 -8.27 36.36
N SER B 82 42.46 -7.01 36.80
CA SER B 82 43.56 -6.45 37.57
C SER B 82 44.02 -7.42 38.65
N SER B 83 43.07 -7.95 39.40
CA SER B 83 43.44 -8.89 40.45
C SER B 83 44.00 -10.17 39.87
N ALA B 84 43.55 -10.57 38.69
CA ALA B 84 43.92 -11.86 38.13
C ALA B 84 45.02 -11.78 37.10
N ASN B 85 45.43 -10.58 36.71
CA ASN B 85 46.55 -10.48 35.78
C ASN B 85 47.87 -10.59 36.51
N ALA B 86 47.99 -10.00 37.68
CA ALA B 86 49.21 -10.17 38.47
C ALA B 86 49.35 -11.62 38.91
N VAL B 87 48.30 -12.17 39.52
CA VAL B 87 48.30 -13.57 39.92
C VAL B 87 48.68 -14.46 38.75
N GLN B 88 48.32 -14.03 37.55
CA GLN B 88 48.76 -14.75 36.37
C GLN B 88 50.27 -14.72 36.25
N SER B 89 50.84 -13.52 36.13
CA SER B 89 52.28 -13.41 35.93
C SER B 89 53.04 -14.06 37.07
N ILE B 90 52.60 -13.84 38.30
CA ILE B 90 53.34 -14.33 39.46
C ILE B 90 53.52 -15.84 39.36
N CYS B 91 52.42 -16.57 39.38
CA CYS B 91 52.48 -18.01 39.18
C CYS B 91 53.31 -18.35 37.96
N ASN B 92 53.17 -17.56 36.92
CA ASN B 92 53.83 -17.85 35.66
C ASN B 92 55.25 -17.28 35.62
N ALA B 93 55.60 -16.46 36.59
CA ALA B 93 56.99 -16.15 36.83
C ALA B 93 57.62 -17.10 37.84
N LEU B 94 56.81 -17.91 38.52
CA LEU B 94 57.32 -18.88 39.47
C LEU B 94 56.82 -20.28 39.17
N GLY B 95 56.57 -20.57 37.90
CA GLY B 95 56.26 -21.93 37.52
C GLY B 95 54.88 -22.40 37.90
N VAL B 96 54.29 -21.77 38.90
CA VAL B 96 53.02 -22.27 39.45
C VAL B 96 51.94 -22.19 38.37
N PRO B 97 51.06 -23.18 38.27
CA PRO B 97 49.88 -23.00 37.41
C PRO B 97 48.90 -22.03 38.06
N HIS B 98 48.42 -21.09 37.27
CA HIS B 98 47.29 -20.25 37.67
C HIS B 98 46.06 -20.67 36.89
N ILE B 99 44.91 -20.61 37.56
CA ILE B 99 43.66 -21.00 36.93
C ILE B 99 42.72 -19.81 36.95
N GLN B 100 41.82 -19.79 35.98
CA GLN B 100 40.87 -18.69 35.80
C GLN B 100 39.50 -19.25 35.51
N THR B 101 38.49 -18.60 36.02
CA THR B 101 37.12 -18.95 35.67
C THR B 101 36.38 -17.79 35.04
N ARG B 102 36.88 -16.58 35.16
CA ARG B 102 36.27 -15.42 34.51
C ARG B 102 36.84 -15.27 33.10
N TRP B 103 36.26 -14.33 32.38
CA TRP B 103 36.85 -13.82 31.17
C TRP B 103 37.58 -12.53 31.48
N LYS B 104 38.63 -12.27 30.73
CA LYS B 104 39.34 -11.00 30.82
C LYS B 104 40.24 -10.91 29.61
N HIS B 105 40.33 -9.73 29.03
CA HIS B 105 41.05 -9.65 27.76
C HIS B 105 42.54 -9.77 27.99
N GLN B 106 43.06 -10.97 27.74
CA GLN B 106 44.49 -11.17 27.65
C GLN B 106 45.06 -10.22 26.62
N VAL B 107 45.94 -9.33 27.05
CA VAL B 107 46.66 -8.56 26.05
C VAL B 107 47.33 -9.54 25.11
N SER B 108 47.25 -9.26 23.82
CA SER B 108 47.84 -10.14 22.82
C SER B 108 49.29 -9.82 22.55
N ASP B 109 49.97 -9.20 23.53
CA ASP B 109 51.40 -8.97 23.48
C ASP B 109 52.07 -9.49 24.74
N ASN B 110 51.49 -10.52 25.34
CA ASN B 110 52.00 -11.07 26.59
C ASN B 110 52.47 -12.50 26.35
N LYS B 111 53.57 -12.85 27.01
CA LYS B 111 54.35 -14.06 26.71
C LYS B 111 53.83 -15.30 27.43
N ASP B 112 52.79 -15.17 28.22
CA ASP B 112 52.57 -16.05 29.37
C ASP B 112 51.95 -17.39 28.99
N SER B 113 52.21 -18.38 29.83
CA SER B 113 51.88 -19.80 29.69
C SER B 113 51.14 -20.43 30.86
N PHE B 114 51.51 -20.09 32.10
CA PHE B 114 51.14 -20.91 33.25
C PHE B 114 49.77 -20.57 33.80
N TYR B 115 48.89 -20.05 32.95
CA TYR B 115 47.52 -19.74 33.32
C TYR B 115 46.60 -20.44 32.34
N VAL B 116 45.40 -20.77 32.81
CA VAL B 116 44.32 -21.16 31.93
C VAL B 116 43.01 -20.65 32.50
N SER B 117 42.00 -20.59 31.64
CA SER B 117 40.72 -20.00 31.96
C SER B 117 39.63 -20.94 31.49
N LEU B 118 38.97 -21.61 32.42
CA LEU B 118 37.83 -22.42 32.01
C LEU B 118 36.74 -21.59 31.38
N TYR B 119 36.84 -20.28 31.45
CA TYR B 119 35.74 -19.47 30.98
C TYR B 119 35.66 -19.62 29.47
N PRO B 120 34.51 -19.98 28.93
CA PRO B 120 34.38 -20.15 27.49
C PRO B 120 34.60 -18.83 26.77
N ASP B 121 35.58 -18.82 25.88
CA ASP B 121 35.94 -17.55 25.29
C ASP B 121 34.85 -17.06 24.34
N PHE B 122 34.85 -15.75 24.13
CA PHE B 122 33.83 -15.08 23.34
C PHE B 122 34.08 -15.14 21.86
N SER B 123 35.34 -15.21 21.43
CA SER B 123 35.62 -15.46 20.03
C SER B 123 34.83 -16.66 19.49
N SER B 124 34.34 -17.51 20.39
CA SER B 124 33.31 -18.49 20.06
C SER B 124 31.93 -18.00 20.42
N LEU B 125 31.71 -17.64 21.68
CA LEU B 125 30.43 -17.08 22.09
C LEU B 125 29.97 -16.03 21.10
N SER B 126 30.75 -14.97 20.96
CA SER B 126 30.38 -13.91 20.04
C SER B 126 30.24 -14.42 18.61
N ARG B 127 30.90 -15.51 18.26
CA ARG B 127 30.57 -16.12 16.98
C ARG B 127 29.18 -16.74 17.04
N ALA B 128 28.88 -17.43 18.15
CA ALA B 128 27.58 -18.06 18.29
C ALA B 128 26.47 -17.03 18.22
N ILE B 129 26.59 -15.95 19.01
CA ILE B 129 25.66 -14.84 18.95
C ILE B 129 25.44 -14.52 17.49
N LEU B 130 26.55 -14.30 16.79
CA LEU B 130 26.48 -13.84 15.42
C LEU B 130 25.78 -14.86 14.54
N ASP B 131 25.97 -16.15 14.83
CA ASP B 131 25.26 -17.17 14.09
C ASP B 131 23.76 -17.04 14.33
N LEU B 132 23.37 -17.20 15.58
CA LEU B 132 22.01 -17.04 16.04
C LEU B 132 21.34 -15.83 15.39
N VAL B 133 21.95 -14.66 15.57
CA VAL B 133 21.51 -13.46 14.88
C VAL B 133 21.35 -13.74 13.40
N GLN B 134 22.44 -14.18 12.77
CA GLN B 134 22.42 -14.41 11.33
C GLN B 134 21.37 -15.42 10.95
N PHE B 135 20.84 -16.18 11.91
CA PHE B 135 19.75 -17.06 11.54
C PHE B 135 18.42 -16.34 11.54
N PHE B 136 18.12 -15.58 12.59
CA PHE B 136 16.82 -14.93 12.67
C PHE B 136 16.70 -13.87 11.61
N LYS B 137 17.73 -13.76 10.76
CA LYS B 137 17.67 -12.94 9.58
C LYS B 137 17.42 -11.48 9.92
N TRP B 138 17.84 -11.08 11.11
CA TRP B 138 17.78 -9.67 11.45
C TRP B 138 18.70 -8.90 10.52
N LYS B 139 18.27 -7.73 10.13
CA LYS B 139 19.11 -6.83 9.36
C LYS B 139 19.41 -5.59 10.17
N THR B 140 19.40 -5.74 11.48
CA THR B 140 19.53 -4.66 12.44
C THR B 140 19.66 -5.31 13.80
N VAL B 141 20.32 -4.63 14.72
CA VAL B 141 20.31 -5.04 16.11
C VAL B 141 20.88 -3.92 16.96
N THR B 142 20.45 -3.84 18.20
CA THR B 142 21.09 -2.97 19.18
C THR B 142 21.95 -3.81 20.11
N VAL B 143 23.12 -3.30 20.42
CA VAL B 143 24.04 -4.01 21.29
C VAL B 143 24.16 -3.16 22.55
N VAL B 144 23.38 -3.50 23.55
CA VAL B 144 23.45 -2.83 24.83
C VAL B 144 24.50 -3.52 25.68
N TYR B 145 25.53 -2.79 26.08
CA TYR B 145 26.52 -3.41 26.95
C TYR B 145 26.57 -2.68 28.28
N ASP B 146 27.47 -3.14 29.14
CA ASP B 146 27.55 -2.68 30.52
C ASP B 146 28.65 -1.64 30.72
N ASP B 147 29.89 -1.98 30.39
CA ASP B 147 31.03 -1.11 30.58
C ASP B 147 31.91 -1.23 29.35
N SER B 148 32.94 -0.40 29.30
CA SER B 148 33.82 -0.39 28.14
C SER B 148 34.19 -1.80 27.71
N THR B 149 34.75 -2.56 28.65
CA THR B 149 35.29 -3.87 28.33
C THR B 149 34.28 -4.76 27.66
N GLY B 150 32.99 -4.44 27.79
CA GLY B 150 31.99 -5.16 27.02
C GLY B 150 32.35 -5.20 25.54
N LEU B 151 32.85 -4.09 25.01
CA LEU B 151 33.22 -4.04 23.60
C LEU B 151 34.19 -5.15 23.25
N ILE B 152 35.37 -5.08 23.85
CA ILE B 152 36.41 -6.08 23.64
C ILE B 152 35.85 -7.47 23.80
N ARG B 153 34.81 -7.62 24.60
CA ARG B 153 34.17 -8.91 24.71
C ARG B 153 33.41 -9.29 23.45
N LEU B 154 32.97 -8.31 22.68
CA LEU B 154 32.03 -8.56 21.60
C LEU B 154 32.61 -8.28 20.23
N GLN B 155 33.92 -8.10 20.11
CA GLN B 155 34.37 -7.46 18.90
C GLN B 155 34.17 -8.35 17.67
N GLU B 156 34.02 -9.65 17.85
CA GLU B 156 33.54 -10.46 16.74
C GLU B 156 32.24 -9.89 16.21
N LEU B 157 31.37 -9.48 17.12
CA LEU B 157 30.04 -9.07 16.72
C LEU B 157 30.09 -7.73 16.02
N ILE B 158 30.66 -6.73 16.66
CA ILE B 158 30.80 -5.40 16.07
C ILE B 158 31.35 -5.47 14.65
N LYS B 159 32.09 -6.54 14.34
CA LYS B 159 32.71 -6.70 13.04
C LYS B 159 31.90 -7.63 12.14
N ALA B 160 30.62 -7.72 12.37
CA ALA B 160 29.71 -8.39 11.47
C ALA B 160 29.38 -7.54 10.25
N PRO B 161 29.23 -6.22 10.40
CA PRO B 161 29.12 -5.38 9.19
C PRO B 161 30.32 -5.50 8.27
N SER B 162 31.42 -6.08 8.75
CA SER B 162 32.55 -6.35 7.87
C SER B 162 32.12 -7.17 6.66
N ARG B 163 31.17 -8.06 6.85
CA ARG B 163 30.74 -8.92 5.76
C ARG B 163 29.24 -8.83 5.59
N TYR B 164 28.53 -8.65 6.69
CA TYR B 164 27.10 -8.89 6.74
C TYR B 164 26.34 -7.59 6.89
N ASN B 165 25.21 -7.49 6.21
CA ASN B 165 24.35 -6.32 6.32
C ASN B 165 23.61 -6.41 7.65
N LEU B 166 24.29 -6.05 8.72
CA LEU B 166 23.66 -5.86 10.01
C LEU B 166 24.07 -4.49 10.47
N ARG B 167 23.39 -3.48 9.98
CA ARG B 167 23.68 -2.13 10.43
C ARG B 167 23.20 -2.06 11.86
N LEU B 168 24.13 -2.15 12.80
CA LEU B 168 23.76 -2.20 14.19
C LEU B 168 24.17 -0.93 14.91
N LYS B 169 23.56 -0.73 16.07
CA LYS B 169 23.86 0.38 16.94
C LYS B 169 24.29 -0.14 18.28
N ILE B 170 25.07 0.67 18.99
CA ILE B 170 25.61 0.31 20.28
C ILE B 170 25.18 1.34 21.31
N ARG B 171 24.78 0.86 22.48
CA ARG B 171 24.28 1.74 23.52
C ARG B 171 24.76 1.20 24.85
N GLN B 172 25.28 2.09 25.70
CA GLN B 172 25.87 1.69 26.96
C GLN B 172 25.00 2.09 28.13
N LEU B 173 24.75 1.14 29.02
CA LEU B 173 23.97 1.42 30.19
C LEU B 173 24.69 2.38 31.11
N PRO B 174 23.99 3.31 31.72
CA PRO B 174 24.60 4.12 32.77
C PRO B 174 24.79 3.34 34.07
N ALA B 175 25.10 4.06 35.14
CA ALA B 175 25.44 3.44 36.42
C ALA B 175 24.35 2.50 36.92
N ASP B 176 23.16 3.02 37.20
CA ASP B 176 22.13 2.24 37.88
C ASP B 176 21.28 1.44 36.91
N THR B 177 20.41 0.59 37.46
CA THR B 177 19.40 -0.09 36.66
C THR B 177 18.42 0.90 36.06
N LYS B 178 17.65 1.60 36.91
CA LYS B 178 16.72 2.61 36.42
C LYS B 178 17.46 3.74 35.72
N ASP B 179 18.78 3.72 35.81
CA ASP B 179 19.50 4.46 34.79
C ASP B 179 19.26 3.89 33.39
N ALA B 180 18.51 2.79 33.25
CA ALA B 180 18.15 2.30 31.94
C ALA B 180 17.15 3.23 31.27
N LYS B 181 16.08 3.57 31.97
CA LYS B 181 14.94 4.28 31.38
C LYS B 181 15.34 5.33 30.35
N PRO B 182 16.30 6.22 30.59
CA PRO B 182 16.70 7.12 29.51
C PRO B 182 17.13 6.38 28.26
N LEU B 183 17.79 5.25 28.42
CA LEU B 183 18.23 4.50 27.26
C LEU B 183 17.05 3.85 26.56
N LEU B 184 16.36 2.96 27.27
CA LEU B 184 15.25 2.23 26.69
C LEU B 184 14.27 3.15 26.02
N LYS B 185 13.99 4.29 26.65
CA LYS B 185 13.07 5.25 26.08
C LYS B 185 13.43 5.56 24.64
N GLU B 186 14.72 5.75 24.37
CA GLU B 186 15.15 5.97 22.98
C GLU B 186 14.85 4.77 22.13
N MET B 187 15.21 3.58 22.63
CA MET B 187 15.01 2.36 21.87
C MET B 187 13.56 2.24 21.42
N LYS B 188 12.64 2.48 22.33
CA LYS B 188 11.24 2.47 21.97
C LYS B 188 10.90 3.61 21.03
N ARG B 189 11.66 4.69 21.09
CA ARG B 189 11.44 5.81 20.18
C ARG B 189 12.26 5.69 18.91
N GLY B 190 13.39 4.99 18.96
CA GLY B 190 14.04 4.58 17.74
C GLY B 190 13.48 3.30 17.16
N LYS B 191 12.69 2.58 17.94
CA LYS B 191 12.03 1.36 17.49
C LYS B 191 13.06 0.32 17.06
N GLU B 192 13.84 -0.10 18.02
CA GLU B 192 14.92 -1.06 17.85
C GLU B 192 14.44 -2.36 18.46
N PHE B 193 13.75 -3.17 17.66
CA PHE B 193 13.08 -4.36 18.14
C PHE B 193 13.95 -5.59 18.06
N HIS B 194 15.25 -5.42 18.17
CA HIS B 194 16.14 -6.57 18.26
C HIS B 194 17.29 -6.14 19.15
N VAL B 195 17.39 -6.74 20.31
CA VAL B 195 18.28 -6.24 21.34
C VAL B 195 19.19 -7.37 21.80
N ILE B 196 20.48 -7.12 21.74
CA ILE B 196 21.47 -7.99 22.35
C ILE B 196 22.07 -7.27 23.52
N PHE B 197 22.02 -7.89 24.69
CA PHE B 197 22.59 -7.21 25.84
C PHE B 197 24.05 -7.60 26.03
N ASP B 198 24.70 -6.89 26.95
CA ASP B 198 25.94 -7.38 27.55
C ASP B 198 26.03 -6.83 28.96
N CYS B 199 25.78 -7.71 29.93
CA CYS B 199 25.92 -7.36 31.33
C CYS B 199 25.70 -8.61 32.14
N SER B 200 26.41 -8.71 33.26
CA SER B 200 26.11 -9.77 34.20
C SER B 200 24.63 -9.69 34.54
N HIS B 201 23.99 -10.85 34.59
CA HIS B 201 22.55 -10.96 34.77
C HIS B 201 22.04 -10.03 35.86
N GLU B 202 22.88 -9.75 36.85
CA GLU B 202 22.58 -8.76 37.87
C GLU B 202 21.99 -7.49 37.26
N MET B 203 22.47 -7.10 36.09
CA MET B 203 21.80 -6.04 35.35
C MET B 203 20.67 -6.56 34.48
N ALA B 204 20.69 -7.84 34.11
CA ALA B 204 19.61 -8.37 33.29
C ALA B 204 18.27 -8.21 33.99
N ALA B 205 18.14 -8.77 35.18
CA ALA B 205 16.91 -8.56 35.93
C ALA B 205 16.63 -7.08 36.07
N GLY B 206 17.66 -6.29 36.39
CA GLY B 206 17.48 -4.86 36.42
C GLY B 206 17.00 -4.32 35.10
N ILE B 207 17.71 -4.64 34.02
CA ILE B 207 17.30 -4.13 32.73
C ILE B 207 15.97 -4.70 32.31
N LEU B 208 15.63 -5.90 32.77
CA LEU B 208 14.38 -6.49 32.32
C LEU B 208 13.19 -5.83 32.99
N LYS B 209 13.19 -5.75 34.31
CA LYS B 209 12.09 -5.08 34.99
C LYS B 209 11.82 -3.71 34.41
N GLN B 210 12.84 -3.10 33.82
CA GLN B 210 12.62 -1.87 33.06
C GLN B 210 11.89 -2.17 31.77
N ALA B 211 12.45 -3.07 30.96
CA ALA B 211 11.80 -3.46 29.72
C ALA B 211 10.37 -3.90 29.93
N LEU B 212 10.01 -4.25 31.16
CA LEU B 212 8.62 -4.46 31.50
C LEU B 212 7.94 -3.13 31.79
N ALA B 213 8.44 -2.40 32.78
CA ALA B 213 7.85 -1.12 33.11
C ALA B 213 8.06 -0.08 32.02
N MET B 214 8.90 -0.35 31.03
CA MET B 214 9.00 0.53 29.89
C MET B 214 8.17 0.02 28.72
N GLY B 215 7.25 -0.89 28.99
CA GLY B 215 6.38 -1.38 27.94
C GLY B 215 7.15 -1.86 26.73
N MET B 216 8.13 -2.71 26.97
CA MET B 216 8.91 -3.30 25.90
C MET B 216 8.88 -4.81 25.96
N MET B 217 7.97 -5.37 26.74
CA MET B 217 7.76 -6.81 26.80
C MET B 217 6.55 -7.12 25.95
N THR B 218 6.78 -7.25 24.65
CA THR B 218 5.74 -7.59 23.70
C THR B 218 6.27 -8.66 22.79
N GLU B 219 5.43 -9.14 21.89
CA GLU B 219 5.91 -10.04 20.86
C GLU B 219 6.94 -9.36 19.98
N TYR B 220 6.94 -8.04 19.91
CA TYR B 220 7.83 -7.32 19.03
C TYR B 220 9.28 -7.52 19.41
N TYR B 221 9.65 -7.01 20.58
CA TYR B 221 11.04 -7.04 20.96
C TYR B 221 11.51 -8.47 21.09
N HIS B 222 12.78 -8.70 20.79
CA HIS B 222 13.37 -10.03 20.91
C HIS B 222 14.73 -9.89 21.57
N TYR B 223 14.78 -10.08 22.87
CA TYR B 223 15.99 -9.82 23.62
C TYR B 223 16.91 -11.03 23.56
N ILE B 224 18.19 -10.77 23.28
CA ILE B 224 19.22 -11.80 23.35
C ILE B 224 20.26 -11.37 24.38
N PHE B 225 20.75 -12.34 25.14
CA PHE B 225 21.61 -12.07 26.27
C PHE B 225 22.99 -12.64 26.04
N THR B 226 23.99 -11.82 26.30
CA THR B 226 25.36 -12.29 26.16
C THR B 226 25.65 -13.43 27.11
N THR B 227 25.03 -13.43 28.28
CA THR B 227 25.49 -14.32 29.32
C THR B 227 24.75 -15.64 29.24
N LEU B 228 25.14 -16.54 30.14
CA LEU B 228 24.63 -17.90 30.20
C LEU B 228 23.60 -18.08 31.29
N ASP B 229 23.69 -17.28 32.32
CA ASP B 229 22.90 -17.31 33.52
C ASP B 229 21.55 -16.82 33.31
N LEU B 230 21.22 -16.58 32.04
CA LEU B 230 19.86 -16.31 31.60
C LEU B 230 18.87 -17.16 32.37
N PHE B 231 19.18 -18.45 32.52
CA PHE B 231 18.28 -19.32 33.22
C PHE B 231 18.10 -18.93 34.66
N ALA B 232 19.14 -18.38 35.29
CA ALA B 232 19.05 -18.09 36.71
C ALA B 232 17.99 -17.06 37.03
N LEU B 233 17.61 -16.23 36.07
CA LEU B 233 16.60 -15.22 36.34
C LEU B 233 15.24 -15.87 36.58
N ASP B 234 14.28 -15.03 36.88
CA ASP B 234 12.93 -15.50 37.19
C ASP B 234 12.11 -15.33 35.92
N VAL B 235 11.84 -16.45 35.26
CA VAL B 235 11.02 -16.46 34.05
C VAL B 235 9.71 -15.74 34.31
N GLU B 236 8.97 -16.24 35.29
CA GLU B 236 7.52 -16.09 35.37
C GLU B 236 7.00 -14.71 35.00
N PRO B 237 7.50 -13.61 35.55
CA PRO B 237 6.91 -12.30 35.22
C PRO B 237 6.81 -12.03 33.74
N TYR B 238 7.45 -12.83 32.92
CA TYR B 238 7.62 -12.48 31.52
C TYR B 238 6.98 -13.46 30.56
N ARG B 239 6.93 -14.73 30.92
CA ARG B 239 6.70 -15.77 29.93
C ARG B 239 5.36 -15.65 29.23
N TYR B 240 4.47 -14.81 29.71
CA TYR B 240 3.17 -14.69 29.08
C TYR B 240 3.10 -13.58 28.06
N SER B 241 3.87 -12.51 28.28
CA SER B 241 3.80 -11.36 27.40
C SER B 241 3.96 -11.72 25.93
N GLY B 242 4.53 -12.88 25.64
CA GLY B 242 4.73 -13.31 24.28
C GLY B 242 6.07 -12.94 23.70
N VAL B 243 6.96 -12.34 24.48
CA VAL B 243 8.23 -11.87 23.95
C VAL B 243 9.03 -13.05 23.45
N ASN B 244 9.78 -12.84 22.38
CA ASN B 244 10.82 -13.79 22.03
C ASN B 244 12.08 -13.40 22.78
N MET B 245 12.69 -14.36 23.44
CA MET B 245 13.93 -14.14 24.15
C MET B 245 14.87 -15.29 23.83
N THR B 246 16.15 -15.03 23.98
CA THR B 246 17.13 -16.00 23.52
C THR B 246 18.41 -15.85 24.30
N GLY B 247 18.98 -16.97 24.70
CA GLY B 247 20.26 -16.97 25.38
C GLY B 247 20.82 -18.37 25.29
N PHE B 248 22.06 -18.50 25.71
CA PHE B 248 22.75 -19.78 25.64
C PHE B 248 22.76 -20.47 26.99
N ARG B 249 23.22 -21.72 26.98
CA ARG B 249 23.40 -22.42 28.24
C ARG B 249 24.57 -23.36 28.13
N ILE B 250 25.42 -23.34 29.17
CA ILE B 250 26.55 -24.24 29.21
C ILE B 250 26.53 -25.14 30.43
N LEU B 251 25.84 -24.76 31.50
CA LEU B 251 25.70 -25.67 32.63
C LEU B 251 24.77 -26.78 32.21
N ASN B 252 25.35 -27.87 31.72
CA ASN B 252 24.61 -28.84 30.91
C ASN B 252 23.68 -29.66 31.79
N THR B 253 22.55 -29.05 32.14
CA THR B 253 21.55 -29.67 33.01
C THR B 253 20.89 -30.88 32.38
N GLU B 254 21.22 -31.21 31.13
CA GLU B 254 20.66 -32.39 30.50
C GLU B 254 21.17 -33.69 31.08
N ASN B 255 22.10 -33.62 32.03
CA ASN B 255 22.65 -34.81 32.67
C ASN B 255 22.10 -34.90 34.08
N THR B 256 21.48 -36.04 34.41
CA THR B 256 20.94 -36.23 35.74
C THR B 256 21.98 -35.90 36.79
N GLN B 257 23.18 -36.44 36.63
CA GLN B 257 24.25 -36.18 37.57
C GLN B 257 24.45 -34.69 37.74
N VAL B 258 24.60 -33.98 36.63
CA VAL B 258 24.57 -32.52 36.65
C VAL B 258 23.36 -32.03 37.41
N SER B 259 22.16 -32.44 36.97
CA SER B 259 20.94 -32.05 37.67
C SER B 259 20.88 -32.62 39.07
N SER B 260 21.73 -33.59 39.40
CA SER B 260 21.81 -34.05 40.78
C SER B 260 22.83 -33.25 41.55
N ILE B 261 24.05 -33.16 41.02
CA ILE B 261 25.10 -32.41 41.70
C ILE B 261 24.63 -30.99 41.98
N ILE B 262 24.06 -30.34 40.97
CA ILE B 262 23.41 -29.06 41.19
C ILE B 262 22.43 -29.18 42.34
N GLU B 263 21.49 -30.12 42.21
CA GLU B 263 20.55 -30.36 43.29
C GLU B 263 21.28 -30.69 44.57
N LYS B 264 22.20 -31.65 44.52
CA LYS B 264 23.03 -31.91 45.69
C LYS B 264 23.74 -30.65 46.16
N TRP B 265 24.11 -29.77 45.24
CA TRP B 265 24.61 -28.47 45.68
C TRP B 265 23.48 -27.57 46.12
N SER B 266 22.40 -27.51 45.34
CA SER B 266 21.24 -26.76 45.79
C SER B 266 20.72 -27.32 47.11
N MET B 267 20.96 -28.60 47.38
CA MET B 267 20.70 -29.13 48.71
C MET B 267 21.49 -28.40 49.78
N GLU B 268 22.55 -27.73 49.39
CA GLU B 268 23.45 -27.12 50.34
C GLU B 268 23.68 -25.65 50.07
N ARG B 269 23.44 -25.20 48.83
CA ARG B 269 23.81 -23.87 48.41
C ARG B 269 23.13 -22.80 49.28
N LEU B 270 21.82 -22.93 49.48
CA LEU B 270 21.03 -21.88 50.10
C LEU B 270 21.09 -21.93 51.61
N GLN B 271 22.11 -22.54 52.17
CA GLN B 271 22.25 -22.39 53.61
C GLN B 271 22.53 -20.94 54.03
N ALA B 272 22.70 -20.00 53.03
CA ALA B 272 22.66 -18.55 53.11
C ALA B 272 21.28 -18.05 52.69
N PRO B 273 20.76 -16.99 53.32
CA PRO B 273 19.44 -16.51 52.94
C PRO B 273 19.44 -15.94 51.54
N PRO B 274 18.33 -16.06 50.82
CA PRO B 274 18.28 -15.62 49.42
C PRO B 274 17.98 -14.14 49.27
N LYS B 275 17.71 -13.69 48.04
CA LYS B 275 17.28 -12.33 47.77
C LYS B 275 16.05 -12.35 46.87
N PRO B 276 14.88 -11.95 47.36
CA PRO B 276 13.64 -12.10 46.57
C PRO B 276 13.52 -11.20 45.36
N ASP B 277 13.69 -9.90 45.55
CA ASP B 277 13.36 -8.94 44.51
C ASP B 277 14.29 -9.07 43.31
N SER B 278 15.54 -9.50 43.54
CA SER B 278 16.54 -9.56 42.48
C SER B 278 16.10 -10.36 41.28
N GLY B 279 15.07 -11.19 41.42
CA GLY B 279 14.58 -11.94 40.28
C GLY B 279 15.39 -13.16 39.91
N LEU B 280 16.25 -13.64 40.80
CA LEU B 280 17.03 -14.83 40.54
C LEU B 280 16.33 -16.04 41.15
N LEU B 281 16.50 -17.19 40.50
CA LEU B 281 15.94 -18.44 41.02
C LEU B 281 16.92 -19.03 42.04
N ASP B 282 16.97 -18.36 43.19
CA ASP B 282 17.86 -18.78 44.27
C ASP B 282 17.69 -20.25 44.55
N GLY B 283 18.77 -20.99 44.37
CA GLY B 283 18.74 -22.45 44.31
C GLY B 283 19.22 -23.02 43.00
N PHE B 284 19.38 -22.19 41.97
CA PHE B 284 20.03 -22.60 40.73
C PHE B 284 21.49 -22.20 40.82
N MET B 285 22.37 -23.20 40.88
CA MET B 285 23.80 -22.99 40.96
C MET B 285 24.32 -22.26 39.73
N THR B 286 24.76 -21.02 39.91
CA THR B 286 25.13 -20.19 38.77
C THR B 286 26.38 -20.71 38.09
N THR B 287 26.48 -20.41 36.79
CA THR B 287 27.60 -20.85 35.96
C THR B 287 28.93 -20.52 36.59
N ASP B 288 29.12 -19.28 36.97
CA ASP B 288 30.34 -18.78 37.58
C ASP B 288 30.89 -19.74 38.63
N ALA B 289 30.01 -20.48 39.30
CA ALA B 289 30.46 -21.49 40.23
C ALA B 289 30.71 -22.84 39.55
N ALA B 290 29.90 -23.17 38.55
CA ALA B 290 30.06 -24.45 37.86
C ALA B 290 31.50 -24.64 37.40
N LEU B 291 32.12 -23.57 36.93
CA LEU B 291 33.49 -23.66 36.47
C LEU B 291 34.43 -23.91 37.64
N MET B 292 34.41 -23.02 38.63
CA MET B 292 35.16 -23.22 39.86
C MET B 292 34.97 -24.61 40.43
N TYR B 293 33.85 -25.26 40.09
CA TYR B 293 33.68 -26.67 40.39
C TYR B 293 34.46 -27.54 39.42
N ASP B 294 34.10 -27.47 38.13
CA ASP B 294 34.71 -28.38 37.17
C ASP B 294 36.23 -28.23 37.16
N ALA B 295 36.71 -26.99 37.27
CA ALA B 295 38.15 -26.74 37.35
C ALA B 295 38.84 -27.72 38.28
N VAL B 296 38.37 -27.77 39.52
CA VAL B 296 38.88 -28.65 40.55
C VAL B 296 39.07 -30.04 39.97
N HIS B 297 38.03 -30.57 39.35
CA HIS B 297 38.16 -31.87 38.70
C HIS B 297 39.14 -31.80 37.54
N VAL B 298 38.87 -30.93 36.57
CA VAL B 298 39.75 -30.75 35.42
C VAL B 298 41.19 -30.60 35.89
N VAL B 299 41.44 -29.69 36.82
CA VAL B 299 42.79 -29.50 37.33
C VAL B 299 43.28 -30.79 37.98
N SER B 300 42.59 -31.24 39.02
CA SER B 300 43.11 -32.34 39.82
C SER B 300 43.15 -33.64 39.04
N VAL B 301 42.40 -33.78 37.97
CA VAL B 301 42.56 -34.95 37.12
C VAL B 301 43.95 -35.00 36.52
N ALA B 302 44.54 -33.83 36.23
CA ALA B 302 45.92 -33.82 35.79
C ALA B 302 46.82 -34.42 36.85
N VAL B 303 46.57 -34.10 38.12
CA VAL B 303 47.34 -34.68 39.21
C VAL B 303 47.21 -36.19 39.19
N GLN B 304 46.10 -36.70 38.65
CA GLN B 304 45.89 -38.13 38.52
C GLN B 304 46.62 -38.68 37.29
N GLN B 305 47.58 -37.90 36.79
CA GLN B 305 48.58 -38.40 35.87
C GLN B 305 49.99 -38.33 36.42
N PHE B 306 50.22 -37.49 37.43
CA PHE B 306 51.57 -37.04 37.78
C PHE B 306 51.90 -37.36 39.22
N PRO B 307 52.82 -38.29 39.46
CA PRO B 307 53.12 -38.73 40.84
C PRO B 307 54.05 -37.80 41.61
N GLN B 308 55.02 -37.24 40.90
CA GLN B 308 56.20 -36.64 41.51
C GLN B 308 55.92 -35.30 42.18
N MET B 309 54.70 -34.81 42.17
CA MET B 309 54.48 -33.43 42.58
C MET B 309 54.45 -33.32 44.10
N THR B 310 55.21 -32.36 44.63
CA THR B 310 55.11 -31.96 46.02
C THR B 310 55.12 -30.45 46.07
N VAL B 311 54.18 -29.87 46.83
CA VAL B 311 54.18 -28.45 47.04
C VAL B 311 55.47 -28.04 47.76
N SER B 312 55.93 -26.82 47.49
CA SER B 312 57.20 -26.35 47.99
C SER B 312 57.08 -24.91 48.45
N SER B 313 57.80 -24.57 49.51
CA SER B 313 57.90 -23.18 49.96
C SER B 313 58.61 -22.36 48.90
N LEU B 314 57.88 -21.46 48.27
CA LEU B 314 58.42 -20.65 47.18
C LEU B 314 58.23 -19.19 47.54
N GLN B 315 59.33 -18.46 47.69
CA GLN B 315 59.26 -17.10 48.18
C GLN B 315 59.33 -16.11 47.02
N CYS B 316 58.54 -15.05 47.12
CA CYS B 316 58.63 -13.96 46.16
C CYS B 316 59.95 -13.21 46.28
N ASN B 317 60.64 -13.34 47.41
CA ASN B 317 61.97 -12.77 47.51
C ASN B 317 62.89 -13.34 46.45
N ARG B 318 62.70 -14.60 46.10
CA ARG B 318 63.57 -15.29 45.18
C ARG B 318 63.11 -15.08 43.75
N HIS B 319 63.78 -15.78 42.84
CA HIS B 319 63.37 -15.91 41.47
C HIS B 319 63.05 -17.34 41.11
N LYS B 320 63.51 -18.29 41.91
CA LYS B 320 63.51 -19.72 41.61
C LYS B 320 62.15 -20.22 41.19
N PRO B 321 61.99 -20.58 39.92
CA PRO B 321 60.75 -21.21 39.49
C PRO B 321 60.57 -22.57 40.15
N TRP B 322 59.33 -23.03 40.18
CA TRP B 322 59.01 -24.29 40.82
C TRP B 322 59.59 -25.44 40.01
N ARG B 323 59.50 -26.65 40.56
CA ARG B 323 60.16 -27.80 39.95
C ARG B 323 59.43 -28.27 38.70
N PHE B 324 58.18 -28.68 38.86
CA PHE B 324 57.50 -29.48 37.86
C PHE B 324 56.48 -28.69 37.06
N GLY B 325 56.46 -27.36 37.19
CA GLY B 325 55.49 -26.56 36.50
C GLY B 325 55.46 -26.92 35.03
N THR B 326 56.58 -26.70 34.34
CA THR B 326 56.66 -27.04 32.92
C THR B 326 56.29 -28.48 32.68
N ARG B 327 56.61 -29.36 33.61
CA ARG B 327 56.17 -30.75 33.52
C ARG B 327 54.70 -30.89 33.84
N PHE B 328 54.22 -30.13 34.83
CA PHE B 328 52.85 -30.23 35.29
C PHE B 328 51.89 -29.36 34.49
N MET B 329 52.33 -28.17 34.09
CA MET B 329 51.44 -27.23 33.42
C MET B 329 50.83 -27.84 32.17
N SER B 330 51.67 -28.32 31.26
CA SER B 330 51.13 -28.86 30.02
C SER B 330 50.36 -30.15 30.21
N LEU B 331 50.35 -30.72 31.42
CA LEU B 331 49.40 -31.78 31.70
C LEU B 331 47.98 -31.24 31.54
N ILE B 332 47.75 -30.05 32.08
CA ILE B 332 46.44 -29.42 32.06
C ILE B 332 45.84 -29.44 30.66
N LYS B 333 46.58 -28.92 29.71
CA LYS B 333 46.06 -28.59 28.40
C LYS B 333 45.65 -29.78 27.62
N GLU B 334 45.66 -30.95 28.25
CA GLU B 334 45.05 -32.13 27.67
C GLU B 334 43.91 -32.66 28.51
N ALA B 335 43.52 -31.95 29.57
CA ALA B 335 42.49 -32.45 30.47
C ALA B 335 41.12 -32.41 29.84
N HIS B 336 40.70 -33.50 29.22
CA HIS B 336 39.45 -33.56 28.48
C HIS B 336 38.32 -34.04 29.38
N TRP B 337 38.08 -33.26 30.41
CA TRP B 337 37.13 -33.61 31.45
C TRP B 337 35.71 -33.34 30.98
N GLU B 338 34.78 -34.19 31.41
CA GLU B 338 33.38 -34.11 31.00
C GLU B 338 32.54 -33.90 32.25
N GLY B 339 32.28 -32.64 32.58
CA GLY B 339 31.61 -32.28 33.81
C GLY B 339 30.41 -31.40 33.53
N LEU B 340 30.07 -30.59 34.54
CA LEU B 340 28.87 -29.76 34.50
C LEU B 340 28.78 -28.94 33.23
N THR B 341 29.89 -28.33 32.82
CA THR B 341 29.88 -27.48 31.65
C THR B 341 30.15 -28.26 30.37
N GLY B 342 29.85 -29.56 30.37
CA GLY B 342 29.97 -30.36 29.18
C GLY B 342 31.42 -30.71 28.89
N ARG B 343 31.72 -30.87 27.60
CA ARG B 343 33.09 -31.10 27.17
C ARG B 343 33.99 -29.98 27.67
N ILE B 344 35.22 -30.32 28.01
CA ILE B 344 36.16 -29.34 28.53
C ILE B 344 37.52 -29.67 27.93
N THR B 345 38.03 -28.80 27.07
CA THR B 345 39.27 -29.11 26.36
C THR B 345 39.91 -27.82 25.87
N PHE B 346 41.00 -27.42 26.53
CA PHE B 346 41.60 -26.13 26.27
C PHE B 346 42.21 -26.09 24.87
N ASN B 347 42.03 -24.95 24.18
CA ASN B 347 42.72 -24.74 22.93
C ASN B 347 44.20 -24.71 23.22
N LYS B 348 44.90 -25.77 22.83
CA LYS B 348 46.26 -25.97 23.28
C LYS B 348 47.18 -24.86 22.82
N THR B 349 46.85 -24.23 21.68
CA THR B 349 47.60 -23.07 21.22
C THR B 349 47.73 -22.05 22.33
N ASN B 350 46.61 -21.53 22.80
CA ASN B 350 46.56 -20.46 23.76
C ASN B 350 46.15 -20.90 25.16
N GLY B 351 45.62 -22.11 25.30
CA GLY B 351 45.25 -22.57 26.63
C GLY B 351 43.95 -21.98 27.12
N LEU B 352 42.99 -21.79 26.23
CA LEU B 352 41.68 -21.25 26.57
C LEU B 352 40.63 -22.28 26.20
N ARG B 353 39.51 -22.23 26.91
CA ARG B 353 38.45 -23.19 26.63
C ARG B 353 37.65 -22.66 25.45
N THR B 354 38.16 -22.89 24.25
CA THR B 354 37.51 -22.39 23.05
C THR B 354 36.77 -23.48 22.32
N ASP B 355 36.41 -24.55 23.02
CA ASP B 355 35.53 -25.56 22.46
C ASP B 355 34.63 -26.08 23.57
N PHE B 356 33.34 -26.17 23.27
CA PHE B 356 32.28 -26.46 24.21
C PHE B 356 30.97 -26.47 23.44
N ASP B 357 29.91 -26.89 24.12
CA ASP B 357 28.60 -26.96 23.48
C ASP B 357 27.68 -25.95 24.14
N LEU B 358 27.22 -25.00 23.35
CA LEU B 358 26.20 -24.07 23.77
C LEU B 358 24.86 -24.60 23.29
N ASP B 359 23.95 -24.80 24.23
CA ASP B 359 22.59 -25.21 23.92
C ASP B 359 21.73 -23.96 24.05
N VAL B 360 21.24 -23.45 22.93
CA VAL B 360 20.53 -22.18 22.97
C VAL B 360 19.15 -22.42 23.56
N ILE B 361 18.86 -21.72 24.66
CA ILE B 361 17.57 -21.75 25.28
C ILE B 361 16.79 -20.54 24.81
N SER B 362 15.49 -20.60 24.97
CA SER B 362 14.63 -19.47 24.62
C SER B 362 13.46 -19.46 25.57
N LEU B 363 12.58 -18.47 25.40
CA LEU B 363 11.48 -18.26 26.32
C LEU B 363 10.17 -18.59 25.62
N LYS B 364 9.68 -19.79 25.86
CA LYS B 364 8.31 -20.14 25.56
C LYS B 364 7.46 -19.95 26.81
N GLU B 365 6.16 -19.78 26.60
CA GLU B 365 5.26 -19.45 27.69
C GLU B 365 5.42 -20.36 28.89
N GLU B 366 5.89 -21.58 28.66
CA GLU B 366 6.04 -22.58 29.70
C GLU B 366 7.29 -22.33 30.53
N GLY B 367 8.32 -21.78 29.90
CA GLY B 367 9.55 -21.53 30.58
C GLY B 367 10.70 -21.45 29.58
N LEU B 368 11.89 -21.74 30.08
CA LEU B 368 13.10 -21.67 29.28
C LEU B 368 13.34 -23.04 28.65
N GLU B 369 13.24 -23.10 27.34
CA GLU B 369 13.33 -24.35 26.60
C GLU B 369 14.62 -24.37 25.81
N LYS B 370 15.40 -25.43 26.00
CA LYS B 370 16.45 -25.74 25.04
C LYS B 370 15.84 -25.93 23.67
N ILE B 371 16.28 -25.14 22.69
CA ILE B 371 15.70 -25.18 21.36
C ILE B 371 16.73 -25.42 20.28
N GLY B 372 18.00 -25.45 20.61
CA GLY B 372 19.04 -25.61 19.60
C GLY B 372 20.38 -25.74 20.27
N THR B 373 21.25 -26.49 19.62
CA THR B 373 22.55 -26.79 20.19
C THR B 373 23.63 -26.23 19.28
N TRP B 374 24.59 -25.55 19.88
CA TRP B 374 25.66 -24.93 19.13
C TRP B 374 26.98 -25.45 19.63
N ASP B 375 27.98 -25.38 18.77
CA ASP B 375 29.35 -25.75 19.06
C ASP B 375 30.23 -24.92 18.16
N PRO B 376 31.52 -24.82 18.47
CA PRO B 376 32.41 -24.17 17.51
C PRO B 376 32.34 -24.80 16.13
N ALA B 377 32.23 -26.13 16.06
CA ALA B 377 32.41 -26.84 14.80
C ALA B 377 31.15 -26.81 13.95
N SER B 378 30.09 -27.44 14.43
CA SER B 378 28.94 -27.74 13.59
C SER B 378 27.97 -26.58 13.45
N GLY B 379 28.29 -25.42 13.99
CA GLY B 379 27.36 -24.31 13.91
C GLY B 379 26.12 -24.58 14.73
N LEU B 380 24.96 -24.23 14.18
CA LEU B 380 23.69 -24.32 14.89
C LEU B 380 22.93 -25.56 14.44
N ASN B 381 22.82 -26.53 15.34
CA ASN B 381 21.70 -27.46 15.30
C ASN B 381 20.53 -26.78 16.00
N MET B 382 19.54 -26.38 15.22
CA MET B 382 18.28 -25.90 15.77
C MET B 382 17.30 -27.05 15.70
N THR B 383 16.69 -27.39 16.83
CA THR B 383 15.67 -28.43 16.81
C THR B 383 14.57 -28.09 15.80
N GLU B 384 14.37 -26.80 15.55
CA GLU B 384 13.41 -26.33 14.57
C GLU B 384 13.82 -26.69 13.14
N SER B 385 15.09 -27.05 12.92
CA SER B 385 15.58 -27.25 11.57
C SER B 385 14.88 -28.41 10.88
N GLN B 386 14.60 -29.48 11.62
CA GLN B 386 14.05 -30.71 11.06
C GLN B 386 12.56 -30.83 11.35
N LYS B 387 11.82 -29.71 11.32
CA LYS B 387 10.38 -29.65 11.49
C LYS B 387 9.61 -30.07 10.26
N GLY B 388 10.29 -30.54 9.22
CA GLY B 388 9.62 -31.15 8.10
C GLY B 388 10.52 -32.12 7.37
N LYS B 389 10.06 -33.34 7.20
CA LYS B 389 10.81 -34.40 6.54
C LYS B 389 10.05 -34.93 5.33
N PRO B 390 10.75 -35.53 4.38
CA PRO B 390 10.08 -36.19 3.26
C PRO B 390 9.30 -37.41 3.73
N ALA B 391 8.50 -37.95 2.81
CA ALA B 391 7.56 -39.02 3.14
C ALA B 391 8.05 -40.42 2.77
N ASN B 392 8.46 -40.70 1.53
CA ASN B 392 8.60 -39.81 0.37
C ASN B 392 7.33 -39.75 -0.47
N ILE B 393 7.38 -39.01 -1.58
CA ILE B 393 6.22 -38.81 -2.42
C ILE B 393 6.30 -39.58 -3.73
N THR B 394 7.49 -39.83 -4.28
CA THR B 394 7.58 -40.73 -5.42
C THR B 394 7.29 -42.17 -5.04
N ASP B 395 7.13 -42.44 -3.74
CA ASP B 395 6.75 -43.75 -3.22
C ASP B 395 5.26 -43.83 -2.90
N SER B 396 4.63 -42.71 -2.53
CA SER B 396 3.23 -42.65 -2.19
C SER B 396 2.32 -42.61 -3.42
N LEU B 397 2.90 -42.49 -4.61
CA LEU B 397 2.14 -42.25 -5.83
C LEU B 397 2.39 -43.27 -6.93
N SER B 398 3.38 -44.14 -6.77
CA SER B 398 3.92 -44.86 -7.91
C SER B 398 2.95 -45.93 -8.42
N ASN B 399 3.11 -46.26 -9.70
CA ASN B 399 2.43 -47.32 -10.43
C ASN B 399 0.95 -47.04 -10.64
N ARG B 400 0.45 -45.94 -10.09
CA ARG B 400 -0.94 -45.54 -10.33
C ARG B 400 -1.00 -44.65 -11.56
N SER B 401 -2.04 -44.85 -12.36
CA SER B 401 -2.15 -44.15 -13.64
C SER B 401 -2.03 -42.66 -13.44
N LEU B 402 -1.10 -42.04 -14.16
CA LEU B 402 -1.08 -40.60 -14.18
C LEU B 402 -2.31 -40.10 -14.92
N ILE B 403 -2.85 -38.98 -14.45
CA ILE B 403 -4.11 -38.46 -14.94
C ILE B 403 -3.79 -37.51 -16.08
N VAL B 404 -3.90 -38.01 -17.30
CA VAL B 404 -3.65 -37.19 -18.49
C VAL B 404 -4.86 -36.29 -18.67
N THR B 405 -4.75 -35.04 -18.21
CA THR B 405 -5.62 -34.01 -18.73
C THR B 405 -5.08 -33.57 -20.08
N THR B 406 -5.98 -33.37 -21.01
CA THR B 406 -5.60 -33.05 -22.38
C THR B 406 -6.86 -32.56 -23.07
N ILE B 407 -6.74 -32.20 -24.34
CA ILE B 407 -7.87 -31.67 -25.09
C ILE B 407 -7.69 -31.98 -26.56
N LEU B 408 -8.81 -32.09 -27.26
CA LEU B 408 -8.82 -32.30 -28.71
C LEU B 408 -7.94 -31.26 -29.41
N GLU B 409 -7.27 -31.68 -30.47
CA GLU B 409 -6.56 -30.70 -31.29
C GLU B 409 -6.20 -31.33 -32.62
N GLU B 410 -6.60 -30.69 -33.67
CA GLU B 410 -6.21 -31.26 -34.94
C GLU B 410 -5.00 -30.53 -35.48
N PRO B 411 -3.96 -31.24 -35.92
CA PRO B 411 -3.93 -32.71 -35.91
C PRO B 411 -3.27 -33.26 -34.66
N TYR B 412 -3.13 -32.40 -33.65
CA TYR B 412 -2.35 -32.77 -32.47
C TYR B 412 -2.97 -33.95 -31.73
N VAL B 413 -4.21 -33.81 -31.29
CA VAL B 413 -4.89 -34.87 -30.55
C VAL B 413 -6.38 -34.81 -30.85
N LEU B 414 -7.02 -35.97 -30.96
CA LEU B 414 -8.45 -36.00 -31.22
C LEU B 414 -8.95 -37.42 -30.94
N PHE B 415 -10.28 -37.56 -30.92
CA PHE B 415 -10.88 -38.87 -30.71
C PHE B 415 -10.23 -39.93 -31.58
N LYS B 416 -9.84 -41.04 -30.98
CA LYS B 416 -9.44 -42.17 -31.79
C LYS B 416 -10.66 -42.79 -32.44
N LYS B 417 -10.52 -43.22 -33.68
CA LYS B 417 -11.62 -43.80 -34.43
C LYS B 417 -11.28 -45.23 -34.80
N SER B 418 -12.31 -45.97 -35.19
CA SER B 418 -12.23 -47.39 -35.53
C SER B 418 -13.56 -47.78 -36.16
N ASP B 419 -13.75 -49.09 -36.35
CA ASP B 419 -15.07 -49.59 -36.73
C ASP B 419 -16.09 -49.39 -35.63
N LYS B 420 -15.86 -49.99 -34.47
CA LYS B 420 -16.78 -49.99 -33.34
C LYS B 420 -16.36 -48.94 -32.32
N PRO B 421 -17.12 -48.73 -31.25
CA PRO B 421 -16.62 -47.93 -30.14
C PRO B 421 -15.30 -48.45 -29.59
N LEU B 422 -14.52 -47.54 -29.01
CA LEU B 422 -13.24 -47.82 -28.39
C LEU B 422 -13.28 -47.43 -26.93
N TYR B 423 -12.38 -48.00 -26.15
CA TYR B 423 -12.35 -47.72 -24.72
C TYR B 423 -10.90 -47.73 -24.25
N GLY B 424 -10.70 -47.73 -22.93
CA GLY B 424 -9.38 -47.53 -22.39
C GLY B 424 -8.82 -46.20 -22.85
N ASN B 425 -7.49 -46.16 -22.99
CA ASN B 425 -6.84 -45.01 -23.61
C ASN B 425 -6.72 -45.14 -25.11
N ASP B 426 -7.60 -45.95 -25.71
CA ASP B 426 -7.80 -45.97 -27.16
C ASP B 426 -9.01 -45.15 -27.56
N ARG B 427 -9.54 -44.33 -26.66
CA ARG B 427 -10.65 -43.44 -26.96
C ARG B 427 -10.21 -42.11 -27.56
N PHE B 428 -8.90 -41.88 -27.67
CA PHE B 428 -8.39 -40.60 -28.13
C PHE B 428 -7.06 -40.84 -28.83
N GLU B 429 -6.96 -40.37 -30.06
CA GLU B 429 -5.75 -40.50 -30.86
C GLU B 429 -5.08 -39.14 -31.03
N GLY B 430 -4.02 -39.12 -31.83
CA GLY B 430 -3.45 -37.85 -32.19
C GLY B 430 -1.99 -37.73 -31.81
N TYR B 431 -1.29 -36.88 -32.55
CA TYR B 431 0.15 -36.68 -32.44
C TYR B 431 0.64 -36.61 -31.01
N CYS B 432 0.15 -35.65 -30.24
CA CYS B 432 0.73 -35.40 -28.93
C CYS B 432 0.61 -36.61 -28.02
N ILE B 433 -0.61 -37.15 -27.90
CA ILE B 433 -0.81 -38.37 -27.11
C ILE B 433 -0.09 -39.55 -27.74
N ASP B 434 0.20 -39.50 -29.03
CA ASP B 434 1.05 -40.54 -29.59
C ASP B 434 2.41 -40.56 -28.92
N LEU B 435 2.90 -39.40 -28.48
CA LEU B 435 4.14 -39.37 -27.73
C LEU B 435 3.96 -39.77 -26.29
N LEU B 436 2.81 -39.45 -25.69
CA LEU B 436 2.44 -39.95 -24.36
C LEU B 436 2.74 -41.43 -24.23
N ARG B 437 2.55 -42.16 -25.32
CA ARG B 437 2.91 -43.57 -25.33
C ARG B 437 4.37 -43.75 -24.97
N GLU B 438 5.27 -43.14 -25.75
CA GLU B 438 6.70 -43.36 -25.57
C GLU B 438 7.17 -42.94 -24.19
N LEU B 439 6.71 -41.80 -23.73
CA LEU B 439 7.15 -41.30 -22.43
C LEU B 439 6.80 -42.29 -21.32
N SER B 440 5.58 -42.86 -21.38
CA SER B 440 5.20 -43.89 -20.42
C SER B 440 6.08 -45.11 -20.52
N THR B 441 6.79 -45.28 -21.64
CA THR B 441 7.75 -46.34 -21.82
C THR B 441 9.18 -45.90 -21.51
N ILE B 442 9.42 -44.60 -21.37
CA ILE B 442 10.72 -44.08 -20.99
C ILE B 442 10.70 -43.46 -19.60
N LEU B 443 9.59 -42.80 -19.23
CA LEU B 443 9.48 -42.38 -17.84
C LEU B 443 9.29 -43.58 -16.91
N GLY B 444 8.41 -44.50 -17.28
CA GLY B 444 7.93 -45.46 -16.32
C GLY B 444 6.72 -44.94 -15.60
N PHE B 445 5.72 -44.49 -16.37
CA PHE B 445 4.42 -44.14 -15.83
C PHE B 445 3.33 -44.83 -16.64
N THR B 446 2.10 -44.71 -16.17
CA THR B 446 0.92 -44.96 -16.98
C THR B 446 0.04 -43.71 -16.97
N TYR B 447 -1.02 -43.77 -17.76
CA TYR B 447 -1.68 -42.54 -18.20
C TYR B 447 -3.17 -42.76 -18.41
N GLU B 448 -3.97 -41.84 -17.88
CA GLU B 448 -5.41 -41.79 -18.13
C GLU B 448 -5.74 -40.54 -18.94
N ILE B 449 -6.17 -40.73 -20.18
CA ILE B 449 -6.55 -39.60 -21.02
C ILE B 449 -7.82 -38.96 -20.47
N ARG B 450 -7.85 -37.63 -20.42
CA ARG B 450 -9.04 -36.87 -20.05
C ARG B 450 -9.12 -35.61 -20.88
N LEU B 451 -10.29 -35.37 -21.47
CA LEU B 451 -10.58 -34.03 -21.99
C LEU B 451 -10.95 -33.13 -20.82
N VAL B 452 -10.37 -31.93 -20.80
CA VAL B 452 -10.82 -30.93 -19.85
C VAL B 452 -12.28 -30.62 -20.12
N GLU B 453 -13.04 -30.46 -19.03
CA GLU B 453 -14.50 -30.36 -19.13
C GLU B 453 -14.93 -29.14 -19.91
N ASP B 454 -14.48 -27.95 -19.50
CA ASP B 454 -14.95 -26.72 -20.11
C ASP B 454 -14.54 -26.63 -21.58
N GLY B 455 -13.45 -27.30 -21.95
CA GLY B 455 -12.98 -27.22 -23.31
C GLY B 455 -12.28 -25.93 -23.64
N LYS B 456 -11.57 -25.34 -22.69
CA LYS B 456 -10.73 -24.19 -22.95
C LYS B 456 -9.31 -24.51 -22.54
N TYR B 457 -8.35 -23.96 -23.29
CA TYR B 457 -6.95 -24.18 -22.96
C TYR B 457 -6.69 -23.77 -21.53
N GLY B 458 -7.06 -22.55 -21.18
CA GLY B 458 -6.99 -22.14 -19.80
C GLY B 458 -6.16 -20.89 -19.57
N ALA B 459 -6.78 -19.87 -19.02
CA ALA B 459 -6.09 -18.66 -18.61
C ALA B 459 -6.91 -18.04 -17.49
N GLN B 460 -6.28 -17.17 -16.71
CA GLN B 460 -6.96 -16.63 -15.56
C GLN B 460 -8.29 -15.99 -15.93
N ASP B 461 -9.19 -15.98 -14.95
CA ASP B 461 -10.32 -15.09 -14.98
C ASP B 461 -9.85 -13.65 -14.76
N ASP B 462 -10.69 -12.69 -15.15
CA ASP B 462 -10.34 -11.29 -15.07
C ASP B 462 -9.87 -10.91 -13.67
N VAL B 463 -10.77 -11.04 -12.69
CA VAL B 463 -10.59 -10.42 -11.39
C VAL B 463 -10.25 -11.44 -10.32
N ASN B 464 -10.84 -12.65 -10.37
CA ASN B 464 -10.68 -13.56 -9.26
C ASN B 464 -9.24 -14.06 -9.10
N GLY B 465 -8.38 -13.81 -10.08
CA GLY B 465 -7.05 -14.39 -10.06
C GLY B 465 -7.00 -15.86 -10.39
N GLN B 466 -8.14 -16.52 -10.50
CA GLN B 466 -8.19 -17.96 -10.74
C GLN B 466 -8.01 -18.29 -12.21
N TRP B 467 -7.52 -19.50 -12.45
CA TRP B 467 -7.32 -20.02 -13.79
C TRP B 467 -8.52 -20.87 -14.19
N ASN B 468 -8.43 -21.50 -15.35
CA ASN B 468 -9.48 -22.38 -15.81
C ASN B 468 -8.90 -23.29 -16.88
N GLY B 469 -9.79 -23.94 -17.65
CA GLY B 469 -9.30 -24.82 -18.67
C GLY B 469 -8.48 -25.92 -18.06
N MET B 470 -7.52 -26.43 -18.84
CA MET B 470 -6.54 -27.34 -18.27
C MET B 470 -5.87 -26.70 -17.07
N VAL B 471 -5.63 -25.40 -17.15
CA VAL B 471 -4.69 -24.77 -16.24
C VAL B 471 -5.19 -24.87 -14.80
N ARG B 472 -6.50 -24.68 -14.60
CA ARG B 472 -7.04 -24.82 -13.26
C ARG B 472 -6.83 -26.22 -12.71
N GLU B 473 -7.04 -27.23 -13.55
CA GLU B 473 -6.87 -28.60 -13.11
C GLU B 473 -5.46 -28.84 -12.64
N LEU B 474 -4.47 -28.45 -13.45
CA LEU B 474 -3.09 -28.76 -13.15
C LEU B 474 -2.54 -27.90 -12.03
N ILE B 475 -3.16 -26.76 -11.75
CA ILE B 475 -2.78 -25.98 -10.59
C ILE B 475 -3.37 -26.57 -9.32
N ASP B 476 -4.67 -26.91 -9.35
CA ASP B 476 -5.23 -27.69 -8.26
C ASP B 476 -4.66 -29.09 -8.20
N HIS B 477 -3.95 -29.52 -9.25
CA HIS B 477 -3.29 -30.80 -9.43
C HIS B 477 -4.31 -31.85 -9.83
N LYS B 478 -5.57 -31.46 -10.11
CA LYS B 478 -6.62 -32.43 -10.39
C LYS B 478 -6.16 -33.50 -11.36
N ALA B 479 -5.33 -33.13 -12.31
CA ALA B 479 -4.64 -34.07 -13.17
C ALA B 479 -3.15 -33.85 -13.02
N ASP B 480 -2.37 -34.78 -13.56
CA ASP B 480 -0.91 -34.67 -13.57
C ASP B 480 -0.42 -34.24 -14.94
N LEU B 481 -0.79 -34.98 -15.97
CA LEU B 481 -0.21 -34.83 -17.30
C LEU B 481 -1.11 -33.99 -18.20
N ALA B 482 -0.50 -33.03 -18.88
CA ALA B 482 -1.10 -32.42 -20.06
C ALA B 482 -0.04 -32.52 -21.16
N VAL B 483 -0.01 -33.68 -21.81
CA VAL B 483 0.66 -33.81 -23.10
C VAL B 483 -0.34 -33.23 -24.09
N ALA B 484 -0.26 -31.94 -24.33
CA ALA B 484 -1.33 -31.23 -24.98
C ALA B 484 -0.77 -30.20 -25.94
N PRO B 485 -1.60 -29.65 -26.82
CA PRO B 485 -1.19 -28.50 -27.61
C PRO B 485 -1.15 -27.24 -26.76
N LEU B 486 -0.01 -27.03 -26.14
CA LEU B 486 0.12 -26.11 -25.03
C LEU B 486 0.94 -24.89 -25.40
N THR B 487 0.61 -23.77 -24.76
CA THR B 487 1.31 -22.52 -24.98
C THR B 487 2.10 -22.18 -23.73
N ILE B 488 3.40 -21.98 -23.90
CA ILE B 488 4.30 -21.74 -22.78
C ILE B 488 4.37 -20.22 -22.64
N THR B 489 3.38 -19.67 -21.94
CA THR B 489 3.40 -18.26 -21.61
C THR B 489 4.04 -18.08 -20.24
N TYR B 490 4.36 -16.84 -19.91
CA TYR B 490 5.01 -16.62 -18.63
C TYR B 490 4.03 -16.78 -17.48
N VAL B 491 2.79 -16.30 -17.65
CA VAL B 491 1.78 -16.51 -16.63
C VAL B 491 1.61 -17.99 -16.34
N ARG B 492 1.55 -18.82 -17.37
CA ARG B 492 1.40 -20.25 -17.15
C ARG B 492 2.65 -20.83 -16.50
N GLU B 493 3.81 -20.26 -16.77
CA GLU B 493 5.00 -20.61 -16.02
C GLU B 493 4.88 -20.14 -14.57
N LYS B 494 4.17 -19.04 -14.35
CA LYS B 494 4.01 -18.50 -13.01
C LYS B 494 3.20 -19.41 -12.10
N VAL B 495 2.48 -20.39 -12.66
CA VAL B 495 1.50 -21.15 -11.91
C VAL B 495 1.80 -22.64 -11.90
N ILE B 496 2.13 -23.22 -13.05
CA ILE B 496 2.63 -24.58 -13.11
C ILE B 496 3.84 -24.61 -14.03
N ASP B 497 4.35 -25.81 -14.25
CA ASP B 497 5.54 -26.00 -15.05
C ASP B 497 5.24 -26.92 -16.22
N PHE B 498 5.82 -26.57 -17.35
CA PHE B 498 5.68 -27.33 -18.58
C PHE B 498 6.98 -28.04 -18.84
N SER B 499 6.97 -28.87 -19.88
CA SER B 499 8.23 -29.39 -20.38
C SER B 499 9.04 -28.26 -21.00
N LYS B 500 10.25 -28.59 -21.41
CA LYS B 500 11.04 -27.65 -22.16
C LYS B 500 10.33 -27.33 -23.47
N PRO B 501 10.62 -26.18 -24.07
CA PRO B 501 10.00 -25.85 -25.36
C PRO B 501 10.56 -26.67 -26.50
N PHE B 502 9.80 -27.66 -26.95
CA PHE B 502 10.29 -28.66 -27.89
C PHE B 502 9.67 -28.55 -29.26
N MET B 503 8.39 -28.20 -29.34
CA MET B 503 7.71 -27.92 -30.61
C MET B 503 7.50 -26.42 -30.64
N THR B 504 8.53 -25.70 -31.11
CA THR B 504 8.50 -24.26 -31.11
C THR B 504 7.59 -23.74 -32.22
N LEU B 505 7.12 -22.50 -32.02
CA LEU B 505 6.09 -21.93 -32.87
C LEU B 505 6.10 -20.43 -32.68
N GLY B 506 5.17 -19.75 -33.33
CA GLY B 506 4.97 -18.33 -33.11
C GLY B 506 3.74 -17.86 -33.84
N ILE B 507 2.95 -16.99 -33.21
CA ILE B 507 1.58 -16.78 -33.67
C ILE B 507 1.60 -16.26 -35.10
N SER B 508 0.61 -16.69 -35.88
CA SER B 508 0.46 -16.23 -37.25
C SER B 508 -1.01 -16.31 -37.63
N ILE B 509 -1.32 -15.73 -38.78
CA ILE B 509 -2.69 -15.44 -39.19
C ILE B 509 -3.15 -16.51 -40.14
N LEU B 510 -4.45 -16.79 -40.12
CA LEU B 510 -5.07 -17.67 -41.10
C LEU B 510 -6.18 -16.91 -41.81
N TYR B 511 -6.36 -17.17 -43.09
CA TYR B 511 -7.25 -16.35 -43.89
C TYR B 511 -7.60 -17.08 -45.18
N ARG B 512 -8.65 -16.61 -45.84
CA ARG B 512 -9.06 -17.19 -47.11
C ARG B 512 -7.94 -17.04 -48.14
N LYS B 513 -8.11 -17.72 -49.26
CA LYS B 513 -7.14 -17.58 -50.35
C LYS B 513 -7.22 -16.22 -51.04
N PRO B 514 -8.39 -15.71 -51.44
CA PRO B 514 -9.77 -16.24 -51.43
C PRO B 514 -10.30 -16.59 -52.82
N ASN B 515 -9.53 -16.29 -53.86
CA ASN B 515 -9.98 -16.43 -55.25
C ASN B 515 -11.21 -15.56 -55.53
N GLY B 516 -11.20 -14.33 -55.03
CA GLY B 516 -12.32 -13.44 -55.24
C GLY B 516 -12.29 -12.81 -56.62
N THR B 517 -13.21 -13.22 -57.49
CA THR B 517 -13.27 -12.68 -58.84
C THR B 517 -14.72 -12.47 -59.23
N ASN B 518 -14.97 -11.40 -59.99
CA ASN B 518 -16.23 -11.24 -60.73
C ASN B 518 -15.95 -10.55 -62.05
N PRO B 519 -15.26 -11.22 -62.96
CA PRO B 519 -15.06 -10.67 -64.29
C PRO B 519 -16.32 -10.87 -65.13
N GLY B 520 -16.22 -10.47 -66.39
CA GLY B 520 -17.29 -10.70 -67.33
C GLY B 520 -18.03 -9.42 -67.66
N VAL B 521 -19.05 -9.60 -68.49
CA VAL B 521 -19.87 -8.47 -68.93
C VAL B 521 -20.58 -7.84 -67.74
N PHE B 522 -20.95 -8.65 -66.76
CA PHE B 522 -21.67 -8.21 -65.57
C PHE B 522 -20.84 -7.32 -64.67
N SER B 523 -19.62 -6.99 -65.05
CA SER B 523 -18.77 -6.10 -64.29
C SER B 523 -18.75 -4.69 -64.84
N PHE B 524 -18.76 -4.57 -66.16
CA PHE B 524 -18.50 -3.30 -66.80
C PHE B 524 -19.58 -2.26 -66.54
N LEU B 525 -20.80 -2.69 -66.20
CA LEU B 525 -21.87 -1.75 -65.88
C LEU B 525 -21.44 -0.77 -64.82
N ASN B 526 -20.63 -1.22 -63.87
CA ASN B 526 -20.47 -0.59 -62.57
C ASN B 526 -20.27 0.92 -62.63
N PRO B 527 -19.43 1.47 -63.49
CA PRO B 527 -19.24 2.93 -63.50
C PRO B 527 -20.49 3.71 -63.87
N LEU B 528 -21.61 3.06 -64.07
CA LEU B 528 -22.78 3.82 -64.47
C LEU B 528 -24.04 3.00 -64.23
N SER B 529 -25.13 3.70 -63.95
CA SER B 529 -26.34 3.03 -63.54
C SER B 529 -26.84 2.13 -64.66
N PRO B 530 -27.14 0.87 -64.37
CA PRO B 530 -27.59 -0.03 -65.45
C PRO B 530 -28.82 0.48 -66.15
N ASP B 531 -29.71 1.14 -65.43
CA ASP B 531 -30.81 1.83 -66.07
C ASP B 531 -30.28 2.93 -66.99
N ILE B 532 -29.45 3.82 -66.46
CA ILE B 532 -28.87 4.89 -67.28
C ILE B 532 -28.14 4.30 -68.48
N TRP B 533 -27.51 3.13 -68.32
CA TRP B 533 -26.95 2.45 -69.47
C TRP B 533 -27.99 2.22 -70.55
N MET B 534 -29.26 2.04 -70.16
CA MET B 534 -30.29 1.79 -71.15
C MET B 534 -30.79 3.08 -71.79
N TYR B 535 -31.10 4.08 -70.96
CA TYR B 535 -31.58 5.35 -71.49
C TYR B 535 -30.72 5.82 -72.65
N VAL B 536 -29.43 5.53 -72.60
CA VAL B 536 -28.51 6.06 -73.60
C VAL B 536 -28.96 5.72 -75.00
N LEU B 537 -29.40 4.47 -75.21
CA LEU B 537 -29.92 4.10 -76.53
C LEU B 537 -31.16 4.90 -76.88
N LEU B 538 -32.13 4.91 -75.98
CA LEU B 538 -33.25 5.84 -76.12
C LEU B 538 -32.73 7.26 -76.29
N ALA B 539 -31.78 7.65 -75.44
CA ALA B 539 -31.12 8.94 -75.60
C ALA B 539 -30.34 9.03 -76.91
N TYR B 540 -30.01 7.89 -77.53
CA TYR B 540 -29.29 7.97 -78.80
C TYR B 540 -30.23 8.26 -79.96
N LEU B 541 -31.19 7.37 -80.20
CA LEU B 541 -32.04 7.48 -81.37
C LEU B 541 -32.72 8.84 -81.48
N GLY B 542 -32.83 9.56 -80.37
CA GLY B 542 -33.41 10.88 -80.37
C GLY B 542 -32.84 11.79 -81.42
N VAL B 543 -31.51 11.96 -81.42
CA VAL B 543 -30.88 12.81 -82.41
C VAL B 543 -31.01 12.20 -83.79
N SER B 544 -30.69 10.92 -83.92
CA SER B 544 -30.70 10.28 -85.23
C SER B 544 -32.06 10.39 -85.89
N VAL B 545 -33.14 10.18 -85.12
CA VAL B 545 -34.49 10.29 -85.66
C VAL B 545 -34.84 11.74 -85.97
N VAL B 546 -34.10 12.69 -85.41
CA VAL B 546 -34.28 14.08 -85.77
C VAL B 546 -33.70 14.36 -87.16
N LEU B 547 -32.42 14.03 -87.35
CA LEU B 547 -31.83 14.13 -88.68
C LEU B 547 -32.64 13.33 -89.68
N PHE B 548 -33.17 12.19 -89.25
CA PHE B 548 -34.09 11.39 -90.05
C PHE B 548 -35.13 12.27 -90.72
N VAL B 549 -35.60 13.29 -90.02
CA VAL B 549 -36.67 14.13 -90.54
C VAL B 549 -36.15 15.49 -91.02
N ILE B 550 -35.07 16.01 -90.42
CA ILE B 550 -34.55 17.31 -90.87
C ILE B 550 -34.29 17.28 -92.37
N ALA B 551 -33.38 16.39 -92.80
CA ALA B 551 -32.99 16.34 -94.21
C ALA B 551 -34.20 16.27 -95.13
N ARG B 552 -35.17 15.44 -94.78
CA ARG B 552 -36.40 15.32 -95.56
C ARG B 552 -37.48 16.21 -94.96
N ALA B 599 -25.32 23.66 -93.20
CA ALA B 599 -26.13 22.78 -92.37
C ALA B 599 -26.10 23.26 -90.93
N LEU B 600 -26.48 24.53 -90.72
CA LEU B 600 -26.49 25.11 -89.38
C LEU B 600 -27.32 24.26 -88.44
N SER B 601 -28.60 24.10 -88.74
CA SER B 601 -29.56 23.51 -87.80
C SER B 601 -29.11 22.15 -87.30
N THR B 602 -28.68 21.27 -88.20
CA THR B 602 -28.16 19.98 -87.78
C THR B 602 -26.92 20.17 -86.93
N ARG B 603 -25.97 20.95 -87.44
CA ARG B 603 -24.69 21.13 -86.75
C ARG B 603 -24.89 21.75 -85.38
N ILE B 604 -25.68 22.82 -85.30
CA ILE B 604 -25.84 23.51 -84.04
C ILE B 604 -26.55 22.65 -83.01
N VAL B 605 -27.26 21.61 -83.44
CA VAL B 605 -27.69 20.59 -82.48
C VAL B 605 -26.57 19.60 -82.26
N GLY B 606 -25.73 19.37 -83.28
CA GLY B 606 -24.66 18.40 -83.15
C GLY B 606 -23.79 18.61 -81.92
N GLY B 607 -23.67 19.85 -81.47
CA GLY B 607 -23.00 20.09 -80.20
C GLY B 607 -23.72 19.41 -79.05
N ILE B 608 -25.03 19.65 -78.94
CA ILE B 608 -25.83 19.14 -77.84
C ILE B 608 -25.96 17.63 -77.99
N TRP B 609 -25.28 17.06 -78.96
CA TRP B 609 -24.89 15.66 -78.86
C TRP B 609 -23.43 15.51 -78.47
N TRP B 610 -22.54 16.10 -79.27
CA TRP B 610 -21.10 15.99 -79.02
C TRP B 610 -20.76 16.49 -77.64
N PHE B 611 -21.11 17.74 -77.35
CA PHE B 611 -20.93 18.25 -76.00
C PHE B 611 -21.73 17.45 -74.98
N PHE B 612 -22.89 16.94 -75.40
CA PHE B 612 -23.67 16.13 -74.47
C PHE B 612 -22.89 14.90 -74.06
N THR B 613 -22.62 14.01 -75.01
CA THR B 613 -21.96 12.78 -74.66
C THR B 613 -20.65 13.03 -73.95
N LEU B 614 -20.06 14.21 -74.14
CA LEU B 614 -18.92 14.60 -73.35
C LEU B 614 -19.21 14.48 -71.86
N ILE B 615 -20.33 15.06 -71.43
CA ILE B 615 -20.76 14.94 -70.04
C ILE B 615 -20.68 13.49 -69.61
N ILE B 616 -21.19 12.60 -70.44
CA ILE B 616 -21.27 11.20 -70.06
C ILE B 616 -19.88 10.60 -69.91
N ILE B 617 -19.12 10.62 -71.00
CA ILE B 617 -17.80 9.98 -70.99
C ILE B 617 -16.93 10.58 -69.90
N SER B 618 -17.05 11.88 -69.67
CA SER B 618 -16.38 12.51 -68.54
C SER B 618 -16.88 11.90 -67.24
N SER B 619 -18.18 11.97 -67.03
CA SER B 619 -18.79 11.35 -65.86
C SER B 619 -18.36 9.90 -65.74
N TYR B 620 -18.43 9.17 -66.85
CA TYR B 620 -17.98 7.78 -66.83
C TYR B 620 -16.62 7.66 -66.17
N THR B 621 -15.64 8.34 -66.73
CA THR B 621 -14.26 8.22 -66.26
C THR B 621 -14.17 8.42 -64.76
N ALA B 622 -14.67 9.57 -64.28
CA ALA B 622 -14.57 9.86 -62.87
C ALA B 622 -15.28 8.80 -62.04
N ASN B 623 -16.54 8.50 -62.37
CA ASN B 623 -17.22 7.41 -61.71
C ASN B 623 -16.41 6.13 -61.83
N LEU B 624 -15.72 5.94 -62.94
CA LEU B 624 -14.84 4.78 -63.04
C LEU B 624 -13.68 4.91 -62.07
N ALA B 625 -12.96 6.03 -62.11
CA ALA B 625 -11.81 6.21 -61.22
C ALA B 625 -12.21 5.99 -59.78
N ALA B 626 -13.12 6.82 -59.27
CA ALA B 626 -13.52 6.77 -57.87
C ALA B 626 -13.85 5.37 -57.43
N PHE B 627 -14.29 4.52 -58.35
CA PHE B 627 -14.42 3.11 -58.01
C PHE B 627 -13.06 2.49 -57.78
N LEU B 628 -12.14 2.69 -58.72
CA LEU B 628 -10.87 2.00 -58.65
C LEU B 628 -10.05 2.49 -57.47
N THR B 629 -9.72 3.77 -57.46
CA THR B 629 -8.82 4.31 -56.46
C THR B 629 -9.20 3.85 -55.06
N VAL B 630 -10.45 4.11 -54.67
CA VAL B 630 -10.95 3.57 -53.39
C VAL B 630 -10.70 2.08 -53.31
N GLU B 631 -11.28 1.33 -54.24
CA GLU B 631 -11.09 -0.11 -54.19
C GLU B 631 -9.65 -0.51 -54.47
N ARG B 632 -8.74 0.44 -54.62
CA ARG B 632 -7.33 0.12 -54.73
C ARG B 632 -6.50 0.60 -53.55
N MET B 633 -6.72 1.81 -53.06
CA MET B 633 -5.85 2.30 -51.99
C MET B 633 -5.91 1.41 -50.77
N GLU B 634 -7.06 0.80 -50.51
CA GLU B 634 -7.22 0.09 -49.25
C GLU B 634 -6.51 -1.25 -49.28
N SER B 635 -6.88 -2.11 -50.22
CA SER B 635 -6.36 -3.47 -50.26
C SER B 635 -5.48 -3.68 -51.49
N PRO B 636 -4.81 -4.84 -51.65
CA PRO B 636 -4.69 -6.04 -50.80
C PRO B 636 -3.66 -5.85 -49.72
N ILE B 637 -3.92 -6.43 -48.56
CA ILE B 637 -3.06 -6.24 -47.39
C ILE B 637 -2.85 -7.58 -46.70
N ASP B 638 -1.64 -7.79 -46.21
CA ASP B 638 -1.32 -9.03 -45.49
C ASP B 638 -0.23 -8.74 -44.44
N SER B 639 -0.67 -8.43 -43.23
CA SER B 639 0.16 -8.35 -42.03
C SER B 639 -0.78 -8.07 -40.88
N ALA B 640 -0.32 -8.38 -39.67
CA ALA B 640 -1.10 -8.03 -38.50
C ALA B 640 -1.33 -6.53 -38.47
N ASP B 641 -0.33 -5.74 -38.84
CA ASP B 641 -0.53 -4.31 -38.92
C ASP B 641 -1.55 -3.96 -39.99
N ASP B 642 -1.56 -4.72 -41.09
CA ASP B 642 -2.58 -4.49 -42.10
C ASP B 642 -3.97 -4.62 -41.54
N LEU B 643 -4.20 -5.60 -40.66
CA LEU B 643 -5.50 -5.68 -39.99
C LEU B 643 -5.77 -4.43 -39.19
N ALA B 644 -4.75 -3.92 -38.49
CA ALA B 644 -4.95 -2.76 -37.64
C ALA B 644 -5.38 -1.53 -38.40
N LYS B 645 -5.23 -1.53 -39.72
CA LYS B 645 -5.58 -0.40 -40.55
C LYS B 645 -7.07 -0.18 -40.69
N GLN B 646 -7.90 -1.06 -40.16
CA GLN B 646 -9.34 -0.93 -40.34
C GLN B 646 -10.05 -1.91 -39.40
N THR B 647 -11.36 -1.98 -39.54
CA THR B 647 -12.21 -3.01 -38.94
C THR B 647 -12.93 -3.84 -39.98
N LYS B 648 -12.64 -3.63 -41.26
CA LYS B 648 -13.38 -4.27 -42.34
C LYS B 648 -12.83 -5.64 -42.69
N ILE B 649 -11.94 -6.18 -41.86
CA ILE B 649 -11.60 -7.59 -41.88
C ILE B 649 -11.56 -8.05 -40.44
N GLU B 650 -12.63 -8.67 -39.98
CA GLU B 650 -12.66 -9.05 -38.57
C GLU B 650 -11.70 -10.19 -38.30
N TYR B 651 -11.40 -10.39 -37.02
CA TYR B 651 -10.34 -11.29 -36.63
C TYR B 651 -10.47 -11.61 -35.14
N GLY B 652 -9.72 -12.62 -34.72
CA GLY B 652 -9.75 -13.01 -33.31
C GLY B 652 -9.01 -14.31 -33.09
N ALA B 653 -9.44 -15.01 -32.03
CA ALA B 653 -8.93 -16.32 -31.67
C ALA B 653 -9.95 -16.97 -30.76
N VAL B 654 -9.58 -18.03 -30.09
CA VAL B 654 -10.47 -18.72 -29.17
C VAL B 654 -10.27 -18.14 -27.77
N GLU B 655 -11.38 -18.07 -27.01
CA GLU B 655 -11.37 -17.58 -25.64
C GLU B 655 -10.36 -18.32 -24.77
N ASP B 656 -9.88 -17.69 -23.70
CA ASP B 656 -8.75 -18.17 -22.91
C ASP B 656 -7.54 -18.41 -23.80
N GLY B 657 -7.59 -17.92 -25.03
CA GLY B 657 -6.44 -18.00 -25.90
C GLY B 657 -5.28 -17.28 -25.27
N SER B 658 -4.19 -17.99 -25.00
CA SER B 658 -2.96 -17.29 -24.68
C SER B 658 -2.73 -16.20 -25.71
N THR B 659 -2.84 -16.57 -26.98
CA THR B 659 -2.87 -15.60 -28.07
C THR B 659 -3.82 -14.45 -27.74
N MET B 660 -5.10 -14.76 -27.52
CA MET B 660 -6.02 -13.76 -27.02
C MET B 660 -5.42 -13.02 -25.83
N THR B 661 -5.08 -13.77 -24.79
CA THR B 661 -4.39 -13.20 -23.64
C THR B 661 -3.21 -12.36 -24.09
N PHE B 662 -2.37 -12.90 -24.98
CA PHE B 662 -1.23 -12.13 -25.46
C PHE B 662 -1.69 -10.79 -26.02
N PHE B 663 -2.61 -10.81 -26.96
CA PHE B 663 -3.15 -9.56 -27.48
C PHE B 663 -3.88 -8.78 -26.40
N LYS B 664 -4.51 -9.48 -25.45
CA LYS B 664 -5.00 -8.79 -24.28
C LYS B 664 -3.86 -8.19 -23.47
N LYS B 665 -2.73 -8.88 -23.40
CA LYS B 665 -1.60 -8.45 -22.60
C LYS B 665 -0.55 -7.76 -23.46
N SER B 666 -0.96 -7.04 -24.49
CA SER B 666 -0.06 -6.42 -25.43
C SER B 666 0.07 -4.94 -25.16
N LYS B 667 1.28 -4.41 -25.39
CA LYS B 667 1.56 -2.98 -25.30
C LYS B 667 2.19 -2.51 -26.61
N ILE B 668 1.59 -2.89 -27.73
CA ILE B 668 2.18 -2.69 -29.05
C ILE B 668 1.14 -1.97 -29.90
N SER B 669 1.40 -0.70 -30.22
CA SER B 669 0.35 0.17 -30.73
C SER B 669 -0.28 -0.34 -32.02
N THR B 670 0.28 -1.36 -32.65
CA THR B 670 -0.51 -2.13 -33.60
C THR B 670 -1.34 -3.18 -32.87
N TYR B 671 -0.68 -4.12 -32.22
CA TYR B 671 -1.39 -5.22 -31.58
C TYR B 671 -2.26 -4.70 -30.45
N ASP B 672 -1.75 -3.75 -29.67
CA ASP B 672 -2.57 -3.09 -28.67
C ASP B 672 -3.87 -2.63 -29.30
N LYS B 673 -3.76 -1.92 -30.42
CA LYS B 673 -4.96 -1.53 -31.15
C LYS B 673 -5.73 -2.75 -31.62
N MET B 674 -5.02 -3.78 -32.09
CA MET B 674 -5.71 -4.97 -32.57
C MET B 674 -6.54 -5.61 -31.47
N TRP B 675 -6.09 -5.54 -30.22
CA TRP B 675 -6.93 -6.03 -29.14
C TRP B 675 -8.22 -5.24 -29.06
N ALA B 676 -8.10 -3.93 -28.82
CA ALA B 676 -9.23 -3.06 -28.53
C ALA B 676 -10.39 -3.34 -29.47
N PHE B 677 -10.06 -3.68 -30.71
CA PHE B 677 -11.08 -4.17 -31.63
C PHE B 677 -11.82 -5.36 -31.04
N MET B 678 -11.10 -6.45 -30.80
CA MET B 678 -11.74 -7.70 -30.40
C MET B 678 -12.67 -7.49 -29.22
N SER B 679 -12.11 -7.11 -28.08
CA SER B 679 -12.89 -7.19 -26.86
C SER B 679 -14.08 -6.26 -26.87
N SER B 680 -14.28 -5.51 -27.95
CA SER B 680 -15.56 -4.84 -28.18
C SER B 680 -16.56 -5.76 -28.85
N ARG B 681 -16.11 -6.58 -29.79
CA ARG B 681 -16.96 -7.53 -30.50
C ARG B 681 -16.64 -8.95 -30.08
N ARG B 682 -16.39 -9.16 -28.79
CA ARG B 682 -15.87 -10.42 -28.27
C ARG B 682 -16.48 -11.65 -28.93
N GLN B 683 -17.79 -11.61 -29.17
CA GLN B 683 -18.53 -12.84 -29.46
C GLN B 683 -18.43 -13.23 -30.92
N SER B 684 -18.64 -12.28 -31.82
CA SER B 684 -18.51 -12.53 -33.24
C SER B 684 -17.11 -12.96 -33.64
N VAL B 685 -16.10 -12.61 -32.84
CA VAL B 685 -14.72 -12.85 -33.19
C VAL B 685 -14.16 -14.08 -32.51
N LEU B 686 -14.58 -14.34 -31.27
CA LEU B 686 -14.06 -15.45 -30.49
C LEU B 686 -14.90 -16.69 -30.75
N VAL B 687 -14.24 -17.80 -31.03
CA VAL B 687 -14.92 -19.05 -31.30
C VAL B 687 -14.54 -20.05 -30.21
N LYS B 688 -15.04 -21.27 -30.32
CA LYS B 688 -14.78 -22.27 -29.30
C LYS B 688 -13.65 -23.22 -29.66
N SER B 689 -13.29 -23.33 -30.93
CA SER B 689 -12.21 -24.21 -31.35
C SER B 689 -11.51 -23.59 -32.55
N SER B 690 -10.39 -24.18 -32.92
CA SER B 690 -9.79 -23.84 -34.20
C SER B 690 -10.76 -24.14 -35.33
N GLU B 691 -11.28 -25.37 -35.36
CA GLU B 691 -12.14 -25.83 -36.44
C GLU B 691 -13.33 -24.91 -36.66
N GLU B 692 -14.09 -24.67 -35.60
CA GLU B 692 -15.20 -23.73 -35.67
C GLU B 692 -14.77 -22.42 -36.31
N GLY B 693 -13.70 -21.82 -35.79
CA GLY B 693 -13.25 -20.55 -36.30
C GLY B 693 -12.88 -20.61 -37.77
N ILE B 694 -12.37 -21.75 -38.23
CA ILE B 694 -12.03 -21.91 -39.64
C ILE B 694 -13.24 -21.56 -40.51
N GLN B 695 -14.42 -21.96 -40.06
CA GLN B 695 -15.63 -21.58 -40.79
C GLN B 695 -15.85 -20.08 -40.79
N ARG B 696 -15.51 -19.41 -39.68
CA ARG B 696 -15.56 -17.95 -39.69
C ARG B 696 -14.70 -17.39 -40.80
N VAL B 697 -13.60 -18.06 -41.13
CA VAL B 697 -12.84 -17.67 -42.31
C VAL B 697 -13.67 -17.96 -43.55
N LEU B 698 -14.50 -18.99 -43.51
CA LEU B 698 -15.29 -19.37 -44.67
C LEU B 698 -16.68 -18.78 -44.65
N THR B 699 -17.22 -18.47 -43.48
CA THR B 699 -18.55 -17.85 -43.43
C THR B 699 -18.49 -16.36 -43.75
N SER B 700 -17.35 -15.72 -43.54
CA SER B 700 -17.24 -14.28 -43.75
C SER B 700 -15.78 -13.93 -44.03
N ASP B 701 -15.57 -12.69 -44.44
CA ASP B 701 -14.22 -12.14 -44.52
C ASP B 701 -13.69 -12.03 -43.11
N TYR B 702 -12.86 -13.00 -42.71
CA TYR B 702 -12.48 -13.09 -41.31
C TYR B 702 -11.14 -13.81 -41.23
N ALA B 703 -10.08 -13.07 -40.97
CA ALA B 703 -8.83 -13.73 -40.66
C ALA B 703 -8.93 -14.38 -39.29
N LEU B 704 -7.92 -15.17 -38.93
CA LEU B 704 -7.95 -15.79 -37.61
C LEU B 704 -6.53 -15.98 -37.11
N LEU B 705 -6.34 -15.70 -35.83
CA LEU B 705 -5.04 -15.83 -35.20
C LEU B 705 -4.81 -17.25 -34.72
N MET B 706 -3.60 -17.76 -34.97
CA MET B 706 -3.31 -19.15 -34.72
C MET B 706 -1.84 -19.30 -34.37
N GLU B 707 -1.54 -20.39 -33.68
CA GLU B 707 -0.16 -20.81 -33.46
C GLU B 707 0.38 -21.45 -34.74
N SER B 708 1.67 -21.20 -35.00
CA SER B 708 2.20 -21.36 -36.35
C SER B 708 2.02 -22.78 -36.88
N THR B 709 2.51 -23.76 -36.14
CA THR B 709 2.57 -25.13 -36.66
C THR B 709 1.19 -25.63 -37.05
N THR B 710 0.17 -25.22 -36.30
CA THR B 710 -1.19 -25.60 -36.65
C THR B 710 -1.52 -25.16 -38.07
N ILE B 711 -0.99 -24.02 -38.47
CA ILE B 711 -1.57 -23.25 -39.57
C ILE B 711 -1.42 -24.00 -40.88
N GLU B 712 -0.17 -24.22 -41.31
CA GLU B 712 0.08 -24.75 -42.64
C GLU B 712 -0.76 -25.99 -42.88
N PHE B 713 -0.61 -26.99 -42.00
CA PHE B 713 -1.46 -28.16 -42.02
C PHE B 713 -2.91 -27.80 -42.25
N VAL B 714 -3.44 -26.87 -41.45
CA VAL B 714 -4.83 -26.47 -41.60
C VAL B 714 -5.08 -26.03 -43.03
N THR B 715 -4.14 -25.29 -43.62
CA THR B 715 -4.23 -25.03 -45.06
C THR B 715 -3.94 -26.30 -45.85
N GLN B 716 -2.95 -27.08 -45.45
CA GLN B 716 -2.63 -28.31 -46.17
C GLN B 716 -3.83 -29.22 -46.28
N ARG B 717 -4.76 -29.12 -45.34
CA ARG B 717 -6.00 -29.88 -45.38
C ARG B 717 -7.16 -29.09 -45.94
N ASN B 718 -6.90 -27.89 -46.47
CA ASN B 718 -7.96 -27.14 -47.14
C ASN B 718 -7.34 -26.18 -48.13
N CYS B 719 -7.58 -26.42 -49.41
CA CYS B 719 -7.11 -25.55 -50.48
C CYS B 719 -8.09 -24.41 -50.75
N ASN B 720 -8.87 -24.04 -49.74
CA ASN B 720 -9.68 -22.85 -49.77
C ASN B 720 -9.13 -21.74 -48.87
N LEU B 721 -7.96 -21.94 -48.27
CA LEU B 721 -7.42 -21.01 -47.30
C LEU B 721 -5.96 -20.75 -47.60
N THR B 722 -5.40 -19.76 -46.91
CA THR B 722 -3.98 -19.45 -47.00
C THR B 722 -3.59 -18.68 -45.74
N GLN B 723 -2.30 -18.46 -45.59
CA GLN B 723 -1.75 -17.87 -44.38
C GLN B 723 -1.21 -16.47 -44.64
N ILE B 724 -1.41 -15.60 -43.66
CA ILE B 724 -1.09 -14.19 -43.77
C ILE B 724 0.15 -13.91 -42.94
N GLY B 725 1.03 -13.06 -43.47
CA GLY B 725 2.13 -12.49 -42.70
C GLY B 725 3.10 -13.48 -42.09
N GLY B 726 4.10 -12.96 -41.40
CA GLY B 726 5.12 -13.78 -40.80
C GLY B 726 4.64 -14.37 -39.49
N LEU B 727 5.48 -14.32 -38.47
CA LEU B 727 5.09 -14.78 -37.14
C LEU B 727 5.06 -13.60 -36.18
N ILE B 728 3.93 -13.44 -35.51
CA ILE B 728 3.71 -12.31 -34.61
C ILE B 728 4.76 -12.30 -33.52
N ASP B 729 5.19 -13.48 -33.11
CA ASP B 729 6.01 -13.71 -31.93
C ASP B 729 6.60 -15.11 -32.07
N SER B 730 7.16 -15.64 -30.99
CA SER B 730 7.61 -17.03 -31.04
C SER B 730 7.53 -17.65 -29.65
N LYS B 731 7.20 -18.94 -29.63
CA LYS B 731 7.01 -19.69 -28.41
C LYS B 731 7.04 -21.17 -28.77
N GLY B 732 6.59 -22.03 -27.86
CA GLY B 732 6.60 -23.45 -28.16
C GLY B 732 5.41 -24.16 -27.54
N TYR B 733 5.36 -25.46 -27.77
CA TYR B 733 4.47 -26.35 -27.05
C TYR B 733 5.21 -26.96 -25.88
N GLY B 734 4.47 -27.19 -24.79
CA GLY B 734 5.02 -27.81 -23.61
C GLY B 734 4.14 -28.98 -23.16
N VAL B 735 4.63 -29.69 -22.15
CA VAL B 735 3.94 -30.83 -21.58
C VAL B 735 3.48 -30.44 -20.19
N GLY B 736 2.18 -30.58 -19.94
CA GLY B 736 1.59 -29.99 -18.75
C GLY B 736 1.73 -30.87 -17.52
N THR B 737 2.31 -30.30 -16.46
CA THR B 737 2.38 -30.89 -15.13
C THR B 737 2.16 -29.77 -14.12
N PRO B 738 1.86 -30.08 -12.85
CA PRO B 738 1.79 -29.02 -11.83
C PRO B 738 3.15 -28.40 -11.56
N MET B 739 3.13 -27.33 -10.77
CA MET B 739 4.31 -26.51 -10.51
C MET B 739 5.43 -27.26 -9.80
N GLY B 740 6.55 -27.48 -10.49
CA GLY B 740 7.65 -28.20 -9.89
C GLY B 740 7.30 -29.59 -9.45
N SER B 741 6.23 -30.16 -9.99
CA SER B 741 5.82 -31.52 -9.63
C SER B 741 6.68 -32.50 -10.41
N PRO B 742 7.43 -33.36 -9.75
CA PRO B 742 8.67 -33.91 -10.33
C PRO B 742 8.45 -34.94 -11.44
N TYR B 743 7.22 -35.11 -11.88
CA TYR B 743 6.97 -35.94 -13.05
C TYR B 743 7.76 -35.44 -14.25
N ARG B 744 7.82 -34.11 -14.40
CA ARG B 744 8.53 -33.47 -15.51
C ARG B 744 9.97 -33.90 -15.62
N ASP B 745 10.56 -34.40 -14.53
CA ASP B 745 12.01 -34.52 -14.49
C ASP B 745 12.51 -35.55 -15.49
N LYS B 746 11.74 -36.61 -15.73
CA LYS B 746 12.05 -37.49 -16.85
C LYS B 746 11.46 -36.95 -18.15
N ILE B 747 10.32 -36.26 -18.04
CA ILE B 747 9.82 -35.48 -19.17
C ILE B 747 10.87 -34.44 -19.59
N THR B 748 11.60 -33.91 -18.61
CA THR B 748 12.71 -33.01 -18.92
C THR B 748 13.74 -33.72 -19.79
N ILE B 749 13.79 -35.04 -19.72
CA ILE B 749 14.78 -35.84 -20.42
C ILE B 749 14.15 -36.59 -21.59
N ALA B 750 13.06 -37.32 -21.32
CA ALA B 750 12.56 -38.34 -22.24
C ALA B 750 12.05 -37.74 -23.54
N ILE B 751 11.64 -36.47 -23.52
CA ILE B 751 11.23 -35.81 -24.75
C ILE B 751 12.40 -35.71 -25.71
N LEU B 752 13.46 -35.03 -25.27
CA LEU B 752 14.54 -34.62 -26.17
C LEU B 752 14.99 -35.76 -27.04
N GLN B 753 15.48 -36.82 -26.40
CA GLN B 753 16.10 -37.94 -27.10
C GLN B 753 15.33 -38.31 -28.34
N LEU B 754 14.00 -38.40 -28.24
CA LEU B 754 13.18 -38.86 -29.36
C LEU B 754 13.21 -37.85 -30.50
N GLN B 755 13.18 -36.56 -30.18
CA GLN B 755 13.43 -35.53 -31.18
C GLN B 755 14.90 -35.20 -31.31
N GLU B 756 15.68 -35.40 -30.24
CA GLU B 756 17.12 -35.41 -30.41
C GLU B 756 17.51 -36.49 -31.42
N GLU B 757 16.78 -37.61 -31.42
CA GLU B 757 16.77 -38.50 -32.57
C GLU B 757 16.10 -37.82 -33.75
N GLY B 758 14.81 -37.52 -33.61
CA GLY B 758 14.02 -36.92 -34.66
C GLY B 758 12.65 -37.54 -34.84
N LYS B 759 12.29 -38.50 -33.99
CA LYS B 759 10.99 -39.16 -34.09
C LYS B 759 9.86 -38.15 -34.19
N LEU B 760 9.74 -37.28 -33.17
CA LEU B 760 8.65 -36.31 -33.14
C LEU B 760 8.57 -35.52 -34.44
N HIS B 761 9.72 -35.18 -35.01
CA HIS B 761 9.71 -34.44 -36.27
C HIS B 761 9.21 -35.33 -37.41
N MET B 762 9.72 -36.55 -37.49
CA MET B 762 9.14 -37.52 -38.39
C MET B 762 7.72 -37.88 -37.96
N MET B 763 7.41 -37.75 -36.67
CA MET B 763 6.02 -37.76 -36.26
C MET B 763 5.32 -36.46 -36.62
N LYS B 764 6.00 -35.33 -36.42
CA LYS B 764 5.52 -34.09 -36.99
C LYS B 764 5.24 -34.28 -38.48
N GLU B 765 6.18 -34.90 -39.19
CA GLU B 765 5.91 -35.33 -40.55
C GLU B 765 4.64 -36.17 -40.59
N LYS B 766 4.50 -37.12 -39.66
CA LYS B 766 3.39 -38.06 -39.71
C LYS B 766 2.03 -37.35 -39.68
N TRP B 767 1.79 -36.58 -38.63
CA TRP B 767 0.50 -35.92 -38.49
C TRP B 767 0.42 -34.60 -39.25
N TRP B 768 1.54 -34.10 -39.76
CA TRP B 768 1.59 -32.93 -40.63
C TRP B 768 2.13 -33.30 -41.99
N ARG B 769 1.68 -34.43 -42.51
CA ARG B 769 1.87 -34.72 -43.92
C ARG B 769 1.09 -33.67 -44.68
N GLY B 770 1.77 -32.72 -45.30
CA GLY B 770 1.06 -31.65 -45.96
C GLY B 770 0.49 -32.14 -47.27
N ASN B 771 -0.41 -33.11 -47.16
CA ASN B 771 -1.00 -33.72 -48.34
C ASN B 771 -1.95 -32.73 -48.97
N GLY B 772 -1.50 -32.06 -50.03
CA GLY B 772 -2.34 -31.20 -50.83
C GLY B 772 -1.87 -29.76 -50.80
N CYS B 773 -2.70 -28.89 -51.39
CA CYS B 773 -2.58 -27.44 -51.43
C CYS B 773 -1.13 -27.02 -51.61
N PRO B 774 -0.51 -27.29 -52.76
CA PRO B 774 0.95 -27.15 -52.86
C PRO B 774 1.43 -25.73 -52.56
N GLU B 775 2.34 -25.65 -51.59
CA GLU B 775 3.05 -24.41 -51.28
C GLU B 775 4.54 -24.55 -51.60
N GLN B 787 -10.09 -9.01 -66.67
CA GLN B 787 -11.36 -9.23 -66.01
C GLN B 787 -12.41 -8.29 -66.53
N ASN B 788 -12.78 -7.33 -65.68
CA ASN B 788 -13.57 -6.19 -66.13
C ASN B 788 -12.91 -5.54 -67.33
N ILE B 789 -11.64 -5.85 -67.53
CA ILE B 789 -10.94 -5.69 -68.80
C ILE B 789 -11.85 -6.18 -69.92
N GLY B 790 -12.30 -7.42 -69.82
CA GLY B 790 -12.91 -8.12 -70.93
C GLY B 790 -14.38 -7.88 -71.14
N GLY B 791 -15.07 -7.24 -70.19
CA GLY B 791 -16.52 -7.10 -70.26
C GLY B 791 -17.03 -6.44 -71.53
N ILE B 792 -16.15 -5.85 -72.34
CA ILE B 792 -16.55 -5.13 -73.54
C ILE B 792 -15.83 -5.64 -74.79
N PHE B 793 -14.76 -6.40 -74.64
CA PHE B 793 -14.25 -7.19 -75.76
C PHE B 793 -15.34 -7.95 -76.49
N ILE B 794 -16.44 -8.27 -75.80
CA ILE B 794 -17.54 -8.97 -76.44
C ILE B 794 -18.44 -8.01 -77.19
N VAL B 795 -18.73 -6.85 -76.59
CA VAL B 795 -19.45 -5.81 -77.31
C VAL B 795 -18.62 -5.33 -78.50
N LEU B 796 -17.30 -5.28 -78.31
CA LEU B 796 -16.38 -5.27 -79.43
C LEU B 796 -16.70 -6.37 -80.43
N ALA B 797 -16.83 -7.61 -79.95
CA ALA B 797 -17.12 -8.77 -80.77
C ALA B 797 -18.60 -8.88 -81.15
N ALA B 798 -19.39 -7.84 -80.87
CA ALA B 798 -20.83 -7.84 -81.12
C ALA B 798 -21.19 -7.12 -82.41
N GLY B 799 -20.61 -5.94 -82.63
CA GLY B 799 -20.86 -5.22 -83.87
C GLY B 799 -20.04 -5.71 -85.04
N LEU B 800 -18.98 -6.47 -84.77
CA LEU B 800 -18.21 -7.09 -85.84
C LEU B 800 -19.11 -7.91 -86.73
N VAL B 801 -19.72 -8.96 -86.17
CA VAL B 801 -20.59 -9.80 -86.96
C VAL B 801 -21.83 -9.02 -87.38
N LEU B 802 -22.31 -8.12 -86.52
CA LEU B 802 -23.48 -7.33 -86.84
C LEU B 802 -23.34 -6.56 -88.15
N SER B 803 -22.12 -6.37 -88.64
CA SER B 803 -21.96 -5.79 -89.96
C SER B 803 -22.03 -6.84 -91.05
N VAL B 804 -21.59 -8.06 -90.78
CA VAL B 804 -21.52 -9.08 -91.82
C VAL B 804 -22.91 -9.40 -92.36
N PHE B 805 -23.93 -9.31 -91.51
CA PHE B 805 -25.30 -9.60 -91.92
C PHE B 805 -26.04 -8.38 -92.43
N VAL B 806 -25.33 -7.33 -92.86
CA VAL B 806 -26.00 -6.12 -93.33
C VAL B 806 -26.40 -6.26 -94.79
N ALA B 807 -25.43 -6.39 -95.68
CA ALA B 807 -25.70 -6.33 -97.11
C ALA B 807 -25.68 -7.69 -97.78
N VAL B 808 -25.02 -8.68 -97.19
CA VAL B 808 -24.86 -9.97 -97.84
C VAL B 808 -25.24 -11.08 -96.87
N THR C 2 -53.23 -39.85 56.34
CA THR C 2 -53.76 -38.57 55.90
C THR C 2 -52.88 -37.46 56.42
N HIS C 3 -51.59 -37.76 56.52
CA HIS C 3 -50.68 -36.92 57.29
C HIS C 3 -50.81 -35.46 56.89
N VAL C 4 -50.97 -34.60 57.88
CA VAL C 4 -51.37 -33.22 57.66
C VAL C 4 -50.16 -32.40 57.26
N LEU C 5 -50.37 -31.43 56.37
CA LEU C 5 -49.34 -30.43 56.11
C LEU C 5 -49.91 -29.28 55.31
N ARG C 6 -49.44 -28.08 55.63
CA ARG C 6 -49.82 -26.87 54.93
C ARG C 6 -48.64 -26.31 54.14
N PHE C 7 -48.92 -25.91 52.92
CA PHE C 7 -47.94 -25.25 52.06
C PHE C 7 -48.29 -23.79 51.98
N GLY C 8 -47.45 -22.94 52.54
CA GLY C 8 -47.63 -21.53 52.35
C GLY C 8 -47.55 -21.19 50.88
N GLY C 9 -48.58 -20.54 50.36
CA GLY C 9 -48.50 -20.01 49.02
C GLY C 9 -48.75 -18.52 49.06
N ILE C 10 -47.73 -17.75 48.79
CA ILE C 10 -47.80 -16.30 48.89
C ILE C 10 -48.08 -15.77 47.50
N PHE C 11 -48.91 -14.74 47.39
CA PHE C 11 -49.31 -14.28 46.06
C PHE C 11 -49.46 -12.77 46.06
N GLU C 12 -48.44 -12.11 45.52
CA GLU C 12 -48.56 -10.71 45.14
C GLU C 12 -49.40 -10.64 43.87
N TYR C 13 -50.54 -9.98 43.99
CA TYR C 13 -51.66 -10.12 43.06
C TYR C 13 -52.19 -8.72 42.79
N VAL C 14 -53.33 -8.61 42.11
CA VAL C 14 -53.91 -7.28 41.84
C VAL C 14 -54.93 -7.01 42.94
N GLU C 15 -54.41 -6.67 44.13
CA GLU C 15 -55.07 -5.79 45.08
C GLU C 15 -56.44 -6.25 45.56
N SER C 16 -57.00 -7.26 44.90
CA SER C 16 -58.44 -7.50 44.88
C SER C 16 -58.67 -8.85 44.22
N GLY C 17 -59.93 -9.14 43.92
CA GLY C 17 -60.28 -10.35 43.22
C GLY C 17 -60.28 -10.13 41.72
N PRO C 18 -60.38 -11.22 40.95
CA PRO C 18 -60.46 -12.63 41.36
C PRO C 18 -59.15 -13.20 41.90
N MET C 19 -59.05 -14.52 41.86
CA MET C 19 -57.93 -15.24 42.42
C MET C 19 -56.72 -15.20 41.48
N GLY C 20 -55.58 -15.62 42.01
CA GLY C 20 -54.36 -15.58 41.24
C GLY C 20 -54.26 -16.73 40.26
N ALA C 21 -53.63 -16.45 39.12
CA ALA C 21 -53.39 -17.49 38.12
C ALA C 21 -52.56 -18.60 38.72
N GLU C 22 -51.34 -18.27 39.15
CA GLU C 22 -50.53 -19.22 39.88
C GLU C 22 -51.31 -19.82 41.04
N GLU C 23 -52.06 -18.98 41.75
CA GLU C 23 -52.80 -19.41 42.93
C GLU C 23 -53.59 -20.67 42.67
N LEU C 24 -54.39 -20.66 41.60
CA LEU C 24 -55.15 -21.85 41.26
C LEU C 24 -54.23 -23.02 41.03
N ALA C 25 -53.12 -22.79 40.31
CA ALA C 25 -52.17 -23.86 40.09
C ALA C 25 -51.47 -24.26 41.37
N PHE C 26 -51.58 -23.44 42.42
CA PHE C 26 -51.21 -23.89 43.74
C PHE C 26 -52.29 -24.73 44.37
N ARG C 27 -53.49 -24.73 43.81
CA ARG C 27 -54.62 -25.41 44.41
C ARG C 27 -54.95 -26.72 43.73
N PHE C 28 -55.01 -26.73 42.40
CA PHE C 28 -55.62 -27.88 41.74
C PHE C 28 -54.85 -29.16 42.03
N ALA C 29 -53.53 -29.06 42.16
CA ALA C 29 -52.76 -30.25 42.52
C ALA C 29 -53.22 -30.80 43.85
N VAL C 30 -53.59 -29.94 44.79
CA VAL C 30 -54.12 -30.42 46.06
C VAL C 30 -55.29 -31.37 45.80
N ASN C 31 -56.23 -30.95 44.96
CA ASN C 31 -57.23 -31.89 44.49
C ASN C 31 -56.58 -33.13 43.91
N THR C 32 -55.68 -32.93 42.94
CA THR C 32 -55.01 -34.05 42.30
C THR C 32 -54.31 -34.92 43.34
N ILE C 33 -53.77 -34.29 44.39
CA ILE C 33 -53.36 -35.02 45.57
C ILE C 33 -54.55 -35.70 46.21
N ASN C 34 -55.56 -34.91 46.56
CA ASN C 34 -56.67 -35.41 47.35
C ASN C 34 -57.31 -36.62 46.69
N ARG C 35 -57.29 -36.67 45.36
CA ARG C 35 -58.06 -37.66 44.61
C ARG C 35 -57.21 -38.81 44.09
N ASN C 36 -56.20 -38.49 43.29
CA ASN C 36 -55.38 -39.54 42.70
C ASN C 36 -54.59 -40.22 43.81
N ARG C 37 -55.05 -41.40 44.22
CA ARG C 37 -54.38 -42.09 45.30
C ARG C 37 -53.02 -42.63 44.89
N THR C 38 -52.68 -42.56 43.60
CA THR C 38 -51.35 -42.95 43.18
C THR C 38 -50.30 -42.17 43.95
N LEU C 39 -50.66 -40.97 44.40
CA LEU C 39 -49.75 -40.12 45.16
C LEU C 39 -50.37 -39.82 46.52
N LEU C 40 -49.55 -39.91 47.56
CA LEU C 40 -49.97 -39.67 48.93
C LEU C 40 -51.21 -40.47 49.30
N PRO C 41 -51.11 -41.79 49.42
CA PRO C 41 -52.28 -42.56 49.83
C PRO C 41 -52.56 -42.41 51.33
N ASN C 42 -51.50 -42.51 52.13
CA ASN C 42 -51.60 -42.35 53.57
C ASN C 42 -51.52 -40.90 53.99
N THR C 43 -51.61 -39.97 53.05
CA THR C 43 -51.30 -38.58 53.33
C THR C 43 -52.32 -37.68 52.64
N THR C 44 -52.59 -36.54 53.26
CA THR C 44 -53.48 -35.54 52.68
C THR C 44 -53.10 -34.19 53.26
N LEU C 45 -52.80 -33.23 52.40
CA LEU C 45 -52.15 -31.99 52.83
C LEU C 45 -53.08 -30.80 52.69
N THR C 46 -53.08 -29.95 53.70
CA THR C 46 -53.81 -28.70 53.66
C THR C 46 -52.91 -27.62 53.06
N TYR C 47 -53.40 -26.38 53.04
CA TYR C 47 -52.63 -25.30 52.45
C TYR C 47 -53.24 -23.96 52.84
N ASP C 48 -52.38 -22.95 52.89
CA ASP C 48 -52.75 -21.56 53.04
C ASP C 48 -52.42 -20.78 51.78
N THR C 49 -53.06 -19.63 51.62
CA THR C 49 -52.72 -18.68 50.56
C THR C 49 -52.74 -17.29 51.16
N GLN C 50 -51.56 -16.74 51.44
CA GLN C 50 -51.47 -15.34 51.83
C GLN C 50 -51.43 -14.50 50.57
N LYS C 51 -52.18 -13.40 50.58
CA LYS C 51 -52.29 -12.50 49.45
C LYS C 51 -51.75 -11.14 49.86
N ILE C 52 -50.84 -10.59 49.05
CA ILE C 52 -50.18 -9.34 49.38
C ILE C 52 -49.91 -8.51 48.14
N ASN C 53 -49.33 -7.34 48.33
CA ASN C 53 -49.09 -6.41 47.23
C ASN C 53 -47.80 -6.73 46.51
N LEU C 54 -47.84 -6.59 45.19
CA LEU C 54 -46.64 -6.77 44.39
C LEU C 54 -45.66 -5.65 44.68
N TYR C 55 -44.39 -6.03 44.81
CA TYR C 55 -43.30 -5.10 45.13
C TYR C 55 -43.53 -4.40 46.48
N ASP C 56 -43.49 -5.22 47.53
CA ASP C 56 -43.19 -4.70 48.86
C ASP C 56 -42.63 -5.86 49.68
N SER C 57 -41.37 -5.75 50.06
CA SER C 57 -40.68 -6.83 50.75
C SER C 57 -41.12 -6.92 52.20
N PHE C 58 -40.99 -5.81 52.92
CA PHE C 58 -41.42 -5.75 54.32
C PHE C 58 -42.78 -6.40 54.50
N GLU C 59 -43.77 -5.86 53.79
CA GLU C 59 -45.07 -6.52 53.63
C GLU C 59 -44.91 -8.01 53.35
N ALA C 60 -44.13 -8.35 52.32
CA ALA C 60 -43.93 -9.74 51.98
C ALA C 60 -43.17 -10.51 53.05
N SER C 61 -42.35 -9.81 53.84
CA SER C 61 -41.55 -10.50 54.83
C SER C 61 -42.43 -11.12 55.91
N LYS C 62 -43.49 -10.40 56.30
CA LYS C 62 -44.33 -10.82 57.40
C LYS C 62 -44.87 -12.23 57.17
N LYS C 63 -45.60 -12.42 56.08
CA LYS C 63 -46.27 -13.69 55.84
C LYS C 63 -45.30 -14.85 55.90
N ALA C 64 -44.06 -14.62 55.49
CA ALA C 64 -43.05 -15.67 55.62
C ALA C 64 -42.96 -16.16 57.06
N CYS C 65 -42.58 -15.27 57.97
CA CYS C 65 -42.59 -15.66 59.37
C CYS C 65 -44.00 -15.93 59.87
N ASP C 66 -44.98 -15.18 59.38
CA ASP C 66 -46.34 -15.32 59.92
C ASP C 66 -46.87 -16.72 59.66
N GLN C 67 -46.72 -17.20 58.43
CA GLN C 67 -47.04 -18.59 58.15
C GLN C 67 -46.29 -19.51 59.10
N LEU C 68 -45.00 -19.24 59.30
CA LEU C 68 -44.19 -20.09 60.14
C LEU C 68 -44.66 -20.09 61.57
N SER C 69 -45.34 -19.03 62.01
CA SER C 69 -46.01 -19.09 63.31
C SER C 69 -46.91 -20.32 63.39
N LEU C 70 -47.41 -20.78 62.26
CA LEU C 70 -48.04 -22.09 62.17
C LEU C 70 -47.08 -23.16 61.73
N GLY C 71 -46.01 -22.78 61.05
CA GLY C 71 -45.15 -23.76 60.44
C GLY C 71 -45.73 -24.20 59.14
N VAL C 72 -44.93 -24.17 58.08
CA VAL C 72 -45.29 -24.69 56.77
C VAL C 72 -44.09 -25.48 56.27
N ALA C 73 -44.33 -26.35 55.29
CA ALA C 73 -43.22 -27.15 54.77
C ALA C 73 -42.42 -26.39 53.71
N ALA C 74 -43.07 -26.09 52.59
CA ALA C 74 -42.41 -25.47 51.45
C ALA C 74 -43.27 -24.31 50.99
N ILE C 75 -42.90 -23.12 51.43
CA ILE C 75 -43.56 -21.92 50.95
C ILE C 75 -43.40 -21.88 49.44
N PHE C 76 -44.40 -21.39 48.74
CA PHE C 76 -44.26 -21.17 47.31
C PHE C 76 -44.29 -19.66 47.09
N GLY C 77 -43.13 -19.10 46.76
CA GLY C 77 -42.85 -17.72 47.06
C GLY C 77 -43.46 -16.75 46.08
N PRO C 78 -43.23 -15.47 46.34
CA PRO C 78 -43.66 -14.44 45.41
C PRO C 78 -42.87 -14.54 44.12
N SER C 79 -43.47 -14.11 43.04
CA SER C 79 -42.92 -14.34 41.72
C SER C 79 -42.17 -13.12 41.17
N HIS C 80 -41.67 -12.26 42.05
CA HIS C 80 -41.03 -11.01 41.60
C HIS C 80 -39.96 -10.61 42.59
N SER C 81 -38.74 -10.50 42.09
CA SER C 81 -37.55 -10.81 42.88
C SER C 81 -37.44 -9.92 44.11
N SER C 82 -37.82 -8.64 43.99
CA SER C 82 -37.73 -7.74 45.14
C SER C 82 -38.40 -8.36 46.36
N SER C 83 -39.35 -9.24 46.14
CA SER C 83 -39.91 -10.04 47.22
C SER C 83 -39.33 -11.43 47.28
N ALA C 84 -39.10 -12.06 46.13
CA ALA C 84 -38.71 -13.46 46.12
C ALA C 84 -37.47 -13.69 46.98
N ASN C 85 -36.46 -12.85 46.82
CA ASN C 85 -35.24 -13.02 47.59
C ASN C 85 -35.51 -12.86 49.07
N ALA C 86 -36.30 -11.86 49.44
CA ALA C 86 -36.66 -11.67 50.84
C ALA C 86 -37.12 -12.98 51.46
N VAL C 87 -38.09 -13.63 50.83
CA VAL C 87 -38.50 -14.95 51.28
C VAL C 87 -37.32 -15.90 51.26
N GLN C 88 -36.60 -15.92 50.15
CA GLN C 88 -35.42 -16.77 50.06
C GLN C 88 -34.43 -16.43 51.17
N SER C 89 -34.31 -15.14 51.48
CA SER C 89 -33.43 -14.72 52.57
C SER C 89 -33.81 -15.36 53.88
N ILE C 90 -35.02 -15.89 53.98
CA ILE C 90 -35.53 -16.50 55.19
C ILE C 90 -35.44 -18.01 55.13
N CYS C 91 -35.84 -18.59 54.01
CA CYS C 91 -36.07 -20.02 53.94
C CYS C 91 -34.85 -20.81 54.41
N ASN C 92 -33.73 -20.67 53.70
CA ASN C 92 -32.54 -21.35 54.17
C ASN C 92 -32.01 -20.69 55.43
N ALA C 93 -32.36 -19.45 55.70
CA ALA C 93 -32.00 -18.88 56.99
C ALA C 93 -32.81 -19.48 58.12
N LEU C 94 -33.86 -20.25 57.81
CA LEU C 94 -34.61 -20.97 58.81
C LEU C 94 -34.71 -22.44 58.47
N GLY C 95 -33.74 -22.95 57.73
CA GLY C 95 -33.74 -24.36 57.43
C GLY C 95 -34.87 -24.83 56.54
N VAL C 96 -35.76 -23.94 56.12
CA VAL C 96 -36.95 -24.35 55.40
C VAL C 96 -36.67 -24.37 53.91
N PRO C 97 -37.00 -25.45 53.20
CA PRO C 97 -36.91 -25.44 51.75
C PRO C 97 -38.01 -24.60 51.13
N HIS C 98 -37.75 -24.16 49.90
CA HIS C 98 -38.56 -23.16 49.25
C HIS C 98 -38.66 -23.49 47.76
N ILE C 99 -39.81 -23.23 47.18
CA ILE C 99 -40.07 -23.59 45.79
C ILE C 99 -40.48 -22.33 45.05
N GLN C 100 -39.90 -22.13 43.88
CA GLN C 100 -40.02 -20.88 43.15
C GLN C 100 -40.39 -21.18 41.70
N THR C 101 -41.02 -20.21 41.06
CA THR C 101 -41.49 -20.40 39.68
C THR C 101 -40.81 -19.47 38.70
N ARG C 102 -40.85 -18.17 38.92
CA ARG C 102 -40.22 -17.29 37.97
C ARG C 102 -38.72 -17.35 38.13
N TRP C 103 -38.02 -16.98 37.06
CA TRP C 103 -36.65 -16.53 37.21
C TRP C 103 -36.63 -15.29 38.09
N LYS C 104 -35.50 -15.04 38.74
CA LYS C 104 -35.38 -13.88 39.59
C LYS C 104 -33.97 -13.33 39.50
N HIS C 105 -33.76 -12.16 40.11
CA HIS C 105 -32.62 -11.32 39.81
C HIS C 105 -31.36 -11.98 40.33
N GLN C 106 -31.07 -13.17 39.82
CA GLN C 106 -30.08 -14.07 40.40
C GLN C 106 -28.84 -13.32 40.84
N VAL C 107 -28.38 -13.63 42.04
CA VAL C 107 -27.21 -13.00 42.61
C VAL C 107 -26.10 -14.03 42.59
N SER C 108 -24.86 -13.55 42.57
CA SER C 108 -23.71 -14.43 42.39
C SER C 108 -23.70 -15.53 43.44
N ASP C 109 -23.58 -15.17 44.70
CA ASP C 109 -23.21 -16.16 45.70
C ASP C 109 -24.05 -16.01 46.96
N ASN C 110 -25.34 -15.80 46.79
CA ASN C 110 -26.24 -15.89 47.93
C ASN C 110 -26.20 -17.32 48.45
N LYS C 111 -25.86 -17.46 49.72
CA LYS C 111 -25.51 -18.76 50.28
C LYS C 111 -26.70 -19.58 50.67
N ASP C 112 -27.88 -19.24 50.21
CA ASP C 112 -29.00 -20.13 50.44
C ASP C 112 -28.87 -21.34 49.52
N SER C 113 -29.44 -22.45 49.98
CA SER C 113 -29.50 -23.67 49.20
C SER C 113 -30.84 -24.36 49.35
N PHE C 114 -31.77 -23.79 50.11
CA PHE C 114 -33.09 -24.34 50.30
C PHE C 114 -34.11 -23.76 49.33
N TYR C 115 -33.68 -23.41 48.14
CA TYR C 115 -34.56 -22.87 47.12
C TYR C 115 -34.25 -23.56 45.81
N VAL C 116 -35.31 -23.92 45.09
CA VAL C 116 -35.17 -24.45 43.75
C VAL C 116 -36.21 -23.76 42.89
N SER C 117 -36.31 -24.16 41.63
CA SER C 117 -37.42 -23.71 40.82
C SER C 117 -37.53 -24.62 39.62
N LEU C 118 -38.76 -24.98 39.28
CA LEU C 118 -38.99 -25.80 38.10
C LEU C 118 -38.72 -25.05 36.81
N TYR C 119 -38.34 -23.79 36.89
CA TYR C 119 -38.22 -22.98 35.70
C TYR C 119 -36.87 -23.21 35.02
N PRO C 120 -36.81 -23.18 33.70
CA PRO C 120 -35.55 -23.42 33.01
C PRO C 120 -34.64 -22.22 33.16
N ASP C 121 -33.40 -22.47 33.59
CA ASP C 121 -32.49 -21.36 33.79
C ASP C 121 -32.28 -20.60 32.48
N PHE C 122 -32.26 -19.27 32.57
CA PHE C 122 -32.04 -18.42 31.40
C PHE C 122 -30.84 -18.85 30.59
N SER C 123 -29.75 -19.23 31.26
CA SER C 123 -28.57 -19.65 30.52
C SER C 123 -28.94 -20.67 29.46
N SER C 124 -29.60 -21.75 29.88
CA SER C 124 -30.07 -22.72 28.91
C SER C 124 -30.94 -22.06 27.86
N LEU C 125 -31.91 -21.27 28.31
CA LEU C 125 -32.74 -20.50 27.39
C LEU C 125 -31.87 -19.65 26.47
N SER C 126 -31.10 -18.74 27.07
CA SER C 126 -30.25 -17.87 26.27
C SER C 126 -29.35 -18.68 25.35
N ARG C 127 -28.80 -19.77 25.86
CA ARG C 127 -28.06 -20.67 24.97
C ARG C 127 -28.97 -21.20 23.88
N ALA C 128 -30.25 -21.46 24.23
CA ALA C 128 -31.13 -22.15 23.30
C ALA C 128 -31.45 -21.28 22.09
N ILE C 129 -31.81 -20.03 22.33
CA ILE C 129 -31.92 -19.08 21.23
C ILE C 129 -30.65 -19.08 20.41
N LEU C 130 -29.52 -19.07 21.11
CA LEU C 130 -28.23 -18.99 20.44
C LEU C 130 -28.05 -20.20 19.55
N ASP C 131 -28.49 -21.37 20.00
CA ASP C 131 -28.64 -22.49 19.09
C ASP C 131 -29.48 -22.07 17.90
N LEU C 132 -30.66 -21.54 18.18
CA LEU C 132 -31.65 -21.30 17.14
C LEU C 132 -31.14 -20.31 16.11
N VAL C 133 -30.63 -19.18 16.56
CA VAL C 133 -30.25 -18.13 15.63
C VAL C 133 -29.17 -18.66 14.70
N GLN C 134 -28.04 -19.06 15.28
CA GLN C 134 -26.96 -19.65 14.51
C GLN C 134 -27.47 -20.78 13.63
N PHE C 135 -28.51 -21.49 14.07
CA PHE C 135 -29.18 -22.44 13.19
C PHE C 135 -29.77 -21.74 11.99
N PHE C 136 -30.48 -20.65 12.20
CA PHE C 136 -31.05 -19.89 11.11
C PHE C 136 -30.01 -19.10 10.35
N LYS C 137 -28.74 -19.26 10.70
CA LYS C 137 -27.66 -18.59 10.01
C LYS C 137 -27.80 -17.08 10.02
N TRP C 138 -28.63 -16.56 10.90
CA TRP C 138 -28.83 -15.13 10.94
C TRP C 138 -27.55 -14.42 11.31
N LYS C 139 -27.44 -13.17 10.89
CA LYS C 139 -26.30 -12.35 11.24
C LYS C 139 -26.66 -11.09 12.00
N THR C 140 -27.57 -10.29 11.47
CA THR C 140 -27.85 -8.98 12.05
C THR C 140 -29.13 -9.06 12.87
N VAL C 141 -28.99 -9.57 14.07
CA VAL C 141 -30.14 -9.73 14.94
C VAL C 141 -30.32 -8.46 15.73
N THR C 142 -31.53 -8.26 16.24
CA THR C 142 -31.80 -7.15 17.15
C THR C 142 -32.56 -7.70 18.34
N VAL C 143 -31.95 -7.69 19.48
CA VAL C 143 -32.66 -8.09 20.68
C VAL C 143 -33.48 -6.90 21.15
N VAL C 144 -34.68 -7.19 21.64
CA VAL C 144 -35.60 -6.16 22.06
C VAL C 144 -36.21 -6.58 23.39
N TYR C 145 -35.99 -5.79 24.43
CA TYR C 145 -36.58 -6.08 25.71
C TYR C 145 -37.35 -4.87 26.22
N ASP C 146 -37.82 -4.97 27.46
CA ASP C 146 -38.40 -3.85 28.18
C ASP C 146 -37.65 -3.52 29.45
N ASP C 147 -37.34 -4.53 30.27
CA ASP C 147 -36.74 -4.32 31.57
C ASP C 147 -35.26 -4.65 31.55
N SER C 148 -34.51 -3.94 32.38
CA SER C 148 -33.06 -4.12 32.43
C SER C 148 -32.70 -5.59 32.66
N THR C 149 -33.44 -6.26 33.52
CA THR C 149 -33.16 -7.65 33.80
C THR C 149 -33.24 -8.52 32.56
N GLY C 150 -33.84 -8.01 31.48
CA GLY C 150 -33.82 -8.75 30.24
C GLY C 150 -32.42 -8.98 29.74
N LEU C 151 -31.49 -8.09 30.09
CA LEU C 151 -30.10 -8.32 29.73
C LEU C 151 -29.59 -9.59 30.36
N ILE C 152 -29.63 -9.66 31.69
CA ILE C 152 -29.18 -10.85 32.40
C ILE C 152 -29.97 -12.04 31.91
N ARG C 153 -31.19 -11.81 31.50
CA ARG C 153 -31.95 -12.85 30.86
C ARG C 153 -31.28 -13.34 29.60
N LEU C 154 -30.43 -12.51 28.99
CA LEU C 154 -29.96 -12.84 27.65
C LEU C 154 -28.47 -12.63 27.46
N GLN C 155 -27.69 -12.63 28.55
CA GLN C 155 -26.27 -12.33 28.36
C GLN C 155 -25.57 -13.47 27.60
N GLU C 156 -25.96 -14.72 27.87
CA GLU C 156 -25.36 -15.82 27.12
C GLU C 156 -25.49 -15.62 25.63
N LEU C 157 -26.38 -14.73 25.22
CA LEU C 157 -26.53 -14.36 23.83
C LEU C 157 -25.76 -13.11 23.49
N ILE C 158 -25.85 -12.08 24.33
CA ILE C 158 -25.17 -10.82 24.05
C ILE C 158 -23.68 -11.05 23.94
N LYS C 159 -23.14 -11.98 24.73
CA LYS C 159 -21.71 -12.23 24.69
C LYS C 159 -21.31 -12.90 23.39
N ALA C 160 -22.23 -13.63 22.77
CA ALA C 160 -21.86 -14.51 21.67
C ALA C 160 -21.15 -13.83 20.51
N PRO C 161 -21.57 -12.65 20.04
CA PRO C 161 -20.88 -12.05 18.88
C PRO C 161 -19.38 -11.99 19.01
N SER C 162 -18.87 -11.93 20.24
CA SER C 162 -17.44 -12.11 20.45
C SER C 162 -16.95 -13.48 20.03
N ARG C 163 -17.84 -14.36 19.66
CA ARG C 163 -17.47 -15.69 19.26
C ARG C 163 -18.06 -16.10 17.93
N TYR C 164 -19.29 -15.67 17.63
CA TYR C 164 -20.02 -16.07 16.45
C TYR C 164 -20.32 -14.84 15.64
N ASN C 165 -19.98 -14.85 14.37
CA ASN C 165 -20.02 -13.59 13.63
C ASN C 165 -21.46 -13.15 13.48
N LEU C 166 -21.87 -12.19 14.30
CA LEU C 166 -23.19 -11.60 14.26
C LEU C 166 -23.05 -10.12 14.46
N ARG C 167 -24.18 -9.44 14.46
CA ARG C 167 -24.27 -8.10 15.00
C ARG C 167 -25.62 -8.02 15.69
N LEU C 168 -25.69 -7.25 16.77
CA LEU C 168 -26.94 -7.15 17.49
C LEU C 168 -27.06 -5.78 18.12
N LYS C 169 -27.99 -4.98 17.60
CA LYS C 169 -28.37 -3.84 18.38
C LYS C 169 -29.27 -4.31 19.51
N ILE C 170 -29.46 -3.46 20.50
CA ILE C 170 -30.38 -3.77 21.59
C ILE C 170 -31.23 -2.55 21.86
N ARG C 171 -32.52 -2.76 22.00
CA ARG C 171 -33.46 -1.67 22.11
C ARG C 171 -34.49 -2.02 23.18
N GLN C 172 -35.03 -0.97 23.80
CA GLN C 172 -35.82 -1.16 25.01
C GLN C 172 -37.19 -0.50 24.89
N LEU C 173 -38.22 -1.26 25.21
CA LEU C 173 -39.57 -0.76 25.29
C LEU C 173 -39.70 0.17 26.49
N PRO C 174 -40.07 1.40 26.30
CA PRO C 174 -40.15 2.33 27.43
C PRO C 174 -41.30 2.05 28.38
N ALA C 175 -41.52 2.97 29.32
CA ALA C 175 -42.54 2.84 30.36
C ALA C 175 -43.89 2.40 29.79
N ASP C 176 -44.41 3.17 28.84
CA ASP C 176 -45.70 2.84 28.25
C ASP C 176 -45.53 1.83 27.11
N THR C 177 -46.60 1.09 26.87
CA THR C 177 -46.62 0.17 25.74
C THR C 177 -46.58 0.91 24.42
N LYS C 178 -47.37 1.99 24.31
CA LYS C 178 -47.46 2.73 23.06
C LYS C 178 -46.11 3.16 22.55
N ASP C 179 -45.15 3.36 23.47
CA ASP C 179 -43.86 3.94 23.15
C ASP C 179 -43.07 3.10 22.16
N ALA C 180 -43.59 1.95 21.75
CA ALA C 180 -42.92 1.13 20.75
C ALA C 180 -43.14 1.66 19.35
N LYS C 181 -44.26 2.32 19.10
CA LYS C 181 -44.48 2.97 17.81
C LYS C 181 -43.25 3.71 17.31
N PRO C 182 -42.56 4.53 18.11
CA PRO C 182 -41.27 5.03 17.65
C PRO C 182 -40.25 3.93 17.52
N LEU C 183 -40.19 3.02 18.49
CA LEU C 183 -39.20 1.96 18.41
C LEU C 183 -39.32 1.21 17.10
N LEU C 184 -40.52 0.70 16.83
CA LEU C 184 -40.80 0.07 15.55
C LEU C 184 -40.41 0.99 14.42
N LYS C 185 -40.75 2.28 14.57
CA LYS C 185 -40.38 3.27 13.57
C LYS C 185 -38.89 3.27 13.32
N GLU C 186 -38.09 3.31 14.40
CA GLU C 186 -36.64 3.17 14.24
C GLU C 186 -36.31 1.80 13.66
N MET C 187 -36.83 0.75 14.29
CA MET C 187 -36.65 -0.59 13.74
C MET C 187 -37.21 -0.70 12.34
N LYS C 188 -38.03 0.26 11.92
CA LYS C 188 -38.34 0.43 10.52
C LYS C 188 -37.26 1.26 9.84
N ARG C 189 -36.89 2.39 10.45
CA ARG C 189 -35.77 3.18 9.95
C ARG C 189 -34.54 2.31 9.75
N GLY C 190 -34.33 1.36 10.66
CA GLY C 190 -33.12 0.58 10.68
C GLY C 190 -33.10 -0.68 9.87
N LYS C 191 -34.27 -1.13 9.38
CA LYS C 191 -34.35 -2.31 8.53
C LYS C 191 -33.79 -3.53 9.27
N GLU C 192 -34.49 -3.92 10.32
CA GLU C 192 -34.09 -5.04 11.16
C GLU C 192 -35.07 -6.18 10.94
N PHE C 193 -34.61 -7.23 10.27
CA PHE C 193 -35.45 -8.32 9.81
C PHE C 193 -35.10 -9.63 10.50
N HIS C 194 -34.56 -9.56 11.70
CA HIS C 194 -34.40 -10.74 12.57
C HIS C 194 -34.50 -10.17 13.98
N VAL C 195 -35.70 -10.18 14.53
CA VAL C 195 -35.93 -9.49 15.79
C VAL C 195 -36.27 -10.51 16.86
N ILE C 196 -35.56 -10.44 17.97
CA ILE C 196 -35.86 -11.25 19.14
C ILE C 196 -36.70 -10.41 20.08
N PHE C 197 -37.81 -10.95 20.52
CA PHE C 197 -38.61 -10.30 21.52
C PHE C 197 -38.30 -10.90 22.87
N ASP C 198 -37.85 -10.06 23.80
CA ASP C 198 -37.70 -10.42 25.19
C ASP C 198 -38.70 -9.59 25.98
N CYS C 199 -39.91 -10.10 26.10
CA CYS C 199 -40.94 -9.47 26.91
C CYS C 199 -42.11 -10.42 27.04
N SER C 200 -42.73 -10.41 28.22
CA SER C 200 -43.98 -11.12 28.37
C SER C 200 -45.00 -10.57 27.39
N HIS C 201 -45.73 -11.48 26.76
CA HIS C 201 -46.71 -11.19 25.70
C HIS C 201 -47.52 -9.93 25.97
N GLU C 202 -47.90 -9.71 27.22
CA GLU C 202 -48.56 -8.47 27.61
C GLU C 202 -47.91 -7.31 26.90
N MET C 203 -46.58 -7.27 26.92
CA MET C 203 -45.89 -6.33 26.05
C MET C 203 -46.09 -6.75 24.60
N ALA C 204 -45.74 -8.00 24.28
CA ALA C 204 -45.58 -8.43 22.89
C ALA C 204 -46.91 -8.59 22.17
N ALA C 205 -47.74 -9.52 22.64
CA ALA C 205 -49.09 -9.64 22.11
C ALA C 205 -49.77 -8.29 22.14
N GLY C 206 -49.45 -7.45 23.12
CA GLY C 206 -49.93 -6.10 23.16
C GLY C 206 -49.30 -5.17 22.16
N ILE C 207 -48.24 -5.61 21.48
CA ILE C 207 -47.58 -4.73 20.52
C ILE C 207 -47.49 -5.32 19.13
N LEU C 208 -47.54 -6.64 18.98
CA LEU C 208 -47.57 -7.25 17.66
C LEU C 208 -48.64 -6.60 16.81
N LYS C 209 -49.76 -6.23 17.44
CA LYS C 209 -50.72 -5.36 16.79
C LYS C 209 -50.01 -4.21 16.11
N GLN C 210 -49.28 -3.42 16.90
CA GLN C 210 -48.67 -2.23 16.36
C GLN C 210 -47.74 -2.53 15.20
N ALA C 211 -46.89 -3.54 15.36
CA ALA C 211 -46.06 -3.96 14.24
C ALA C 211 -46.92 -4.28 13.04
N LEU C 212 -47.96 -5.06 13.25
CA LEU C 212 -48.95 -5.28 12.22
C LEU C 212 -49.65 -3.98 11.85
N ALA C 213 -49.94 -3.15 12.85
CA ALA C 213 -50.56 -1.86 12.59
C ALA C 213 -49.60 -0.90 11.91
N MET C 214 -48.30 -1.19 11.94
CA MET C 214 -47.36 -0.56 11.05
C MET C 214 -47.24 -1.30 9.73
N GLY C 215 -48.00 -2.38 9.56
CA GLY C 215 -47.86 -3.19 8.38
C GLY C 215 -46.55 -3.90 8.27
N MET C 216 -45.74 -3.89 9.33
CA MET C 216 -44.45 -4.54 9.25
C MET C 216 -44.60 -6.02 8.99
N MET C 217 -45.65 -6.63 9.52
CA MET C 217 -45.66 -8.08 9.62
C MET C 217 -45.75 -8.73 8.26
N THR C 218 -44.61 -9.06 7.67
CA THR C 218 -44.55 -9.72 6.38
C THR C 218 -43.60 -10.88 6.47
N GLU C 219 -43.41 -11.54 5.35
CA GLU C 219 -42.50 -12.67 5.26
C GLU C 219 -41.04 -12.26 5.28
N TYR C 220 -40.73 -10.97 5.25
CA TYR C 220 -39.36 -10.55 5.46
C TYR C 220 -38.92 -10.86 6.88
N TYR C 221 -39.61 -10.30 7.86
CA TYR C 221 -39.22 -10.44 9.24
C TYR C 221 -39.32 -11.90 9.66
N HIS C 222 -38.70 -12.20 10.79
CA HIS C 222 -38.90 -13.50 11.41
C HIS C 222 -38.70 -13.34 12.92
N TYR C 223 -39.79 -13.08 13.62
CA TYR C 223 -39.66 -12.70 15.00
C TYR C 223 -39.43 -13.92 15.87
N ILE C 224 -38.86 -13.67 17.04
CA ILE C 224 -38.64 -14.71 18.03
C ILE C 224 -39.09 -14.18 19.37
N PHE C 225 -39.65 -15.05 20.19
CA PHE C 225 -40.21 -14.65 21.47
C PHE C 225 -39.53 -15.42 22.59
N THR C 226 -39.01 -14.69 23.56
CA THR C 226 -38.40 -15.35 24.71
C THR C 226 -39.43 -16.08 25.57
N THR C 227 -40.69 -15.69 25.48
CA THR C 227 -41.64 -16.15 26.47
C THR C 227 -41.86 -17.64 26.34
N LEU C 228 -42.47 -18.23 27.37
CA LEU C 228 -42.91 -19.61 27.29
C LEU C 228 -44.42 -19.75 27.17
N ASP C 229 -45.19 -18.73 27.52
CA ASP C 229 -46.62 -18.75 27.31
C ASP C 229 -46.97 -18.54 25.85
N LEU C 230 -45.99 -18.67 24.95
CA LEU C 230 -46.13 -18.36 23.54
C LEU C 230 -47.44 -18.85 22.95
N PHE C 231 -47.95 -19.98 23.43
CA PHE C 231 -49.18 -20.48 22.86
C PHE C 231 -50.33 -19.49 22.97
N ALA C 232 -50.25 -18.57 23.92
CA ALA C 232 -51.36 -17.70 24.28
C ALA C 232 -51.55 -16.52 23.34
N LEU C 233 -50.95 -16.55 22.16
CA LEU C 233 -51.19 -15.47 21.21
C LEU C 233 -52.46 -15.70 20.43
N ASP C 234 -53.23 -14.64 20.25
CA ASP C 234 -54.40 -14.69 19.38
C ASP C 234 -53.91 -14.62 17.93
N VAL C 235 -53.26 -15.71 17.53
CA VAL C 235 -52.44 -15.72 16.33
C VAL C 235 -53.22 -15.36 15.09
N GLU C 236 -54.48 -15.80 15.01
CA GLU C 236 -55.19 -15.85 13.73
C GLU C 236 -54.96 -14.65 12.82
N PRO C 237 -55.15 -13.39 13.24
CA PRO C 237 -54.96 -12.28 12.31
C PRO C 237 -53.60 -12.25 11.67
N TYR C 238 -52.70 -13.14 12.06
CA TYR C 238 -51.35 -13.15 11.54
C TYR C 238 -51.09 -14.26 10.54
N ARG C 239 -51.51 -15.50 10.85
CA ARG C 239 -51.08 -16.64 10.05
C ARG C 239 -51.43 -16.49 8.58
N TYR C 240 -52.19 -15.47 8.22
CA TYR C 240 -52.37 -15.08 6.83
C TYR C 240 -51.61 -13.81 6.49
N SER C 241 -50.60 -13.48 7.27
CA SER C 241 -49.63 -12.46 6.89
C SER C 241 -48.40 -13.05 6.23
N GLY C 242 -48.02 -14.26 6.63
CA GLY C 242 -46.87 -14.90 6.06
C GLY C 242 -45.58 -14.68 6.81
N VAL C 243 -45.63 -14.11 8.00
CA VAL C 243 -44.42 -13.94 8.78
C VAL C 243 -43.94 -15.30 9.25
N ASN C 244 -42.63 -15.44 9.41
CA ASN C 244 -42.11 -16.51 10.23
C ASN C 244 -42.07 -16.00 11.66
N MET C 245 -42.39 -16.88 12.60
CA MET C 245 -42.33 -16.55 14.02
C MET C 245 -41.84 -17.79 14.74
N THR C 246 -41.24 -17.60 15.92
CA THR C 246 -40.76 -18.78 16.62
C THR C 246 -40.57 -18.52 18.10
N GLY C 247 -40.85 -19.54 18.90
CA GLY C 247 -40.57 -19.54 20.30
C GLY C 247 -40.59 -20.96 20.81
N PHE C 248 -40.55 -21.10 22.13
CA PHE C 248 -40.44 -22.41 22.75
C PHE C 248 -41.62 -22.69 23.65
N ARG C 249 -41.80 -23.97 23.93
CA ARG C 249 -42.97 -24.44 24.66
C ARG C 249 -42.53 -25.65 25.48
N ILE C 250 -42.21 -25.42 26.75
CA ILE C 250 -42.00 -26.55 27.64
C ILE C 250 -43.32 -27.18 28.00
N LEU C 251 -44.40 -26.39 27.98
CA LEU C 251 -45.67 -26.95 28.38
C LEU C 251 -46.13 -27.91 27.29
N ASN C 252 -45.79 -29.18 27.48
CA ASN C 252 -46.04 -30.17 26.45
C ASN C 252 -47.53 -30.38 26.25
N THR C 253 -47.90 -30.73 25.02
CA THR C 253 -49.25 -31.16 24.69
C THR C 253 -49.31 -32.62 24.29
N GLU C 254 -48.20 -33.34 24.38
CA GLU C 254 -48.21 -34.76 24.01
C GLU C 254 -49.12 -35.55 24.93
N ASN C 255 -48.84 -35.52 26.22
CA ASN C 255 -49.68 -36.22 27.18
C ASN C 255 -51.12 -35.76 27.03
N THR C 256 -52.01 -36.71 26.76
CA THR C 256 -53.42 -36.38 26.78
C THR C 256 -53.86 -36.03 28.20
N GLN C 257 -53.31 -36.73 29.20
CA GLN C 257 -53.59 -36.34 30.58
C GLN C 257 -53.32 -34.86 30.77
N VAL C 258 -52.16 -34.40 30.28
CA VAL C 258 -51.92 -32.97 30.20
C VAL C 258 -53.07 -32.30 29.46
N SER C 259 -53.26 -32.68 28.19
CA SER C 259 -54.32 -32.12 27.38
C SER C 259 -55.66 -32.13 28.12
N SER C 260 -55.94 -33.22 28.83
CA SER C 260 -57.17 -33.31 29.60
C SER C 260 -57.18 -32.25 30.68
N ILE C 261 -56.16 -32.25 31.53
CA ILE C 261 -56.15 -31.36 32.69
C ILE C 261 -56.34 -29.92 32.25
N ILE C 262 -55.77 -29.56 31.10
CA ILE C 262 -55.92 -28.21 30.56
C ILE C 262 -57.39 -27.82 30.57
N GLU C 263 -58.21 -28.61 29.88
CA GLU C 263 -59.63 -28.29 29.80
C GLU C 263 -60.23 -28.19 31.19
N LYS C 264 -60.11 -29.26 31.99
CA LYS C 264 -60.63 -29.24 33.35
C LYS C 264 -60.13 -28.03 34.10
N TRP C 265 -58.83 -27.78 34.00
CA TRP C 265 -58.29 -26.49 34.39
C TRP C 265 -59.06 -25.37 33.72
N SER C 266 -59.05 -25.35 32.38
CA SER C 266 -59.70 -24.29 31.62
C SER C 266 -61.19 -24.21 31.91
N MET C 267 -61.79 -25.29 32.41
CA MET C 267 -63.17 -25.22 32.88
C MET C 267 -63.29 -24.25 34.04
N GLU C 268 -62.33 -24.30 34.95
CA GLU C 268 -62.28 -23.37 36.07
C GLU C 268 -61.35 -22.19 35.82
N ARG C 269 -60.38 -22.35 34.93
CA ARG C 269 -59.55 -21.22 34.55
C ARG C 269 -60.40 -20.14 33.91
N LEU C 270 -61.04 -20.46 32.79
CA LEU C 270 -61.90 -19.49 32.11
C LEU C 270 -63.12 -19.14 32.93
N GLN C 271 -63.42 -19.93 33.97
CA GLN C 271 -64.43 -19.52 34.93
C GLN C 271 -64.07 -18.18 35.56
N ALA C 272 -62.80 -17.81 35.57
CA ALA C 272 -62.36 -16.47 35.90
C ALA C 272 -62.51 -15.56 34.68
N PRO C 273 -62.78 -14.27 34.88
CA PRO C 273 -63.11 -13.40 33.74
C PRO C 273 -61.92 -13.19 32.84
N PRO C 274 -62.05 -13.50 31.56
CA PRO C 274 -60.94 -13.33 30.62
C PRO C 274 -60.85 -11.91 30.08
N LYS C 275 -59.95 -11.70 29.11
CA LYS C 275 -59.82 -10.43 28.40
C LYS C 275 -60.02 -10.67 26.91
N PRO C 276 -61.21 -10.41 26.38
CA PRO C 276 -61.41 -10.52 24.92
C PRO C 276 -60.85 -9.35 24.15
N ASP C 277 -60.65 -8.19 24.81
CA ASP C 277 -60.11 -7.04 24.12
C ASP C 277 -58.61 -7.20 23.87
N SER C 278 -57.83 -7.36 24.94
CA SER C 278 -56.38 -7.18 24.89
C SER C 278 -55.68 -8.17 23.97
N GLY C 279 -56.39 -9.14 23.41
CA GLY C 279 -55.82 -10.00 22.38
C GLY C 279 -55.17 -11.25 22.86
N LEU C 280 -55.48 -11.71 24.07
CA LEU C 280 -54.95 -12.95 24.57
C LEU C 280 -55.95 -14.07 24.29
N LEU C 281 -55.44 -15.26 23.96
CA LEU C 281 -56.33 -16.40 23.86
C LEU C 281 -56.98 -16.66 25.19
N ASP C 282 -58.28 -16.40 25.29
CA ASP C 282 -58.98 -16.67 26.53
C ASP C 282 -58.98 -18.16 26.81
N GLY C 283 -58.76 -18.51 28.08
CA GLY C 283 -58.81 -19.90 28.47
C GLY C 283 -57.67 -20.72 27.96
N PHE C 284 -56.45 -20.43 28.44
CA PHE C 284 -55.34 -21.35 28.29
C PHE C 284 -54.46 -21.30 29.52
N MET C 285 -54.10 -22.48 30.02
CA MET C 285 -53.26 -22.61 31.21
C MET C 285 -51.84 -22.15 30.88
N THR C 286 -51.47 -20.98 31.38
CA THR C 286 -50.16 -20.43 31.06
C THR C 286 -49.07 -21.14 31.84
N THR C 287 -47.83 -20.95 31.39
CA THR C 287 -46.68 -21.65 31.97
C THR C 287 -46.36 -21.14 33.36
N ASP C 288 -46.58 -19.84 33.60
CA ASP C 288 -46.45 -19.31 34.94
C ASP C 288 -47.21 -20.14 35.95
N ALA C 289 -48.42 -20.55 35.59
CA ALA C 289 -49.17 -21.47 36.42
C ALA C 289 -48.74 -22.91 36.17
N ALA C 290 -48.59 -23.28 34.90
CA ALA C 290 -48.21 -24.64 34.53
C ALA C 290 -46.94 -25.10 35.20
N LEU C 291 -46.23 -24.20 35.89
CA LEU C 291 -45.20 -24.63 36.80
C LEU C 291 -45.75 -24.79 38.21
N MET C 292 -46.50 -23.79 38.66
CA MET C 292 -47.08 -23.86 40.00
C MET C 292 -47.93 -25.10 40.17
N TYR C 293 -48.50 -25.60 39.07
CA TYR C 293 -49.17 -26.88 39.15
C TYR C 293 -48.18 -28.02 39.14
N ASP C 294 -47.22 -27.98 38.23
CA ASP C 294 -46.16 -28.96 38.28
C ASP C 294 -45.35 -28.83 39.56
N ALA C 295 -45.52 -27.73 40.29
CA ALA C 295 -44.74 -27.51 41.49
C ALA C 295 -45.02 -28.59 42.52
N VAL C 296 -46.28 -28.66 42.98
CA VAL C 296 -46.60 -29.48 44.14
C VAL C 296 -46.26 -30.95 43.88
N HIS C 297 -46.34 -31.37 42.62
CA HIS C 297 -45.99 -32.75 42.28
C HIS C 297 -44.62 -33.11 42.84
N VAL C 298 -43.60 -32.41 42.35
CA VAL C 298 -42.23 -32.72 42.77
C VAL C 298 -42.09 -32.55 44.27
N VAL C 299 -42.72 -31.51 44.81
CA VAL C 299 -42.79 -31.38 46.27
C VAL C 299 -43.35 -32.66 46.88
N SER C 300 -44.49 -33.11 46.36
CA SER C 300 -45.16 -34.26 46.95
C SER C 300 -44.30 -35.50 46.86
N VAL C 301 -43.51 -35.62 45.79
CA VAL C 301 -42.57 -36.71 45.67
C VAL C 301 -41.57 -36.68 46.82
N ALA C 302 -41.10 -35.48 47.18
CA ALA C 302 -40.25 -35.35 48.35
C ALA C 302 -41.01 -35.72 49.62
N VAL C 303 -42.16 -35.07 49.83
CA VAL C 303 -42.88 -35.19 51.08
C VAL C 303 -43.22 -36.64 51.36
N GLN C 304 -43.83 -37.30 50.37
CA GLN C 304 -44.38 -38.63 50.58
C GLN C 304 -43.38 -39.57 51.24
N GLN C 305 -42.14 -39.55 50.77
CA GLN C 305 -41.15 -40.48 51.26
C GLN C 305 -40.30 -39.89 52.39
N PHE C 306 -40.88 -38.96 53.15
CA PHE C 306 -40.27 -38.46 54.38
C PHE C 306 -41.37 -38.31 55.41
N PRO C 307 -41.95 -39.41 55.88
CA PRO C 307 -43.06 -39.31 56.83
C PRO C 307 -42.61 -38.83 58.19
N GLN C 308 -41.33 -39.03 58.51
CA GLN C 308 -40.76 -38.56 59.77
C GLN C 308 -41.01 -37.09 59.99
N MET C 309 -41.27 -36.37 58.92
CA MET C 309 -41.62 -34.95 58.95
C MET C 309 -42.61 -34.61 60.05
N THR C 310 -42.37 -33.47 60.69
CA THR C 310 -43.36 -32.78 61.51
C THR C 310 -43.43 -31.37 60.98
N VAL C 311 -44.15 -30.48 61.66
CA VAL C 311 -44.28 -29.10 61.24
C VAL C 311 -44.00 -28.23 62.46
N SER C 312 -42.76 -27.80 62.62
CA SER C 312 -42.41 -26.92 63.73
C SER C 312 -43.05 -25.56 63.53
N SER C 313 -43.82 -25.12 64.51
CA SER C 313 -44.43 -23.79 64.41
C SER C 313 -43.37 -22.74 64.61
N LEU C 314 -42.50 -22.58 63.61
CA LEU C 314 -41.28 -21.84 63.81
C LEU C 314 -41.54 -20.36 64.05
N GLN C 315 -41.00 -19.86 65.16
CA GLN C 315 -40.91 -18.43 65.38
C GLN C 315 -39.54 -17.97 64.91
N CYS C 316 -39.53 -17.10 63.90
CA CYS C 316 -38.28 -16.58 63.38
C CYS C 316 -37.39 -16.05 64.51
N ASN C 317 -38.00 -15.36 65.47
CA ASN C 317 -37.27 -14.75 66.58
C ASN C 317 -36.60 -15.77 67.49
N ARG C 318 -36.97 -17.05 67.38
CA ARG C 318 -36.21 -18.15 67.97
C ARG C 318 -35.30 -18.67 66.86
N HIS C 319 -34.15 -18.01 66.72
CA HIS C 319 -33.42 -18.00 65.46
C HIS C 319 -32.86 -19.34 65.07
N LYS C 320 -33.03 -20.37 65.88
CA LYS C 320 -32.58 -21.67 65.45
C LYS C 320 -33.53 -22.23 64.39
N PRO C 321 -33.00 -22.81 63.33
CA PRO C 321 -33.86 -23.27 62.24
C PRO C 321 -34.63 -24.54 62.54
N TRP C 322 -35.26 -25.06 61.50
CA TRP C 322 -36.09 -26.26 61.58
C TRP C 322 -35.21 -27.49 61.73
N ARG C 323 -35.86 -28.61 62.07
CA ARG C 323 -35.13 -29.80 62.45
C ARG C 323 -34.85 -30.70 61.26
N PHE C 324 -35.71 -30.68 60.24
CA PHE C 324 -35.62 -31.63 59.14
C PHE C 324 -35.17 -31.00 57.85
N GLY C 325 -34.77 -29.73 57.89
CA GLY C 325 -34.39 -29.03 56.68
C GLY C 325 -33.26 -29.67 55.90
N THR C 326 -32.56 -30.62 56.50
CA THR C 326 -31.36 -31.16 55.87
C THR C 326 -31.69 -32.18 54.78
N ARG C 327 -32.25 -33.32 55.18
CA ARG C 327 -32.56 -34.37 54.20
C ARG C 327 -33.81 -34.03 53.41
N PHE C 328 -34.77 -33.38 54.06
CA PHE C 328 -35.99 -32.98 53.38
C PHE C 328 -35.66 -32.22 52.10
N MET C 329 -34.63 -31.37 52.16
CA MET C 329 -34.16 -30.71 50.96
C MET C 329 -33.66 -31.72 49.94
N SER C 330 -32.84 -32.69 50.38
CA SER C 330 -32.19 -33.59 49.44
C SER C 330 -33.19 -34.28 48.53
N LEU C 331 -34.26 -34.81 49.11
CA LEU C 331 -35.35 -35.38 48.32
C LEU C 331 -35.73 -34.48 47.18
N ILE C 332 -35.97 -33.20 47.49
CA ILE C 332 -36.23 -32.23 46.44
C ILE C 332 -35.10 -32.24 45.44
N LYS C 333 -33.89 -31.93 45.90
CA LYS C 333 -32.74 -31.87 45.01
C LYS C 333 -32.42 -33.20 44.36
N GLU C 334 -33.10 -34.27 44.72
CA GLU C 334 -32.95 -35.52 43.98
C GLU C 334 -34.16 -35.83 43.12
N ALA C 335 -35.23 -35.07 43.25
CA ALA C 335 -36.49 -35.45 42.67
C ALA C 335 -36.44 -35.43 41.16
N HIS C 336 -36.94 -36.50 40.55
CA HIS C 336 -37.20 -36.57 39.12
C HIS C 336 -38.71 -36.74 38.94
N TRP C 337 -39.23 -36.22 37.84
CA TRP C 337 -40.67 -36.18 37.70
C TRP C 337 -41.05 -36.03 36.25
N GLU C 338 -42.31 -36.37 35.95
CA GLU C 338 -42.90 -36.19 34.63
C GLU C 338 -44.24 -35.47 34.83
N GLY C 339 -44.19 -34.16 34.89
CA GLY C 339 -45.36 -33.34 35.02
C GLY C 339 -45.81 -32.81 33.69
N LEU C 340 -46.53 -31.69 33.71
CA LEU C 340 -46.95 -31.05 32.48
C LEU C 340 -45.75 -30.69 31.62
N THR C 341 -44.66 -30.28 32.26
CA THR C 341 -43.40 -29.98 31.60
C THR C 341 -42.54 -31.22 31.41
N GLY C 342 -43.06 -32.39 31.75
CA GLY C 342 -42.30 -33.61 31.54
C GLY C 342 -41.08 -33.69 32.42
N ARG C 343 -39.90 -33.79 31.81
CA ARG C 343 -38.69 -34.05 32.57
C ARG C 343 -38.39 -32.89 33.51
N ILE C 344 -38.02 -33.24 34.74
CA ILE C 344 -37.68 -32.25 35.76
C ILE C 344 -36.57 -32.83 36.63
N THR C 345 -35.61 -31.98 37.00
CA THR C 345 -34.57 -32.29 37.96
C THR C 345 -33.98 -30.98 38.44
N PHE C 346 -32.86 -31.05 39.15
CA PHE C 346 -32.24 -29.85 39.69
C PHE C 346 -30.73 -30.01 39.74
N ASN C 347 -30.03 -28.96 39.35
CA ASN C 347 -28.58 -28.94 39.42
C ASN C 347 -28.19 -28.91 40.89
N LYS C 348 -27.74 -30.04 41.41
CA LYS C 348 -27.19 -30.04 42.76
C LYS C 348 -25.92 -29.24 42.86
N THR C 349 -25.42 -28.72 41.74
CA THR C 349 -24.31 -27.77 41.75
C THR C 349 -24.76 -26.42 42.26
N ASN C 350 -25.95 -25.99 41.87
CA ASN C 350 -26.44 -24.65 42.13
C ASN C 350 -27.64 -24.60 43.03
N GLY C 351 -28.44 -25.66 43.06
CA GLY C 351 -29.71 -25.65 43.73
C GLY C 351 -30.86 -25.28 42.83
N LEU C 352 -30.67 -25.26 41.52
CA LEU C 352 -31.65 -24.74 40.58
C LEU C 352 -31.87 -25.76 39.47
N ARG C 353 -32.75 -25.42 38.55
CA ARG C 353 -33.05 -26.33 37.45
C ARG C 353 -32.20 -25.97 36.25
N THR C 354 -31.71 -27.00 35.55
CA THR C 354 -30.93 -26.79 34.34
C THR C 354 -31.29 -27.78 33.24
N ASP C 355 -32.40 -28.51 33.37
CA ASP C 355 -32.70 -29.59 32.45
C ASP C 355 -34.17 -29.60 32.10
N PHE C 356 -34.46 -29.98 30.85
CA PHE C 356 -35.79 -29.98 30.30
C PHE C 356 -35.74 -30.42 28.85
N ASP C 357 -36.88 -30.56 28.21
CA ASP C 357 -36.95 -30.68 26.77
C ASP C 357 -37.85 -29.58 26.25
N LEU C 358 -37.43 -28.92 25.18
CA LEU C 358 -38.20 -27.87 24.56
C LEU C 358 -38.61 -28.26 23.17
N ASP C 359 -39.89 -28.14 22.90
CA ASP C 359 -40.42 -28.30 21.56
C ASP C 359 -40.30 -26.96 20.87
N VAL C 360 -39.31 -26.80 20.01
CA VAL C 360 -39.30 -25.60 19.19
C VAL C 360 -40.52 -25.65 18.29
N ILE C 361 -41.23 -24.52 18.21
CA ILE C 361 -42.49 -24.42 17.49
C ILE C 361 -42.42 -23.20 16.60
N SER C 362 -43.44 -23.05 15.75
CA SER C 362 -43.47 -21.92 14.86
C SER C 362 -44.87 -21.68 14.35
N LEU C 363 -45.14 -20.44 14.00
CA LEU C 363 -46.33 -20.16 13.22
C LEU C 363 -46.23 -20.89 11.90
N LYS C 364 -47.05 -21.91 11.73
CA LYS C 364 -47.27 -22.54 10.44
C LYS C 364 -48.28 -21.71 9.68
N GLU C 365 -48.86 -22.28 8.62
CA GLU C 365 -49.98 -21.60 8.00
C GLU C 365 -51.23 -21.72 8.86
N GLU C 366 -51.36 -22.79 9.63
CA GLU C 366 -52.52 -22.97 10.51
C GLU C 366 -52.32 -22.34 11.86
N GLY C 367 -51.09 -22.25 12.35
CA GLY C 367 -50.83 -21.65 13.63
C GLY C 367 -49.61 -22.24 14.29
N LEU C 368 -49.51 -22.02 15.60
CA LEU C 368 -48.35 -22.44 16.37
C LEU C 368 -48.24 -23.94 16.36
N GLU C 369 -47.29 -24.48 15.59
CA GLU C 369 -47.26 -25.92 15.37
C GLU C 369 -45.82 -26.39 15.34
N LYS C 370 -45.54 -27.43 16.13
CA LYS C 370 -44.18 -27.81 16.47
C LYS C 370 -43.31 -28.00 15.23
N ILE C 371 -42.04 -27.64 15.35
CA ILE C 371 -41.08 -27.66 14.26
C ILE C 371 -39.78 -28.34 14.66
N GLY C 372 -39.84 -29.24 15.63
CA GLY C 372 -38.65 -29.92 16.10
C GLY C 372 -38.53 -29.74 17.59
N THR C 373 -37.40 -30.15 18.15
CA THR C 373 -37.22 -30.07 19.58
C THR C 373 -35.89 -29.42 19.92
N TRP C 374 -35.79 -28.96 21.16
CA TRP C 374 -34.50 -28.56 21.72
C TRP C 374 -34.43 -29.03 23.15
N ASP C 375 -33.19 -29.18 23.62
CA ASP C 375 -32.93 -29.47 25.02
C ASP C 375 -31.52 -28.99 25.33
N PRO C 376 -31.14 -28.91 26.59
CA PRO C 376 -29.75 -28.58 26.91
C PRO C 376 -28.77 -29.62 26.39
N ALA C 377 -29.00 -30.89 26.73
CA ALA C 377 -28.00 -31.92 26.45
C ALA C 377 -27.85 -32.15 24.95
N SER C 378 -28.92 -32.62 24.30
CA SER C 378 -28.81 -32.94 22.89
C SER C 378 -28.68 -31.68 22.05
N GLY C 379 -29.28 -30.59 22.49
CA GLY C 379 -29.37 -29.43 21.64
C GLY C 379 -30.57 -29.57 20.74
N LEU C 380 -30.37 -29.52 19.43
CA LEU C 380 -31.45 -29.57 18.46
C LEU C 380 -31.47 -30.91 17.75
N ASN C 381 -32.52 -31.68 18.00
CA ASN C 381 -33.02 -32.59 16.97
C ASN C 381 -34.07 -31.88 16.14
N MET C 382 -33.75 -30.68 15.64
CA MET C 382 -34.74 -29.93 14.87
C MET C 382 -34.96 -30.62 13.54
N THR C 383 -36.21 -31.03 13.31
CA THR C 383 -36.54 -31.99 12.28
C THR C 383 -36.79 -31.32 10.95
N GLU C 384 -36.37 -31.99 9.88
CA GLU C 384 -36.50 -31.44 8.54
C GLU C 384 -37.90 -31.68 7.96
N SER C 385 -38.29 -30.78 7.06
CA SER C 385 -39.60 -30.79 6.42
C SER C 385 -39.43 -30.66 4.91
N GLN C 386 -38.57 -31.50 4.34
CA GLN C 386 -38.04 -31.27 2.99
C GLN C 386 -39.13 -31.53 1.97
N LYS C 387 -40.09 -30.63 1.93
CA LYS C 387 -41.21 -30.68 0.99
C LYS C 387 -41.08 -29.50 0.02
N GLY C 388 -42.00 -29.42 -0.95
CA GLY C 388 -41.94 -28.39 -1.96
C GLY C 388 -43.27 -27.80 -2.36
N LYS C 389 -43.31 -27.13 -3.52
CA LYS C 389 -44.49 -26.41 -3.99
C LYS C 389 -44.83 -26.80 -5.42
N PRO C 390 -46.10 -27.07 -5.71
CA PRO C 390 -46.52 -27.34 -7.07
C PRO C 390 -47.01 -26.09 -7.78
N ALA C 391 -47.31 -26.26 -9.08
CA ALA C 391 -47.80 -25.16 -9.91
C ALA C 391 -49.09 -24.56 -9.39
N ASN C 392 -49.72 -25.17 -8.40
CA ASN C 392 -50.79 -24.50 -7.67
C ASN C 392 -50.26 -23.44 -6.74
N ILE C 393 -49.00 -23.05 -6.95
CA ILE C 393 -48.39 -21.85 -6.38
C ILE C 393 -49.30 -20.67 -6.62
N THR C 394 -50.22 -20.82 -7.58
CA THR C 394 -51.00 -19.73 -8.16
C THR C 394 -51.59 -18.79 -7.11
N ASP C 395 -52.51 -19.29 -6.30
CA ASP C 395 -53.13 -18.42 -5.32
C ASP C 395 -52.37 -18.41 -4.01
N SER C 396 -51.40 -19.31 -3.84
CA SER C 396 -50.62 -19.37 -2.62
C SER C 396 -49.93 -18.05 -2.30
N LEU C 397 -49.93 -17.10 -3.23
CA LEU C 397 -49.46 -15.75 -2.95
C LEU C 397 -50.57 -14.74 -3.17
N SER C 398 -51.81 -15.22 -3.29
CA SER C 398 -52.90 -14.31 -3.64
C SER C 398 -53.25 -13.39 -2.49
N ASN C 399 -53.24 -13.91 -1.27
CA ASN C 399 -53.85 -13.20 -0.15
C ASN C 399 -53.16 -11.88 0.14
N ARG C 400 -52.15 -11.54 -0.66
CA ARG C 400 -51.19 -10.52 -0.23
C ARG C 400 -51.05 -9.44 -1.31
N SER C 401 -50.24 -8.43 -0.98
CA SER C 401 -50.12 -7.21 -1.77
C SER C 401 -48.78 -6.57 -1.52
N LEU C 402 -48.11 -6.12 -2.58
CA LEU C 402 -46.81 -5.49 -2.47
C LEU C 402 -46.78 -4.21 -3.29
N ILE C 403 -45.89 -3.31 -2.90
CA ILE C 403 -45.74 -2.04 -3.60
C ILE C 403 -44.92 -2.30 -4.85
N VAL C 404 -45.49 -2.00 -6.01
CA VAL C 404 -44.78 -2.12 -7.27
C VAL C 404 -44.29 -0.73 -7.68
N THR C 405 -42.98 -0.55 -7.70
CA THR C 405 -42.47 0.71 -8.23
C THR C 405 -42.13 0.55 -9.69
N THR C 406 -41.98 1.66 -10.38
CA THR C 406 -41.81 1.63 -11.82
C THR C 406 -41.39 3.01 -12.29
N ILE C 407 -41.29 3.16 -13.61
CA ILE C 407 -40.87 4.40 -14.24
C ILE C 407 -41.36 4.34 -15.68
N LEU C 408 -41.48 5.49 -16.33
CA LEU C 408 -42.23 5.61 -17.56
C LEU C 408 -41.32 5.48 -18.77
N GLU C 409 -41.58 4.48 -19.61
CA GLU C 409 -40.81 4.35 -20.84
C GLU C 409 -41.59 3.51 -21.82
N GLU C 410 -41.94 4.10 -22.95
CA GLU C 410 -42.45 3.33 -24.06
C GLU C 410 -41.36 2.41 -24.59
N PRO C 411 -41.68 1.16 -24.94
CA PRO C 411 -42.98 0.51 -24.76
C PRO C 411 -43.03 -0.42 -23.59
N TYR C 412 -42.56 0.01 -22.43
CA TYR C 412 -42.62 -0.83 -21.25
C TYR C 412 -43.67 -0.38 -20.26
N VAL C 413 -43.70 0.91 -19.95
CA VAL C 413 -44.70 1.49 -19.05
C VAL C 413 -44.92 2.93 -19.47
N LEU C 414 -46.19 3.32 -19.58
CA LEU C 414 -46.52 4.68 -19.97
C LEU C 414 -47.98 4.94 -19.62
N PHE C 415 -48.30 6.21 -19.42
CA PHE C 415 -49.65 6.59 -19.05
C PHE C 415 -50.64 6.02 -20.04
N LYS C 416 -51.66 5.35 -19.51
CA LYS C 416 -52.79 5.00 -20.35
C LYS C 416 -53.35 6.24 -21.01
N LYS C 417 -53.90 6.07 -22.20
CA LYS C 417 -54.64 7.14 -22.85
C LYS C 417 -56.08 7.15 -22.39
N SER C 418 -56.65 8.34 -22.28
CA SER C 418 -57.91 8.55 -21.56
C SER C 418 -58.94 9.16 -22.50
N ASP C 419 -60.02 8.42 -22.74
CA ASP C 419 -61.26 9.06 -23.16
C ASP C 419 -61.94 9.74 -21.99
N LYS C 420 -61.68 9.25 -20.77
CA LYS C 420 -62.19 9.79 -19.53
C LYS C 420 -61.10 9.67 -18.49
N PRO C 421 -60.98 10.64 -17.58
CA PRO C 421 -59.86 10.68 -16.62
C PRO C 421 -59.51 9.35 -15.96
N LEU C 422 -58.23 9.20 -15.63
CA LEU C 422 -57.65 7.92 -15.27
C LEU C 422 -57.27 7.89 -13.81
N TYR C 423 -57.18 6.67 -13.27
CA TYR C 423 -56.94 6.46 -11.85
C TYR C 423 -56.17 5.18 -11.59
N GLY C 424 -55.31 5.24 -10.59
CA GLY C 424 -54.62 4.13 -9.96
C GLY C 424 -53.92 3.26 -10.96
N ASN C 425 -53.87 1.98 -10.64
CA ASN C 425 -53.14 1.00 -11.41
C ASN C 425 -53.79 0.71 -12.74
N ASP C 426 -54.76 1.54 -13.08
CA ASP C 426 -55.32 1.61 -14.42
C ASP C 426 -54.75 2.76 -15.22
N ARG C 427 -54.08 3.72 -14.58
CA ARG C 427 -53.57 4.90 -15.27
C ARG C 427 -52.59 4.57 -16.38
N PHE C 428 -52.11 3.34 -16.48
CA PHE C 428 -50.92 3.08 -17.26
C PHE C 428 -51.11 1.92 -18.20
N GLU C 429 -50.24 1.86 -19.19
CA GLU C 429 -50.23 0.80 -20.17
C GLU C 429 -48.83 0.68 -20.74
N GLY C 430 -48.44 -0.53 -21.06
CA GLY C 430 -47.07 -0.82 -21.43
C GLY C 430 -46.78 -2.28 -21.25
N TYR C 431 -45.69 -2.71 -21.88
CA TYR C 431 -45.34 -4.13 -21.86
C TYR C 431 -45.24 -4.65 -20.44
N CYS C 432 -44.61 -3.88 -19.56
CA CYS C 432 -44.54 -4.27 -18.16
C CYS C 432 -45.90 -4.15 -17.50
N ILE C 433 -46.64 -3.09 -17.83
CA ILE C 433 -48.00 -2.94 -17.32
C ILE C 433 -48.78 -4.21 -17.62
N ASP C 434 -48.98 -4.49 -18.90
CA ASP C 434 -49.73 -5.66 -19.28
C ASP C 434 -48.98 -6.94 -18.99
N LEU C 435 -47.73 -6.84 -18.53
CA LEU C 435 -47.06 -8.00 -18.00
C LEU C 435 -47.56 -8.32 -16.60
N LEU C 436 -47.63 -7.29 -15.75
CA LEU C 436 -47.96 -7.51 -14.36
C LEU C 436 -49.25 -8.29 -14.21
N ARG C 437 -50.26 -7.94 -15.01
CA ARG C 437 -51.51 -8.69 -15.00
C ARG C 437 -51.21 -10.17 -15.09
N GLU C 438 -50.59 -10.59 -16.18
CA GLU C 438 -50.17 -11.99 -16.35
C GLU C 438 -49.37 -12.45 -15.16
N LEU C 439 -48.50 -11.58 -14.63
CA LEU C 439 -47.77 -11.90 -13.42
C LEU C 439 -48.71 -12.07 -12.24
N SER C 440 -49.57 -11.06 -12.04
CA SER C 440 -50.52 -11.11 -10.95
C SER C 440 -51.47 -12.28 -11.11
N THR C 441 -52.21 -12.30 -12.23
CA THR C 441 -53.22 -13.31 -12.48
C THR C 441 -52.77 -14.72 -12.15
N ILE C 442 -51.47 -14.99 -12.23
CA ILE C 442 -51.03 -16.30 -11.78
C ILE C 442 -50.78 -16.27 -10.28
N LEU C 443 -49.77 -15.54 -9.84
CA LEU C 443 -49.50 -15.56 -8.41
C LEU C 443 -50.55 -14.82 -7.60
N GLY C 444 -51.48 -14.13 -8.25
CA GLY C 444 -52.64 -13.63 -7.56
C GLY C 444 -52.39 -12.50 -6.61
N PHE C 445 -51.15 -12.19 -6.32
CA PHE C 445 -50.86 -11.07 -5.45
C PHE C 445 -51.47 -9.80 -6.03
N THR C 446 -51.95 -8.94 -5.16
CA THR C 446 -52.34 -7.60 -5.56
C THR C 446 -51.13 -6.68 -5.42
N TYR C 447 -51.33 -5.40 -5.64
CA TYR C 447 -50.18 -4.51 -5.79
C TYR C 447 -50.68 -3.08 -5.89
N GLU C 448 -49.72 -2.17 -5.90
CA GLU C 448 -49.93 -0.82 -6.39
C GLU C 448 -48.72 -0.40 -7.19
N ILE C 449 -48.95 0.14 -8.37
CA ILE C 449 -47.89 0.54 -9.26
C ILE C 449 -47.57 2.01 -9.05
N ARG C 450 -46.31 2.30 -8.78
CA ARG C 450 -45.87 3.63 -8.41
C ARG C 450 -44.67 4.03 -9.24
N LEU C 451 -44.70 5.23 -9.78
CA LEU C 451 -43.54 5.75 -10.45
C LEU C 451 -42.42 5.94 -9.44
N VAL C 452 -41.17 5.82 -9.90
CA VAL C 452 -40.06 6.24 -9.07
C VAL C 452 -40.12 7.76 -8.93
N GLU C 453 -40.03 8.23 -7.69
CA GLU C 453 -40.34 9.62 -7.40
C GLU C 453 -39.41 10.59 -8.13
N ASP C 454 -38.25 10.14 -8.58
CA ASP C 454 -37.31 11.04 -9.24
C ASP C 454 -37.37 10.95 -10.76
N GLY C 455 -37.55 9.76 -11.30
CA GLY C 455 -37.44 9.55 -12.73
C GLY C 455 -36.14 8.94 -13.20
N LYS C 456 -35.31 8.46 -12.29
CA LYS C 456 -34.08 7.76 -12.62
C LYS C 456 -34.21 6.30 -12.21
N TYR C 457 -33.69 5.40 -13.04
CA TYR C 457 -33.76 3.99 -12.71
C TYR C 457 -33.06 3.75 -11.39
N GLY C 458 -31.77 3.98 -11.38
CA GLY C 458 -30.99 3.88 -10.16
C GLY C 458 -29.55 3.55 -10.44
N ALA C 459 -28.66 4.25 -9.75
CA ALA C 459 -27.23 4.02 -9.87
C ALA C 459 -26.60 4.59 -8.62
N GLN C 460 -25.32 4.30 -8.44
CA GLN C 460 -24.69 4.72 -7.21
C GLN C 460 -24.47 6.23 -7.18
N ASP C 461 -23.83 6.66 -6.12
CA ASP C 461 -23.36 8.03 -5.98
C ASP C 461 -22.07 7.95 -5.20
N ASP C 462 -20.96 8.10 -5.92
CA ASP C 462 -19.64 7.74 -5.40
C ASP C 462 -19.15 8.67 -4.29
N VAL C 463 -19.83 9.79 -4.04
CA VAL C 463 -19.35 10.67 -3.00
C VAL C 463 -19.53 10.01 -1.64
N ASN C 464 -20.52 9.13 -1.53
CA ASN C 464 -20.77 8.36 -0.32
C ASN C 464 -21.17 6.91 -0.58
N GLY C 465 -21.17 6.45 -1.82
CA GLY C 465 -21.58 5.09 -2.07
C GLY C 465 -23.07 4.86 -1.95
N GLN C 466 -23.90 5.76 -2.46
CA GLN C 466 -25.33 5.58 -2.32
C GLN C 466 -25.89 4.74 -3.46
N TRP C 467 -27.21 4.75 -3.53
CA TRP C 467 -27.96 4.47 -4.73
C TRP C 467 -29.00 5.57 -4.89
N ASN C 468 -29.86 5.40 -5.89
CA ASN C 468 -30.95 6.33 -6.10
C ASN C 468 -32.03 5.60 -6.90
N GLY C 469 -33.00 6.36 -7.39
CA GLY C 469 -34.02 5.84 -8.26
C GLY C 469 -34.67 4.59 -7.71
N MET C 470 -35.19 3.76 -8.60
CA MET C 470 -35.80 2.51 -8.17
C MET C 470 -34.82 1.64 -7.42
N VAL C 471 -33.54 1.72 -7.75
CA VAL C 471 -32.57 0.90 -7.03
C VAL C 471 -32.61 1.21 -5.54
N ARG C 472 -32.38 2.47 -5.19
CA ARG C 472 -32.34 2.81 -3.77
C ARG C 472 -33.65 2.48 -3.08
N GLU C 473 -34.77 2.74 -3.74
CA GLU C 473 -36.04 2.48 -3.09
C GLU C 473 -36.25 1.00 -2.87
N LEU C 474 -35.83 0.17 -3.81
CA LEU C 474 -35.85 -1.26 -3.54
C LEU C 474 -35.10 -1.59 -2.27
N ILE C 475 -33.95 -0.96 -2.06
CA ILE C 475 -33.29 -1.08 -0.78
C ILE C 475 -34.14 -0.47 0.31
N ASP C 476 -34.55 0.78 0.12
CA ASP C 476 -35.33 1.48 1.13
C ASP C 476 -36.64 0.79 1.45
N HIS C 477 -37.03 -0.22 0.69
CA HIS C 477 -38.31 -0.88 0.84
C HIS C 477 -39.48 0.07 0.74
N LYS C 478 -39.23 1.27 0.20
CA LYS C 478 -40.32 2.11 -0.26
C LYS C 478 -41.16 1.41 -1.31
N ALA C 479 -40.72 0.25 -1.79
CA ALA C 479 -41.45 -0.56 -2.74
C ALA C 479 -40.80 -1.94 -2.79
N ASP C 480 -41.60 -2.93 -3.14
CA ASP C 480 -41.05 -4.26 -3.37
C ASP C 480 -40.62 -4.45 -4.81
N LEU C 481 -41.54 -4.26 -5.75
CA LEU C 481 -41.34 -4.65 -7.13
C LEU C 481 -40.92 -3.46 -7.97
N ALA C 482 -39.77 -3.58 -8.61
CA ALA C 482 -39.36 -2.64 -9.63
C ALA C 482 -39.77 -3.17 -11.00
N VAL C 483 -41.08 -3.29 -11.20
CA VAL C 483 -41.55 -3.64 -12.53
C VAL C 483 -41.24 -2.48 -13.45
N ALA C 484 -40.25 -2.65 -14.30
CA ALA C 484 -39.80 -1.65 -15.24
C ALA C 484 -38.75 -2.29 -16.11
N PRO C 485 -38.34 -1.67 -17.19
CA PRO C 485 -37.21 -2.19 -17.95
C PRO C 485 -35.92 -2.02 -17.17
N LEU C 486 -35.66 -2.97 -16.28
CA LEU C 486 -34.52 -2.89 -15.38
C LEU C 486 -33.42 -3.82 -15.87
N THR C 487 -32.18 -3.39 -15.67
CA THR C 487 -31.01 -4.11 -16.16
C THR C 487 -30.41 -5.01 -15.11
N ILE C 488 -30.11 -6.24 -15.50
CA ILE C 488 -29.50 -7.21 -14.61
C ILE C 488 -27.99 -7.01 -14.74
N THR C 489 -27.44 -6.11 -13.94
CA THR C 489 -26.02 -5.85 -13.92
C THR C 489 -25.33 -6.89 -13.05
N TYR C 490 -24.09 -6.61 -12.70
CA TYR C 490 -23.44 -7.32 -11.60
C TYR C 490 -23.55 -6.54 -10.30
N VAL C 491 -23.25 -5.24 -10.36
CA VAL C 491 -23.14 -4.46 -9.13
C VAL C 491 -24.49 -4.35 -8.45
N ARG C 492 -25.55 -4.15 -9.22
CA ARG C 492 -26.87 -4.04 -8.63
C ARG C 492 -27.27 -5.33 -7.94
N GLU C 493 -26.86 -6.47 -8.49
CA GLU C 493 -27.27 -7.74 -7.92
C GLU C 493 -26.82 -7.86 -6.47
N LYS C 494 -25.62 -7.40 -6.17
CA LYS C 494 -25.10 -7.49 -4.82
C LYS C 494 -25.81 -6.60 -3.83
N VAL C 495 -26.78 -5.79 -4.26
CA VAL C 495 -27.58 -5.00 -3.34
C VAL C 495 -29.05 -5.40 -3.38
N ILE C 496 -29.58 -5.69 -4.55
CA ILE C 496 -30.98 -6.07 -4.72
C ILE C 496 -31.04 -7.34 -5.56
N ASP C 497 -32.15 -8.04 -5.47
CA ASP C 497 -32.27 -9.34 -6.10
C ASP C 497 -33.06 -9.25 -7.38
N PHE C 498 -32.55 -9.91 -8.41
CA PHE C 498 -33.17 -9.90 -9.73
C PHE C 498 -33.84 -11.23 -10.02
N SER C 499 -35.14 -11.17 -10.27
CA SER C 499 -35.83 -12.25 -10.96
C SER C 499 -35.01 -12.71 -12.14
N LYS C 500 -34.98 -14.03 -12.39
CA LYS C 500 -34.20 -14.53 -13.51
C LYS C 500 -34.63 -13.81 -14.79
N PRO C 501 -33.71 -13.58 -15.70
CA PRO C 501 -33.98 -12.66 -16.81
C PRO C 501 -35.14 -13.15 -17.65
N PHE C 502 -36.24 -12.40 -17.65
CA PHE C 502 -37.41 -12.80 -18.42
C PHE C 502 -37.27 -12.47 -19.87
N MET C 503 -36.08 -12.05 -20.30
CA MET C 503 -35.88 -11.54 -21.65
C MET C 503 -34.39 -11.48 -21.89
N THR C 504 -34.01 -11.00 -23.07
CA THR C 504 -32.63 -10.71 -23.42
C THR C 504 -32.63 -9.33 -24.05
N LEU C 505 -31.46 -8.70 -24.08
CA LEU C 505 -31.37 -7.38 -24.66
C LEU C 505 -29.92 -7.14 -25.05
N GLY C 506 -29.62 -5.93 -25.47
CA GLY C 506 -28.26 -5.47 -25.61
C GLY C 506 -28.27 -3.97 -25.70
N ILE C 507 -27.10 -3.39 -25.75
CA ILE C 507 -26.99 -1.99 -26.09
C ILE C 507 -26.55 -1.85 -27.54
N SER C 508 -27.20 -0.93 -28.24
CA SER C 508 -26.70 -0.39 -29.48
C SER C 508 -26.93 1.10 -29.41
N ILE C 509 -26.85 1.77 -30.54
CA ILE C 509 -26.88 3.22 -30.54
C ILE C 509 -27.97 3.70 -31.47
N LEU C 510 -28.69 4.71 -31.05
CA LEU C 510 -29.77 5.28 -31.83
C LEU C 510 -29.26 6.52 -32.55
N TYR C 511 -29.61 6.66 -33.83
CA TYR C 511 -29.06 7.74 -34.63
C TYR C 511 -30.02 8.09 -35.75
N ARG C 512 -29.90 9.31 -36.25
CA ARG C 512 -30.77 9.78 -37.31
C ARG C 512 -30.55 8.97 -38.58
N LYS C 513 -31.56 8.99 -39.44
CA LYS C 513 -31.72 8.12 -40.60
C LYS C 513 -30.48 7.97 -41.48
N PRO C 514 -29.60 8.98 -41.65
CA PRO C 514 -29.57 10.44 -41.44
C PRO C 514 -29.90 11.21 -42.72
N ASN C 515 -29.55 10.66 -43.89
CA ASN C 515 -29.99 11.17 -45.19
C ASN C 515 -29.60 12.63 -45.39
N GLY C 516 -28.29 12.86 -45.54
CA GLY C 516 -27.86 14.08 -46.18
C GLY C 516 -27.75 13.90 -47.68
N THR C 517 -28.79 14.27 -48.43
CA THR C 517 -28.94 13.89 -49.84
C THR C 517 -29.24 15.09 -50.71
N ASN C 518 -28.38 15.36 -51.70
CA ASN C 518 -28.64 16.34 -52.75
C ASN C 518 -28.19 15.82 -54.10
N PRO C 519 -29.10 15.41 -54.95
CA PRO C 519 -28.74 15.08 -56.33
C PRO C 519 -28.57 16.33 -57.21
N GLY C 520 -28.44 16.11 -58.51
CA GLY C 520 -28.47 17.18 -59.50
C GLY C 520 -29.76 17.99 -59.45
N VAL C 521 -29.88 19.02 -60.27
CA VAL C 521 -28.98 19.25 -61.39
C VAL C 521 -27.94 20.29 -61.07
N PHE C 522 -28.37 21.32 -60.34
CA PHE C 522 -27.54 22.48 -60.08
C PHE C 522 -26.23 22.12 -59.41
N SER C 523 -26.17 20.97 -58.74
CA SER C 523 -24.95 20.47 -58.12
C SER C 523 -24.16 19.56 -59.06
N PHE C 524 -24.74 19.19 -60.21
CA PHE C 524 -24.00 18.41 -61.18
C PHE C 524 -23.04 19.26 -61.99
N LEU C 525 -23.37 20.51 -62.24
CA LEU C 525 -22.45 21.34 -62.99
C LEU C 525 -21.40 21.94 -62.09
N ASN C 526 -21.67 22.00 -60.78
CA ASN C 526 -20.77 22.47 -59.73
C ASN C 526 -19.42 21.74 -59.68
N PRO C 527 -19.33 20.49 -60.16
CA PRO C 527 -18.00 19.95 -60.47
C PRO C 527 -17.16 20.87 -61.34
N LEU C 528 -17.78 21.92 -61.86
CA LEU C 528 -17.01 23.01 -62.42
C LEU C 528 -17.69 24.34 -62.08
N SER C 529 -16.91 25.26 -61.54
CA SER C 529 -17.44 26.45 -60.90
C SER C 529 -18.29 27.24 -61.88
N PRO C 530 -19.54 27.57 -61.53
CA PRO C 530 -20.39 28.32 -62.48
C PRO C 530 -19.88 29.71 -62.81
N ASP C 531 -18.77 30.14 -62.23
CA ASP C 531 -18.11 31.37 -62.65
C ASP C 531 -17.44 31.16 -63.99
N ILE C 532 -17.63 29.97 -64.56
CA ILE C 532 -16.86 29.56 -65.73
C ILE C 532 -17.75 29.13 -66.88
N TRP C 533 -18.96 28.66 -66.62
CA TRP C 533 -19.84 28.28 -67.70
C TRP C 533 -20.15 29.45 -68.62
N MET C 534 -19.96 30.69 -68.14
CA MET C 534 -20.09 31.84 -69.01
C MET C 534 -18.86 32.01 -69.88
N TYR C 535 -17.69 32.04 -69.25
CA TYR C 535 -16.44 32.09 -70.00
C TYR C 535 -16.35 30.94 -70.98
N VAL C 536 -17.11 29.87 -70.75
CA VAL C 536 -17.36 28.89 -71.80
C VAL C 536 -17.89 29.59 -73.05
N LEU C 537 -18.93 30.40 -72.88
CA LEU C 537 -19.55 31.01 -74.04
C LEU C 537 -18.63 32.02 -74.70
N LEU C 538 -18.01 32.90 -73.90
CA LEU C 538 -17.28 34.05 -74.45
C LEU C 538 -16.28 33.63 -75.51
N ALA C 539 -15.33 32.77 -75.14
CA ALA C 539 -14.34 32.32 -76.13
C ALA C 539 -15.04 31.60 -77.28
N TYR C 540 -16.00 30.74 -76.95
CA TYR C 540 -16.82 30.11 -77.96
C TYR C 540 -17.48 31.14 -78.87
N LEU C 541 -17.73 32.33 -78.36
CA LEU C 541 -18.18 33.43 -79.20
C LEU C 541 -17.00 34.04 -79.95
N GLY C 542 -15.98 34.46 -79.20
CA GLY C 542 -14.90 35.26 -79.78
C GLY C 542 -14.14 34.56 -80.89
N VAL C 543 -14.15 33.23 -80.90
CA VAL C 543 -13.64 32.51 -82.05
C VAL C 543 -14.66 32.50 -83.18
N SER C 544 -15.90 32.13 -82.85
CA SER C 544 -16.94 31.96 -83.85
C SER C 544 -17.20 33.24 -84.64
N VAL C 545 -16.86 34.39 -84.08
CA VAL C 545 -17.20 35.65 -84.74
C VAL C 545 -16.41 35.81 -86.04
N VAL C 546 -15.16 35.33 -86.06
CA VAL C 546 -14.21 35.65 -87.12
C VAL C 546 -14.83 35.51 -88.51
N LEU C 547 -15.73 34.55 -88.68
CA LEU C 547 -16.44 34.39 -89.95
C LEU C 547 -17.22 35.64 -90.32
N PHE C 548 -17.56 36.45 -89.34
CA PHE C 548 -18.24 37.73 -89.53
C PHE C 548 -17.25 38.86 -89.77
N VAL C 549 -15.95 38.56 -89.74
CA VAL C 549 -14.91 39.49 -90.15
C VAL C 549 -14.34 39.00 -91.48
N ILE C 550 -14.30 37.68 -91.66
CA ILE C 550 -14.02 37.12 -92.98
C ILE C 550 -14.99 37.70 -94.01
N ALA C 551 -16.28 37.44 -93.81
CA ALA C 551 -17.30 37.83 -94.79
C ALA C 551 -17.43 39.34 -94.87
N ARG C 552 -17.82 39.98 -93.77
CA ARG C 552 -17.97 41.42 -93.73
C ARG C 552 -16.77 42.10 -93.07
N ALA C 599 -6.39 26.96 -94.56
CA ALA C 599 -5.69 28.18 -94.16
C ALA C 599 -5.06 28.01 -92.80
N LEU C 600 -3.84 28.54 -92.65
CA LEU C 600 -3.22 28.58 -91.33
C LEU C 600 -3.96 29.52 -90.40
N SER C 601 -4.57 30.56 -90.95
CA SER C 601 -5.41 31.48 -90.19
C SER C 601 -6.31 30.73 -89.20
N THR C 602 -6.95 29.67 -89.68
CA THR C 602 -7.77 28.83 -88.84
C THR C 602 -7.06 27.58 -88.37
N ARG C 603 -5.96 27.19 -89.03
CA ARG C 603 -5.21 26.03 -88.59
C ARG C 603 -4.48 26.30 -87.29
N ILE C 604 -4.38 27.55 -86.87
CA ILE C 604 -3.84 27.91 -85.57
C ILE C 604 -4.94 28.06 -84.53
N VAL C 605 -6.06 28.66 -84.92
CA VAL C 605 -7.13 28.97 -83.98
C VAL C 605 -7.71 27.69 -83.40
N GLY C 606 -8.28 26.85 -84.25
CA GLY C 606 -8.92 25.64 -83.75
C GLY C 606 -7.97 24.77 -82.96
N GLY C 607 -6.74 24.62 -83.45
CA GLY C 607 -5.77 23.79 -82.75
C GLY C 607 -5.53 24.27 -81.33
N ILE C 608 -5.21 25.56 -81.18
CA ILE C 608 -5.16 26.14 -79.85
C ILE C 608 -6.51 26.02 -79.16
N TRP C 609 -7.58 26.36 -79.89
CA TRP C 609 -8.92 26.16 -79.35
C TRP C 609 -9.11 24.74 -78.86
N TRP C 610 -9.02 23.77 -79.77
CA TRP C 610 -9.09 22.36 -79.41
C TRP C 610 -8.22 22.07 -78.20
N PHE C 611 -6.92 22.29 -78.34
CA PHE C 611 -6.01 22.03 -77.24
C PHE C 611 -6.25 22.95 -76.05
N PHE C 612 -6.98 24.05 -76.22
CA PHE C 612 -7.57 24.70 -75.06
C PHE C 612 -8.74 23.88 -74.54
N THR C 613 -9.79 23.77 -75.34
CA THR C 613 -10.98 23.11 -74.85
C THR C 613 -10.72 21.65 -74.53
N LEU C 614 -9.58 21.12 -74.92
CA LEU C 614 -9.18 19.81 -74.47
C LEU C 614 -8.60 19.84 -73.06
N ILE C 615 -8.51 21.02 -72.47
CA ILE C 615 -8.12 21.14 -71.07
C ILE C 615 -9.34 21.16 -70.18
N ILE C 616 -10.30 22.02 -70.52
CA ILE C 616 -11.49 22.17 -69.70
C ILE C 616 -12.08 20.81 -69.37
N ILE C 617 -12.11 19.91 -70.33
CA ILE C 617 -12.69 18.60 -70.07
C ILE C 617 -11.90 17.88 -69.00
N SER C 618 -10.59 17.78 -69.17
CA SER C 618 -9.77 17.14 -68.14
C SER C 618 -9.86 17.92 -66.85
N SER C 619 -9.78 19.24 -66.94
CA SER C 619 -10.08 20.08 -65.79
C SER C 619 -11.38 19.63 -65.16
N TYR C 620 -12.42 19.51 -65.98
CA TYR C 620 -13.68 19.01 -65.47
C TYR C 620 -13.54 17.60 -64.96
N THR C 621 -13.01 16.70 -65.78
CA THR C 621 -12.98 15.28 -65.44
C THR C 621 -12.38 15.05 -64.08
N ALA C 622 -11.11 15.43 -63.90
CA ALA C 622 -10.48 15.28 -62.61
C ALA C 622 -11.32 15.91 -61.51
N ASN C 623 -11.66 17.18 -61.68
CA ASN C 623 -12.43 17.88 -60.66
C ASN C 623 -13.76 17.21 -60.43
N LEU C 624 -14.22 16.37 -61.34
CA LEU C 624 -15.31 15.48 -60.98
C LEU C 624 -14.80 14.33 -60.13
N ALA C 625 -13.86 13.55 -60.67
CA ALA C 625 -13.31 12.44 -59.90
C ALA C 625 -12.74 12.91 -58.58
N ALA C 626 -12.16 14.11 -58.57
CA ALA C 626 -11.67 14.66 -57.31
C ALA C 626 -12.79 14.80 -56.30
N PHE C 627 -14.03 14.95 -56.76
CA PHE C 627 -15.14 14.99 -55.82
C PHE C 627 -15.78 13.63 -55.62
N LEU C 628 -15.78 12.78 -56.63
CA LEU C 628 -16.43 11.49 -56.47
C LEU C 628 -15.72 10.64 -55.44
N THR C 629 -14.43 10.42 -55.63
CA THR C 629 -13.69 9.56 -54.72
C THR C 629 -13.87 10.04 -53.29
N VAL C 630 -13.71 11.34 -53.07
CA VAL C 630 -13.91 11.91 -51.74
C VAL C 630 -15.29 11.56 -51.21
N GLU C 631 -16.26 11.40 -52.10
CA GLU C 631 -17.56 10.88 -51.71
C GLU C 631 -17.62 9.36 -51.76
N ARG C 632 -16.48 8.70 -51.63
CA ARG C 632 -16.46 7.28 -51.36
C ARG C 632 -15.59 6.99 -50.14
N MET C 633 -15.66 7.89 -49.16
CA MET C 633 -14.81 7.83 -47.99
C MET C 633 -15.59 7.77 -46.68
N GLU C 634 -16.91 7.92 -46.72
CA GLU C 634 -17.72 8.13 -45.54
C GLU C 634 -18.46 6.85 -45.18
N SER C 635 -18.25 6.35 -43.98
CA SER C 635 -18.93 5.13 -43.58
C SER C 635 -20.38 5.41 -43.17
N PRO C 636 -20.66 6.39 -42.29
CA PRO C 636 -19.79 7.20 -41.43
C PRO C 636 -19.52 6.45 -40.13
N ILE C 637 -20.53 5.73 -39.65
CA ILE C 637 -20.52 5.08 -38.36
C ILE C 637 -21.05 3.67 -38.53
N ASP C 638 -20.36 2.70 -37.96
CA ASP C 638 -20.96 1.37 -37.83
C ASP C 638 -20.75 0.73 -36.48
N SER C 639 -19.71 1.10 -35.74
CA SER C 639 -19.49 0.53 -34.43
C SER C 639 -19.44 1.66 -33.41
N ALA C 640 -19.39 1.26 -32.14
CA ALA C 640 -19.13 2.24 -31.10
C ALA C 640 -17.84 2.99 -31.38
N ASP C 641 -16.77 2.27 -31.67
CA ASP C 641 -15.47 2.92 -31.75
C ASP C 641 -15.43 3.96 -32.86
N ASP C 642 -16.25 3.78 -33.90
CA ASP C 642 -16.47 4.86 -34.84
C ASP C 642 -16.74 6.15 -34.10
N LEU C 643 -17.73 6.13 -33.22
CA LEU C 643 -18.06 7.31 -32.44
C LEU C 643 -16.96 7.64 -31.47
N ALA C 644 -16.35 6.63 -30.88
CA ALA C 644 -15.41 6.84 -29.78
C ALA C 644 -14.26 7.73 -30.20
N LYS C 645 -13.84 7.62 -31.45
CA LYS C 645 -12.65 8.35 -31.89
C LYS C 645 -12.99 9.79 -32.21
N GLN C 646 -14.13 10.06 -32.83
CA GLN C 646 -14.42 11.38 -33.37
C GLN C 646 -15.36 12.13 -32.44
N THR C 647 -14.86 13.23 -31.92
CA THR C 647 -15.52 14.09 -30.96
C THR C 647 -16.35 15.17 -31.60
N LYS C 648 -16.79 14.94 -32.84
CA LYS C 648 -17.67 15.85 -33.55
C LYS C 648 -19.10 15.33 -33.59
N ILE C 649 -19.46 14.45 -32.68
CA ILE C 649 -20.83 13.95 -32.56
C ILE C 649 -21.14 13.77 -31.08
N GLU C 650 -22.33 14.20 -30.68
CA GLU C 650 -22.78 13.94 -29.32
C GLU C 650 -23.21 12.49 -29.19
N TYR C 651 -22.57 11.76 -28.28
CA TYR C 651 -23.07 10.45 -27.91
C TYR C 651 -23.11 10.37 -26.40
N GLY C 652 -24.27 9.98 -25.87
CA GLY C 652 -24.47 9.93 -24.44
C GLY C 652 -25.51 8.89 -24.10
N ALA C 653 -25.95 8.86 -22.85
CA ALA C 653 -26.92 7.86 -22.43
C ALA C 653 -27.75 8.40 -21.28
N VAL C 654 -28.93 7.81 -21.12
CA VAL C 654 -29.80 8.19 -20.01
C VAL C 654 -29.02 8.13 -18.71
N GLU C 655 -29.24 9.14 -17.88
CA GLU C 655 -28.46 9.28 -16.66
C GLU C 655 -28.99 8.35 -15.58
N ASP C 656 -28.08 7.88 -14.74
CA ASP C 656 -28.35 6.79 -13.81
C ASP C 656 -29.10 5.67 -14.52
N GLY C 657 -28.47 5.14 -15.54
CA GLY C 657 -28.95 3.95 -16.20
C GLY C 657 -27.80 3.00 -16.33
N SER C 658 -28.08 1.70 -16.35
CA SER C 658 -27.01 0.71 -16.43
C SER C 658 -25.99 1.07 -17.46
N THR C 659 -26.44 1.62 -18.58
CA THR C 659 -25.52 2.08 -19.61
C THR C 659 -24.52 3.08 -19.04
N MET C 660 -25.03 4.13 -18.40
CA MET C 660 -24.14 5.09 -17.76
C MET C 660 -23.20 4.39 -16.80
N THR C 661 -23.76 3.70 -15.83
CA THR C 661 -22.95 2.90 -14.90
C THR C 661 -22.11 1.88 -15.63
N PHE C 662 -22.50 1.47 -16.83
CA PHE C 662 -21.68 0.51 -17.55
C PHE C 662 -20.35 1.12 -17.94
N PHE C 663 -20.38 2.19 -18.73
CA PHE C 663 -19.12 2.77 -19.17
C PHE C 663 -18.30 3.27 -18.00
N LYS C 664 -18.90 4.11 -17.18
CA LYS C 664 -18.27 4.58 -15.95
C LYS C 664 -17.49 3.47 -15.25
N LYS C 665 -18.17 2.37 -14.95
CA LYS C 665 -17.54 1.24 -14.31
C LYS C 665 -17.00 0.23 -15.29
N SER C 666 -16.95 0.55 -16.59
CA SER C 666 -16.37 -0.37 -17.55
C SER C 666 -14.85 -0.38 -17.44
N LYS C 667 -14.25 -1.34 -18.10
CA LYS C 667 -12.81 -1.56 -18.05
C LYS C 667 -12.13 -1.43 -19.40
N ILE C 668 -12.81 -1.82 -20.48
CA ILE C 668 -12.29 -1.80 -21.83
C ILE C 668 -11.74 -0.42 -22.15
N SER C 669 -10.68 -0.37 -22.97
CA SER C 669 -10.14 0.91 -23.40
C SER C 669 -11.22 1.80 -23.98
N THR C 670 -11.81 1.36 -25.10
CA THR C 670 -12.78 2.18 -25.80
C THR C 670 -13.84 2.70 -24.86
N TYR C 671 -14.48 1.78 -24.15
CA TYR C 671 -15.64 2.16 -23.36
C TYR C 671 -15.22 3.13 -22.25
N ASP C 672 -14.03 2.94 -21.71
CA ASP C 672 -13.51 3.95 -20.80
C ASP C 672 -13.30 5.26 -21.53
N LYS C 673 -12.66 5.21 -22.71
CA LYS C 673 -12.49 6.41 -23.51
C LYS C 673 -13.82 6.99 -23.93
N MET C 674 -14.80 6.12 -24.21
CA MET C 674 -16.13 6.64 -24.50
C MET C 674 -16.69 7.36 -23.29
N TRP C 675 -16.47 6.80 -22.09
CA TRP C 675 -16.98 7.39 -20.88
C TRP C 675 -16.46 8.81 -20.69
N ALA C 676 -15.15 8.94 -20.57
CA ALA C 676 -14.55 10.23 -20.27
C ALA C 676 -14.98 11.30 -21.26
N PHE C 677 -15.40 10.93 -22.46
CA PHE C 677 -16.07 11.89 -23.33
C PHE C 677 -17.33 12.43 -22.67
N MET C 678 -18.26 11.54 -22.37
CA MET C 678 -19.50 11.99 -21.74
C MET C 678 -19.20 12.77 -20.47
N SER C 679 -18.48 12.16 -19.54
CA SER C 679 -18.11 12.84 -18.30
C SER C 679 -17.41 14.16 -18.54
N SER C 680 -16.83 14.35 -19.73
CA SER C 680 -16.30 15.67 -20.06
C SER C 680 -17.41 16.67 -20.33
N ARG C 681 -18.63 16.20 -20.52
CA ARG C 681 -19.73 17.08 -20.87
C ARG C 681 -20.98 16.67 -20.11
N ARG C 682 -20.82 16.35 -18.82
CA ARG C 682 -21.80 15.58 -18.07
C ARG C 682 -23.23 16.06 -18.29
N GLN C 683 -23.51 17.29 -17.87
CA GLN C 683 -24.87 17.81 -17.89
C GLN C 683 -25.33 18.20 -19.28
N SER C 684 -24.56 17.89 -20.31
CA SER C 684 -24.88 18.32 -21.66
C SER C 684 -25.07 17.19 -22.64
N VAL C 685 -24.38 16.07 -22.47
CA VAL C 685 -24.55 14.91 -23.35
C VAL C 685 -25.50 13.93 -22.70
N LEU C 686 -25.52 13.89 -21.37
CA LEU C 686 -26.39 12.95 -20.71
C LEU C 686 -27.83 13.44 -20.78
N VAL C 687 -28.76 12.50 -20.63
CA VAL C 687 -30.18 12.82 -20.68
C VAL C 687 -30.89 12.13 -19.53
N LYS C 688 -32.00 12.70 -19.12
CA LYS C 688 -32.77 12.18 -18.01
C LYS C 688 -33.82 11.19 -18.43
N SER C 689 -34.22 11.19 -19.69
CA SER C 689 -35.16 10.21 -20.20
C SER C 689 -34.83 9.94 -21.65
N SER C 690 -34.93 8.68 -22.05
CA SER C 690 -34.65 8.32 -23.44
C SER C 690 -35.45 9.20 -24.39
N GLU C 691 -36.76 9.29 -24.15
CA GLU C 691 -37.61 10.19 -24.91
C GLU C 691 -36.98 11.57 -25.06
N GLU C 692 -36.35 12.05 -24.00
CA GLU C 692 -35.60 13.29 -24.14
C GLU C 692 -34.28 13.06 -24.86
N GLY C 693 -33.65 11.92 -24.63
CA GLY C 693 -32.47 11.59 -25.42
C GLY C 693 -32.81 11.32 -26.87
N ILE C 694 -34.04 10.91 -27.15
CA ILE C 694 -34.51 10.83 -28.53
C ILE C 694 -34.52 12.19 -29.17
N GLN C 695 -34.99 13.20 -28.43
CA GLN C 695 -34.99 14.56 -28.91
C GLN C 695 -33.61 14.95 -29.44
N ARG C 696 -32.56 14.72 -28.66
CA ARG C 696 -31.22 15.08 -29.07
C ARG C 696 -30.93 14.59 -30.48
N VAL C 697 -31.34 13.36 -30.79
CA VAL C 697 -31.06 12.81 -32.10
C VAL C 697 -31.76 13.64 -33.17
N LEU C 698 -33.03 13.94 -32.96
CA LEU C 698 -33.84 14.62 -33.95
C LEU C 698 -33.76 16.13 -33.85
N THR C 699 -32.93 16.66 -32.95
CA THR C 699 -32.74 18.10 -32.91
C THR C 699 -31.27 18.47 -32.70
N SER C 700 -30.34 17.56 -32.99
CA SER C 700 -28.92 17.84 -32.84
C SER C 700 -28.14 16.80 -33.63
N ASP C 701 -26.82 16.76 -33.42
CA ASP C 701 -25.97 15.68 -33.90
C ASP C 701 -25.71 14.74 -32.73
N TYR C 702 -26.66 13.86 -32.47
CA TYR C 702 -26.60 13.03 -31.28
C TYR C 702 -26.67 11.57 -31.66
N ALA C 703 -26.12 10.73 -30.78
CA ALA C 703 -26.13 9.28 -30.95
C ALA C 703 -26.33 8.69 -29.56
N LEU C 704 -27.54 8.20 -29.29
CA LEU C 704 -27.86 7.76 -27.94
C LEU C 704 -27.48 6.31 -27.72
N LEU C 705 -26.79 6.05 -26.61
CA LEU C 705 -26.33 4.72 -26.22
C LEU C 705 -27.51 3.97 -25.61
N MET C 706 -28.45 3.58 -26.45
CA MET C 706 -29.72 3.06 -25.99
C MET C 706 -29.70 1.55 -25.96
N GLU C 707 -30.57 0.98 -25.15
CA GLU C 707 -30.76 -0.45 -25.13
C GLU C 707 -31.36 -0.90 -26.45
N SER C 708 -30.99 -2.10 -26.88
CA SER C 708 -31.43 -2.60 -28.16
C SER C 708 -32.94 -2.59 -28.26
N THR C 709 -33.60 -3.36 -27.39
CA THR C 709 -35.03 -3.58 -27.49
C THR C 709 -35.80 -2.27 -27.64
N THR C 710 -35.34 -1.21 -26.99
CA THR C 710 -35.97 0.08 -27.20
C THR C 710 -35.65 0.64 -28.57
N ILE C 711 -34.37 0.63 -28.95
CA ILE C 711 -33.99 1.02 -30.29
C ILE C 711 -34.80 0.23 -31.30
N GLU C 712 -34.68 -1.10 -31.24
CA GLU C 712 -35.52 -1.99 -32.03
C GLU C 712 -36.94 -1.47 -32.09
N PHE C 713 -37.44 -1.00 -30.97
CA PHE C 713 -38.79 -0.46 -30.95
C PHE C 713 -38.83 0.90 -31.62
N VAL C 714 -38.13 1.88 -31.05
CA VAL C 714 -38.36 3.27 -31.43
C VAL C 714 -38.17 3.47 -32.93
N THR C 715 -37.36 2.61 -33.56
CA THR C 715 -37.31 2.60 -35.01
C THR C 715 -38.29 1.60 -35.60
N GLN C 716 -39.39 1.34 -34.92
CA GLN C 716 -40.60 0.80 -35.54
C GLN C 716 -41.61 1.92 -35.77
N ARG C 717 -41.99 2.59 -34.69
CA ARG C 717 -42.95 3.68 -34.80
C ARG C 717 -42.38 4.82 -35.64
N ASN C 718 -41.30 5.43 -35.17
CA ASN C 718 -40.67 6.52 -35.89
C ASN C 718 -39.54 5.97 -36.76
N CYS C 719 -39.61 6.26 -38.04
CA CYS C 719 -38.69 5.67 -39.02
C CYS C 719 -37.66 6.68 -39.52
N ASN C 720 -37.54 7.82 -38.86
CA ASN C 720 -36.55 8.81 -39.24
C ASN C 720 -35.23 8.60 -38.51
N LEU C 721 -34.96 7.37 -38.06
CA LEU C 721 -33.89 7.10 -37.11
C LEU C 721 -33.14 5.85 -37.55
N THR C 722 -32.08 5.49 -36.82
CA THR C 722 -31.37 4.26 -37.15
C THR C 722 -30.58 3.73 -35.96
N GLN C 723 -30.37 2.42 -36.01
CA GLN C 723 -29.46 1.70 -35.13
C GLN C 723 -28.08 1.63 -35.76
N ILE C 724 -27.05 1.61 -34.91
CA ILE C 724 -25.67 1.55 -35.36
C ILE C 724 -25.02 0.33 -34.74
N GLY C 725 -24.75 -0.67 -35.55
CA GLY C 725 -23.94 -1.78 -35.09
C GLY C 725 -24.68 -2.77 -34.21
N GLY C 726 -23.89 -3.64 -33.62
CA GLY C 726 -24.41 -4.76 -32.85
C GLY C 726 -24.58 -4.45 -31.39
N LEU C 727 -24.72 -5.51 -30.60
CA LEU C 727 -25.01 -5.41 -29.18
C LEU C 727 -23.69 -5.25 -28.44
N ILE C 728 -23.49 -4.07 -27.86
CA ILE C 728 -22.31 -3.87 -27.01
C ILE C 728 -22.26 -4.95 -25.93
N ASP C 729 -23.29 -4.98 -25.09
CA ASP C 729 -23.37 -5.89 -23.95
C ASP C 729 -24.64 -6.72 -24.04
N SER C 730 -24.49 -8.03 -24.09
CA SER C 730 -25.63 -8.90 -23.89
C SER C 730 -26.08 -8.79 -22.45
N LYS C 731 -27.40 -8.90 -22.24
CA LYS C 731 -27.98 -9.02 -20.92
C LYS C 731 -29.49 -9.12 -21.09
N GLY C 732 -30.18 -9.38 -19.98
CA GLY C 732 -31.62 -9.51 -20.01
C GLY C 732 -32.28 -8.63 -18.96
N TYR C 733 -33.53 -8.29 -19.23
CA TYR C 733 -34.33 -7.60 -18.25
C TYR C 733 -34.78 -8.56 -17.16
N GLY C 734 -34.75 -8.08 -15.92
CA GLY C 734 -35.35 -8.80 -14.83
C GLY C 734 -36.06 -7.82 -13.93
N VAL C 735 -36.87 -8.34 -13.02
CA VAL C 735 -37.68 -7.51 -12.15
C VAL C 735 -36.89 -7.21 -10.89
N GLY C 736 -36.82 -5.93 -10.54
CA GLY C 736 -36.09 -5.50 -9.36
C GLY C 736 -36.80 -5.95 -8.09
N THR C 737 -36.09 -6.67 -7.24
CA THR C 737 -36.62 -7.11 -5.96
C THR C 737 -35.55 -6.90 -4.90
N PRO C 738 -35.96 -6.55 -3.67
CA PRO C 738 -34.98 -6.24 -2.64
C PRO C 738 -34.19 -7.48 -2.28
N MET C 739 -32.93 -7.25 -1.90
CA MET C 739 -32.06 -8.35 -1.47
C MET C 739 -32.80 -9.27 -0.52
N GLY C 740 -32.61 -10.58 -0.71
CA GLY C 740 -33.41 -11.51 0.04
C GLY C 740 -34.86 -11.45 -0.35
N SER C 741 -35.15 -11.18 -1.61
CA SER C 741 -36.49 -11.23 -2.16
C SER C 741 -37.17 -12.52 -1.78
N PRO C 742 -38.26 -12.48 -1.01
CA PRO C 742 -39.02 -13.69 -0.73
C PRO C 742 -39.67 -14.28 -1.96
N TYR C 743 -39.57 -13.63 -3.12
CA TYR C 743 -40.27 -14.09 -4.30
C TYR C 743 -39.44 -14.12 -5.57
N ARG C 744 -38.23 -13.56 -5.56
CA ARG C 744 -37.32 -13.65 -6.70
C ARG C 744 -37.38 -15.04 -7.30
N ASP C 745 -37.44 -16.05 -6.44
CA ASP C 745 -37.65 -17.39 -6.92
C ASP C 745 -39.03 -17.51 -7.56
N LYS C 746 -40.07 -17.28 -6.78
CA LYS C 746 -41.42 -17.50 -7.28
C LYS C 746 -41.76 -16.56 -8.41
N ILE C 747 -41.27 -15.32 -8.35
CA ILE C 747 -41.46 -14.41 -9.47
C ILE C 747 -40.80 -14.99 -10.71
N THR C 748 -39.55 -15.40 -10.60
CA THR C 748 -38.94 -16.19 -11.67
C THR C 748 -39.79 -17.40 -12.02
N ILE C 749 -40.06 -18.26 -11.03
CA ILE C 749 -40.84 -19.46 -11.29
C ILE C 749 -42.20 -19.11 -11.85
N ALA C 750 -42.68 -17.90 -11.62
CA ALA C 750 -43.83 -17.43 -12.38
C ALA C 750 -43.46 -17.27 -13.85
N ILE C 751 -42.34 -16.60 -14.12
CA ILE C 751 -41.96 -16.33 -15.50
C ILE C 751 -41.58 -17.63 -16.21
N LEU C 752 -40.77 -18.46 -15.56
CA LEU C 752 -40.28 -19.67 -16.21
C LEU C 752 -41.45 -20.46 -16.77
N GLN C 753 -42.56 -20.48 -16.03
CA GLN C 753 -43.79 -21.05 -16.55
C GLN C 753 -44.32 -20.22 -17.71
N LEU C 754 -44.58 -18.93 -17.47
CA LEU C 754 -45.01 -18.04 -18.54
C LEU C 754 -44.04 -18.03 -19.70
N GLN C 755 -42.74 -18.24 -19.44
CA GLN C 755 -41.79 -18.30 -20.54
C GLN C 755 -42.18 -19.40 -21.52
N GLU C 756 -42.61 -20.54 -21.00
CA GLU C 756 -43.09 -21.61 -21.85
C GLU C 756 -44.51 -21.37 -22.31
N GLU C 757 -45.22 -20.45 -21.67
CA GLU C 757 -46.55 -20.08 -22.15
C GLU C 757 -46.50 -18.95 -23.16
N GLY C 758 -45.29 -18.47 -23.49
CA GLY C 758 -45.05 -17.73 -24.71
C GLY C 758 -45.76 -16.41 -24.83
N LYS C 759 -46.66 -16.13 -23.87
CA LYS C 759 -47.29 -14.82 -23.83
C LYS C 759 -46.24 -13.74 -23.79
N LEU C 760 -45.20 -13.97 -22.98
CA LEU C 760 -44.02 -13.13 -22.96
C LEU C 760 -43.54 -12.81 -24.36
N HIS C 761 -43.76 -13.73 -25.30
CA HIS C 761 -43.48 -13.40 -26.68
C HIS C 761 -44.73 -12.87 -27.38
N MET C 762 -45.88 -13.49 -27.11
CA MET C 762 -47.13 -12.94 -27.61
C MET C 762 -47.22 -11.46 -27.31
N MET C 763 -47.11 -11.09 -26.03
CA MET C 763 -47.02 -9.70 -25.66
C MET C 763 -45.94 -9.00 -26.46
N LYS C 764 -44.75 -9.61 -26.50
CA LYS C 764 -43.63 -8.97 -27.19
C LYS C 764 -43.97 -8.76 -28.65
N GLU C 765 -44.71 -9.71 -29.23
CA GLU C 765 -45.34 -9.44 -30.51
C GLU C 765 -46.32 -8.29 -30.37
N LYS C 766 -47.27 -8.41 -29.44
CA LYS C 766 -48.33 -7.41 -29.29
C LYS C 766 -47.78 -6.00 -29.26
N TRP C 767 -46.62 -5.82 -28.65
CA TRP C 767 -46.08 -4.48 -28.47
C TRP C 767 -45.10 -4.10 -29.55
N TRP C 768 -44.23 -5.03 -29.96
CA TRP C 768 -43.24 -4.72 -30.97
C TRP C 768 -43.72 -5.06 -32.36
N ARG C 769 -45.01 -4.90 -32.61
CA ARG C 769 -45.58 -4.86 -33.94
C ARG C 769 -46.16 -3.45 -34.15
N GLY C 770 -45.30 -2.53 -34.53
CA GLY C 770 -45.71 -1.24 -35.05
C GLY C 770 -45.07 -1.10 -36.41
N ASN C 771 -45.03 -2.21 -37.13
CA ASN C 771 -44.10 -2.42 -38.23
C ASN C 771 -44.29 -1.40 -39.36
N GLY C 772 -43.34 -0.48 -39.47
CA GLY C 772 -43.26 0.45 -40.57
C GLY C 772 -41.85 0.43 -41.10
N CYS C 773 -41.22 1.60 -41.23
CA CYS C 773 -39.80 1.69 -41.55
C CYS C 773 -39.45 0.88 -42.79
N PRO C 774 -39.73 1.42 -43.98
CA PRO C 774 -39.55 0.67 -45.23
C PRO C 774 -38.28 -0.15 -45.30
N GLU C 775 -38.38 -1.33 -45.90
CA GLU C 775 -37.23 -2.21 -46.06
C GLU C 775 -36.31 -1.64 -47.12
N GLN C 787 -30.53 7.14 -61.68
CA GLN C 787 -31.29 8.38 -61.63
C GLN C 787 -30.45 9.48 -61.00
N ASN C 788 -29.13 9.30 -60.97
CA ASN C 788 -28.26 10.33 -60.44
C ASN C 788 -28.10 11.48 -61.43
N ILE C 789 -27.49 11.20 -62.58
CA ILE C 789 -27.09 12.24 -63.51
C ILE C 789 -28.14 12.41 -64.62
N GLY C 790 -29.29 11.78 -64.47
CA GLY C 790 -30.38 12.05 -65.38
C GLY C 790 -30.68 13.52 -65.52
N GLY C 791 -30.23 14.34 -64.56
CA GLY C 791 -30.29 15.78 -64.65
C GLY C 791 -29.74 16.33 -65.95
N ILE C 792 -29.02 15.48 -66.68
CA ILE C 792 -28.45 15.85 -67.96
C ILE C 792 -29.11 15.12 -69.13
N PHE C 793 -29.65 13.93 -68.92
CA PHE C 793 -30.64 13.41 -69.87
C PHE C 793 -31.81 14.36 -70.06
N ILE C 794 -31.93 15.38 -69.20
CA ILE C 794 -33.00 16.34 -69.27
C ILE C 794 -32.52 17.71 -69.72
N VAL C 795 -31.32 18.13 -69.35
CA VAL C 795 -30.66 19.22 -70.07
C VAL C 795 -30.49 18.84 -71.53
N LEU C 796 -30.43 17.54 -71.83
CA LEU C 796 -30.47 17.08 -73.21
C LEU C 796 -31.62 17.67 -74.00
N ALA C 797 -32.75 17.94 -73.33
CA ALA C 797 -33.95 18.32 -74.05
C ALA C 797 -33.82 19.67 -74.75
N ALA C 798 -32.90 20.52 -74.28
CA ALA C 798 -32.85 21.89 -74.77
C ALA C 798 -32.66 21.95 -76.28
N GLY C 799 -32.01 20.95 -76.87
CA GLY C 799 -31.83 20.93 -78.30
C GLY C 799 -33.05 20.35 -78.98
N LEU C 800 -33.55 19.24 -78.46
CA LEU C 800 -34.74 18.63 -79.02
C LEU C 800 -35.94 19.56 -78.90
N VAL C 801 -35.86 20.56 -78.02
CA VAL C 801 -36.80 21.67 -78.05
C VAL C 801 -36.37 22.70 -79.09
N LEU C 802 -35.07 22.99 -79.14
CA LEU C 802 -34.59 24.01 -80.07
C LEU C 802 -34.69 23.55 -81.52
N SER C 803 -34.84 22.25 -81.76
CA SER C 803 -34.74 21.71 -83.11
C SER C 803 -35.88 22.13 -84.02
N VAL C 804 -36.78 23.00 -83.58
CA VAL C 804 -38.04 23.22 -84.28
C VAL C 804 -37.98 24.43 -85.23
N PHE C 805 -37.04 25.33 -85.04
CA PHE C 805 -37.25 26.71 -85.46
C PHE C 805 -36.95 26.95 -86.93
N VAL C 806 -35.97 26.25 -87.49
CA VAL C 806 -35.45 26.56 -88.82
C VAL C 806 -36.51 26.24 -89.87
N ALA C 807 -37.62 25.64 -89.45
CA ALA C 807 -38.67 25.21 -90.36
C ALA C 807 -39.11 26.33 -91.30
N VAL C 808 -39.11 27.57 -90.84
CA VAL C 808 -39.37 28.72 -91.70
C VAL C 808 -38.94 29.99 -90.98
N THR D 2 -28.40 21.83 72.55
CA THR D 2 -29.22 21.35 73.65
C THR D 2 -30.08 20.18 73.20
N HIS D 3 -29.49 19.27 72.43
CA HIS D 3 -30.26 18.19 71.86
C HIS D 3 -29.32 17.08 71.40
N VAL D 4 -29.79 15.84 71.56
CA VAL D 4 -29.09 14.66 71.06
C VAL D 4 -29.96 14.04 70.00
N LEU D 5 -29.33 13.32 69.06
CA LEU D 5 -30.08 12.68 67.99
C LEU D 5 -29.30 11.50 67.46
N ARG D 6 -30.01 10.41 67.18
CA ARG D 6 -29.41 9.15 66.76
C ARG D 6 -29.79 8.79 65.34
N PHE D 7 -28.81 8.33 64.57
CA PHE D 7 -29.07 7.63 63.32
C PHE D 7 -28.87 6.14 63.47
N GLY D 8 -29.36 5.40 62.48
CA GLY D 8 -29.12 3.99 62.40
C GLY D 8 -27.91 3.68 61.56
N GLY D 9 -27.51 2.42 61.59
CA GLY D 9 -26.33 2.02 60.84
C GLY D 9 -26.23 0.53 60.66
N ILE D 10 -26.00 0.11 59.44
CA ILE D 10 -25.87 -1.30 59.09
C ILE D 10 -24.61 -1.46 58.27
N PHE D 11 -23.84 -2.49 58.56
CA PHE D 11 -22.55 -2.65 57.91
C PHE D 11 -22.21 -4.12 57.84
N GLU D 12 -21.11 -4.44 57.16
CA GLU D 12 -20.71 -5.81 57.00
C GLU D 12 -19.26 -6.02 57.39
N TYR D 13 -18.91 -7.29 57.50
CA TYR D 13 -17.81 -7.77 58.32
C TYR D 13 -17.84 -9.28 58.19
N VAL D 14 -16.89 -10.01 58.74
CA VAL D 14 -17.00 -11.46 58.89
C VAL D 14 -16.75 -11.78 60.35
N GLU D 15 -17.83 -11.87 61.13
CA GLU D 15 -17.83 -12.30 62.52
C GLU D 15 -17.08 -11.35 63.45
N SER D 16 -16.40 -10.33 62.92
CA SER D 16 -15.58 -9.47 63.75
C SER D 16 -14.89 -8.34 62.98
N GLY D 17 -14.17 -7.51 63.73
CA GLY D 17 -13.39 -6.43 63.17
C GLY D 17 -12.19 -6.90 62.40
N PRO D 18 -11.50 -5.98 61.71
CA PRO D 18 -11.76 -4.54 61.70
C PRO D 18 -13.11 -4.20 61.08
N MET D 19 -13.81 -3.25 61.69
CA MET D 19 -15.17 -2.92 61.29
C MET D 19 -15.20 -2.56 59.80
N GLY D 20 -16.40 -2.57 59.24
CA GLY D 20 -16.57 -2.13 57.86
C GLY D 20 -15.91 -0.79 57.61
N ALA D 21 -14.90 -0.76 56.75
CA ALA D 21 -14.03 0.41 56.63
C ALA D 21 -14.82 1.69 56.42
N GLU D 22 -16.01 1.61 55.85
CA GLU D 22 -16.86 2.78 55.78
C GLU D 22 -17.48 3.10 57.12
N GLU D 23 -17.98 2.08 57.83
CA GLU D 23 -18.46 2.29 59.18
C GLU D 23 -17.39 2.97 60.03
N LEU D 24 -16.20 2.35 60.08
CA LEU D 24 -15.05 3.01 60.68
C LEU D 24 -14.91 4.44 60.18
N ALA D 25 -15.04 4.64 58.88
CA ALA D 25 -15.00 5.98 58.31
C ALA D 25 -16.33 6.71 58.47
N PHE D 26 -17.41 6.01 58.80
CA PHE D 26 -18.69 6.68 59.02
C PHE D 26 -18.72 7.42 60.33
N ARG D 27 -18.57 6.71 61.44
CA ARG D 27 -18.53 7.32 62.76
C ARG D 27 -17.70 8.59 62.76
N PHE D 28 -16.71 8.67 61.88
CA PHE D 28 -15.97 9.90 61.68
C PHE D 28 -16.89 11.05 61.33
N ALA D 29 -17.65 10.89 60.26
CA ALA D 29 -18.50 12.00 59.83
C ALA D 29 -19.50 12.36 60.89
N VAL D 30 -19.85 11.40 61.76
CA VAL D 30 -20.59 11.73 62.97
C VAL D 30 -19.85 12.80 63.75
N ASN D 31 -18.62 12.47 64.14
CA ASN D 31 -17.90 13.29 65.09
C ASN D 31 -17.55 14.64 64.47
N THR D 32 -17.04 14.61 63.24
CA THR D 32 -16.53 15.82 62.60
C THR D 32 -17.60 16.88 62.47
N ILE D 33 -18.88 16.48 62.58
CA ILE D 33 -19.98 17.45 62.53
C ILE D 33 -19.75 18.55 63.54
N ASN D 34 -19.71 18.18 64.81
CA ASN D 34 -19.73 19.14 65.89
C ASN D 34 -18.34 19.57 66.30
N ARG D 35 -17.39 19.38 65.39
CA ARG D 35 -16.09 20.02 65.48
C ARG D 35 -15.89 21.04 64.38
N ASN D 36 -16.70 20.98 63.32
CA ASN D 36 -17.16 22.20 62.65
C ASN D 36 -18.47 22.60 63.35
N ARG D 37 -18.27 23.12 64.56
CA ARG D 37 -19.36 23.35 65.50
C ARG D 37 -20.54 24.06 64.87
N THR D 38 -20.30 24.85 63.83
CA THR D 38 -21.35 25.47 63.05
C THR D 38 -22.48 24.49 62.78
N LEU D 39 -22.13 23.22 62.61
CA LEU D 39 -23.04 22.24 62.04
C LEU D 39 -23.96 21.68 63.11
N LEU D 40 -25.26 21.98 62.98
CA LEU D 40 -26.28 21.54 63.92
C LEU D 40 -25.87 21.81 65.37
N PRO D 41 -25.68 23.06 65.74
CA PRO D 41 -24.99 23.38 66.99
C PRO D 41 -25.74 22.90 68.20
N ASN D 42 -26.98 23.38 68.35
CA ASN D 42 -27.80 23.06 69.50
C ASN D 42 -28.33 21.64 69.45
N THR D 43 -27.99 20.87 68.43
CA THR D 43 -28.50 19.53 68.22
C THR D 43 -27.30 18.62 68.01
N THR D 44 -26.74 18.13 69.10
CA THR D 44 -25.68 17.14 69.01
C THR D 44 -26.22 15.87 68.37
N LEU D 45 -25.45 15.31 67.45
CA LEU D 45 -25.83 14.05 66.82
C LEU D 45 -25.08 12.88 67.44
N THR D 46 -25.82 11.82 67.72
CA THR D 46 -25.27 10.52 68.02
C THR D 46 -25.80 9.57 66.95
N TYR D 47 -25.60 8.28 67.18
CA TYR D 47 -25.94 7.29 66.18
C TYR D 47 -26.03 5.93 66.86
N ASP D 48 -26.48 4.95 66.08
CA ASP D 48 -26.31 3.53 66.39
C ASP D 48 -25.97 2.80 65.11
N THR D 49 -25.21 1.72 65.24
CA THR D 49 -24.84 0.92 64.09
C THR D 49 -25.19 -0.53 64.37
N GLN D 50 -25.08 -1.35 63.32
CA GLN D 50 -25.11 -2.80 63.43
C GLN D 50 -24.09 -3.37 62.45
N LYS D 51 -24.04 -4.69 62.35
CA LYS D 51 -23.18 -5.36 61.40
C LYS D 51 -23.90 -6.60 60.90
N ILE D 52 -23.92 -6.80 59.59
CA ILE D 52 -24.78 -7.84 59.02
C ILE D 52 -24.04 -8.78 58.06
N ASN D 53 -24.80 -9.69 57.46
CA ASN D 53 -24.25 -10.79 56.69
C ASN D 53 -23.98 -10.40 55.24
N LEU D 54 -23.00 -11.08 54.66
CA LEU D 54 -22.81 -11.10 53.22
C LEU D 54 -23.88 -11.96 52.59
N TYR D 55 -24.49 -11.47 51.51
CA TYR D 55 -25.52 -12.20 50.80
C TYR D 55 -26.68 -12.58 51.73
N ASP D 56 -27.32 -11.54 52.29
CA ASP D 56 -28.47 -11.73 53.17
C ASP D 56 -29.11 -10.39 53.44
N SER D 57 -30.42 -10.44 53.70
CA SER D 57 -31.15 -9.33 54.28
C SER D 57 -32.02 -9.73 55.46
N PHE D 58 -32.33 -11.02 55.61
CA PHE D 58 -33.14 -11.45 56.75
C PHE D 58 -32.50 -11.02 58.05
N GLU D 59 -31.21 -11.29 58.21
CA GLU D 59 -30.49 -10.71 59.34
C GLU D 59 -30.59 -9.20 59.30
N ALA D 60 -30.39 -8.62 58.11
CA ALA D 60 -30.53 -7.18 57.98
C ALA D 60 -31.95 -6.74 58.26
N SER D 61 -32.91 -7.61 58.01
CA SER D 61 -34.28 -7.32 58.44
C SER D 61 -34.32 -7.19 59.96
N LYS D 62 -33.70 -8.14 60.65
CA LYS D 62 -33.61 -8.04 62.10
C LYS D 62 -32.98 -6.72 62.50
N LYS D 63 -31.72 -6.51 62.12
CA LYS D 63 -31.02 -5.29 62.48
C LYS D 63 -31.78 -4.06 62.04
N ALA D 64 -32.58 -4.18 60.98
CA ALA D 64 -33.50 -3.11 60.64
C ALA D 64 -34.52 -2.94 61.76
N CYS D 65 -35.33 -3.97 61.99
CA CYS D 65 -36.30 -3.92 63.07
C CYS D 65 -35.62 -3.64 64.40
N ASP D 66 -34.39 -4.14 64.59
CA ASP D 66 -33.64 -3.81 65.79
C ASP D 66 -33.43 -2.31 65.90
N GLN D 67 -32.76 -1.72 64.92
CA GLN D 67 -32.57 -0.28 64.96
C GLN D 67 -33.89 0.47 64.89
N LEU D 68 -34.99 -0.23 64.60
CA LEU D 68 -36.31 0.36 64.73
C LEU D 68 -36.89 0.20 66.11
N SER D 69 -36.38 -0.76 66.90
CA SER D 69 -36.85 -0.91 68.28
C SER D 69 -36.83 0.43 68.99
N LEU D 70 -35.63 0.99 69.15
CA LEU D 70 -35.52 2.41 69.48
C LEU D 70 -36.26 3.25 68.46
N GLY D 71 -36.22 2.82 67.20
CA GLY D 71 -36.36 3.71 66.09
C GLY D 71 -35.05 4.47 65.96
N VAL D 72 -34.73 4.88 64.74
CA VAL D 72 -33.62 5.79 64.51
C VAL D 72 -34.11 6.86 63.54
N ALA D 73 -33.44 7.99 63.54
CA ALA D 73 -33.92 9.11 62.75
C ALA D 73 -33.90 8.77 61.26
N ALA D 74 -32.88 8.05 60.81
CA ALA D 74 -32.76 7.61 59.43
C ALA D 74 -31.64 6.59 59.35
N ILE D 75 -31.83 5.56 58.53
CA ILE D 75 -30.86 4.49 58.41
C ILE D 75 -29.91 4.76 57.25
N PHE D 76 -28.62 4.59 57.49
CA PHE D 76 -27.66 4.45 56.42
C PHE D 76 -27.41 2.96 56.25
N GLY D 77 -27.37 2.51 55.00
CA GLY D 77 -27.66 1.14 54.69
C GLY D 77 -26.51 0.26 54.26
N PRO D 78 -26.84 -0.98 53.94
CA PRO D 78 -25.83 -2.02 53.69
C PRO D 78 -25.20 -1.96 52.31
N SER D 79 -24.48 -3.03 51.96
CA SER D 79 -23.79 -3.12 50.68
C SER D 79 -24.61 -3.83 49.61
N HIS D 80 -25.00 -5.07 49.85
CA HIS D 80 -25.71 -5.80 48.81
C HIS D 80 -27.02 -5.12 48.48
N SER D 81 -27.44 -5.28 47.22
CA SER D 81 -28.81 -4.91 46.87
C SER D 81 -29.80 -5.67 47.72
N SER D 82 -29.70 -7.00 47.71
CA SER D 82 -30.55 -7.83 48.54
C SER D 82 -30.62 -7.28 49.96
N SER D 83 -29.48 -6.96 50.53
CA SER D 83 -29.48 -6.43 51.88
C SER D 83 -30.13 -5.05 51.92
N ALA D 84 -30.01 -4.28 50.85
CA ALA D 84 -30.47 -2.90 50.86
C ALA D 84 -31.83 -2.70 50.22
N ASN D 85 -32.39 -3.74 49.61
CA ASN D 85 -33.73 -3.59 49.06
C ASN D 85 -34.79 -3.77 50.13
N ALA D 86 -34.58 -4.72 51.05
CA ALA D 86 -35.51 -4.86 52.16
C ALA D 86 -35.46 -3.63 53.05
N VAL D 87 -34.25 -3.26 53.48
CA VAL D 87 -34.07 -2.05 54.28
C VAL D 87 -34.72 -0.86 53.62
N GLN D 88 -34.74 -0.86 52.29
CA GLN D 88 -35.46 0.17 51.57
C GLN D 88 -36.95 0.11 51.89
N SER D 89 -37.58 -1.02 51.56
CA SER D 89 -39.02 -1.13 51.77
C SER D 89 -39.40 -0.90 53.22
N ILE D 90 -38.63 -1.49 54.15
CA ILE D 90 -38.99 -1.42 55.55
C ILE D 90 -39.11 0.02 56.01
N CYS D 91 -38.01 0.77 55.93
CA CYS D 91 -38.05 2.19 56.23
C CYS D 91 -39.19 2.86 55.47
N ASN D 92 -39.40 2.46 54.24
CA ASN D 92 -40.38 3.08 53.38
C ASN D 92 -41.76 2.50 53.57
N ALA D 93 -41.87 1.39 54.29
CA ALA D 93 -43.15 0.96 54.81
C ALA D 93 -43.40 1.51 56.20
N LEU D 94 -42.39 2.10 56.84
CA LEU D 94 -42.56 2.70 58.16
C LEU D 94 -42.10 4.14 58.18
N GLY D 95 -42.21 4.83 57.06
CA GLY D 95 -41.96 6.25 57.05
C GLY D 95 -40.51 6.65 57.14
N VAL D 96 -39.68 5.76 57.68
CA VAL D 96 -38.29 6.12 57.97
C VAL D 96 -37.57 6.43 56.66
N PRO D 97 -36.71 7.44 56.62
CA PRO D 97 -35.84 7.60 55.45
C PRO D 97 -34.77 6.53 55.45
N HIS D 98 -34.58 5.90 54.30
CA HIS D 98 -33.43 5.04 54.06
C HIS D 98 -32.44 5.74 53.15
N ILE D 99 -31.16 5.54 53.40
CA ILE D 99 -30.12 6.15 52.60
C ILE D 99 -29.28 5.06 51.95
N GLN D 100 -28.69 5.40 50.81
CA GLN D 100 -27.91 4.45 50.04
C GLN D 100 -26.65 5.15 49.55
N THR D 101 -25.55 4.42 49.53
CA THR D 101 -24.34 4.91 48.92
C THR D 101 -23.86 4.05 47.77
N ARG D 102 -24.36 2.84 47.63
CA ARG D 102 -24.04 1.99 46.51
C ARG D 102 -24.99 2.26 45.36
N TRP D 103 -24.68 1.62 44.24
CA TRP D 103 -25.62 1.49 43.15
C TRP D 103 -26.29 0.14 43.23
N LYS D 104 -27.53 0.08 42.78
CA LYS D 104 -28.24 -1.18 42.67
C LYS D 104 -29.46 -0.94 41.81
N HIS D 105 -29.77 -1.87 40.93
CA HIS D 105 -30.82 -1.58 39.96
C HIS D 105 -32.17 -1.60 40.64
N GLN D 106 -32.68 -0.42 40.95
CA GLN D 106 -34.07 -0.26 41.34
C GLN D 106 -34.96 -0.87 40.27
N VAL D 107 -35.72 -1.89 40.62
CA VAL D 107 -36.73 -2.34 39.70
C VAL D 107 -37.60 -1.14 39.34
N SER D 108 -37.90 -0.99 38.07
CA SER D 108 -38.71 0.13 37.62
C SER D 108 -40.20 -0.17 37.68
N ASP D 109 -40.59 -1.08 38.56
CA ASP D 109 -41.98 -1.36 38.86
C ASP D 109 -42.24 -1.29 40.36
N ASN D 110 -41.46 -0.49 41.07
CA ASN D 110 -41.56 -0.37 42.51
C ASN D 110 -42.01 1.02 42.88
N LYS D 111 -42.86 1.09 43.90
CA LYS D 111 -43.62 2.29 44.23
C LYS D 111 -42.87 3.27 45.13
N ASP D 112 -41.64 2.95 45.51
CA ASP D 112 -41.07 3.44 46.75
C ASP D 112 -40.51 4.85 46.67
N SER D 113 -40.47 5.52 47.82
CA SER D 113 -40.14 6.92 48.04
C SER D 113 -39.06 7.17 49.08
N PHE D 114 -39.07 6.45 50.20
CA PHE D 114 -38.35 6.88 51.39
C PHE D 114 -36.90 6.45 51.38
N TYR D 115 -36.32 6.27 50.21
CA TYR D 115 -34.93 5.93 50.04
C TYR D 115 -34.29 6.93 49.12
N VAL D 116 -33.00 7.16 49.30
CA VAL D 116 -32.19 7.86 48.31
C VAL D 116 -30.80 7.25 48.28
N SER D 117 -30.10 7.52 47.21
CA SER D 117 -28.81 6.91 46.93
C SER D 117 -27.85 8.00 46.49
N LEU D 118 -26.91 8.39 47.35
CA LEU D 118 -25.91 9.33 46.91
C LEU D 118 -25.08 8.79 45.77
N TYR D 119 -25.21 7.52 45.44
CA TYR D 119 -24.35 6.96 44.45
C TYR D 119 -24.69 7.58 43.11
N PRO D 120 -23.72 8.15 42.41
CA PRO D 120 -24.02 8.78 41.12
C PRO D 120 -24.50 7.74 40.12
N ASP D 121 -25.69 7.96 39.58
CA ASP D 121 -26.26 6.93 38.75
C ASP D 121 -25.52 6.81 37.43
N PHE D 122 -25.64 5.64 36.82
CA PHE D 122 -24.93 5.31 35.60
C PHE D 122 -25.60 5.81 34.35
N SER D 123 -26.92 5.97 34.35
CA SER D 123 -27.56 6.63 33.24
C SER D 123 -26.92 7.97 32.92
N SER D 124 -26.14 8.51 33.85
CA SER D 124 -25.22 9.60 33.56
C SER D 124 -23.80 9.09 33.34
N LEU D 125 -23.25 8.36 34.31
CA LEU D 125 -21.93 7.76 34.12
C LEU D 125 -21.82 7.10 32.77
N SER D 126 -22.68 6.10 32.53
CA SER D 126 -22.63 5.41 31.26
C SER D 126 -22.88 6.34 30.09
N ARG D 127 -23.57 7.46 30.30
CA ARG D 127 -23.58 8.46 29.25
C ARG D 127 -22.22 9.08 29.10
N ALA D 128 -21.58 9.40 30.22
CA ALA D 128 -20.26 10.03 30.18
C ALA D 128 -19.26 9.11 29.47
N ILE D 129 -19.21 7.85 29.88
CA ILE D 129 -18.39 6.84 29.20
C ILE D 129 -18.61 7.02 27.72
N LEU D 130 -19.87 6.98 27.34
CA LEU D 130 -20.24 6.98 25.94
C LEU D 130 -19.78 8.25 25.26
N ASP D 131 -19.81 9.37 25.99
CA ASP D 131 -19.29 10.62 25.44
C ASP D 131 -17.81 10.49 25.18
N LEU D 132 -17.06 10.25 26.25
CA LEU D 132 -15.62 10.03 26.22
C LEU D 132 -15.24 9.12 25.06
N VAL D 133 -15.82 7.93 25.03
CA VAL D 133 -15.65 7.03 23.89
C VAL D 133 -15.92 7.77 22.60
N GLN D 134 -17.12 8.33 22.48
CA GLN D 134 -17.51 9.00 21.25
C GLN D 134 -16.56 10.13 20.93
N PHE D 135 -15.75 10.57 21.87
CA PHE D 135 -14.76 11.58 21.51
C PHE D 135 -13.52 10.95 20.89
N PHE D 136 -12.98 9.92 21.52
CA PHE D 136 -11.74 9.35 21.02
C PHE D 136 -11.98 8.68 19.67
N LYS D 137 -13.20 8.79 19.18
CA LYS D 137 -13.54 8.40 17.83
C LYS D 137 -13.27 6.92 17.61
N TRP D 138 -13.35 6.13 18.68
CA TRP D 138 -13.27 4.70 18.53
C TRP D 138 -14.44 4.22 17.71
N LYS D 139 -14.20 3.25 16.85
CA LYS D 139 -15.27 2.60 16.12
C LYS D 139 -15.39 1.16 16.54
N THR D 140 -14.99 0.89 17.78
CA THR D 140 -14.89 -0.45 18.34
C THR D 140 -14.59 -0.27 19.81
N VAL D 141 -14.99 -1.24 20.62
CA VAL D 141 -14.57 -1.29 22.00
C VAL D 141 -14.92 -2.64 22.58
N THR D 142 -14.15 -3.09 23.55
CA THR D 142 -14.52 -4.24 24.35
C THR D 142 -15.03 -3.80 25.70
N VAL D 143 -16.10 -4.42 26.16
CA VAL D 143 -16.69 -4.08 27.43
C VAL D 143 -16.48 -5.28 28.34
N VAL D 144 -15.43 -5.24 29.13
CA VAL D 144 -15.16 -6.29 30.09
C VAL D 144 -15.89 -5.95 31.38
N TYR D 145 -16.79 -6.81 31.81
CA TYR D 145 -17.46 -6.55 33.07
C TYR D 145 -17.16 -7.66 34.05
N ASP D 146 -17.74 -7.53 35.25
CA ASP D 146 -17.46 -8.41 36.37
C ASP D 146 -18.49 -9.52 36.54
N ASP D 147 -19.75 -9.14 36.71
CA ASP D 147 -20.84 -10.08 36.93
C ASP D 147 -22.03 -9.63 36.11
N SER D 148 -23.07 -10.46 36.10
CA SER D 148 -24.24 -10.14 35.30
C SER D 148 -24.65 -8.68 35.47
N THR D 149 -24.89 -8.28 36.72
CA THR D 149 -25.43 -6.96 37.00
C THR D 149 -24.60 -5.85 36.38
N GLY D 150 -23.36 -6.14 36.02
CA GLY D 150 -22.59 -5.17 35.27
C GLY D 150 -23.35 -4.68 34.06
N LEU D 151 -24.04 -5.59 33.36
CA LEU D 151 -24.80 -5.21 32.18
C LEU D 151 -25.78 -4.10 32.49
N ILE D 152 -26.74 -4.41 33.35
CA ILE D 152 -27.74 -3.43 33.78
C ILE D 152 -27.09 -2.14 34.19
N ARG D 153 -25.85 -2.21 34.66
CA ARG D 153 -25.15 -0.99 34.99
C ARG D 153 -24.77 -0.20 33.76
N LEU D 154 -24.63 -0.86 32.62
CA LEU D 154 -24.01 -0.23 31.45
C LEU D 154 -24.98 -0.09 30.29
N GLN D 155 -26.28 -0.29 30.50
CA GLN D 155 -27.09 -0.53 29.34
C GLN D 155 -27.21 0.69 28.46
N GLU D 156 -26.95 1.89 28.98
CA GLU D 156 -26.77 3.03 28.10
C GLU D 156 -25.71 2.72 27.06
N LEU D 157 -24.64 2.08 27.50
CA LEU D 157 -23.50 1.87 26.63
C LEU D 157 -23.81 0.84 25.58
N ILE D 158 -24.23 -0.35 26.01
CA ILE D 158 -24.59 -1.43 25.10
C ILE D 158 -25.52 -0.93 24.00
N LYS D 159 -26.26 0.14 24.27
CA LYS D 159 -27.23 0.68 23.33
C LYS D 159 -26.68 1.87 22.58
N ALA D 160 -25.37 1.95 22.44
CA ALA D 160 -24.72 2.92 21.58
C ALA D 160 -24.80 2.51 20.11
N PRO D 161 -24.68 1.22 19.78
CA PRO D 161 -24.96 0.81 18.39
C PRO D 161 -26.37 1.15 17.95
N SER D 162 -27.25 1.50 18.88
CA SER D 162 -28.58 1.99 18.49
C SER D 162 -28.47 3.16 17.54
N ARG D 163 -27.47 3.99 17.71
CA ARG D 163 -27.33 5.18 16.88
C ARG D 163 -25.95 5.21 16.26
N TYR D 164 -24.96 4.73 17.00
CA TYR D 164 -23.56 5.01 16.71
C TYR D 164 -22.85 3.76 16.22
N ASN D 165 -21.97 3.95 15.23
CA ASN D 165 -21.18 2.83 14.72
C ASN D 165 -20.08 2.54 15.74
N LEU D 166 -20.46 1.83 16.79
CA LEU D 166 -19.49 1.27 17.71
C LEU D 166 -19.81 -0.21 17.82
N ARG D 167 -19.34 -0.97 16.85
CA ARG D 167 -19.56 -2.40 16.92
C ARG D 167 -18.70 -2.90 18.05
N LEU D 168 -19.31 -3.16 19.20
CA LEU D 168 -18.55 -3.53 20.36
C LEU D 168 -18.79 -4.98 20.73
N LYS D 169 -17.88 -5.51 21.53
CA LYS D 169 -17.98 -6.85 22.05
C LYS D 169 -17.98 -6.80 23.57
N ILE D 170 -18.55 -7.82 24.17
CA ILE D 170 -18.69 -7.92 25.61
C ILE D 170 -18.04 -9.20 26.09
N ARG D 171 -17.29 -9.10 27.18
CA ARG D 171 -16.56 -10.23 27.70
C ARG D 171 -16.60 -10.18 29.21
N GLN D 172 -16.91 -11.30 29.84
CA GLN D 172 -17.08 -11.35 31.29
C GLN D 172 -15.93 -12.06 31.97
N LEU D 173 -15.39 -11.43 33.00
CA LEU D 173 -14.31 -12.02 33.75
C LEU D 173 -14.79 -13.27 34.48
N PRO D 174 -13.99 -14.30 34.53
CA PRO D 174 -14.31 -15.43 35.41
C PRO D 174 -14.08 -15.11 36.87
N ALA D 175 -14.10 -16.15 37.72
CA ALA D 175 -14.02 -15.98 39.17
C ALA D 175 -12.79 -15.19 39.60
N ASP D 176 -11.60 -15.72 39.34
CA ASP D 176 -10.38 -15.15 39.91
C ASP D 176 -9.81 -14.05 39.02
N THR D 177 -8.77 -13.38 39.55
CA THR D 177 -8.01 -12.43 38.76
C THR D 177 -7.29 -13.13 37.61
N LYS D 178 -6.35 -14.02 37.93
CA LYS D 178 -5.65 -14.77 36.90
C LYS D 178 -6.62 -15.66 36.13
N ASP D 179 -7.85 -15.73 36.59
CA ASP D 179 -8.86 -16.15 35.65
C ASP D 179 -9.00 -15.16 34.50
N ALA D 180 -8.29 -14.03 34.51
CA ALA D 180 -8.29 -13.15 33.36
C ALA D 180 -7.58 -13.76 32.18
N LYS D 181 -6.36 -14.25 32.40
CA LYS D 181 -5.49 -14.69 31.32
C LYS D 181 -6.20 -15.37 30.16
N PRO D 182 -7.09 -16.34 30.38
CA PRO D 182 -7.84 -16.87 29.24
C PRO D 182 -8.57 -15.79 28.46
N LEU D 183 -9.11 -14.80 29.15
CA LEU D 183 -9.82 -13.75 28.46
C LEU D 183 -8.87 -12.85 27.69
N LEU D 184 -7.96 -12.20 28.42
CA LEU D 184 -7.02 -11.27 27.82
C LEU D 184 -6.32 -11.89 26.63
N LYS D 185 -5.94 -13.16 26.76
CA LYS D 185 -5.27 -13.85 25.68
C LYS D 185 -6.03 -13.70 24.38
N GLU D 186 -7.36 -13.85 24.44
CA GLU D 186 -8.18 -13.64 23.26
C GLU D 186 -8.09 -12.21 22.77
N MET D 187 -8.22 -11.27 23.71
CA MET D 187 -8.19 -9.86 23.34
C MET D 187 -6.93 -9.54 22.56
N LYS D 188 -5.80 -10.01 23.05
CA LYS D 188 -4.56 -9.82 22.32
C LYS D 188 -4.56 -10.59 21.00
N ARG D 189 -5.33 -11.67 20.93
CA ARG D 189 -5.44 -12.42 19.69
C ARG D 189 -6.57 -11.95 18.82
N GLY D 190 -7.61 -11.37 19.41
CA GLY D 190 -8.55 -10.61 18.62
C GLY D 190 -8.14 -9.20 18.34
N LYS D 191 -7.11 -8.72 19.05
CA LYS D 191 -6.56 -7.40 18.83
C LYS D 191 -7.62 -6.32 19.07
N GLU D 192 -8.06 -6.26 20.31
CA GLU D 192 -9.10 -5.35 20.77
C GLU D 192 -8.39 -4.29 21.59
N PHE D 193 -7.93 -3.24 20.92
CA PHE D 193 -7.10 -2.22 21.53
C PHE D 193 -7.89 -1.07 22.11
N HIS D 194 -9.11 -1.33 22.53
CA HIS D 194 -9.88 -0.31 23.23
C HIS D 194 -10.75 -1.05 24.23
N VAL D 195 -10.48 -0.85 25.50
CA VAL D 195 -11.06 -1.70 26.52
C VAL D 195 -11.73 -0.83 27.55
N ILE D 196 -13.01 -1.10 27.80
CA ILE D 196 -13.73 -0.50 28.91
C ILE D 196 -14.01 -1.60 29.92
N PHE D 197 -13.60 -1.38 31.15
CA PHE D 197 -13.84 -2.41 32.15
C PHE D 197 -15.16 -2.18 32.86
N ASP D 198 -15.56 -3.16 33.65
CA ASP D 198 -16.54 -2.94 34.71
C ASP D 198 -16.24 -3.91 35.84
N CYS D 199 -15.68 -3.39 36.92
CA CYS D 199 -15.43 -4.17 38.11
C CYS D 199 -14.93 -3.22 39.18
N SER D 200 -15.28 -3.52 40.42
CA SER D 200 -14.67 -2.79 41.52
C SER D 200 -13.16 -2.90 41.38
N HIS D 201 -12.48 -1.78 41.61
CA HIS D 201 -11.04 -1.68 41.39
C HIS D 201 -10.28 -2.87 41.93
N GLU D 202 -10.81 -3.49 42.98
CA GLU D 202 -10.28 -4.74 43.50
C GLU D 202 -9.96 -5.73 42.39
N MET D 203 -10.76 -5.75 41.34
CA MET D 203 -10.39 -6.49 40.14
C MET D 203 -9.54 -5.67 39.19
N ALA D 204 -9.60 -4.34 39.27
CA ALA D 204 -8.78 -3.52 38.38
C ALA D 204 -7.32 -3.84 38.58
N ALA D 205 -6.81 -3.67 39.79
CA ALA D 205 -5.44 -4.05 40.04
C ALA D 205 -5.19 -5.49 39.62
N GLY D 206 -6.12 -6.37 39.97
CA GLY D 206 -6.01 -7.74 39.50
C GLY D 206 -5.97 -7.81 37.98
N ILE D 207 -6.93 -7.20 37.32
CA ILE D 207 -6.94 -7.26 35.86
C ILE D 207 -5.76 -6.51 35.30
N LEU D 208 -5.25 -5.51 35.99
CA LEU D 208 -4.15 -4.75 35.41
C LEU D 208 -2.85 -5.53 35.45
N LYS D 209 -2.48 -6.02 36.63
CA LYS D 209 -1.27 -6.81 36.72
C LYS D 209 -1.24 -7.91 35.67
N GLN D 210 -2.41 -8.38 35.25
CA GLN D 210 -2.47 -9.27 34.12
C GLN D 210 -2.14 -8.55 32.82
N ALA D 211 -2.86 -7.46 32.54
CA ALA D 211 -2.58 -6.67 31.36
C ALA D 211 -1.13 -6.27 31.28
N LEU D 212 -0.42 -6.29 32.39
CA LEU D 212 1.02 -6.14 32.37
C LEU D 212 1.69 -7.46 32.01
N ALA D 213 1.47 -8.48 32.81
CA ALA D 213 2.06 -9.78 32.54
C ALA D 213 1.51 -10.43 31.28
N MET D 214 0.42 -9.91 30.72
CA MET D 214 -0.04 -10.38 29.43
C MET D 214 0.44 -9.50 28.31
N GLY D 215 1.44 -8.66 28.56
CA GLY D 215 1.99 -7.83 27.52
C GLY D 215 0.94 -7.04 26.81
N MET D 216 0.11 -6.34 27.57
CA MET D 216 -0.92 -5.49 27.02
C MET D 216 -0.80 -4.08 27.54
N MET D 217 0.32 -3.75 28.16
CA MET D 217 0.60 -2.40 28.61
C MET D 217 1.54 -1.76 27.59
N THR D 218 0.95 -1.26 26.52
CA THR D 218 1.69 -0.58 25.48
C THR D 218 0.96 0.71 25.14
N GLU D 219 1.54 1.48 24.24
CA GLU D 219 0.82 2.63 23.73
C GLU D 219 -0.46 2.23 23.01
N TYR D 220 -0.53 0.99 22.53
CA TYR D 220 -1.68 0.54 21.76
C TYR D 220 -2.94 0.55 22.59
N TYR D 221 -2.98 -0.32 23.59
CA TYR D 221 -4.20 -0.48 24.35
C TYR D 221 -4.55 0.82 25.06
N HIS D 222 -5.84 1.07 25.22
CA HIS D 222 -6.30 2.26 25.92
C HIS D 222 -7.42 1.86 26.85
N TYR D 223 -7.09 1.62 28.11
CA TYR D 223 -8.03 1.09 29.06
C TYR D 223 -8.88 2.19 29.65
N ILE D 224 -10.18 1.98 29.69
CA ILE D 224 -11.11 2.88 30.37
C ILE D 224 -11.83 2.12 31.47
N PHE D 225 -12.03 2.77 32.59
CA PHE D 225 -12.54 2.12 33.79
C PHE D 225 -13.90 2.65 34.15
N THR D 226 -14.83 1.75 34.42
CA THR D 226 -16.15 2.17 34.83
C THR D 226 -16.10 2.94 36.13
N THR D 227 -15.17 2.59 37.01
CA THR D 227 -15.26 3.09 38.37
C THR D 227 -14.51 4.41 38.50
N LEU D 228 -14.59 4.95 39.71
CA LEU D 228 -14.02 6.24 40.05
C LEU D 228 -12.71 6.13 40.79
N ASP D 229 -12.53 5.04 41.50
CA ASP D 229 -11.43 4.71 42.36
C ASP D 229 -10.23 4.38 41.62
N LEU D 230 -10.29 4.57 40.31
CA LEU D 230 -9.13 4.52 39.44
C LEU D 230 -7.91 5.14 40.11
N PHE D 231 -8.12 6.29 40.74
CA PHE D 231 -6.99 6.95 41.39
C PHE D 231 -6.43 6.11 42.53
N ALA D 232 -7.28 5.35 43.22
CA ALA D 232 -6.80 4.63 44.38
C ALA D 232 -5.73 3.60 44.04
N LEU D 233 -5.69 3.14 42.79
CA LEU D 233 -4.70 2.15 42.44
C LEU D 233 -3.30 2.75 42.47
N ASP D 234 -2.31 1.90 42.20
CA ASP D 234 -0.93 2.32 42.23
C ASP D 234 -0.52 2.60 40.79
N VAL D 235 -0.40 3.88 40.47
CA VAL D 235 0.04 4.31 39.16
C VAL D 235 1.33 3.61 38.78
N GLU D 236 2.35 3.81 39.62
CA GLU D 236 3.75 3.71 39.22
C GLU D 236 4.09 2.54 38.30
N PRO D 237 3.70 1.29 38.59
CA PRO D 237 4.11 0.19 37.71
C PRO D 237 3.76 0.41 36.27
N TYR D 238 2.95 1.40 35.95
CA TYR D 238 2.37 1.49 34.63
C TYR D 238 2.75 2.76 33.89
N ARG D 239 2.97 3.86 34.59
CA ARG D 239 2.94 5.15 33.96
C ARG D 239 4.03 5.34 32.91
N TYR D 240 4.97 4.42 32.81
CA TYR D 240 6.03 4.58 31.83
C TYR D 240 5.75 3.85 30.55
N SER D 241 5.03 2.74 30.62
CA SER D 241 4.78 1.91 29.44
C SER D 241 4.23 2.71 28.29
N GLY D 242 3.65 3.88 28.55
CA GLY D 242 3.09 4.71 27.51
C GLY D 242 1.63 4.48 27.26
N VAL D 243 0.97 3.62 28.04
CA VAL D 243 -0.42 3.29 27.76
C VAL D 243 -1.27 4.52 27.91
N ASN D 244 -2.31 4.63 27.10
CA ASN D 244 -3.36 5.58 27.39
C ASN D 244 -4.37 4.92 28.30
N MET D 245 -4.71 5.60 29.38
CA MET D 245 -5.71 5.11 30.31
C MET D 245 -6.64 6.24 30.65
N THR D 246 -7.84 5.90 31.08
CA THR D 246 -8.85 6.92 31.25
C THR D 246 -9.87 6.45 32.28
N GLY D 247 -10.24 7.37 33.15
CA GLY D 247 -11.27 7.10 34.13
C GLY D 247 -11.76 8.43 34.66
N PHE D 248 -12.82 8.36 35.44
CA PHE D 248 -13.44 9.56 35.98
C PHE D 248 -13.03 9.79 37.41
N ARG D 249 -13.40 10.95 37.94
CA ARG D 249 -13.18 11.21 39.35
C ARG D 249 -14.29 12.07 39.89
N ILE D 250 -14.80 11.69 41.06
CA ILE D 250 -15.84 12.47 41.71
C ILE D 250 -15.42 12.95 43.09
N LEU D 251 -14.47 12.28 43.74
CA LEU D 251 -13.96 12.79 45.01
C LEU D 251 -13.15 14.02 44.71
N ASN D 252 -13.78 15.18 44.78
CA ASN D 252 -13.27 16.40 44.14
C ASN D 252 -12.07 16.93 44.93
N THR D 253 -10.92 16.29 44.72
CA THR D 253 -9.70 16.66 45.41
C THR D 253 -9.19 18.04 45.04
N GLU D 254 -9.85 18.73 44.11
CA GLU D 254 -9.44 20.07 43.75
C GLU D 254 -9.69 21.10 44.84
N ASN D 255 -10.30 20.69 45.94
CA ASN D 255 -10.59 21.58 47.05
C ASN D 255 -9.65 21.25 48.20
N THR D 256 -8.93 22.26 48.68
CA THR D 256 -8.00 22.04 49.78
C THR D 256 -8.71 21.35 50.92
N GLN D 257 -9.88 21.85 51.30
CA GLN D 257 -10.65 21.26 52.38
C GLN D 257 -10.86 19.78 52.11
N VAL D 258 -11.35 19.46 50.93
CA VAL D 258 -11.40 18.07 50.48
C VAL D 258 -10.04 17.42 50.67
N SER D 259 -9.01 18.00 50.05
CA SER D 259 -7.67 17.46 50.20
C SER D 259 -7.16 17.57 51.64
N SER D 260 -7.83 18.35 52.48
CA SER D 260 -7.49 18.34 53.90
C SER D 260 -8.28 17.29 54.64
N ILE D 261 -9.61 17.32 54.48
CA ILE D 261 -10.45 16.34 55.16
C ILE D 261 -9.99 14.93 54.84
N ILE D 262 -9.78 14.66 53.55
CA ILE D 262 -9.14 13.41 53.15
C ILE D 262 -7.86 13.20 53.95
N GLU D 263 -6.96 14.18 53.86
CA GLU D 263 -5.74 14.10 54.64
C GLU D 263 -6.07 13.98 56.11
N LYS D 264 -6.91 14.86 56.63
CA LYS D 264 -7.34 14.71 58.02
C LYS D 264 -7.95 13.33 58.25
N TRP D 265 -8.62 12.77 57.24
CA TRP D 265 -9.03 11.38 57.37
C TRP D 265 -7.86 10.43 57.16
N SER D 266 -7.07 10.67 56.13
CA SER D 266 -5.86 9.88 55.97
C SER D 266 -4.95 10.01 57.18
N MET D 267 -5.04 11.13 57.90
CA MET D 267 -4.38 11.23 59.20
C MET D 267 -4.86 10.15 60.16
N GLU D 268 -6.02 9.58 59.90
CA GLU D 268 -6.65 8.66 60.82
C GLU D 268 -7.02 7.35 60.18
N ARG D 269 -7.17 7.34 58.86
CA ARG D 269 -7.70 6.17 58.16
C ARG D 269 -6.85 4.94 58.41
N LEU D 270 -5.54 5.06 58.26
CA LEU D 270 -4.66 3.90 58.25
C LEU D 270 -4.26 3.47 59.64
N GLN D 271 -5.06 3.81 60.65
CA GLN D 271 -4.78 3.22 61.95
C GLN D 271 -4.99 1.70 61.94
N ALA D 272 -5.50 1.12 60.79
CA ALA D 272 -5.51 -0.28 60.39
C ALA D 272 -4.32 -0.57 59.46
N PRO D 273 -3.70 -1.74 59.54
CA PRO D 273 -2.56 -2.02 58.67
C PRO D 273 -3.00 -2.11 57.23
N PRO D 274 -2.14 -1.72 56.29
CA PRO D 274 -2.52 -1.69 54.88
C PRO D 274 -2.35 -3.03 54.19
N LYS D 275 -2.47 -3.05 52.86
CA LYS D 275 -2.20 -4.24 52.06
C LYS D 275 -1.28 -3.87 50.89
N PRO D 276 -0.04 -4.35 50.87
CA PRO D 276 0.93 -3.90 49.86
C PRO D 276 0.65 -4.36 48.43
N ASP D 277 0.49 -5.67 48.25
CA ASP D 277 0.45 -6.24 46.91
C ASP D 277 -0.78 -5.78 46.13
N SER D 278 -1.89 -5.50 46.83
CA SER D 278 -3.15 -5.16 46.18
C SER D 278 -3.03 -3.99 45.21
N GLY D 279 -1.97 -3.20 45.31
CA GLY D 279 -1.79 -2.11 44.37
C GLY D 279 -2.61 -0.88 44.67
N LEU D 280 -3.15 -0.75 45.87
CA LEU D 280 -3.91 0.44 46.24
C LEU D 280 -3.02 1.42 46.97
N LEU D 281 -3.30 2.71 46.79
CA LEU D 281 -2.57 3.75 47.49
C LEU D 281 -3.17 3.93 48.89
N ASP D 282 -2.93 2.94 49.73
CA ASP D 282 -3.45 2.95 51.09
C ASP D 282 -3.13 4.27 51.77
N GLY D 283 -4.18 4.98 52.15
CA GLY D 283 -4.09 6.37 52.55
C GLY D 283 -4.91 7.31 51.68
N PHE D 284 -5.40 6.85 50.54
CA PHE D 284 -6.35 7.58 49.73
C PHE D 284 -7.74 7.11 50.11
N MET D 285 -8.52 7.99 50.73
CA MET D 285 -9.88 7.70 51.14
C MET D 285 -10.76 7.37 49.95
N THR D 286 -11.20 6.12 49.84
CA THR D 286 -11.91 5.68 48.66
C THR D 286 -13.28 6.34 48.57
N THR D 287 -13.76 6.45 47.33
CA THR D 287 -15.05 7.08 47.04
C THR D 287 -16.16 6.51 47.89
N ASP D 288 -16.30 5.19 47.89
CA ASP D 288 -17.31 4.47 48.64
C ASP D 288 -17.49 5.02 50.05
N ALA D 289 -16.42 5.56 50.64
CA ALA D 289 -16.53 6.21 51.93
C ALA D 289 -16.90 7.68 51.81
N ALA D 290 -16.40 8.35 50.78
CA ALA D 290 -16.69 9.78 50.62
C ALA D 290 -18.19 10.04 50.66
N LEU D 291 -18.96 9.13 50.08
CA LEU D 291 -20.41 9.30 50.09
C LEU D 291 -20.95 9.12 51.49
N MET D 292 -20.69 7.97 52.10
CA MET D 292 -21.05 7.73 53.49
C MET D 292 -20.63 8.88 54.39
N TYR D 293 -19.64 9.66 53.96
CA TYR D 293 -19.32 10.91 54.64
C TYR D 293 -20.30 12.00 54.26
N ASP D 294 -20.33 12.36 52.97
CA ASP D 294 -21.15 13.49 52.56
C ASP D 294 -22.61 13.28 52.94
N ALA D 295 -23.10 12.06 52.78
CA ALA D 295 -24.47 11.72 53.19
C ALA D 295 -24.81 12.32 54.54
N VAL D 296 -23.99 12.00 55.54
CA VAL D 296 -24.15 12.48 56.91
C VAL D 296 -24.44 13.97 56.87
N HIS D 297 -23.59 14.73 56.18
CA HIS D 297 -23.83 16.15 56.04
C HIS D 297 -25.11 16.41 55.26
N VAL D 298 -25.17 15.90 54.02
CA VAL D 298 -26.36 16.06 53.19
C VAL D 298 -27.61 15.70 53.97
N VAL D 299 -27.62 14.53 54.60
CA VAL D 299 -28.77 14.13 55.40
C VAL D 299 -28.99 15.12 56.53
N SER D 300 -28.01 15.24 57.41
CA SER D 300 -28.22 16.01 58.62
C SER D 300 -28.43 17.49 58.36
N VAL D 301 -28.00 17.99 57.20
CA VAL D 301 -28.34 19.37 56.85
C VAL D 301 -29.86 19.53 56.73
N ALA D 302 -30.54 18.49 56.26
CA ALA D 302 -31.99 18.56 56.26
C ALA D 302 -32.53 18.75 57.68
N VAL D 303 -31.93 18.06 58.64
CA VAL D 303 -32.33 18.23 60.03
C VAL D 303 -32.13 19.67 60.45
N GLN D 304 -31.20 20.37 59.81
CA GLN D 304 -30.98 21.78 60.09
C GLN D 304 -32.00 22.65 59.36
N GLN D 305 -33.11 22.03 58.94
CA GLN D 305 -34.31 22.75 58.54
C GLN D 305 -35.50 22.42 59.43
N PHE D 306 -35.46 21.31 60.15
CA PHE D 306 -36.67 20.71 60.70
C PHE D 306 -36.56 20.54 62.21
N PRO D 307 -37.33 21.31 62.99
CA PRO D 307 -37.19 21.27 64.45
C PRO D 307 -37.91 20.10 65.12
N GLN D 308 -39.07 19.76 64.58
CA GLN D 308 -40.04 18.94 65.29
C GLN D 308 -39.65 17.47 65.39
N MET D 309 -38.51 17.06 64.86
CA MET D 309 -38.25 15.64 64.75
C MET D 309 -37.79 15.05 66.08
N THR D 310 -38.41 13.94 66.47
CA THR D 310 -37.94 13.12 67.58
C THR D 310 -37.99 11.67 67.14
N VAL D 311 -36.91 10.94 67.38
CA VAL D 311 -36.91 9.51 67.11
C VAL D 311 -37.96 8.84 68.00
N SER D 312 -38.54 7.75 67.50
CA SER D 312 -39.64 7.09 68.18
C SER D 312 -39.45 5.58 68.11
N SER D 313 -39.86 4.89 69.16
CA SER D 313 -39.89 3.43 69.15
C SER D 313 -40.92 2.95 68.15
N LEU D 314 -40.45 2.33 67.08
CA LEU D 314 -41.32 1.89 66.00
C LEU D 314 -41.09 0.40 65.80
N GLN D 315 -42.13 -0.40 66.04
CA GLN D 315 -42.00 -1.85 66.02
C GLN D 315 -42.45 -2.41 64.68
N CYS D 316 -41.71 -3.41 64.20
CA CYS D 316 -42.13 -4.15 63.03
C CYS D 316 -43.39 -4.95 63.28
N ASN D 317 -43.73 -5.21 64.54
CA ASN D 317 -44.99 -5.87 64.83
C ASN D 317 -46.15 -5.02 64.32
N ARG D 318 -46.00 -3.71 64.35
CA ARG D 318 -47.07 -2.81 63.99
C ARG D 318 -47.05 -2.53 62.49
N HIS D 319 -47.92 -1.61 62.09
CA HIS D 319 -47.93 -1.04 60.76
C HIS D 319 -47.65 0.44 60.80
N LYS D 320 -47.82 1.08 61.95
CA LYS D 320 -47.84 2.52 62.14
C LYS D 320 -46.62 3.20 61.52
N PRO D 321 -46.82 3.95 60.45
CA PRO D 321 -45.73 4.73 59.90
C PRO D 321 -45.30 5.82 60.87
N TRP D 322 -44.08 6.30 60.69
CA TRP D 322 -43.53 7.31 61.57
C TRP D 322 -44.26 8.63 61.36
N ARG D 323 -43.96 9.61 62.21
CA ARG D 323 -44.71 10.86 62.22
C ARG D 323 -44.35 11.74 61.04
N PHE D 324 -43.09 12.14 60.95
CA PHE D 324 -42.68 13.24 60.10
C PHE D 324 -41.98 12.79 58.84
N GLY D 325 -41.99 11.49 58.53
CA GLY D 325 -41.30 10.99 57.36
C GLY D 325 -41.68 11.80 56.13
N THR D 326 -42.96 11.76 55.77
CA THR D 326 -43.43 12.52 54.62
C THR D 326 -43.07 13.99 54.74
N ARG D 327 -43.07 14.52 55.97
CA ARG D 327 -42.61 15.88 56.18
C ARG D 327 -41.10 15.97 56.10
N PHE D 328 -40.39 14.97 56.62
CA PHE D 328 -38.94 14.98 56.68
C PHE D 328 -38.30 14.46 55.40
N MET D 329 -38.89 13.43 54.80
CA MET D 329 -38.27 12.80 53.63
C MET D 329 -38.02 13.80 52.52
N SER D 330 -39.07 14.51 52.09
CA SER D 330 -38.89 15.43 50.99
C SER D 330 -38.02 16.63 51.34
N LEU D 331 -37.65 16.80 52.60
CA LEU D 331 -36.60 17.75 52.91
C LEU D 331 -35.32 17.36 52.19
N ILE D 332 -35.00 16.07 52.24
CA ILE D 332 -33.78 15.54 51.66
C ILE D 332 -33.61 16.02 50.22
N LYS D 333 -34.62 15.81 49.41
CA LYS D 333 -34.52 15.93 47.97
C LYS D 333 -34.28 17.32 47.53
N GLU D 334 -34.07 18.24 48.46
CA GLU D 334 -33.59 19.57 48.13
C GLU D 334 -32.22 19.85 48.74
N ALA D 335 -31.58 18.86 49.35
CA ALA D 335 -30.32 19.11 50.04
C ALA D 335 -29.19 19.33 49.05
N HIS D 336 -28.92 20.58 48.72
CA HIS D 336 -27.93 20.92 47.71
C HIS D 336 -26.56 21.16 48.34
N TRP D 337 -26.07 20.09 48.97
CA TRP D 337 -24.85 20.15 49.74
C TRP D 337 -23.64 20.11 48.83
N GLU D 338 -22.59 20.82 49.21
CA GLU D 338 -21.38 20.93 48.41
C GLU D 338 -20.22 20.38 49.23
N GLY D 339 -19.94 19.09 49.07
CA GLY D 339 -18.96 18.40 49.86
C GLY D 339 -17.93 17.71 48.98
N LEU D 340 -17.36 16.64 49.54
CA LEU D 340 -16.26 15.93 48.90
C LEU D 340 -16.58 15.55 47.47
N THR D 341 -17.78 15.06 47.23
CA THR D 341 -18.16 14.62 45.89
C THR D 341 -18.74 15.75 45.06
N GLY D 342 -18.39 16.99 45.39
CA GLY D 342 -18.82 18.13 44.60
C GLY D 342 -20.28 18.48 44.87
N ARG D 343 -20.92 19.02 43.83
CA ARG D 343 -22.34 19.31 43.92
C ARG D 343 -23.11 18.06 44.27
N ILE D 344 -24.18 18.21 45.04
CA ILE D 344 -24.97 17.07 45.46
C ILE D 344 -26.43 17.51 45.43
N THR D 345 -27.21 16.93 44.52
CA THR D 345 -28.59 17.38 44.34
C THR D 345 -29.41 16.29 43.68
N PHE D 346 -30.27 15.65 44.46
CA PHE D 346 -30.98 14.48 43.98
C PHE D 346 -31.97 14.85 42.87
N ASN D 347 -32.05 14.01 41.85
CA ASN D 347 -33.07 14.17 40.84
C ASN D 347 -34.42 13.98 41.52
N LYS D 348 -35.15 15.08 41.71
CA LYS D 348 -36.31 15.04 42.58
C LYS D 348 -37.37 14.10 42.06
N THR D 349 -37.42 13.89 40.75
CA THR D 349 -38.32 12.89 40.18
C THR D 349 -38.19 11.56 40.90
N ASN D 350 -36.99 10.99 40.84
CA ASN D 350 -36.72 9.66 41.36
C ASN D 350 -35.90 9.66 42.64
N GLY D 351 -35.30 10.79 43.00
CA GLY D 351 -34.53 10.81 44.23
C GLY D 351 -33.19 10.16 44.12
N LEU D 352 -32.53 10.32 42.98
CA LEU D 352 -31.22 9.76 42.74
C LEU D 352 -30.25 10.89 42.42
N ARG D 353 -28.98 10.69 42.73
CA ARG D 353 -28.00 11.73 42.47
C ARG D 353 -27.60 11.64 41.02
N THR D 354 -28.42 12.22 40.14
CA THR D 354 -28.18 12.15 38.72
C THR D 354 -27.62 13.44 38.18
N ASP D 355 -27.02 14.25 39.05
CA ASP D 355 -26.30 15.43 38.61
C ASP D 355 -25.10 15.61 39.51
N PHE D 356 -23.94 15.86 38.90
CA PHE D 356 -22.64 15.89 39.55
C PHE D 356 -21.62 16.20 38.47
N ASP D 357 -20.38 16.44 38.91
CA ASP D 357 -19.31 16.76 37.98
C ASP D 357 -18.29 15.64 37.99
N LEU D 358 -18.12 15.02 36.84
CA LEU D 358 -17.07 14.05 36.64
C LEU D 358 -15.90 14.77 35.98
N ASP D 359 -14.75 14.71 36.63
CA ASP D 359 -13.52 15.24 36.09
C ASP D 359 -12.72 14.07 35.56
N VAL D 360 -12.59 13.97 34.25
CA VAL D 360 -11.97 12.79 33.69
C VAL D 360 -10.47 12.88 33.90
N ILE D 361 -9.92 11.88 34.57
CA ILE D 361 -8.50 11.78 34.78
C ILE D 361 -7.95 10.82 33.74
N SER D 362 -6.64 10.88 33.53
CA SER D 362 -5.99 9.96 32.62
C SER D 362 -4.59 9.71 33.14
N LEU D 363 -3.85 8.88 32.41
CA LEU D 363 -2.54 8.44 32.85
C LEU D 363 -1.47 9.03 31.96
N LYS D 364 -0.87 10.11 32.42
CA LYS D 364 0.37 10.61 31.85
C LYS D 364 1.53 10.07 32.68
N GLU D 365 2.71 10.04 32.06
CA GLU D 365 3.88 9.42 32.69
C GLU D 365 4.10 9.90 34.11
N GLU D 366 3.64 11.11 34.41
CA GLU D 366 3.85 11.72 35.71
C GLU D 366 2.88 11.16 36.74
N GLY D 367 1.69 10.79 36.30
CA GLY D 367 0.69 10.28 37.20
C GLY D 367 -0.69 10.46 36.60
N LEU D 368 -1.67 10.52 37.48
CA LEU D 368 -3.07 10.66 37.08
C LEU D 368 -3.41 12.14 37.02
N GLU D 369 -3.70 12.62 35.82
CA GLU D 369 -3.94 14.02 35.58
C GLU D 369 -5.40 14.24 35.24
N LYS D 370 -6.03 15.14 35.96
CA LYS D 370 -7.30 15.68 35.50
C LYS D 370 -7.10 16.34 34.15
N ILE D 371 -7.85 15.87 33.15
CA ILE D 371 -7.67 16.35 31.78
C ILE D 371 -8.96 16.87 31.18
N GLY D 372 -10.08 16.75 31.85
CA GLY D 372 -11.34 17.17 31.29
C GLY D 372 -12.43 17.01 32.32
N THR D 373 -13.42 17.88 32.22
CA THR D 373 -14.48 17.92 33.21
C THR D 373 -15.80 17.64 32.52
N TRP D 374 -16.58 16.75 33.12
CA TRP D 374 -17.85 16.36 32.56
C TRP D 374 -18.94 16.63 33.55
N ASP D 375 -20.15 16.79 33.04
CA ASP D 375 -21.36 16.98 33.81
C ASP D 375 -22.50 16.44 33.00
N PRO D 376 -23.65 16.18 33.61
CA PRO D 376 -24.81 15.83 32.79
C PRO D 376 -25.10 16.87 31.73
N ALA D 377 -24.96 18.15 32.06
CA ALA D 377 -25.46 19.21 31.20
C ALA D 377 -24.51 19.52 30.05
N SER D 378 -23.32 20.02 30.37
CA SER D 378 -22.44 20.62 29.38
C SER D 378 -21.61 19.61 28.61
N GLY D 379 -21.82 18.32 28.83
CA GLY D 379 -21.00 17.34 28.13
C GLY D 379 -19.57 17.39 28.61
N LEU D 380 -18.64 17.29 27.66
CA LEU D 380 -17.22 17.22 27.96
C LEU D 380 -16.56 18.57 27.73
N ASN D 381 -16.15 19.21 28.82
CA ASN D 381 -15.04 20.14 28.75
C ASN D 381 -13.75 19.35 28.84
N MET D 382 -13.05 19.25 27.72
CA MET D 382 -11.71 18.68 27.70
C MET D 382 -10.74 19.85 27.71
N THR D 383 -9.81 19.85 28.67
CA THR D 383 -8.79 20.88 28.68
C THR D 383 -8.05 20.93 27.35
N GLU D 384 -7.99 19.79 26.67
CA GLU D 384 -7.38 19.71 25.34
C GLU D 384 -8.17 20.48 24.29
N SER D 385 -9.42 20.83 24.57
CA SER D 385 -10.27 21.42 23.55
C SER D 385 -9.73 22.77 23.09
N GLN D 386 -9.22 23.56 24.02
CA GLN D 386 -8.79 24.92 23.74
C GLN D 386 -7.27 25.04 23.61
N LYS D 387 -6.64 24.01 23.02
CA LYS D 387 -5.20 23.96 22.74
C LYS D 387 -4.80 24.80 21.53
N GLY D 388 -5.74 25.53 20.94
CA GLY D 388 -5.38 26.51 19.93
C GLY D 388 -6.41 27.60 19.84
N LYS D 389 -5.96 28.84 19.94
CA LYS D 389 -6.82 30.02 19.88
C LYS D 389 -6.41 30.93 18.74
N PRO D 390 -7.33 31.76 18.27
CA PRO D 390 -6.97 32.77 17.28
C PRO D 390 -6.04 33.83 17.86
N ALA D 391 -5.50 34.67 16.97
CA ALA D 391 -4.46 35.62 17.34
C ALA D 391 -4.97 37.04 17.59
N ASN D 392 -5.70 37.68 16.67
CA ASN D 392 -6.22 37.19 15.38
C ASN D 392 -5.25 37.47 14.23
N ILE D 393 -5.66 37.11 13.01
CA ILE D 393 -4.79 37.24 11.86
C ILE D 393 -5.20 38.39 10.93
N THR D 394 -6.50 38.73 10.87
CA THR D 394 -6.87 39.95 10.15
C THR D 394 -6.41 41.21 10.87
N ASP D 395 -5.87 41.06 12.08
CA ASP D 395 -5.29 42.14 12.85
C ASP D 395 -3.77 42.20 12.74
N SER D 396 -3.13 41.05 12.54
CA SER D 396 -1.67 40.95 12.41
C SER D 396 -1.17 41.34 11.04
N LEU D 397 -2.06 41.57 10.08
CA LEU D 397 -1.71 41.77 8.69
C LEU D 397 -2.21 43.07 8.09
N SER D 398 -3.07 43.80 8.79
CA SER D 398 -3.88 44.82 8.14
C SER D 398 -3.05 46.04 7.75
N ASN D 399 -3.57 46.75 6.73
CA ASN D 399 -3.06 48.02 6.22
C ASN D 399 -1.71 47.89 5.50
N ARG D 400 -1.13 46.70 5.51
CA ARG D 400 0.11 46.46 4.78
C ARG D 400 -0.24 46.00 3.37
N SER D 401 0.53 46.50 2.40
CA SER D 401 0.23 46.24 1.00
C SER D 401 0.11 44.76 0.73
N LEU D 402 -1.01 44.36 0.16
CA LEU D 402 -1.11 43.00 -0.32
C LEU D 402 -0.16 42.82 -1.49
N ILE D 403 0.43 41.63 -1.57
CA ILE D 403 1.47 41.36 -2.54
C ILE D 403 0.78 40.80 -3.78
N VAL D 404 0.56 41.67 -4.77
CA VAL D 404 -0.06 41.26 -6.02
C VAL D 404 1.01 40.51 -6.81
N THR D 405 0.97 39.18 -6.77
CA THR D 405 1.60 38.40 -7.80
C THR D 405 0.68 38.39 -9.01
N THR D 406 1.26 38.54 -10.18
CA THR D 406 0.49 38.64 -11.41
C THR D 406 1.47 38.46 -12.55
N ILE D 407 0.96 38.52 -13.78
CA ILE D 407 1.81 38.30 -14.94
C ILE D 407 1.22 39.06 -16.12
N LEU D 408 2.11 39.44 -17.05
CA LEU D 408 1.70 40.09 -18.30
C LEU D 408 0.62 39.29 -19.00
N GLU D 409 -0.31 39.98 -19.64
CA GLU D 409 -1.28 39.29 -20.47
C GLU D 409 -1.97 40.29 -21.38
N GLU D 410 -1.93 40.03 -22.65
CA GLU D 410 -2.63 40.95 -23.51
C GLU D 410 -3.98 40.37 -23.87
N PRO D 411 -5.06 41.14 -23.76
CA PRO D 411 -5.02 42.52 -23.27
C PRO D 411 -5.27 42.62 -21.77
N TYR D 412 -5.15 41.48 -21.09
CA TYR D 412 -5.54 41.42 -19.69
C TYR D 412 -4.68 42.33 -18.83
N VAL D 413 -3.37 42.12 -18.82
CA VAL D 413 -2.46 42.93 -18.01
C VAL D 413 -1.12 43.03 -18.74
N LEU D 414 -0.49 44.20 -18.65
CA LEU D 414 0.81 44.37 -19.29
C LEU D 414 1.43 45.65 -18.74
N PHE D 415 2.72 45.85 -19.06
CA PHE D 415 3.43 47.05 -18.61
C PHE D 415 2.59 48.30 -18.89
N LYS D 416 2.46 49.14 -17.87
CA LYS D 416 1.88 50.45 -18.14
C LYS D 416 2.91 51.29 -18.88
N LYS D 417 2.42 52.08 -19.83
CA LYS D 417 3.29 52.93 -20.64
C LYS D 417 2.93 54.39 -20.43
N SER D 418 3.84 55.26 -20.84
CA SER D 418 3.72 56.70 -20.68
C SER D 418 4.84 57.35 -21.50
N ASP D 419 5.04 58.65 -21.31
CA ASP D 419 6.20 59.31 -21.89
C ASP D 419 7.50 58.82 -21.24
N LYS D 420 7.63 59.01 -19.94
CA LYS D 420 8.84 58.70 -19.19
C LYS D 420 8.68 57.36 -18.48
N PRO D 421 9.71 56.87 -17.79
CA PRO D 421 9.50 55.72 -16.90
C PRO D 421 8.43 55.99 -15.85
N LEU D 422 7.81 54.90 -15.40
CA LEU D 422 6.77 54.91 -14.38
C LEU D 422 7.22 54.08 -13.20
N TYR D 423 6.61 54.33 -12.05
CA TYR D 423 6.97 53.62 -10.83
C TYR D 423 5.72 53.41 -9.98
N GLY D 424 5.92 52.98 -8.74
CA GLY D 424 4.80 52.56 -7.94
C GLY D 424 4.06 51.42 -8.60
N ASN D 425 2.75 51.34 -8.36
CA ASN D 425 1.89 50.43 -9.09
C ASN D 425 1.36 51.04 -10.37
N ASP D 426 2.06 52.02 -10.92
CA ASP D 426 1.84 52.51 -12.27
C ASP D 426 2.84 51.92 -13.26
N ARG D 427 3.57 50.88 -12.86
CA ARG D 427 4.50 50.18 -13.72
C ARG D 427 3.85 49.09 -14.55
N PHE D 428 2.55 48.84 -14.35
CA PHE D 428 1.87 47.75 -15.02
C PHE D 428 0.41 48.14 -15.20
N GLU D 429 -0.08 48.07 -16.44
CA GLU D 429 -1.45 48.40 -16.76
C GLU D 429 -2.21 47.13 -17.16
N GLY D 430 -3.45 47.31 -17.57
CA GLY D 430 -4.16 46.20 -18.13
C GLY D 430 -5.45 45.89 -17.41
N TYR D 431 -6.37 45.29 -18.15
CA TYR D 431 -7.73 45.00 -17.71
C TYR D 431 -7.81 44.46 -16.29
N CYS D 432 -7.15 43.32 -16.04
CA CYS D 432 -7.34 42.65 -14.77
C CYS D 432 -6.90 43.51 -13.59
N ILE D 433 -5.68 44.05 -13.66
CA ILE D 433 -5.20 44.96 -12.64
C ILE D 433 -6.01 46.24 -12.61
N ASP D 434 -6.67 46.59 -13.71
CA ASP D 434 -7.58 47.72 -13.65
C ASP D 434 -8.69 47.45 -12.64
N LEU D 435 -9.09 46.19 -12.47
CA LEU D 435 -10.07 45.86 -11.44
C LEU D 435 -9.45 45.81 -10.06
N LEU D 436 -8.20 45.36 -9.95
CA LEU D 436 -7.44 45.43 -8.70
C LEU D 436 -7.62 46.78 -8.03
N ARG D 437 -7.71 47.84 -8.85
CA ARG D 437 -8.00 49.15 -8.31
C ARG D 437 -9.28 49.13 -7.49
N GLU D 438 -10.39 48.77 -8.13
CA GLU D 438 -11.70 48.85 -7.49
C GLU D 438 -11.77 48.00 -6.24
N LEU D 439 -11.25 46.78 -6.32
CA LEU D 439 -11.32 45.88 -5.17
C LEU D 439 -10.62 46.49 -3.97
N SER D 440 -9.45 47.09 -4.18
CA SER D 440 -8.75 47.79 -3.10
C SER D 440 -9.57 48.94 -2.55
N THR D 441 -10.55 49.41 -3.31
CA THR D 441 -11.49 50.43 -2.86
C THR D 441 -12.78 49.86 -2.30
N ILE D 442 -13.03 48.56 -2.52
CA ILE D 442 -14.19 47.90 -1.97
C ILE D 442 -13.80 46.87 -0.92
N LEU D 443 -12.66 46.18 -1.10
CA LEU D 443 -12.17 45.34 -0.01
C LEU D 443 -11.67 46.19 1.15
N GLY D 444 -10.89 47.22 0.86
CA GLY D 444 -10.11 47.86 1.89
C GLY D 444 -8.76 47.18 2.02
N PHE D 445 -8.06 47.05 0.90
CA PHE D 445 -6.67 46.61 0.91
C PHE D 445 -5.84 47.58 0.08
N THR D 446 -4.52 47.36 0.11
CA THR D 446 -3.62 47.91 -0.89
C THR D 446 -2.83 46.78 -1.52
N TYR D 447 -2.04 47.13 -2.53
CA TYR D 447 -1.61 46.14 -3.50
C TYR D 447 -0.23 46.48 -4.05
N GLU D 448 0.66 45.48 -4.09
CA GLU D 448 1.96 45.58 -4.76
C GLU D 448 1.97 44.67 -5.97
N ILE D 449 2.04 45.26 -7.16
CA ILE D 449 2.11 44.47 -8.38
C ILE D 449 3.44 43.76 -8.45
N ARG D 450 3.42 42.48 -8.85
CA ARG D 450 4.63 41.70 -9.09
C ARG D 450 4.41 40.77 -10.26
N LEU D 451 5.34 40.79 -11.21
CA LEU D 451 5.42 39.70 -12.17
C LEU D 451 6.06 38.48 -11.52
N VAL D 452 5.45 37.32 -11.70
CA VAL D 452 6.10 36.08 -11.30
C VAL D 452 7.41 35.95 -12.06
N GLU D 453 8.44 35.49 -11.35
CA GLU D 453 9.80 35.49 -11.88
C GLU D 453 9.93 34.60 -13.11
N ASP D 454 9.56 33.33 -12.96
CA ASP D 454 9.77 32.38 -14.05
C ASP D 454 8.97 32.75 -15.29
N GLY D 455 7.84 33.43 -15.11
CA GLY D 455 7.00 33.77 -16.22
C GLY D 455 6.17 32.61 -16.73
N LYS D 456 5.74 31.73 -15.84
CA LYS D 456 4.81 30.68 -16.19
C LYS D 456 3.57 30.78 -15.31
N TYR D 457 2.43 30.46 -15.90
CA TYR D 457 1.19 30.48 -15.13
C TYR D 457 1.33 29.64 -13.88
N GLY D 458 1.73 28.39 -14.05
CA GLY D 458 2.03 27.55 -12.92
C GLY D 458 1.23 26.27 -12.88
N ALA D 459 1.95 25.16 -12.88
CA ALA D 459 1.35 23.85 -12.68
C ALA D 459 2.43 22.95 -12.10
N GLN D 460 2.01 21.84 -11.50
CA GLN D 460 2.97 21.00 -10.82
C GLN D 460 4.10 20.56 -11.74
N ASP D 461 5.24 20.30 -11.11
CA ASP D 461 6.27 19.51 -11.76
C ASP D 461 5.81 18.06 -11.87
N ASP D 462 6.47 17.32 -12.77
CA ASP D 462 6.07 15.94 -13.04
C ASP D 462 6.02 15.13 -11.76
N VAL D 463 7.16 14.98 -11.10
CA VAL D 463 7.33 13.97 -10.06
C VAL D 463 7.37 14.59 -8.67
N ASN D 464 7.97 15.77 -8.51
CA ASN D 464 8.18 16.29 -7.17
C ASN D 464 6.88 16.62 -6.45
N GLY D 465 5.75 16.66 -7.16
CA GLY D 465 4.53 17.14 -6.59
C GLY D 465 4.45 18.64 -6.41
N GLN D 466 5.54 19.36 -6.63
CA GLN D 466 5.59 20.79 -6.40
C GLN D 466 5.02 21.56 -7.57
N TRP D 467 4.53 22.76 -7.28
CA TRP D 467 3.98 23.66 -8.26
C TRP D 467 5.04 24.66 -8.69
N ASN D 468 4.65 25.62 -9.53
CA ASN D 468 5.58 26.64 -9.97
C ASN D 468 4.76 27.83 -10.48
N GLY D 469 5.41 28.72 -11.20
CA GLY D 469 4.69 29.85 -11.72
C GLY D 469 4.14 30.68 -10.59
N MET D 470 3.03 31.36 -10.86
CA MET D 470 2.30 31.98 -9.76
C MET D 470 1.97 30.97 -8.69
N VAL D 471 1.66 29.74 -9.11
CA VAL D 471 0.99 28.82 -8.20
C VAL D 471 1.89 28.49 -7.03
N ARG D 472 3.18 28.31 -7.28
CA ARG D 472 4.09 28.03 -6.17
C ARG D 472 4.11 29.18 -5.18
N GLU D 473 4.12 30.42 -5.69
CA GLU D 473 4.16 31.56 -4.81
C GLU D 473 2.96 31.57 -3.88
N LEU D 474 1.76 31.42 -4.47
CA LEU D 474 0.54 31.55 -3.70
C LEU D 474 0.29 30.36 -2.80
N ILE D 475 0.92 29.22 -3.09
CA ILE D 475 0.85 28.08 -2.17
C ILE D 475 1.80 28.28 -1.01
N ASP D 476 3.05 28.67 -1.29
CA ASP D 476 3.94 29.09 -0.23
C ASP D 476 3.48 30.38 0.43
N HIS D 477 2.52 31.08 -0.18
CA HIS D 477 1.91 32.31 0.25
C HIS D 477 2.81 33.49 -0.07
N LYS D 478 3.91 33.27 -0.81
CA LYS D 478 4.89 34.32 -1.07
C LYS D 478 4.22 35.62 -1.46
N ALA D 479 3.13 35.53 -2.20
CA ALA D 479 2.27 36.65 -2.48
C ALA D 479 0.87 36.33 -1.99
N ASP D 480 0.02 37.35 -1.95
CA ASP D 480 -1.37 37.18 -1.58
C ASP D 480 -2.27 37.18 -2.82
N LEU D 481 -2.18 38.23 -3.62
CA LEU D 481 -3.12 38.48 -4.70
C LEU D 481 -2.56 38.00 -6.03
N ALA D 482 -3.39 37.28 -6.78
CA ALA D 482 -3.18 37.10 -8.21
C ALA D 482 -4.50 37.50 -8.88
N VAL D 483 -4.66 38.80 -9.10
CA VAL D 483 -5.67 39.30 -10.01
C VAL D 483 -5.04 39.12 -11.37
N ALA D 484 -5.24 37.97 -11.99
CA ALA D 484 -4.43 37.55 -13.11
C ALA D 484 -5.29 36.84 -14.13
N PRO D 485 -4.78 36.65 -15.34
CA PRO D 485 -5.46 35.78 -16.31
C PRO D 485 -5.31 34.33 -15.92
N LEU D 486 -6.24 33.87 -15.10
CA LEU D 486 -6.07 32.64 -14.34
C LEU D 486 -7.04 31.57 -14.84
N THR D 487 -6.59 30.32 -14.71
CA THR D 487 -7.38 29.17 -15.09
C THR D 487 -7.79 28.42 -13.84
N ILE D 488 -9.09 28.22 -13.69
CA ILE D 488 -9.64 27.59 -12.49
C ILE D 488 -9.74 26.11 -12.82
N THR D 489 -8.63 25.41 -12.66
CA THR D 489 -8.61 23.96 -12.79
C THR D 489 -8.84 23.33 -11.43
N TYR D 490 -9.11 22.03 -11.43
CA TYR D 490 -9.37 21.39 -10.15
C TYR D 490 -8.09 21.23 -9.34
N VAL D 491 -6.98 20.89 -10.01
CA VAL D 491 -5.71 20.81 -9.31
C VAL D 491 -5.38 22.13 -8.63
N ARG D 492 -5.59 23.25 -9.32
CA ARG D 492 -5.32 24.54 -8.71
C ARG D 492 -6.29 24.82 -7.57
N GLU D 493 -7.51 24.31 -7.67
CA GLU D 493 -8.41 24.35 -6.53
C GLU D 493 -7.91 23.45 -5.41
N LYS D 494 -7.21 22.37 -5.77
CA LYS D 494 -6.71 21.45 -4.77
C LYS D 494 -5.63 22.06 -3.90
N VAL D 495 -5.05 23.20 -4.30
CA VAL D 495 -3.86 23.73 -3.65
C VAL D 495 -4.08 25.13 -3.10
N ILE D 496 -4.69 26.03 -3.86
CA ILE D 496 -5.12 27.30 -3.33
C ILE D 496 -6.55 27.57 -3.80
N ASP D 497 -7.04 28.75 -3.48
CA ASP D 497 -8.41 29.13 -3.80
C ASP D 497 -8.41 30.38 -4.65
N PHE D 498 -9.30 30.39 -5.62
CA PHE D 498 -9.47 31.49 -6.53
C PHE D 498 -10.77 32.20 -6.16
N SER D 499 -11.01 33.31 -6.84
CA SER D 499 -12.34 33.89 -6.77
C SER D 499 -13.34 32.98 -7.46
N LYS D 500 -14.61 33.36 -7.37
CA LYS D 500 -15.63 32.67 -8.13
C LYS D 500 -15.34 32.82 -9.61
N PRO D 501 -15.85 31.90 -10.44
CA PRO D 501 -15.63 32.03 -11.88
C PRO D 501 -16.47 33.14 -12.49
N PHE D 502 -15.82 34.26 -12.81
CA PHE D 502 -16.51 35.48 -13.20
C PHE D 502 -16.32 35.84 -14.65
N MET D 503 -15.13 35.59 -15.21
CA MET D 503 -14.85 35.76 -16.63
C MET D 503 -14.74 34.36 -17.20
N THR D 504 -15.89 33.79 -17.55
CA THR D 504 -15.93 32.41 -18.01
C THR D 504 -15.41 32.31 -19.44
N LEU D 505 -14.96 31.10 -19.79
CA LEU D 505 -14.24 30.88 -21.03
C LEU D 505 -14.28 29.39 -21.34
N GLY D 506 -13.61 29.00 -22.42
CA GLY D 506 -13.42 27.59 -22.71
C GLY D 506 -12.48 27.44 -23.87
N ILE D 507 -11.58 26.45 -23.81
CA ILE D 507 -10.42 26.46 -24.69
C ILE D 507 -10.87 26.42 -26.14
N SER D 508 -10.12 27.12 -27.00
CA SER D 508 -10.40 27.13 -28.42
C SER D 508 -9.10 27.40 -29.17
N ILE D 509 -9.16 27.22 -30.48
CA ILE D 509 -7.99 27.14 -31.32
C ILE D 509 -7.76 28.48 -31.99
N LEU D 510 -6.50 28.79 -32.25
CA LEU D 510 -6.16 29.96 -33.04
C LEU D 510 -5.34 29.51 -34.24
N TYR D 511 -5.51 30.19 -35.37
CA TYR D 511 -4.92 29.71 -36.61
C TYR D 511 -4.94 30.81 -37.64
N ARG D 512 -4.14 30.62 -38.70
CA ARG D 512 -4.09 31.59 -39.77
C ARG D 512 -5.46 31.72 -40.44
N LYS D 513 -5.60 32.75 -41.28
CA LYS D 513 -6.84 32.91 -42.03
C LYS D 513 -7.02 31.83 -43.09
N PRO D 514 -6.05 31.54 -43.96
CA PRO D 514 -4.71 32.11 -44.19
C PRO D 514 -4.57 32.89 -45.49
N ASN D 515 -5.64 32.90 -46.30
CA ASN D 515 -5.59 33.49 -47.64
C ASN D 515 -4.54 32.82 -48.52
N GLY D 516 -4.47 31.50 -48.45
CA GLY D 516 -3.50 30.77 -49.24
C GLY D 516 -3.95 30.61 -50.68
N THR D 517 -3.31 31.32 -51.60
CA THR D 517 -3.66 31.23 -53.01
C THR D 517 -2.40 31.23 -53.85
N ASN D 518 -2.42 30.47 -54.95
CA ASN D 518 -1.44 30.60 -56.02
C ASN D 518 -2.12 30.35 -57.36
N PRO D 519 -3.01 31.25 -57.77
CA PRO D 519 -3.62 31.13 -59.10
C PRO D 519 -2.64 31.65 -60.15
N GLY D 520 -3.12 31.66 -61.38
CA GLY D 520 -2.36 32.23 -62.48
C GLY D 520 -1.80 31.16 -63.39
N VAL D 521 -1.05 31.63 -64.38
CA VAL D 521 -0.46 30.74 -65.37
C VAL D 521 0.54 29.81 -64.70
N PHE D 522 1.21 30.29 -63.66
CA PHE D 522 2.23 29.52 -62.93
C PHE D 522 1.65 28.35 -62.16
N SER D 523 0.35 28.10 -62.26
CA SER D 523 -0.29 26.99 -61.59
C SER D 523 -0.53 25.83 -62.54
N PHE D 524 -0.91 26.13 -63.78
CA PHE D 524 -1.41 25.10 -64.68
C PHE D 524 -0.34 24.09 -65.08
N LEU D 525 0.94 24.45 -64.99
CA LEU D 525 2.00 23.51 -65.31
C LEU D 525 1.86 22.21 -64.53
N ASN D 526 1.38 22.32 -63.30
CA ASN D 526 1.57 21.30 -62.27
C ASN D 526 1.29 19.88 -62.75
N PRO D 527 0.20 19.59 -63.46
CA PRO D 527 -0.04 18.20 -63.87
C PRO D 527 1.00 17.63 -64.81
N LEU D 528 2.06 18.37 -65.12
CA LEU D 528 3.02 17.82 -66.06
C LEU D 528 4.33 18.59 -65.95
N SER D 529 5.41 17.89 -66.22
CA SER D 529 6.73 18.45 -65.99
C SER D 529 6.93 19.68 -66.86
N PRO D 530 7.36 20.80 -66.29
CA PRO D 530 7.52 22.02 -67.11
C PRO D 530 8.47 21.81 -68.26
N ASP D 531 9.50 20.99 -68.07
CA ASP D 531 10.33 20.60 -69.18
C ASP D 531 9.51 19.83 -70.21
N ILE D 532 8.83 18.77 -69.77
CA ILE D 532 7.98 18.00 -70.68
C ILE D 532 6.97 18.90 -71.37
N TRP D 533 6.47 19.92 -70.68
CA TRP D 533 5.63 20.91 -71.34
C TRP D 533 6.33 21.52 -72.54
N MET D 534 7.66 21.62 -72.50
CA MET D 534 8.39 22.23 -73.62
C MET D 534 8.61 21.22 -74.74
N TYR D 535 9.09 20.03 -74.40
CA TYR D 535 9.35 19.02 -75.42
C TYR D 535 8.17 18.89 -76.37
N VAL D 536 6.95 19.10 -75.86
CA VAL D 536 5.76 18.86 -76.66
C VAL D 536 5.82 19.66 -77.95
N LEU D 537 6.23 20.92 -77.88
CA LEU D 537 6.35 21.72 -79.10
C LEU D 537 7.40 21.12 -80.03
N LEU D 538 8.60 20.87 -79.49
CA LEU D 538 9.58 20.09 -80.24
C LEU D 538 8.97 18.78 -80.69
N ALA D 539 8.28 18.10 -79.77
CA ALA D 539 7.54 16.90 -80.14
C ALA D 539 6.42 17.19 -81.12
N TYR D 540 5.97 18.45 -81.23
CA TYR D 540 4.92 18.74 -82.19
C TYR D 540 5.47 18.87 -83.61
N LEU D 541 6.36 19.84 -83.82
CA LEU D 541 6.84 20.14 -85.16
C LEU D 541 7.38 18.92 -85.88
N GLY D 542 7.77 17.89 -85.13
CA GLY D 542 8.27 16.66 -85.72
C GLY D 542 7.37 16.11 -86.79
N VAL D 543 6.10 15.89 -86.46
CA VAL D 543 5.17 15.35 -87.44
C VAL D 543 4.92 16.37 -88.55
N SER D 544 4.64 17.63 -88.16
CA SER D 544 4.31 18.65 -89.15
C SER D 544 5.41 18.82 -90.16
N VAL D 545 6.67 18.82 -89.72
CA VAL D 545 7.80 18.95 -90.63
C VAL D 545 7.98 17.69 -91.47
N VAL D 546 7.39 16.58 -91.05
CA VAL D 546 7.39 15.38 -91.87
C VAL D 546 6.42 15.52 -93.04
N LEU D 547 5.16 15.83 -92.74
CA LEU D 547 4.21 16.14 -93.80
C LEU D 547 4.72 17.26 -94.69
N PHE D 548 5.43 18.22 -94.09
CA PHE D 548 6.10 19.28 -94.83
C PHE D 548 6.87 18.71 -96.02
N VAL D 549 7.47 17.54 -95.84
CA VAL D 549 8.30 16.95 -96.88
C VAL D 549 7.61 15.80 -97.59
N ILE D 550 6.72 15.06 -96.91
CA ILE D 550 6.03 13.95 -97.58
C ILE D 550 5.34 14.44 -98.84
N ALA D 551 4.39 15.38 -98.70
CA ALA D 551 3.61 15.84 -99.84
C ALA D 551 4.51 16.27 -100.99
N ARG D 552 5.59 16.99 -100.69
CA ARG D 552 6.54 17.39 -101.71
C ARG D 552 7.71 16.42 -101.76
N ALA D 599 -3.77 8.23 -99.03
CA ALA D 599 -2.73 8.84 -98.23
C ALA D 599 -2.37 7.93 -97.07
N LEU D 600 -2.01 6.68 -97.39
CA LEU D 600 -1.64 5.71 -96.37
C LEU D 600 -0.53 6.25 -95.48
N SER D 601 0.63 6.56 -96.08
CA SER D 601 1.84 6.87 -95.33
C SER D 601 1.61 7.97 -94.30
N THR D 602 1.00 9.07 -94.72
CA THR D 602 0.68 10.13 -93.78
C THR D 602 -0.28 9.63 -92.71
N ARG D 603 -1.37 9.01 -93.15
CA ARG D 603 -2.41 8.56 -92.21
C ARG D 603 -1.84 7.54 -91.23
N ILE D 604 -1.12 6.54 -91.73
CA ILE D 604 -0.63 5.50 -90.85
C ILE D 604 0.38 6.02 -89.85
N VAL D 605 0.98 7.18 -90.11
CA VAL D 605 1.72 7.86 -89.06
C VAL D 605 0.76 8.68 -88.21
N GLY D 606 -0.33 9.18 -88.82
CA GLY D 606 -1.26 10.00 -88.09
C GLY D 606 -1.76 9.38 -86.79
N GLY D 607 -1.79 8.05 -86.74
CA GLY D 607 -2.08 7.39 -85.48
C GLY D 607 -1.03 7.70 -84.44
N ILE D 608 0.24 7.51 -84.78
CA ILE D 608 1.35 7.68 -83.86
C ILE D 608 1.51 9.17 -83.55
N TRP D 609 0.59 9.99 -84.06
CA TRP D 609 0.33 11.26 -83.41
C TRP D 609 -0.95 11.20 -82.59
N TRP D 610 -2.06 10.86 -83.24
CA TRP D 610 -3.36 10.82 -82.57
C TRP D 610 -3.32 9.88 -81.38
N PHE D 611 -2.95 8.63 -81.61
CA PHE D 611 -2.77 7.72 -80.49
C PHE D 611 -1.67 8.20 -79.56
N PHE D 612 -0.66 8.86 -80.11
CA PHE D 612 0.40 9.36 -79.24
C PHE D 612 -0.17 10.36 -78.25
N THR D 613 -0.66 11.49 -78.76
CA THR D 613 -1.13 12.53 -77.86
C THR D 613 -2.19 12.00 -76.92
N LEU D 614 -2.86 10.92 -77.29
CA LEU D 614 -3.76 10.23 -76.38
C LEU D 614 -3.03 9.90 -75.08
N ILE D 615 -1.87 9.26 -75.19
CA ILE D 615 -1.06 8.95 -74.03
C ILE D 615 -0.94 10.19 -73.15
N ILE D 616 -0.64 11.33 -73.77
CA ILE D 616 -0.39 12.53 -73.00
C ILE D 616 -1.64 12.98 -72.29
N ILE D 617 -2.69 13.28 -73.05
CA ILE D 617 -3.91 13.82 -72.45
C ILE D 617 -4.47 12.87 -71.41
N SER D 618 -4.34 11.57 -71.65
CA SER D 618 -4.69 10.58 -70.63
C SER D 618 -3.82 10.77 -69.41
N SER D 619 -2.51 10.70 -69.62
CA SER D 619 -1.56 10.94 -68.55
C SER D 619 -1.87 12.26 -67.85
N TYR D 620 -2.09 13.30 -68.64
CA TYR D 620 -2.44 14.59 -68.06
C TYR D 620 -3.53 14.43 -67.02
N THR D 621 -4.68 13.91 -67.47
CA THR D 621 -5.84 13.83 -66.61
C THR D 621 -5.52 13.15 -65.29
N ALA D 622 -4.97 11.94 -65.37
CA ALA D 622 -4.65 11.21 -64.15
C ALA D 622 -3.70 11.99 -63.27
N ASN D 623 -2.57 12.43 -63.84
CA ASN D 623 -1.68 13.30 -63.10
C ASN D 623 -2.43 14.51 -62.57
N LEU D 624 -3.40 15.01 -63.31
CA LEU D 624 -4.22 16.08 -62.77
C LEU D 624 -5.06 15.61 -61.61
N ALA D 625 -5.79 14.52 -61.79
CA ALA D 625 -6.65 14.02 -60.72
C ALA D 625 -5.85 13.80 -59.45
N ALA D 626 -4.87 12.89 -59.52
CA ALA D 626 -4.09 12.52 -58.35
C ALA D 626 -3.57 13.72 -57.61
N PHE D 627 -3.37 14.83 -58.30
CA PHE D 627 -3.09 16.06 -57.59
C PHE D 627 -4.30 16.51 -56.79
N LEU D 628 -5.44 16.58 -57.44
CA LEU D 628 -6.61 17.15 -56.79
C LEU D 628 -7.07 16.28 -55.65
N THR D 629 -7.45 15.04 -55.95
CA THR D 629 -8.05 14.17 -54.95
C THR D 629 -7.26 14.18 -53.65
N VAL D 630 -5.96 13.88 -53.72
CA VAL D 630 -5.10 14.00 -52.55
C VAL D 630 -5.24 15.38 -51.94
N GLU D 631 -4.92 16.41 -52.71
CA GLU D 631 -5.01 17.75 -52.16
C GLU D 631 -6.45 18.14 -51.86
N ARG D 632 -7.41 17.25 -52.03
CA ARG D 632 -8.78 17.52 -51.64
C ARG D 632 -9.24 16.67 -50.47
N MET D 633 -8.95 15.36 -50.47
CA MET D 633 -9.50 14.52 -49.42
C MET D 633 -9.05 14.98 -48.05
N GLU D 634 -7.85 15.53 -47.95
CA GLU D 634 -7.30 15.82 -46.64
C GLU D 634 -7.92 17.06 -46.04
N SER D 635 -7.80 18.20 -46.72
CA SER D 635 -8.25 19.46 -46.17
C SER D 635 -9.42 20.01 -46.96
N PRO D 636 -10.06 21.13 -46.56
CA PRO D 636 -9.88 21.99 -45.37
C PRO D 636 -10.55 21.43 -44.15
N ILE D 637 -9.94 21.61 -42.99
CA ILE D 637 -10.44 21.03 -41.75
C ILE D 637 -10.37 22.08 -40.66
N ASP D 638 -11.38 22.06 -39.78
CA ASP D 638 -11.41 22.99 -38.66
C ASP D 638 -12.18 22.34 -37.49
N SER D 639 -11.42 21.68 -36.61
CA SER D 639 -11.87 21.18 -35.32
C SER D 639 -10.65 20.60 -34.63
N ALA D 640 -10.73 20.50 -33.30
CA ALA D 640 -9.67 19.82 -32.59
C ALA D 640 -9.51 18.40 -33.10
N ASP D 641 -10.62 17.72 -33.39
CA ASP D 641 -10.50 16.40 -33.98
C ASP D 641 -9.86 16.47 -35.35
N ASP D 642 -10.13 17.53 -36.11
CA ASP D 642 -9.46 17.67 -37.40
C ASP D 642 -7.95 17.68 -37.24
N LEU D 643 -7.44 18.35 -36.21
CA LEU D 643 -6.01 18.28 -35.94
C LEU D 643 -5.57 16.85 -35.69
N ALA D 644 -6.36 16.10 -34.94
CA ALA D 644 -5.99 14.74 -34.58
C ALA D 644 -5.85 13.85 -35.79
N LYS D 645 -6.38 14.24 -36.93
CA LYS D 645 -6.35 13.45 -38.15
C LYS D 645 -4.97 13.36 -38.77
N GLN D 646 -3.97 14.07 -38.25
CA GLN D 646 -2.65 14.07 -38.86
C GLN D 646 -1.66 14.74 -37.90
N THR D 647 -0.43 14.90 -38.39
CA THR D 647 0.59 15.73 -37.76
C THR D 647 1.02 16.88 -38.66
N LYS D 648 0.36 17.08 -39.80
CA LYS D 648 0.79 18.06 -40.79
C LYS D 648 0.23 19.44 -40.50
N ILE D 649 -0.34 19.65 -39.33
CA ILE D 649 -0.63 20.97 -38.81
C ILE D 649 -0.22 20.95 -37.35
N GLU D 650 0.97 21.45 -37.03
CA GLU D 650 1.42 21.36 -35.66
C GLU D 650 0.63 22.31 -34.78
N TYR D 651 0.72 22.08 -33.47
CA TYR D 651 -0.14 22.76 -32.53
C TYR D 651 0.43 22.61 -31.12
N GLY D 652 -0.10 23.39 -30.20
CA GLY D 652 0.34 23.31 -28.82
C GLY D 652 -0.23 24.44 -27.98
N ALA D 653 0.51 24.79 -26.94
CA ALA D 653 0.19 25.90 -26.05
C ALA D 653 1.46 26.27 -25.32
N VAL D 654 1.35 27.05 -24.27
CA VAL D 654 2.50 27.44 -23.48
C VAL D 654 2.69 26.46 -22.34
N GLU D 655 3.95 26.19 -21.99
CA GLU D 655 4.31 25.29 -20.90
C GLU D 655 3.64 25.68 -19.59
N ASP D 656 3.47 24.71 -18.69
CA ASP D 656 2.62 24.87 -17.50
C ASP D 656 1.23 25.32 -17.88
N GLY D 657 0.89 25.24 -19.16
CA GLY D 657 -0.45 25.55 -19.59
C GLY D 657 -1.42 24.60 -18.90
N SER D 658 -2.34 25.14 -18.12
CA SER D 658 -3.47 24.31 -17.71
C SER D 658 -4.03 23.60 -18.91
N THR D 659 -4.27 24.36 -19.98
CA THR D 659 -4.61 23.77 -21.27
C THR D 659 -3.66 22.64 -21.62
N MET D 660 -2.35 22.93 -21.69
CA MET D 660 -1.38 21.86 -21.82
C MET D 660 -1.65 20.76 -20.81
N THR D 661 -1.63 21.12 -19.52
CA THR D 661 -1.99 20.18 -18.47
C THR D 661 -3.29 19.46 -18.80
N PHE D 662 -4.32 20.22 -19.19
CA PHE D 662 -5.58 19.59 -19.54
C PHE D 662 -5.38 18.52 -20.60
N PHE D 663 -4.77 18.88 -21.72
CA PHE D 663 -4.46 17.88 -22.73
C PHE D 663 -3.49 16.84 -22.20
N LYS D 664 -2.58 17.24 -21.31
CA LYS D 664 -1.80 16.23 -20.62
C LYS D 664 -2.68 15.36 -19.74
N LYS D 665 -3.71 15.93 -19.14
CA LYS D 665 -4.59 15.22 -18.23
C LYS D 665 -5.88 14.79 -18.91
N SER D 666 -5.81 14.45 -20.20
CA SER D 666 -6.98 14.12 -20.99
C SER D 666 -7.09 12.61 -21.17
N LYS D 667 -8.33 12.14 -21.20
CA LYS D 667 -8.65 10.75 -21.49
C LYS D 667 -9.65 10.68 -22.63
N ILE D 668 -9.38 11.43 -23.71
CA ILE D 668 -10.33 11.62 -24.79
C ILE D 668 -9.63 11.25 -26.09
N SER D 669 -10.02 10.14 -26.69
CA SER D 669 -9.20 9.53 -27.73
C SER D 669 -8.94 10.45 -28.92
N THR D 670 -9.63 11.60 -29.00
CA THR D 670 -9.10 12.66 -29.85
C THR D 670 -8.05 13.46 -29.10
N TYR D 671 -8.45 14.12 -28.02
CA TYR D 671 -7.53 14.98 -27.30
C TYR D 671 -6.40 14.18 -26.69
N ASP D 672 -6.71 13.01 -26.14
CA ASP D 672 -5.67 12.11 -25.68
C ASP D 672 -4.63 11.94 -26.78
N LYS D 673 -5.08 11.61 -27.99
CA LYS D 673 -4.16 11.53 -29.11
C LYS D 673 -3.51 12.88 -29.37
N MET D 674 -4.27 13.96 -29.27
CA MET D 674 -3.70 15.27 -29.52
C MET D 674 -2.55 15.57 -28.57
N TRP D 675 -2.63 15.09 -27.33
CA TRP D 675 -1.49 15.24 -26.44
C TRP D 675 -0.27 14.53 -26.99
N ALA D 676 -0.38 13.21 -27.15
CA ALA D 676 0.75 12.35 -27.48
C ALA D 676 1.59 12.97 -28.58
N PHE D 677 0.95 13.66 -29.51
CA PHE D 677 1.67 14.46 -30.47
C PHE D 677 2.61 15.44 -29.77
N MET D 678 2.05 16.37 -29.01
CA MET D 678 2.83 17.45 -28.44
C MET D 678 4.05 16.94 -27.69
N SER D 679 3.82 16.18 -26.64
CA SER D 679 4.93 15.90 -25.73
C SER D 679 6.02 15.08 -26.38
N SER D 680 5.86 14.72 -27.65
CA SER D 680 6.98 14.21 -28.42
C SER D 680 7.80 15.36 -29.03
N ARG D 681 7.13 16.40 -29.50
CA ARG D 681 7.78 17.57 -30.08
C ARG D 681 7.66 18.78 -29.16
N ARG D 682 7.81 18.55 -27.86
CA ARG D 682 7.52 19.56 -26.84
C ARG D 682 7.97 20.96 -27.23
N GLN D 683 9.15 21.06 -27.83
CA GLN D 683 9.84 22.35 -27.91
C GLN D 683 9.34 23.18 -29.09
N SER D 684 9.23 22.56 -30.26
CA SER D 684 8.72 23.25 -31.43
C SER D 684 7.29 23.72 -31.24
N VAL D 685 6.53 23.08 -30.35
CA VAL D 685 5.12 23.35 -30.19
C VAL D 685 4.84 24.28 -29.02
N LEU D 686 5.62 24.17 -27.95
CA LEU D 686 5.39 24.94 -26.74
C LEU D 686 6.18 26.23 -26.82
N VAL D 687 5.52 27.34 -26.54
CA VAL D 687 6.17 28.64 -26.57
C VAL D 687 6.15 29.23 -25.17
N LYS D 688 6.66 30.44 -25.03
CA LYS D 688 6.75 31.06 -23.71
C LYS D 688 5.61 32.02 -23.41
N SER D 689 4.91 32.51 -24.43
CA SER D 689 3.80 33.43 -24.21
C SER D 689 2.76 33.18 -25.29
N SER D 690 1.60 33.80 -25.12
CA SER D 690 0.64 33.85 -26.21
C SER D 690 1.26 34.54 -27.42
N GLU D 691 1.81 35.74 -27.21
CA GLU D 691 2.34 36.56 -28.29
C GLU D 691 3.37 35.82 -29.11
N GLU D 692 4.40 35.29 -28.45
CA GLU D 692 5.40 34.47 -29.14
C GLU D 692 4.73 33.42 -30.00
N GLY D 693 3.83 32.64 -29.41
CA GLY D 693 3.19 31.57 -30.15
C GLY D 693 2.41 32.07 -31.34
N ILE D 694 1.86 33.28 -31.25
CA ILE D 694 1.13 33.85 -32.39
C ILE D 694 2.02 33.85 -33.62
N GLN D 695 3.31 34.14 -33.44
CA GLN D 695 4.23 34.08 -34.56
C GLN D 695 4.36 32.67 -35.10
N ARG D 696 4.34 31.66 -34.22
CA ARG D 696 4.30 30.28 -34.69
C ARG D 696 3.14 30.07 -35.63
N VAL D 697 2.02 30.76 -35.39
CA VAL D 697 0.94 30.73 -36.37
C VAL D 697 1.38 31.42 -37.63
N LEU D 698 2.25 32.43 -37.52
CA LEU D 698 2.68 33.19 -38.67
C LEU D 698 3.98 32.69 -39.24
N THR D 699 4.83 32.06 -38.43
CA THR D 699 6.08 31.52 -38.97
C THR D 699 5.86 30.20 -39.71
N SER D 700 4.80 29.47 -39.40
CA SER D 700 4.56 28.18 -40.01
C SER D 700 3.07 27.86 -39.95
N ASP D 701 2.69 26.80 -40.65
CA ASP D 701 1.35 26.25 -40.52
C ASP D 701 1.24 25.67 -39.11
N TYR D 702 0.61 26.42 -38.22
CA TYR D 702 0.65 26.04 -36.81
C TYR D 702 -0.57 26.64 -36.13
N ALA D 703 -1.55 25.81 -35.82
CA ALA D 703 -2.63 26.27 -34.96
C ALA D 703 -2.10 26.46 -33.55
N LEU D 704 -2.92 27.04 -32.69
CA LEU D 704 -2.49 27.22 -31.31
C LEU D 704 -3.69 27.17 -30.39
N LEU D 705 -3.52 26.49 -29.26
CA LEU D 705 -4.57 26.36 -28.27
C LEU D 705 -4.58 27.54 -27.33
N MET D 706 -5.78 28.04 -27.04
CA MET D 706 -5.93 29.27 -26.29
C MET D 706 -7.22 29.23 -25.51
N GLU D 707 -7.26 30.03 -24.45
CA GLU D 707 -8.50 30.29 -23.73
C GLU D 707 -9.35 31.28 -24.52
N SER D 708 -10.67 31.07 -24.48
CA SER D 708 -11.56 31.62 -25.49
C SER D 708 -11.48 33.14 -25.57
N THR D 709 -11.68 33.81 -24.44
CA THR D 709 -11.83 35.27 -24.47
C THR D 709 -10.59 35.94 -25.06
N THR D 710 -9.42 35.36 -24.81
CA THR D 710 -8.20 35.89 -25.39
C THR D 710 -8.31 35.93 -26.90
N ILE D 711 -8.99 34.96 -27.49
CA ILE D 711 -8.79 34.61 -28.89
C ILE D 711 -9.28 35.73 -29.80
N GLU D 712 -10.58 36.01 -29.75
CA GLU D 712 -11.18 36.93 -30.71
C GLU D 712 -10.38 38.21 -30.77
N PHE D 713 -10.23 38.87 -29.62
CA PHE D 713 -9.36 40.02 -29.51
C PHE D 713 -8.06 39.83 -30.25
N VAL D 714 -7.38 38.71 -29.98
CA VAL D 714 -6.11 38.45 -30.64
C VAL D 714 -6.30 38.50 -32.14
N THR D 715 -7.39 37.94 -32.64
CA THR D 715 -7.74 38.16 -34.04
C THR D 715 -8.18 39.60 -34.29
N GLN D 716 -8.98 40.16 -33.38
CA GLN D 716 -9.44 41.54 -33.56
C GLN D 716 -8.27 42.49 -33.71
N ARG D 717 -7.12 42.14 -33.16
CA ARG D 717 -5.91 42.94 -33.32
C ARG D 717 -5.00 42.41 -34.42
N ASN D 718 -5.45 41.44 -35.20
CA ASN D 718 -4.67 40.99 -36.33
C ASN D 718 -5.59 40.35 -37.35
N CYS D 719 -5.72 41.01 -38.51
CA CYS D 719 -6.52 40.50 -39.62
C CYS D 719 -5.72 39.55 -40.49
N ASN D 720 -4.70 38.91 -39.93
CA ASN D 720 -3.99 37.83 -40.57
C ASN D 720 -4.31 36.48 -39.95
N LEU D 721 -5.25 36.41 -39.01
CA LEU D 721 -5.53 35.20 -38.27
C LEU D 721 -7.04 34.98 -38.20
N THR D 722 -7.41 33.80 -37.73
CA THR D 722 -8.81 33.46 -37.50
C THR D 722 -8.86 32.32 -36.49
N GLN D 723 -10.05 32.00 -36.05
CA GLN D 723 -10.27 31.04 -34.98
C GLN D 723 -10.91 29.77 -35.50
N ILE D 724 -10.48 28.64 -34.96
CA ILE D 724 -10.90 27.33 -35.40
C ILE D 724 -11.86 26.73 -34.38
N GLY D 725 -12.89 26.06 -34.87
CA GLY D 725 -13.74 25.22 -34.05
C GLY D 725 -14.45 25.93 -32.90
N GLY D 726 -15.24 25.17 -32.16
CA GLY D 726 -16.01 25.71 -31.06
C GLY D 726 -15.13 25.87 -29.83
N LEU D 727 -15.65 25.47 -28.67
CA LEU D 727 -14.87 25.50 -27.44
C LEU D 727 -14.62 24.08 -26.95
N ILE D 728 -13.35 23.77 -26.73
CA ILE D 728 -12.94 22.43 -26.33
C ILE D 728 -13.63 22.01 -25.05
N ASP D 729 -13.86 22.98 -24.18
CA ASP D 729 -14.31 22.80 -22.80
C ASP D 729 -14.84 24.13 -22.32
N SER D 730 -15.04 24.27 -21.02
CA SER D 730 -15.41 25.57 -20.49
C SER D 730 -14.91 25.73 -19.07
N LYS D 731 -14.52 26.96 -18.74
CA LYS D 731 -13.96 27.30 -17.45
C LYS D 731 -14.02 28.81 -17.30
N GLY D 732 -13.29 29.37 -16.34
CA GLY D 732 -13.31 30.80 -16.15
C GLY D 732 -11.96 31.33 -15.71
N TYR D 733 -11.92 32.64 -15.52
CA TYR D 733 -10.81 33.30 -14.84
C TYR D 733 -11.16 33.47 -13.38
N GLY D 734 -10.12 33.39 -12.53
CA GLY D 734 -10.27 33.58 -11.11
C GLY D 734 -9.25 34.58 -10.59
N VAL D 735 -9.39 34.90 -9.31
CA VAL D 735 -8.51 35.84 -8.64
C VAL D 735 -7.68 35.06 -7.63
N GLY D 736 -6.37 35.16 -7.74
CA GLY D 736 -5.49 34.26 -7.02
C GLY D 736 -5.23 34.70 -5.60
N THR D 737 -5.50 33.80 -4.64
CA THR D 737 -5.17 33.93 -3.24
C THR D 737 -4.72 32.57 -2.74
N PRO D 738 -4.05 32.47 -1.59
CA PRO D 738 -3.74 31.14 -1.03
C PRO D 738 -4.99 30.42 -0.58
N MET D 739 -4.79 29.15 -0.21
CA MET D 739 -5.88 28.23 0.12
C MET D 739 -6.72 28.67 1.31
N GLY D 740 -7.97 29.04 1.08
CA GLY D 740 -8.82 29.48 2.16
C GLY D 740 -8.30 30.68 2.91
N SER D 741 -7.40 31.44 2.29
CA SER D 741 -6.84 32.63 2.92
C SER D 741 -7.84 33.76 2.78
N PRO D 742 -8.32 34.34 3.87
CA PRO D 742 -9.65 34.98 3.86
C PRO D 742 -9.71 36.31 3.13
N TYR D 743 -8.65 36.68 2.43
CA TYR D 743 -8.71 37.84 1.55
C TYR D 743 -9.84 37.71 0.54
N ARG D 744 -10.00 36.49 0.00
CA ARG D 744 -11.02 36.20 -0.99
C ARG D 744 -12.42 36.57 -0.55
N ASP D 745 -12.64 36.68 0.77
CA ASP D 745 -14.01 36.71 1.27
C ASP D 745 -14.73 37.99 0.83
N LYS D 746 -14.01 39.10 0.72
CA LYS D 746 -14.59 40.28 0.07
C LYS D 746 -14.42 40.20 -1.43
N ILE D 747 -13.34 39.57 -1.89
CA ILE D 747 -13.22 39.20 -3.30
C ILE D 747 -14.38 38.30 -3.70
N THR D 748 -14.84 37.45 -2.78
CA THR D 748 -16.03 36.66 -3.02
C THR D 748 -17.24 37.55 -3.28
N ILE D 749 -17.19 38.78 -2.79
CA ILE D 749 -18.30 39.71 -2.89
C ILE D 749 -18.01 40.83 -3.88
N ALA D 750 -16.85 41.48 -3.72
CA ALA D 750 -16.59 42.75 -4.38
C ALA D 750 -16.50 42.62 -5.89
N ILE D 751 -16.16 41.44 -6.39
CA ILE D 751 -16.17 41.21 -7.83
C ILE D 751 -17.56 41.38 -8.39
N LEU D 752 -18.49 40.54 -7.91
CA LEU D 752 -19.79 40.37 -8.54
C LEU D 752 -20.43 41.72 -8.83
N GLN D 753 -20.64 42.50 -7.78
CA GLN D 753 -21.39 43.74 -7.87
C GLN D 753 -21.00 44.53 -9.11
N LEU D 754 -19.68 44.65 -9.37
CA LEU D 754 -19.20 45.46 -10.48
C LEU D 754 -19.61 44.87 -11.82
N GLN D 755 -19.55 43.56 -11.94
CA GLN D 755 -20.12 42.88 -13.10
C GLN D 755 -21.59 42.54 -12.90
N GLU D 756 -22.01 42.35 -11.65
CA GLU D 756 -23.45 42.35 -11.38
C GLU D 756 -24.06 43.67 -11.83
N GLU D 757 -23.30 44.77 -11.69
CA GLU D 757 -23.58 45.98 -12.46
C GLU D 757 -23.31 45.74 -13.93
N GLY D 758 -22.04 45.47 -14.27
CA GLY D 758 -21.62 45.26 -15.64
C GLY D 758 -20.33 45.98 -16.00
N LYS D 759 -19.70 46.64 -15.02
CA LYS D 759 -18.45 47.36 -15.29
C LYS D 759 -17.45 46.49 -16.01
N LEU D 760 -17.09 45.35 -15.42
CA LEU D 760 -16.09 44.47 -16.00
C LEU D 760 -16.41 44.14 -17.44
N HIS D 761 -17.69 43.94 -17.74
CA HIS D 761 -18.09 43.64 -19.12
C HIS D 761 -17.89 44.86 -20.01
N MET D 762 -18.34 46.02 -19.54
CA MET D 762 -18.00 47.26 -20.22
C MET D 762 -16.50 47.53 -20.12
N MET D 763 -15.84 47.00 -19.09
CA MET D 763 -14.39 46.95 -19.12
C MET D 763 -13.89 45.86 -20.06
N LYS D 764 -14.53 44.70 -20.04
CA LYS D 764 -14.30 43.72 -21.10
C LYS D 764 -14.45 44.39 -22.45
N GLU D 765 -15.54 45.16 -22.62
CA GLU D 765 -15.64 46.01 -23.80
C GLU D 765 -14.39 46.87 -23.94
N LYS D 766 -13.95 47.48 -22.83
CA LYS D 766 -12.87 48.45 -22.91
C LYS D 766 -11.59 47.83 -23.48
N TRP D 767 -11.08 46.78 -22.85
CA TRP D 767 -9.84 46.16 -23.31
C TRP D 767 -10.05 45.16 -24.43
N TRP D 768 -11.30 44.80 -24.73
CA TRP D 768 -11.64 43.96 -25.87
C TRP D 768 -12.54 44.71 -26.83
N ARG D 769 -12.21 45.98 -27.07
CA ARG D 769 -12.78 46.68 -28.20
C ARG D 769 -12.29 45.97 -29.44
N GLY D 770 -13.18 45.23 -30.11
CA GLY D 770 -12.75 44.46 -31.26
C GLY D 770 -12.54 45.37 -32.44
N ASN D 771 -11.61 46.30 -32.30
CA ASN D 771 -11.36 47.28 -33.34
C ASN D 771 -10.68 46.59 -34.51
N GLY D 772 -11.45 46.26 -35.53
CA GLY D 772 -10.92 45.74 -36.77
C GLY D 772 -11.42 44.34 -37.06
N CYS D 773 -10.84 43.74 -38.11
CA CYS D 773 -11.04 42.37 -38.57
C CYS D 773 -12.50 41.97 -38.45
N PRO D 774 -13.41 42.55 -39.22
CA PRO D 774 -14.84 42.39 -38.94
C PRO D 774 -15.28 40.93 -38.97
N GLU D 775 -15.88 40.49 -37.88
CA GLU D 775 -16.52 39.19 -37.78
C GLU D 775 -18.04 39.36 -37.59
N GLN D 787 -9.14 30.08 -60.34
CA GLN D 787 -7.72 30.15 -60.03
C GLN D 787 -6.90 29.46 -61.10
N ASN D 788 -6.35 28.31 -60.74
CA ASN D 788 -5.78 27.41 -61.74
C ASN D 788 -6.79 27.13 -62.84
N ILE D 789 -8.05 27.43 -62.57
CA ILE D 789 -9.09 27.65 -63.55
C ILE D 789 -8.52 28.50 -64.67
N GLY D 790 -8.00 29.68 -64.31
CA GLY D 790 -7.70 30.72 -65.28
C GLY D 790 -6.36 30.62 -65.97
N GLY D 791 -5.47 29.75 -65.51
CA GLY D 791 -4.11 29.71 -66.04
C GLY D 791 -4.02 29.51 -67.54
N ILE D 792 -5.12 29.16 -68.19
CA ILE D 792 -5.12 28.89 -69.63
C ILE D 792 -6.14 29.72 -70.39
N PHE D 793 -7.09 30.35 -69.71
CA PHE D 793 -7.86 31.42 -70.33
C PHE D 793 -6.98 32.43 -71.05
N ILE D 794 -5.72 32.56 -70.65
CA ILE D 794 -4.82 33.48 -71.32
C ILE D 794 -4.22 32.85 -72.57
N VAL D 795 -3.83 31.58 -72.48
CA VAL D 795 -3.40 30.86 -73.67
C VAL D 795 -4.56 30.74 -74.64
N LEU D 796 -5.76 30.56 -74.11
CA LEU D 796 -6.98 30.87 -74.86
C LEU D 796 -6.91 32.25 -75.51
N ALA D 797 -6.57 33.27 -74.71
CA ALA D 797 -6.47 34.64 -75.19
C ALA D 797 -5.17 34.94 -75.92
N ALA D 798 -4.38 33.90 -76.22
CA ALA D 798 -3.08 34.05 -76.86
C ALA D 798 -3.14 33.79 -78.35
N GLY D 799 -3.81 32.72 -78.77
CA GLY D 799 -3.97 32.44 -80.18
C GLY D 799 -5.07 33.23 -80.85
N LEU D 800 -5.96 33.81 -80.05
CA LEU D 800 -6.98 34.71 -80.60
C LEU D 800 -6.33 35.81 -81.42
N VAL D 801 -5.53 36.65 -80.75
CA VAL D 801 -4.89 37.74 -81.45
C VAL D 801 -3.87 37.20 -82.43
N LEU D 802 -3.21 36.10 -82.08
CA LEU D 802 -2.21 35.49 -82.96
C LEU D 802 -2.76 35.18 -84.34
N SER D 803 -4.08 35.10 -84.48
CA SER D 803 -4.64 34.95 -85.82
C SER D 803 -4.83 36.29 -86.51
N VAL D 804 -5.12 37.35 -85.73
CA VAL D 804 -5.43 38.64 -86.34
C VAL D 804 -4.24 39.17 -87.13
N PHE D 805 -3.03 38.87 -86.69
CA PHE D 805 -1.83 39.34 -87.36
C PHE D 805 -1.32 38.37 -88.42
N VAL D 806 -2.18 37.49 -88.93
CA VAL D 806 -1.74 36.52 -89.93
C VAL D 806 -1.76 37.13 -91.32
N ALA D 807 -2.95 37.49 -91.81
CA ALA D 807 -3.10 37.90 -93.19
C ALA D 807 -3.24 39.39 -93.37
N VAL D 808 -3.66 40.11 -92.33
CA VAL D 808 -3.93 41.53 -92.47
C VAL D 808 -3.23 42.30 -91.35
CB SYM E . 24.78 5.28 -25.76
CG1 SYM E . 24.37 5.55 -27.21
CG2 SYM E . 25.60 5.65 -28.11
CD SYM E . 23.36 4.51 -27.74
OE1 SYM E . 23.55 3.30 -27.49
OE2 SYM E . 22.37 4.91 -28.41
C SYM E . 24.89 6.29 -23.42
OT1 SYM E . 25.65 6.99 -22.70
OT2 SYM E . 24.17 5.37 -22.96
N SYM E . 26.04 7.39 -25.35
CA SYM E . 24.85 6.58 -24.92
CB SYM F . -4.94 -21.07 -26.99
CG1 SYM F . -5.29 -20.61 -28.42
CG2 SYM F . -6.80 -20.55 -28.62
CD SYM F . -4.63 -19.27 -28.78
OE1 SYM F . -5.28 -18.20 -28.61
OE2 SYM F . -3.46 -19.28 -29.25
C SYM F . -3.27 -21.33 -25.18
OT1 SYM F . -2.66 -22.31 -24.73
OT2 SYM F . -3.76 -20.41 -24.45
N SYM F . -2.90 -22.47 -27.33
CA SYM F . -3.45 -21.23 -26.68
CB SYM G . -31.36 1.95 -17.84
CG1 SYM G . -31.40 2.19 -19.35
CG2 SYM G . -32.84 2.32 -19.84
CD SYM G . -30.53 3.38 -19.79
OE1 SYM G . -30.59 4.44 -19.13
OE2 SYM G . -29.79 3.26 -20.80
C SYM G . -30.85 0.25 -16.00
OT1 SYM G . -31.40 -0.67 -15.36
OT2 SYM G . -29.97 1.02 -15.51
N SYM G . -32.56 -0.23 -17.77
CA SYM G . -31.26 0.46 -17.46
CB SYM H . -2.04 28.71 -19.17
CG1 SYM H . -2.14 28.75 -20.70
CG2 SYM H . -0.76 28.83 -21.33
CD SYM H . -2.94 27.56 -21.26
OE1 SYM H . -2.33 26.53 -21.64
OE2 SYM H . -4.19 27.66 -21.34
C SYM H . -3.11 28.32 -16.95
OT1 SYM H . -3.53 29.09 -16.07
OT2 SYM H . -2.48 27.26 -16.73
N SYM H . -4.01 30.06 -18.45
CA SYM H . -3.37 28.72 -18.41
#